data_7ZAZ
#
_entry.id   7ZAZ
#
_cell.length_a   69.680
_cell.length_b   102.650
_cell.length_c   110.270
_cell.angle_alpha   116.230
_cell.angle_beta   101.090
_cell.angle_gamma   92.180
#
_symmetry.space_group_name_H-M   'P 1'
#
loop_
_entity.id
_entity.type
_entity.pdbx_description
1 polymer 'Prolyl endopeptidase'
2 non-polymer N-BENZYLOXYCARBONYL-L-PROLYL-L-PROLINAL
3 non-polymer 'DIMETHYL SULFOXIDE'
4 non-polymer 'BICARBONATE ION'
5 non-polymer 1,2-ETHANEDIOL
6 non-polymer GLYCEROL
7 non-polymer 'PHOSPHATE ION'
8 non-polymer 'SODIUM ION'
9 water water
#
_entity_poly.entity_id   1
_entity_poly.type   'polypeptide(L)'
_entity_poly.pdbx_seq_one_letter_code
;MSFPGWGPYPPVERDETSAITYSSKLHGSVTVRDPYSQLEVPFEDSEETKAFVHSQRKFARTYLDENPDREAWLETLKKS
WNYRRFSALKPESDGHYYFEYNDGLQSQLSLYRVRMGEEDTVLTESGPGGELFFNPNLLSLDGNAALTGFVMSPCGNYWA
YGVSEHGSDWMSIYVRKTSSPHLPSQERGKDPGRMNDKIRHVRFFIVSWTSDSKGFFYSRYPPEDDEGKGNAPAMNCMVY
YHRIGEDQESDVLVHEDPEHPFWISSVQLTPSGRYILFAASRDASHTQLVKIADLHENDIGTNMKWKNLHDPWEARFTIV
GDEGSKIYFMTNLKAKNYKVATFDANHPDEGLTTLIAEDPNAFLVSASIHAQDKLLLVYLRNASHEIHIRDLTTGKPLGR
IFEDLLGQFMVSGRRQDNDIFVLFSSFLSPGTVYRYTFGEEKGYRSLFRAISIPGLNLDDFMTESVFYPSKDGTSVHMFI
TRPKDVLLDGTSPVLQYGYGGFSLAMLPTFSLSTLLFCKIYRAIYAIPNIRGGSEYGESWHREGMLDKKQNVFDDFNAAT
EWLIANKYASKDRIAIRGGSNGGVLTTACANQAPGLYRCVITIEGIIDMLRFPKFTFGASWRSEYGDPEDPEDFDFIFKY
SPYHNIPPPGDTVMPAMLFFTAAYDDRVSPLHTFKHVAALQHNFPKGPNPCLMRIDLNSGHFAGKSTQEMLEETADEYSF
IGKSMGLTMQTQGSVDSSRWSCVTV
;
_entity_poly.pdbx_strand_id   AAA,BBB,CCC,DDD
#
loop_
_chem_comp.id
_chem_comp.type
_chem_comp.name
_chem_comp.formula
BCT non-polymer 'BICARBONATE ION' 'C H O3 -1'
DMS non-polymer 'DIMETHYL SULFOXIDE' 'C2 H6 O S'
EDO non-polymer 1,2-ETHANEDIOL 'C2 H6 O2'
GOL non-polymer GLYCEROL 'C3 H8 O3'
NA non-polymer 'SODIUM ION' 'Na 1'
PO4 non-polymer 'PHOSPHATE ION' 'O4 P -3'
ZPR peptide-like N-BENZYLOXYCARBONYL-L-PROLYL-L-PROLINAL 'C18 H22 N2 O4'
#
# COMPACT_ATOMS: atom_id res chain seq x y z
N GLY A 5 -3.50 35.92 58.37
CA GLY A 5 -4.35 34.70 58.34
C GLY A 5 -4.93 34.43 56.96
N TRP A 6 -4.11 34.61 55.91
CA TRP A 6 -4.47 34.30 54.50
C TRP A 6 -4.22 32.81 54.19
N GLY A 7 -3.40 32.14 55.02
CA GLY A 7 -3.08 30.72 54.86
C GLY A 7 -4.26 29.82 55.25
N PRO A 8 -4.07 28.48 55.30
CA PRO A 8 -2.84 27.84 54.81
C PRO A 8 -2.82 27.70 53.28
N TYR A 9 -1.63 27.47 52.73
CA TYR A 9 -1.43 27.10 51.31
C TYR A 9 -2.17 25.79 51.04
N PRO A 10 -2.69 25.57 49.81
CA PRO A 10 -3.21 24.26 49.44
C PRO A 10 -2.08 23.22 49.51
N PRO A 11 -2.36 21.98 49.96
CA PRO A 11 -1.35 20.93 49.99
C PRO A 11 -0.92 20.53 48.57
N VAL A 12 0.33 20.08 48.43
CA VAL A 12 0.92 19.55 47.18
C VAL A 12 1.67 18.26 47.52
N GLU A 13 1.24 17.14 46.95
CA GLU A 13 1.90 15.82 47.09
C GLU A 13 3.38 15.94 46.74
N ARG A 14 4.25 15.28 47.52
CA ARG A 14 5.71 15.21 47.27
C ARG A 14 6.08 13.76 46.98
N ASP A 15 7.01 13.55 46.05
CA ASP A 15 7.70 12.26 45.83
C ASP A 15 9.11 12.37 46.40
N GLU A 16 9.34 11.87 47.60
CA GLU A 16 10.59 12.02 48.38
C GLU A 16 11.71 11.17 47.76
N THR A 17 11.38 10.20 46.88
CA THR A 17 12.37 9.29 46.25
C THR A 17 12.85 9.85 44.91
N SER A 18 12.05 10.67 44.23
CA SER A 18 12.32 11.19 42.86
C SER A 18 13.64 11.96 42.84
N ALA A 19 14.61 11.47 42.09
CA ALA A 19 15.93 12.10 41.88
C ALA A 19 16.49 11.71 40.50
N ILE A 20 17.30 12.60 39.91
CA ILE A 20 18.09 12.33 38.67
C ILE A 20 19.55 12.57 39.00
N THR A 21 20.44 11.71 38.51
CA THR A 21 21.92 11.84 38.65
C THR A 21 22.47 12.50 37.38
N TYR A 22 23.22 13.59 37.56
CA TYR A 22 23.84 14.38 36.46
C TYR A 22 25.36 14.24 36.56
N SER A 23 26.03 14.07 35.42
CA SER A 23 27.51 14.14 35.32
C SER A 23 27.95 15.57 35.65
N SER A 24 29.04 15.71 36.41
CA SER A 24 29.61 16.99 36.88
C SER A 24 31.13 16.94 36.73
N LYS A 25 31.74 17.97 36.14
CA LYS A 25 33.21 18.03 35.95
C LYS A 25 33.89 18.11 37.32
N LEU A 26 33.31 18.83 38.27
CA LEU A 26 33.92 19.10 39.60
C LEU A 26 33.69 17.91 40.55
N HIS A 27 32.52 17.29 40.52
CA HIS A 27 32.06 16.29 41.53
C HIS A 27 31.88 14.90 40.91
N GLY A 28 32.21 14.71 39.63
CA GLY A 28 32.01 13.43 38.92
C GLY A 28 30.56 13.19 38.61
N SER A 29 29.70 13.10 39.63
CA SER A 29 28.22 13.09 39.48
C SER A 29 27.55 13.75 40.68
N VAL A 30 26.35 14.28 40.46
CA VAL A 30 25.50 14.96 41.48
C VAL A 30 24.08 14.41 41.34
N THR A 31 23.54 13.82 42.41
CA THR A 31 22.13 13.36 42.46
C THR A 31 21.27 14.54 42.89
N VAL A 32 20.32 14.93 42.04
CA VAL A 32 19.45 16.13 42.25
C VAL A 32 18.04 15.62 42.56
N ARG A 33 17.51 15.99 43.73
CA ARG A 33 16.16 15.57 44.17
C ARG A 33 15.13 16.51 43.53
N ASP A 34 14.00 15.97 43.10
CA ASP A 34 12.87 16.75 42.55
C ASP A 34 11.57 16.17 43.10
N PRO A 35 11.14 16.58 44.31
CA PRO A 35 9.92 16.03 44.90
C PRO A 35 8.61 16.43 44.18
N TYR A 36 8.67 17.34 43.21
CA TYR A 36 7.48 17.86 42.48
C TYR A 36 7.53 17.44 41.01
N SER A 37 8.34 16.43 40.66
CA SER A 37 8.57 15.98 39.27
C SER A 37 7.26 15.53 38.60
N GLN A 38 6.27 15.07 39.39
CA GLN A 38 4.92 14.68 38.88
C GLN A 38 4.21 15.86 38.21
N LEU A 39 4.52 17.10 38.60
CA LEU A 39 3.90 18.33 38.02
C LEU A 39 4.48 18.64 36.63
N GLU A 40 5.41 17.82 36.13
CA GLU A 40 5.88 17.86 34.71
C GLU A 40 4.81 17.22 33.80
N VAL A 41 3.93 16.38 34.34
CA VAL A 41 2.82 15.75 33.57
C VAL A 41 1.79 16.84 33.28
N PRO A 42 1.43 17.06 32.00
CA PRO A 42 0.43 18.07 31.64
C PRO A 42 -0.90 17.93 32.40
N PHE A 43 -1.50 19.08 32.70
CA PHE A 43 -2.84 19.27 33.31
C PHE A 43 -3.82 18.19 32.83
N GLU A 44 -3.97 18.04 31.51
CA GLU A 44 -5.05 17.20 30.90
C GLU A 44 -4.73 15.71 31.04
N ASP A 45 -3.51 15.34 31.45
CA ASP A 45 -3.05 13.93 31.53
C ASP A 45 -2.96 13.42 32.97
N SER A 46 -2.93 14.30 33.97
CA SER A 46 -2.72 13.94 35.40
C SER A 46 -3.79 14.57 36.29
N GLU A 47 -4.54 13.73 37.02
CA GLU A 47 -5.51 14.18 38.05
C GLU A 47 -4.77 14.95 39.16
N GLU A 48 -3.53 14.58 39.46
CA GLU A 48 -2.68 15.26 40.48
C GLU A 48 -2.38 16.68 40.00
N THR A 49 -1.93 16.85 38.75
CA THR A 49 -1.65 18.18 38.14
C THR A 49 -2.96 18.99 38.11
N LYS A 50 -4.07 18.37 37.71
CA LYS A 50 -5.42 19.01 37.68
C LYS A 50 -5.74 19.59 39.06
N ALA A 51 -5.64 18.78 40.12
CA ALA A 51 -5.97 19.15 41.52
C ALA A 51 -5.01 20.26 42.00
N PHE A 52 -3.74 20.20 41.62
CA PHE A 52 -2.75 21.26 41.92
C PHE A 52 -3.21 22.57 41.25
N VAL A 53 -3.50 22.53 39.95
CA VAL A 53 -3.87 23.75 39.17
C VAL A 53 -5.13 24.37 39.79
N HIS A 54 -6.18 23.58 40.02
CA HIS A 54 -7.49 24.07 40.53
C HIS A 54 -7.33 24.67 41.93
N SER A 55 -6.63 23.97 42.85
CA SER A 55 -6.46 24.41 44.25
C SER A 55 -5.63 25.70 44.31
N GLN A 56 -4.54 25.78 43.57
CA GLN A 56 -3.65 26.97 43.47
C GLN A 56 -4.39 28.14 42.81
N ARG A 57 -5.15 27.86 41.77
CA ARG A 57 -5.99 28.88 41.05
C ARG A 57 -6.98 29.50 42.05
N LYS A 58 -7.74 28.66 42.75
CA LYS A 58 -8.79 29.08 43.72
C LYS A 58 -8.14 29.90 44.85
N PHE A 59 -7.03 29.41 45.40
CA PHE A 59 -6.27 30.04 46.51
C PHE A 59 -5.85 31.45 46.11
N ALA A 60 -5.21 31.61 44.95
CA ALA A 60 -4.72 32.91 44.42
C ALA A 60 -5.92 33.86 44.21
N ARG A 61 -6.98 33.38 43.53
CA ARG A 61 -8.22 34.16 43.26
C ARG A 61 -8.75 34.75 44.59
N THR A 62 -8.84 33.92 45.62
CA THR A 62 -9.38 34.30 46.96
C THR A 62 -8.53 35.42 47.58
N TYR A 63 -7.20 35.26 47.55
CA TYR A 63 -6.25 36.25 48.11
C TYR A 63 -6.39 37.57 47.33
N LEU A 64 -6.25 37.51 46.00
CA LEU A 64 -6.23 38.70 45.11
C LEU A 64 -7.56 39.46 45.19
N ASP A 65 -8.69 38.75 45.31
CA ASP A 65 -10.05 39.33 45.30
C ASP A 65 -10.42 39.97 46.64
N GLU A 66 -9.70 39.67 47.71
CA GLU A 66 -9.98 40.25 49.06
C GLU A 66 -9.39 41.66 49.15
N ASN A 67 -8.52 42.05 48.22
CA ASN A 67 -8.02 43.44 48.12
C ASN A 67 -9.01 44.32 47.36
N PRO A 68 -9.61 45.37 47.98
CA PRO A 68 -10.55 46.25 47.27
C PRO A 68 -9.91 47.04 46.10
N ASP A 69 -8.59 47.28 46.16
CA ASP A 69 -7.83 48.04 45.11
C ASP A 69 -7.81 47.26 43.80
N ARG A 70 -8.19 45.98 43.82
CA ARG A 70 -8.26 45.12 42.61
C ARG A 70 -9.36 45.66 41.69
N GLU A 71 -10.57 45.86 42.19
CA GLU A 71 -11.72 46.45 41.41
C GLU A 71 -11.36 47.89 40.97
N ALA A 72 -10.78 48.68 41.87
CA ALA A 72 -10.32 50.05 41.58
C ALA A 72 -9.36 50.01 40.38
N TRP A 73 -8.40 49.10 40.39
CA TRP A 73 -7.44 48.92 39.27
C TRP A 73 -8.17 48.52 37.98
N LEU A 74 -9.11 47.58 38.06
N LEU A 74 -9.11 47.58 38.06
CA LEU A 74 -9.88 47.09 36.88
CA LEU A 74 -9.88 47.10 36.87
C LEU A 74 -10.58 48.30 36.20
C LEU A 74 -10.57 48.31 36.21
N GLU A 75 -11.28 49.12 37.01
CA GLU A 75 -11.99 50.34 36.52
C GLU A 75 -10.99 51.33 35.88
N THR A 76 -9.88 51.62 36.56
CA THR A 76 -8.80 52.53 36.10
C THR A 76 -8.28 52.04 34.74
N LEU A 77 -8.05 50.74 34.62
CA LEU A 77 -7.50 50.11 33.39
C LEU A 77 -8.53 50.18 32.25
N LYS A 78 -9.80 49.84 32.52
CA LYS A 78 -10.89 49.86 31.49
C LYS A 78 -11.00 51.27 30.87
N LYS A 79 -11.06 52.32 31.70
CA LYS A 79 -11.15 53.73 31.25
C LYS A 79 -9.96 54.08 30.36
N SER A 80 -8.74 53.86 30.87
CA SER A 80 -7.47 54.35 30.27
C SER A 80 -7.13 53.57 28.99
N TRP A 81 -7.43 52.27 28.95
CA TRP A 81 -7.12 51.39 27.78
C TRP A 81 -8.03 51.73 26.59
N ASN A 82 -9.14 52.43 26.84
CA ASN A 82 -10.17 52.74 25.81
C ASN A 82 -9.68 53.92 24.96
N TYR A 83 -8.68 53.71 24.10
CA TYR A 83 -8.17 54.74 23.16
C TYR A 83 -7.96 54.12 21.78
N ARG A 84 -8.12 54.93 20.73
CA ARG A 84 -7.93 54.52 19.31
C ARG A 84 -6.43 54.25 19.07
N ARG A 85 -6.12 53.04 18.61
CA ARG A 85 -4.75 52.55 18.31
C ARG A 85 -4.66 52.15 16.83
N PHE A 86 -3.51 52.35 16.21
CA PHE A 86 -3.26 51.98 14.80
C PHE A 86 -1.76 51.80 14.52
N SER A 87 -1.48 51.05 13.46
CA SER A 87 -0.12 50.85 12.89
C SER A 87 0.14 51.91 11.81
N ALA A 88 1.36 51.91 11.27
CA ALA A 88 1.71 52.60 10.01
C ALA A 88 0.92 51.95 8.87
N LEU A 89 0.83 52.63 7.72
CA LEU A 89 0.19 52.09 6.50
C LEU A 89 1.18 51.14 5.81
N LYS A 90 0.71 49.97 5.39
CA LYS A 90 1.53 48.95 4.68
C LYS A 90 1.01 48.86 3.24
N PRO A 91 1.83 49.21 2.23
CA PRO A 91 1.41 49.15 0.84
C PRO A 91 1.41 47.69 0.35
N GLU A 92 0.37 47.27 -0.38
CA GLU A 92 0.24 45.88 -0.89
C GLU A 92 0.01 45.90 -2.40
N SER A 93 0.13 44.73 -3.05
CA SER A 93 0.13 44.54 -4.53
C SER A 93 -1.28 44.71 -5.09
N ASP A 94 -2.32 44.81 -4.25
CA ASP A 94 -3.72 45.02 -4.69
C ASP A 94 -4.02 46.53 -4.77
N GLY A 95 -3.00 47.39 -4.65
CA GLY A 95 -3.13 48.85 -4.79
C GLY A 95 -3.78 49.52 -3.59
N HIS A 96 -3.81 48.83 -2.44
CA HIS A 96 -4.33 49.37 -1.15
C HIS A 96 -3.17 49.51 -0.14
N TYR A 97 -3.29 50.48 0.76
CA TYR A 97 -2.59 50.51 2.07
C TYR A 97 -3.43 49.72 3.06
N TYR A 98 -2.77 48.88 3.86
CA TYR A 98 -3.39 48.14 5.00
C TYR A 98 -2.83 48.73 6.30
N PHE A 99 -3.68 48.84 7.31
CA PHE A 99 -3.30 49.32 8.67
C PHE A 99 -4.14 48.60 9.72
N GLU A 100 -3.49 48.30 10.86
CA GLU A 100 -4.15 47.78 12.09
C GLU A 100 -4.86 48.94 12.77
N TYR A 101 -6.01 48.63 13.36
CA TYR A 101 -6.86 49.62 14.09
C TYR A 101 -7.55 48.92 15.27
N ASN A 102 -7.60 49.62 16.39
CA ASN A 102 -8.44 49.26 17.55
C ASN A 102 -9.19 50.52 17.97
N ASP A 103 -10.53 50.43 17.97
CA ASP A 103 -11.42 51.54 18.38
C ASP A 103 -11.19 51.84 19.88
N GLY A 104 -10.81 50.83 20.68
CA GLY A 104 -10.61 51.01 22.14
C GLY A 104 -10.33 49.73 22.92
N LEU A 105 -11.34 48.90 23.21
CA LEU A 105 -11.19 47.73 24.13
C LEU A 105 -11.47 46.39 23.42
N GLN A 106 -11.26 46.32 22.10
CA GLN A 106 -11.31 45.05 21.34
C GLN A 106 -10.06 44.22 21.68
N SER A 107 -10.22 42.89 21.71
CA SER A 107 -9.15 41.94 22.09
C SER A 107 -8.01 42.01 21.09
N GLN A 108 -8.33 42.01 19.79
CA GLN A 108 -7.35 41.91 18.68
C GLN A 108 -7.49 43.17 17.81
N LEU A 109 -6.37 43.68 17.29
CA LEU A 109 -6.33 44.74 16.25
C LEU A 109 -7.09 44.21 15.03
N SER A 110 -7.91 45.05 14.39
CA SER A 110 -8.59 44.75 13.11
C SER A 110 -7.73 45.29 11.96
N LEU A 111 -7.80 44.66 10.81
CA LEU A 111 -7.06 45.10 9.59
C LEU A 111 -8.04 45.86 8.69
N TYR A 112 -7.72 47.13 8.45
CA TYR A 112 -8.44 48.07 7.55
C TYR A 112 -7.56 48.31 6.34
N ARG A 113 -8.16 48.78 5.25
CA ARG A 113 -7.43 49.13 4.02
C ARG A 113 -8.05 50.38 3.39
N VAL A 114 -7.24 51.08 2.60
CA VAL A 114 -7.66 52.27 1.81
C VAL A 114 -6.91 52.23 0.47
N ARG A 115 -7.60 52.54 -0.62
CA ARG A 115 -7.00 52.69 -1.96
C ARG A 115 -5.79 53.62 -1.83
N MET A 116 -4.63 53.24 -2.36
CA MET A 116 -3.45 54.13 -2.46
C MET A 116 -3.90 55.43 -3.15
N GLY A 117 -3.58 56.58 -2.55
CA GLY A 117 -4.02 57.91 -3.03
C GLY A 117 -5.17 58.49 -2.22
N GLU A 118 -5.92 57.65 -1.49
CA GLU A 118 -7.07 58.07 -0.63
C GLU A 118 -6.70 58.03 0.86
N GLU A 119 -5.44 57.79 1.20
CA GLU A 119 -5.02 57.48 2.60
C GLU A 119 -5.17 58.71 3.51
N ASP A 120 -5.24 59.93 2.96
CA ASP A 120 -5.38 61.16 3.77
C ASP A 120 -6.77 61.20 4.41
N THR A 121 -7.70 60.31 4.03
CA THR A 121 -9.07 60.25 4.58
C THR A 121 -9.18 59.29 5.79
N VAL A 122 -8.13 58.54 6.12
CA VAL A 122 -8.21 57.48 7.19
C VAL A 122 -7.79 58.08 8.54
N LEU A 123 -8.16 57.38 9.63
CA LEU A 123 -7.64 57.64 10.99
C LEU A 123 -7.92 59.10 11.40
N THR A 124 -9.21 59.46 11.44
CA THR A 124 -9.72 60.79 11.86
C THR A 124 -10.65 60.61 13.06
N GLU A 125 -11.20 61.72 13.56
CA GLU A 125 -12.19 61.73 14.67
C GLU A 125 -13.46 60.99 14.24
N SER A 126 -13.79 61.05 12.94
CA SER A 126 -14.94 60.34 12.32
C SER A 126 -14.81 58.82 12.51
N GLY A 127 -13.58 58.29 12.57
CA GLY A 127 -13.31 56.83 12.69
C GLY A 127 -12.10 56.40 11.88
N PRO A 128 -11.87 55.07 11.70
CA PRO A 128 -10.70 54.58 10.97
C PRO A 128 -10.74 54.96 9.49
N GLY A 129 -11.96 55.07 8.95
CA GLY A 129 -12.20 55.31 7.51
C GLY A 129 -11.78 54.10 6.72
N GLY A 130 -11.49 54.29 5.43
CA GLY A 130 -11.21 53.18 4.50
C GLY A 130 -12.29 52.13 4.57
N GLU A 131 -11.89 50.87 4.53
CA GLU A 131 -12.77 49.68 4.52
C GLU A 131 -12.23 48.67 5.54
N LEU A 132 -13.07 48.13 6.41
CA LEU A 132 -12.69 46.96 7.27
C LEU A 132 -12.39 45.77 6.34
N PHE A 133 -11.18 45.21 6.42
CA PHE A 133 -10.77 44.03 5.63
C PHE A 133 -10.92 42.73 6.43
N PHE A 134 -10.41 42.70 7.66
CA PHE A 134 -10.30 41.46 8.50
C PHE A 134 -10.39 41.81 9.98
N ASN A 135 -11.34 41.21 10.68
CA ASN A 135 -11.59 41.40 12.14
C ASN A 135 -11.30 40.08 12.84
N PRO A 136 -10.10 39.88 13.42
CA PRO A 136 -9.75 38.63 14.10
C PRO A 136 -10.65 38.29 15.30
N ASN A 137 -11.26 39.30 15.91
CA ASN A 137 -12.20 39.12 17.06
C ASN A 137 -13.39 38.23 16.62
N LEU A 138 -13.76 38.26 15.34
CA LEU A 138 -14.87 37.45 14.79
C LEU A 138 -14.52 35.96 14.83
N LEU A 139 -13.23 35.61 14.85
CA LEU A 139 -12.76 34.20 14.68
C LEU A 139 -13.12 33.32 15.90
N SER A 140 -13.20 33.89 17.11
CA SER A 140 -13.55 33.16 18.36
C SER A 140 -14.69 33.87 19.09
N LEU A 141 -15.27 33.20 20.08
CA LEU A 141 -16.31 33.73 21.00
C LEU A 141 -15.64 34.50 22.16
N ASP A 142 -14.39 34.19 22.48
CA ASP A 142 -13.68 34.72 23.69
C ASP A 142 -12.63 35.76 23.29
N GLY A 143 -12.34 35.91 21.99
CA GLY A 143 -11.30 36.85 21.51
C GLY A 143 -9.88 36.33 21.74
N ASN A 144 -9.72 35.02 21.96
CA ASN A 144 -8.42 34.36 22.26
C ASN A 144 -7.76 33.87 20.97
N ALA A 145 -8.53 33.71 19.88
CA ALA A 145 -7.99 33.42 18.52
C ALA A 145 -7.36 34.69 17.96
N ALA A 146 -6.10 34.61 17.53
CA ALA A 146 -5.33 35.75 17.01
C ALA A 146 -4.73 35.48 15.62
N LEU A 147 -4.62 36.55 14.84
CA LEU A 147 -3.90 36.61 13.54
C LEU A 147 -2.40 36.53 13.83
N THR A 148 -1.74 35.46 13.38
CA THR A 148 -0.30 35.19 13.62
C THR A 148 0.55 35.80 12.50
N GLY A 149 -0.06 36.12 11.36
CA GLY A 149 0.69 36.64 10.21
C GLY A 149 -0.16 36.62 8.96
N PHE A 150 0.26 37.37 7.94
CA PHE A 150 -0.46 37.40 6.65
C PHE A 150 0.55 37.75 5.55
N VAL A 151 0.29 37.29 4.35
CA VAL A 151 1.08 37.66 3.14
C VAL A 151 0.18 37.56 1.91
N MET A 152 0.15 38.62 1.12
CA MET A 152 -0.69 38.76 -0.09
C MET A 152 0.05 38.11 -1.28
N SER A 153 -0.68 37.39 -2.14
CA SER A 153 -0.16 36.86 -3.43
C SER A 153 0.46 38.00 -4.23
N PRO A 154 1.54 37.77 -5.00
CA PRO A 154 2.10 38.80 -5.87
C PRO A 154 1.07 39.46 -6.80
N CYS A 155 0.07 38.71 -7.27
CA CYS A 155 -1.01 39.19 -8.18
C CYS A 155 -1.96 40.15 -7.43
N GLY A 156 -2.01 40.06 -6.10
CA GLY A 156 -2.85 40.91 -5.24
C GLY A 156 -4.28 40.40 -5.13
N ASN A 157 -4.56 39.20 -5.65
CA ASN A 157 -5.93 38.60 -5.66
C ASN A 157 -6.17 37.75 -4.40
N TYR A 158 -5.12 37.23 -3.77
CA TYR A 158 -5.24 36.26 -2.64
C TYR A 158 -4.47 36.75 -1.42
N TRP A 159 -4.92 36.27 -0.27
CA TRP A 159 -4.41 36.67 1.06
C TRP A 159 -4.29 35.43 1.94
N ALA A 160 -3.06 34.97 2.21
CA ALA A 160 -2.76 33.83 3.08
C ALA A 160 -2.56 34.38 4.51
N TYR A 161 -3.19 33.76 5.51
CA TYR A 161 -3.14 34.28 6.90
C TYR A 161 -3.16 33.12 7.90
N GLY A 162 -2.47 33.34 9.03
CA GLY A 162 -2.36 32.36 10.13
C GLY A 162 -3.25 32.71 11.29
N VAL A 163 -3.93 31.72 11.87
CA VAL A 163 -4.82 31.89 13.05
C VAL A 163 -4.41 30.84 14.09
N SER A 164 -4.01 31.28 15.29
CA SER A 164 -3.79 30.40 16.46
C SER A 164 -5.01 30.54 17.38
N GLU A 165 -5.64 29.43 17.78
CA GLU A 165 -6.97 29.44 18.44
C GLU A 165 -6.88 29.89 19.90
N HIS A 166 -5.86 29.41 20.64
CA HIS A 166 -5.74 29.57 22.11
C HIS A 166 -4.44 30.28 22.49
N GLY A 167 -3.77 30.98 21.55
CA GLY A 167 -2.55 31.75 21.81
C GLY A 167 -1.33 30.86 22.03
N SER A 168 -1.37 29.62 21.54
CA SER A 168 -0.24 28.66 21.55
C SER A 168 0.58 28.82 20.26
N ASP A 169 1.72 28.13 20.17
CA ASP A 169 2.58 28.01 18.97
C ASP A 169 2.03 26.90 18.07
N TRP A 170 0.69 26.82 17.93
CA TRP A 170 -0.01 26.05 16.88
C TRP A 170 -0.97 27.00 16.16
N MET A 171 -0.94 26.97 14.83
CA MET A 171 -1.83 27.77 13.96
C MET A 171 -2.24 26.93 12.74
N SER A 172 -3.33 27.34 12.08
CA SER A 172 -3.70 26.92 10.71
C SER A 172 -3.51 28.10 9.76
N ILE A 173 -3.14 27.82 8.50
CA ILE A 173 -3.04 28.86 7.44
C ILE A 173 -4.30 28.76 6.58
N TYR A 174 -4.99 29.89 6.41
CA TYR A 174 -6.19 30.05 5.58
C TYR A 174 -5.82 30.92 4.38
N VAL A 175 -6.63 30.86 3.33
CA VAL A 175 -6.53 31.78 2.15
C VAL A 175 -7.91 32.38 1.90
N ARG A 176 -7.96 33.67 1.61
CA ARG A 176 -9.18 34.38 1.15
C ARG A 176 -8.80 35.31 0.01
N LYS A 177 -9.78 35.62 -0.82
CA LYS A 177 -9.69 36.64 -1.91
C LYS A 177 -9.59 38.02 -1.26
N THR A 178 -8.84 38.93 -1.87
CA THR A 178 -8.73 40.36 -1.48
C THR A 178 -10.04 41.08 -1.84
N SER A 179 -10.86 40.52 -2.74
CA SER A 179 -12.24 40.97 -3.02
C SER A 179 -13.21 40.47 -1.95
N SER A 180 -12.76 39.73 -0.94
CA SER A 180 -13.64 39.13 0.09
C SER A 180 -13.30 39.62 1.50
N PRO A 181 -13.55 40.92 1.80
CA PRO A 181 -13.37 41.44 3.16
C PRO A 181 -14.42 40.91 4.15
N HIS A 182 -14.10 40.95 5.44
CA HIS A 182 -15.04 40.81 6.58
C HIS A 182 -16.03 42.00 6.55
N LEU A 183 -17.33 41.73 6.49
CA LEU A 183 -18.39 42.76 6.58
C LEU A 183 -18.65 43.13 8.04
N PRO A 184 -19.03 44.39 8.35
CA PRO A 184 -19.28 44.80 9.73
C PRO A 184 -20.49 44.10 10.37
N SER A 185 -21.52 43.76 9.58
CA SER A 185 -22.76 43.09 10.05
C SER A 185 -22.44 41.75 10.74
N GLN A 186 -21.42 41.02 10.29
CA GLN A 186 -21.10 39.62 10.72
C GLN A 186 -20.83 39.56 12.23
N GLU A 187 -21.25 38.48 12.89
CA GLU A 187 -21.14 38.27 14.36
C GLU A 187 -19.98 37.32 14.71
N ARG A 188 -19.79 37.07 16.02
CA ARG A 188 -18.62 36.35 16.60
C ARG A 188 -18.70 34.85 16.32
N GLY A 189 -17.54 34.20 16.14
CA GLY A 189 -17.37 32.73 16.22
C GLY A 189 -17.35 32.08 14.86
N LYS A 190 -16.75 32.75 13.87
CA LYS A 190 -16.78 32.32 12.45
C LYS A 190 -15.81 33.17 11.64
N ASP A 191 -15.39 32.64 10.51
CA ASP A 191 -14.50 33.33 9.53
C ASP A 191 -15.18 33.26 8.18
N PRO A 192 -16.23 34.05 7.93
CA PRO A 192 -16.91 34.05 6.63
C PRO A 192 -16.01 34.63 5.54
N GLY A 193 -16.22 34.21 4.28
CA GLY A 193 -15.59 34.80 3.09
C GLY A 193 -14.27 34.12 2.71
N ARG A 194 -13.76 33.20 3.53
CA ARG A 194 -12.52 32.46 3.18
C ARG A 194 -12.79 31.50 2.01
N MET A 195 -11.77 31.20 1.23
CA MET A 195 -11.71 30.00 0.35
C MET A 195 -11.54 28.75 1.25
N ASN A 196 -11.48 27.57 0.66
CA ASN A 196 -11.57 26.26 1.37
C ASN A 196 -10.19 25.80 1.84
N ASP A 197 -9.12 26.44 1.38
CA ASP A 197 -7.73 26.10 1.78
C ASP A 197 -7.63 26.15 3.31
N LYS A 198 -7.19 25.05 3.92
CA LYS A 198 -6.85 24.97 5.37
C LYS A 198 -5.57 24.15 5.52
N ILE A 199 -4.51 24.78 5.99
CA ILE A 199 -3.17 24.16 6.22
C ILE A 199 -2.98 23.97 7.74
N ARG A 200 -3.08 22.73 8.23
CA ARG A 200 -3.02 22.42 9.68
C ARG A 200 -1.57 22.09 10.10
N HIS A 201 -1.32 22.13 11.41
CA HIS A 201 -0.11 21.61 12.10
C HIS A 201 1.10 22.52 11.85
N VAL A 202 0.86 23.83 11.80
CA VAL A 202 1.91 24.88 11.61
C VAL A 202 2.24 25.50 12.98
N ARG A 203 3.51 25.79 13.26
CA ARG A 203 3.92 26.37 14.55
C ARG A 203 4.57 27.75 14.38
N PHE A 204 4.78 28.22 13.15
CA PHE A 204 5.26 29.60 12.87
C PHE A 204 4.88 29.99 11.45
N PHE A 205 4.55 31.28 11.29
CA PHE A 205 4.06 31.87 10.02
C PHE A 205 5.25 32.41 9.23
N ILE A 206 5.95 31.51 8.55
CA ILE A 206 6.94 31.82 7.48
C ILE A 206 6.36 31.23 6.20
N VAL A 207 5.81 32.10 5.35
CA VAL A 207 5.00 31.72 4.15
C VAL A 207 5.50 32.54 2.97
N SER A 208 5.82 31.88 1.86
CA SER A 208 6.33 32.51 0.61
C SER A 208 5.52 32.02 -0.58
N TRP A 209 4.76 32.94 -1.21
CA TRP A 209 4.10 32.74 -2.52
C TRP A 209 5.14 32.61 -3.62
N THR A 210 4.90 31.72 -4.59
CA THR A 210 5.58 31.72 -5.91
C THR A 210 5.04 32.89 -6.72
N SER A 211 5.84 33.41 -7.66
CA SER A 211 5.52 34.66 -8.42
C SER A 211 4.30 34.42 -9.33
N ASP A 212 3.92 33.16 -9.56
CA ASP A 212 2.75 32.76 -10.38
C ASP A 212 1.47 32.81 -9.54
N SER A 213 1.56 33.09 -8.24
CA SER A 213 0.41 33.18 -7.30
C SER A 213 -0.39 31.87 -7.29
N LYS A 214 0.21 30.75 -7.68
CA LYS A 214 -0.47 29.42 -7.75
C LYS A 214 -0.38 28.70 -6.39
N GLY A 215 0.54 29.11 -5.51
CA GLY A 215 0.76 28.42 -4.24
C GLY A 215 1.84 29.07 -3.40
N PHE A 216 2.10 28.52 -2.21
CA PHE A 216 3.08 29.09 -1.25
C PHE A 216 3.76 27.96 -0.48
N PHE A 217 5.03 28.22 -0.11
CA PHE A 217 5.83 27.38 0.80
C PHE A 217 5.44 27.70 2.25
N TYR A 218 5.57 26.70 3.11
CA TYR A 218 5.28 26.80 4.57
C TYR A 218 5.99 25.65 5.28
N SER A 219 6.21 25.80 6.58
CA SER A 219 6.77 24.76 7.46
C SER A 219 5.65 24.17 8.31
N ARG A 220 5.64 22.86 8.53
CA ARG A 220 4.66 22.21 9.44
C ARG A 220 5.34 21.05 10.20
N TYR A 221 4.62 20.53 11.17
CA TYR A 221 5.06 19.45 12.11
C TYR A 221 4.09 18.29 11.95
N PRO A 222 4.41 17.11 12.53
CA PRO A 222 3.46 16.01 12.60
C PRO A 222 2.26 16.41 13.46
N PRO A 223 1.07 15.82 13.25
CA PRO A 223 -0.09 16.14 14.08
C PRO A 223 0.10 15.85 15.57
N GLU A 224 -0.65 16.54 16.43
CA GLU A 224 -0.55 16.41 17.90
C GLU A 224 -1.96 16.52 18.50
N ASP A 225 -2.30 15.56 19.38
CA ASP A 225 -3.64 15.43 20.01
C ASP A 225 -3.86 16.62 20.96
N ASP A 226 -3.00 16.74 21.97
CA ASP A 226 -3.08 17.78 23.02
C ASP A 226 -2.63 19.11 22.40
N GLU A 227 -3.56 19.83 21.73
CA GLU A 227 -3.26 20.96 20.81
C GLU A 227 -2.69 22.16 21.59
N GLY A 228 -1.40 22.08 21.95
CA GLY A 228 -0.69 23.15 22.69
C GLY A 228 -0.75 23.00 24.20
N LYS A 229 -1.35 21.92 24.71
CA LYS A 229 -1.43 21.59 26.16
C LYS A 229 -0.46 20.45 26.50
N GLY A 230 0.15 19.80 25.49
CA GLY A 230 1.28 18.87 25.64
C GLY A 230 2.56 19.62 25.99
N ASN A 231 3.65 18.92 26.34
CA ASN A 231 4.95 19.57 26.63
C ASN A 231 6.10 18.76 26.04
N ALA A 232 5.81 17.84 25.12
CA ALA A 232 6.85 17.03 24.43
C ALA A 232 7.73 17.95 23.58
N PRO A 233 9.00 17.59 23.29
CA PRO A 233 9.83 18.43 22.41
C PRO A 233 9.18 18.64 21.03
N ALA A 234 9.31 19.85 20.47
CA ALA A 234 8.83 20.19 19.11
C ALA A 234 9.75 19.54 18.08
N MET A 235 9.28 18.52 17.36
CA MET A 235 10.13 17.60 16.57
C MET A 235 9.60 17.43 15.13
N ASN A 236 10.52 17.25 14.18
CA ASN A 236 10.25 16.81 12.80
C ASN A 236 9.56 17.93 12.01
N CYS A 237 10.19 19.10 11.98
CA CYS A 237 9.82 20.25 11.15
C CYS A 237 10.01 19.89 9.68
N MET A 238 9.00 20.11 8.84
CA MET A 238 9.01 19.78 7.40
C MET A 238 8.60 21.01 6.57
N VAL A 239 9.25 21.23 5.43
CA VAL A 239 8.86 22.30 4.46
C VAL A 239 7.98 21.67 3.39
N TYR A 240 6.82 22.28 3.12
CA TYR A 240 5.85 21.85 2.08
C TYR A 240 5.53 23.02 1.15
N TYR A 241 4.99 22.72 -0.03
CA TYR A 241 4.40 23.70 -0.99
C TYR A 241 2.92 23.36 -1.15
N HIS A 242 2.06 24.33 -0.84
CA HIS A 242 0.59 24.21 -1.03
C HIS A 242 0.18 24.90 -2.32
N ARG A 243 -0.52 24.18 -3.21
CA ARG A 243 -1.19 24.76 -4.40
C ARG A 243 -2.61 25.18 -4.01
N ILE A 244 -2.97 26.44 -4.27
CA ILE A 244 -4.32 27.00 -3.97
C ILE A 244 -5.38 26.08 -4.59
N GLY A 245 -6.41 25.73 -3.80
CA GLY A 245 -7.56 24.93 -4.26
C GLY A 245 -7.41 23.45 -3.99
N GLU A 246 -6.24 23.00 -3.53
CA GLU A 246 -5.97 21.56 -3.23
C GLU A 246 -6.10 21.31 -1.72
N ASP A 247 -6.48 20.08 -1.33
CA ASP A 247 -6.44 19.61 0.08
C ASP A 247 -4.97 19.50 0.51
N GLN A 248 -4.71 19.71 1.81
CA GLN A 248 -3.33 19.72 2.35
C GLN A 248 -2.63 18.39 2.03
N GLU A 249 -3.38 17.30 1.95
CA GLU A 249 -2.82 15.95 1.66
C GLU A 249 -2.09 15.95 0.32
N SER A 250 -2.46 16.82 -0.62
CA SER A 250 -1.81 16.92 -1.96
C SER A 250 -0.55 17.78 -1.88
N ASP A 251 -0.31 18.51 -0.79
CA ASP A 251 0.86 19.41 -0.68
C ASP A 251 2.14 18.60 -0.92
N VAL A 252 3.07 19.15 -1.70
CA VAL A 252 4.35 18.52 -2.09
C VAL A 252 5.38 18.74 -0.97
N LEU A 253 5.99 17.64 -0.49
CA LEU A 253 7.11 17.69 0.48
C LEU A 253 8.32 18.33 -0.22
N VAL A 254 8.87 19.38 0.37
CA VAL A 254 10.06 20.09 -0.16
C VAL A 254 11.28 19.65 0.66
N HIS A 255 11.16 19.54 1.98
CA HIS A 255 12.30 19.14 2.86
C HIS A 255 11.83 18.44 4.14
N GLU A 256 12.54 17.36 4.49
CA GLU A 256 12.48 16.74 5.84
C GLU A 256 13.88 16.22 6.17
N ASP A 257 14.20 16.13 7.46
CA ASP A 257 15.51 15.66 7.95
C ASP A 257 15.28 14.80 9.17
N PRO A 258 14.82 13.54 9.00
CA PRO A 258 14.48 12.66 10.12
C PRO A 258 15.64 12.42 11.11
N GLU A 259 16.88 12.58 10.65
CA GLU A 259 18.11 12.39 11.48
C GLU A 259 18.14 13.46 12.58
N HIS A 260 17.62 14.66 12.31
CA HIS A 260 17.70 15.84 13.19
C HIS A 260 16.31 16.37 13.51
N PRO A 261 15.49 15.64 14.32
CA PRO A 261 14.12 16.07 14.62
C PRO A 261 14.03 17.38 15.42
N PHE A 262 15.11 17.81 16.10
CA PHE A 262 15.16 19.04 16.94
C PHE A 262 15.45 20.28 16.09
N TRP A 263 15.89 20.10 14.84
CA TRP A 263 16.15 21.23 13.91
C TRP A 263 14.82 21.91 13.55
N ILE A 264 14.84 23.22 13.39
CA ILE A 264 13.71 24.03 12.82
C ILE A 264 14.14 24.50 11.43
N SER A 265 13.29 24.35 10.43
CA SER A 265 13.60 24.69 9.02
C SER A 265 12.45 25.47 8.38
N SER A 266 12.80 26.36 7.46
CA SER A 266 11.86 27.23 6.72
C SER A 266 12.52 27.63 5.38
N VAL A 267 11.72 28.17 4.47
CA VAL A 267 12.21 28.72 3.18
C VAL A 267 11.66 30.15 3.04
N GLN A 268 12.38 30.98 2.28
CA GLN A 268 12.04 32.38 1.97
C GLN A 268 12.40 32.61 0.49
N LEU A 269 11.48 33.16 -0.30
CA LEU A 269 11.72 33.56 -1.71
C LEU A 269 12.19 35.01 -1.72
N THR A 270 13.11 35.34 -2.63
CA THR A 270 13.50 36.74 -2.93
C THR A 270 12.27 37.46 -3.47
N PRO A 271 12.19 38.80 -3.36
CA PRO A 271 11.02 39.55 -3.83
C PRO A 271 10.64 39.27 -5.29
N SER A 272 11.61 38.99 -6.18
CA SER A 272 11.37 38.66 -7.60
C SER A 272 10.69 37.29 -7.72
N GLY A 273 10.81 36.43 -6.70
CA GLY A 273 10.27 35.06 -6.70
C GLY A 273 11.19 34.09 -7.42
N ARG A 274 12.40 34.53 -7.81
CA ARG A 274 13.36 33.70 -8.60
C ARG A 274 14.12 32.75 -7.68
N TYR A 275 14.67 33.21 -6.57
CA TYR A 275 15.54 32.40 -5.66
C TYR A 275 14.75 32.02 -4.41
N ILE A 276 14.99 30.80 -3.93
CA ILE A 276 14.45 30.27 -2.64
C ILE A 276 15.65 29.99 -1.73
N LEU A 277 15.63 30.59 -0.54
CA LEU A 277 16.61 30.32 0.54
C LEU A 277 15.99 29.27 1.47
N PHE A 278 16.67 28.13 1.64
CA PHE A 278 16.42 27.16 2.74
C PHE A 278 17.35 27.51 3.91
N ALA A 279 16.79 27.56 5.12
CA ALA A 279 17.57 27.73 6.36
C ALA A 279 17.07 26.73 7.42
N ALA A 280 18.01 26.03 8.04
CA ALA A 280 17.77 25.15 9.22
C ALA A 280 18.47 25.78 10.42
N SER A 281 17.80 25.75 11.57
CA SER A 281 18.30 26.16 12.91
C SER A 281 18.40 24.90 13.77
N ARG A 282 19.49 24.76 14.55
CA ARG A 282 19.71 23.59 15.45
C ARG A 282 19.69 24.05 16.93
N ASP A 283 19.58 25.36 17.17
CA ASP A 283 19.58 25.96 18.53
C ASP A 283 19.10 27.42 18.39
N ALA A 284 19.16 28.18 19.47
CA ALA A 284 18.68 29.58 19.55
C ALA A 284 19.79 30.54 19.11
N SER A 285 20.95 30.04 18.70
CA SER A 285 22.08 30.89 18.22
C SER A 285 21.75 31.39 16.81
N HIS A 286 22.35 32.52 16.44
CA HIS A 286 22.19 33.16 15.09
C HIS A 286 23.13 32.46 14.09
N THR A 287 22.93 31.15 13.88
CA THR A 287 23.71 30.31 12.95
C THR A 287 22.72 29.39 12.23
N GLN A 288 22.98 29.13 10.95
CA GLN A 288 22.09 28.31 10.08
C GLN A 288 22.93 27.39 9.19
N LEU A 289 22.30 26.28 8.78
CA LEU A 289 22.62 25.53 7.54
C LEU A 289 21.75 26.15 6.44
N VAL A 290 22.37 26.64 5.37
CA VAL A 290 21.68 27.43 4.32
C VAL A 290 21.95 26.81 2.95
N LYS A 291 20.93 26.82 2.09
CA LYS A 291 20.99 26.38 0.67
C LYS A 291 20.16 27.37 -0.16
N ILE A 292 20.57 27.63 -1.40
CA ILE A 292 19.86 28.49 -2.39
C ILE A 292 19.48 27.61 -3.57
N ALA A 293 18.25 27.75 -4.08
CA ALA A 293 17.83 27.15 -5.38
C ALA A 293 17.26 28.26 -6.27
N ASP A 294 17.47 28.10 -7.57
CA ASP A 294 16.99 29.01 -8.63
C ASP A 294 15.71 28.38 -9.21
N LEU A 295 14.55 28.97 -8.93
CA LEU A 295 13.23 28.38 -9.29
C LEU A 295 13.03 28.44 -10.81
N HIS A 296 13.85 29.16 -11.57
CA HIS A 296 13.83 29.14 -13.06
C HIS A 296 14.42 27.83 -13.59
N GLU A 297 15.16 27.07 -12.78
CA GLU A 297 15.72 25.74 -13.14
C GLU A 297 14.83 24.57 -12.68
N ASN A 298 13.99 24.75 -11.66
CA ASN A 298 13.43 23.62 -10.86
C ASN A 298 11.90 23.61 -10.91
N ASP A 299 11.30 22.42 -10.86
CA ASP A 299 9.90 22.17 -10.44
C ASP A 299 9.90 21.91 -8.93
N ILE A 300 8.82 22.30 -8.24
CA ILE A 300 8.74 22.29 -6.76
C ILE A 300 8.72 20.84 -6.29
N GLY A 301 9.59 20.46 -5.35
CA GLY A 301 9.50 19.18 -4.60
C GLY A 301 10.83 18.77 -4.03
N THR A 302 11.12 17.47 -4.02
CA THR A 302 12.38 16.86 -3.51
C THR A 302 13.41 16.78 -4.66
N ASN A 303 13.09 17.29 -5.86
CA ASN A 303 13.96 17.25 -7.06
C ASN A 303 14.40 18.69 -7.44
N MET A 304 14.84 19.49 -6.46
CA MET A 304 15.33 20.87 -6.71
C MET A 304 16.86 20.91 -6.58
N LYS A 305 17.50 21.71 -7.44
CA LYS A 305 18.98 21.86 -7.51
C LYS A 305 19.44 22.85 -6.43
N TRP A 306 19.59 22.39 -5.20
CA TRP A 306 20.09 23.21 -4.06
C TRP A 306 21.58 23.47 -4.20
N LYS A 307 21.99 24.73 -4.04
CA LYS A 307 23.39 25.21 -4.15
C LYS A 307 23.82 25.64 -2.75
N ASN A 308 25.11 25.53 -2.48
CA ASN A 308 25.76 26.01 -1.23
C ASN A 308 25.79 27.53 -1.24
N LEU A 309 25.24 28.16 -0.20
CA LEU A 309 25.40 29.60 0.07
C LEU A 309 26.69 29.82 0.85
N HIS A 310 26.89 29.05 1.93
CA HIS A 310 28.03 29.16 2.86
C HIS A 310 28.09 27.91 3.74
N ASP A 311 29.25 27.62 4.31
CA ASP A 311 29.47 26.49 5.26
C ASP A 311 28.43 26.56 6.35
N PRO A 312 27.92 25.41 6.81
CA PRO A 312 26.87 25.39 7.82
C PRO A 312 27.34 25.86 9.19
N TRP A 313 26.44 26.49 9.94
CA TRP A 313 26.52 26.78 11.40
C TRP A 313 27.55 27.87 11.70
N GLU A 314 27.88 28.71 10.71
CA GLU A 314 28.81 29.87 10.91
C GLU A 314 28.03 31.17 11.04
N ALA A 315 26.88 31.27 10.39
CA ALA A 315 26.16 32.56 10.24
C ALA A 315 24.68 32.35 9.95
N ARG A 316 23.91 33.40 10.14
CA ARG A 316 22.49 33.52 9.75
C ARG A 316 22.41 34.43 8.53
N PHE A 317 21.47 34.15 7.62
CA PHE A 317 21.25 34.90 6.36
C PHE A 317 19.77 35.22 6.21
N THR A 318 19.42 36.49 6.02
CA THR A 318 18.03 36.96 5.78
C THR A 318 18.03 37.78 4.47
N ILE A 319 17.03 37.54 3.62
CA ILE A 319 16.91 38.19 2.29
C ILE A 319 16.51 39.66 2.49
N VAL A 320 17.22 40.58 1.83
CA VAL A 320 16.92 42.04 1.79
C VAL A 320 16.30 42.39 0.43
N GLY A 321 16.77 41.75 -0.64
CA GLY A 321 16.21 41.90 -2.00
C GLY A 321 17.01 41.10 -2.99
N ASP A 322 16.77 41.35 -4.29
CA ASP A 322 17.53 40.70 -5.39
C ASP A 322 17.53 41.62 -6.61
N GLU A 323 18.55 41.45 -7.45
CA GLU A 323 18.74 42.16 -8.73
C GLU A 323 19.32 41.12 -9.70
N GLY A 324 18.46 40.49 -10.52
CA GLY A 324 18.87 39.39 -11.41
C GLY A 324 19.41 38.24 -10.59
N SER A 325 20.67 37.84 -10.81
CA SER A 325 21.32 36.71 -10.11
C SER A 325 21.93 37.17 -8.77
N LYS A 326 21.96 38.48 -8.50
CA LYS A 326 22.51 39.06 -7.25
C LYS A 326 21.44 39.02 -6.16
N ILE A 327 21.77 38.46 -4.99
CA ILE A 327 20.87 38.45 -3.81
C ILE A 327 21.52 39.30 -2.71
N TYR A 328 20.76 40.24 -2.14
CA TYR A 328 21.20 41.06 -0.98
C TYR A 328 20.79 40.35 0.31
N PHE A 329 21.75 40.12 1.19
CA PHE A 329 21.53 39.47 2.50
C PHE A 329 21.94 40.41 3.64
N MET A 330 21.11 40.43 4.68
CA MET A 330 21.51 40.80 6.05
C MET A 330 22.07 39.53 6.69
N THR A 331 23.32 39.57 7.14
CA THR A 331 24.03 38.39 7.62
C THR A 331 25.01 38.81 8.72
N ASN A 332 25.29 37.90 9.65
CA ASN A 332 26.30 38.09 10.72
C ASN A 332 27.55 37.27 10.37
N LEU A 333 27.73 36.90 9.09
CA LEU A 333 28.90 36.12 8.61
C LEU A 333 30.16 36.93 8.90
N LYS A 334 31.01 36.43 9.80
CA LYS A 334 32.26 37.09 10.26
C LYS A 334 31.96 38.53 10.70
N ALA A 335 30.79 38.75 11.32
CA ALA A 335 30.27 40.09 11.68
C ALA A 335 29.12 39.94 12.68
N LYS A 336 29.43 39.76 13.96
CA LYS A 336 28.46 39.44 15.05
C LYS A 336 27.37 40.53 15.13
N ASN A 337 27.69 41.78 14.78
CA ASN A 337 26.73 42.92 14.84
C ASN A 337 25.91 43.01 13.54
N TYR A 338 26.10 42.06 12.62
CA TYR A 338 25.39 41.95 11.32
C TYR A 338 25.89 43.06 10.37
N LYS A 339 25.67 42.79 9.08
CA LYS A 339 26.13 43.65 7.95
C LYS A 339 25.25 43.33 6.76
N VAL A 340 25.40 44.05 5.64
CA VAL A 340 24.73 43.70 4.36
C VAL A 340 25.80 43.20 3.39
N ALA A 341 25.56 42.02 2.80
CA ALA A 341 26.46 41.38 1.82
C ALA A 341 25.62 40.85 0.65
N THR A 342 26.23 40.78 -0.54
CA THR A 342 25.58 40.30 -1.77
C THR A 342 26.16 38.92 -2.13
N PHE A 343 25.31 38.07 -2.69
CA PHE A 343 25.66 36.76 -3.29
C PHE A 343 25.28 36.78 -4.77
N ASP A 344 26.20 36.40 -5.65
CA ASP A 344 25.92 36.18 -7.09
C ASP A 344 25.70 34.67 -7.29
N ALA A 345 24.45 34.26 -7.50
CA ALA A 345 24.07 32.84 -7.67
C ALA A 345 24.72 32.24 -8.93
N ASN A 346 25.13 33.09 -9.89
CA ASN A 346 25.86 32.69 -11.13
C ASN A 346 27.35 32.47 -10.86
N HIS A 347 27.87 32.91 -9.70
CA HIS A 347 29.27 32.65 -9.25
C HIS A 347 29.26 32.23 -7.78
N PRO A 348 28.69 31.04 -7.43
CA PRO A 348 28.53 30.67 -6.03
C PRO A 348 29.87 30.58 -5.28
N ASP A 349 30.93 30.17 -5.98
CA ASP A 349 32.29 29.87 -5.44
C ASP A 349 32.98 31.17 -5.01
N GLU A 350 32.52 32.33 -5.50
CA GLU A 350 33.08 33.65 -5.10
C GLU A 350 32.61 33.99 -3.69
N GLY A 351 31.51 33.39 -3.23
CA GLY A 351 30.93 33.62 -1.89
C GLY A 351 30.24 34.97 -1.80
N LEU A 352 30.24 35.56 -0.60
CA LEU A 352 29.50 36.80 -0.27
C LEU A 352 30.47 37.99 -0.39
N THR A 353 30.00 39.11 -0.92
CA THR A 353 30.74 40.38 -1.03
C THR A 353 30.10 41.39 -0.08
N THR A 354 30.89 42.08 0.74
CA THR A 354 30.41 43.09 1.71
C THR A 354 29.90 44.30 0.93
N LEU A 355 28.66 44.72 1.19
CA LEU A 355 28.08 45.97 0.64
C LEU A 355 28.11 47.04 1.75
N ILE A 356 27.56 46.71 2.92
CA ILE A 356 27.60 47.56 4.14
C ILE A 356 28.41 46.79 5.20
N ALA A 357 29.55 47.36 5.60
CA ALA A 357 30.46 46.77 6.61
C ALA A 357 29.73 46.69 7.94
N GLU A 358 30.05 45.69 8.74
CA GLU A 358 29.63 45.61 10.17
C GLU A 358 30.05 46.91 10.86
N ASP A 359 29.13 47.51 11.62
CA ASP A 359 29.43 48.61 12.57
C ASP A 359 29.88 47.96 13.88
N PRO A 360 31.14 48.19 14.32
CA PRO A 360 31.64 47.56 15.54
C PRO A 360 30.89 48.01 16.80
N ASN A 361 30.11 49.10 16.73
CA ASN A 361 29.44 49.74 17.89
C ASN A 361 27.92 49.82 17.70
N ALA A 362 27.34 49.06 16.77
CA ALA A 362 25.88 49.09 16.54
C ALA A 362 25.41 47.77 15.89
N PHE A 363 24.40 47.18 16.50
CA PHE A 363 23.69 45.98 16.02
C PHE A 363 22.77 46.42 14.87
N LEU A 364 23.00 45.87 13.67
CA LEU A 364 22.10 46.09 12.51
C LEU A 364 20.86 45.22 12.69
N VAL A 365 19.71 45.86 12.85
CA VAL A 365 18.40 45.26 13.24
C VAL A 365 17.57 44.96 12.00
N SER A 366 17.66 45.79 10.95
CA SER A 366 16.96 45.56 9.66
C SER A 366 17.58 46.40 8.55
N ALA A 367 17.43 45.88 7.34
CA ALA A 367 17.92 46.48 6.08
C ALA A 367 16.84 46.25 5.04
N SER A 368 16.43 47.29 4.33
CA SER A 368 15.33 47.20 3.35
C SER A 368 15.57 48.23 2.25
N ILE A 369 15.06 47.95 1.06
CA ILE A 369 15.28 48.76 -0.16
C ILE A 369 14.00 49.57 -0.43
N HIS A 370 14.16 50.86 -0.74
CA HIS A 370 13.08 51.83 -0.96
C HIS A 370 13.46 52.71 -2.16
N ALA A 371 12.45 53.26 -2.84
CA ALA A 371 12.65 54.20 -3.97
C ALA A 371 13.74 53.64 -4.89
N GLN A 372 13.63 52.35 -5.24
CA GLN A 372 14.46 51.59 -6.23
C GLN A 372 15.86 51.28 -5.69
N ASP A 373 16.62 52.27 -5.19
CA ASP A 373 18.06 52.10 -4.91
C ASP A 373 18.47 52.82 -3.61
N LYS A 374 17.54 53.05 -2.68
CA LYS A 374 17.84 53.59 -1.33
C LYS A 374 17.80 52.41 -0.35
N LEU A 375 18.91 52.15 0.32
CA LEU A 375 19.04 51.09 1.35
C LEU A 375 18.84 51.73 2.72
N LEU A 376 17.74 51.40 3.40
CA LEU A 376 17.39 51.92 4.75
C LEU A 376 17.88 50.91 5.79
N LEU A 377 18.81 51.34 6.64
CA LEU A 377 19.38 50.52 7.75
C LEU A 377 18.83 51.03 9.07
N VAL A 378 18.33 50.14 9.92
CA VAL A 378 17.96 50.47 11.32
C VAL A 378 19.03 49.85 12.22
N TYR A 379 19.75 50.70 12.94
CA TYR A 379 20.80 50.29 13.90
C TYR A 379 20.26 50.44 15.32
N LEU A 380 20.63 49.49 16.16
CA LEU A 380 20.49 49.59 17.64
C LEU A 380 21.85 50.05 18.17
N ARG A 381 21.92 51.31 18.61
CA ARG A 381 23.13 51.89 19.25
C ARG A 381 22.67 52.51 20.56
N ASN A 382 23.36 52.13 21.63
CA ASN A 382 23.09 52.66 23.00
C ASN A 382 21.60 52.47 23.32
N ALA A 383 21.09 51.26 23.08
CA ALA A 383 19.76 50.80 23.55
C ALA A 383 18.63 51.62 22.92
N SER A 384 18.80 52.19 21.73
CA SER A 384 17.69 52.83 20.94
C SER A 384 18.03 52.82 19.44
N HIS A 385 17.04 53.13 18.60
CA HIS A 385 17.11 52.95 17.12
C HIS A 385 17.68 54.18 16.44
N GLU A 386 18.51 53.96 15.41
CA GLU A 386 18.96 54.97 14.43
C GLU A 386 18.61 54.50 13.02
N ILE A 387 18.11 55.39 12.17
CA ILE A 387 17.87 55.11 10.73
C ILE A 387 18.95 55.80 9.91
N HIS A 388 19.70 55.02 9.14
CA HIS A 388 20.73 55.47 8.17
C HIS A 388 20.28 55.12 6.76
N ILE A 389 20.42 56.05 5.81
CA ILE A 389 20.15 55.79 4.37
C ILE A 389 21.49 55.60 3.68
N ARG A 390 21.60 54.55 2.86
CA ARG A 390 22.79 54.22 2.05
C ARG A 390 22.39 54.09 0.57
N ASP A 391 23.33 54.30 -0.34
CA ASP A 391 23.16 54.00 -1.79
C ASP A 391 23.25 52.49 -1.98
N LEU A 392 22.25 51.86 -2.61
CA LEU A 392 22.20 50.40 -2.83
C LEU A 392 23.40 49.94 -3.67
N THR A 393 23.79 50.70 -4.70
CA THR A 393 24.83 50.33 -5.69
C THR A 393 26.21 50.31 -5.01
N THR A 394 26.60 51.41 -4.35
CA THR A 394 27.96 51.65 -3.82
C THR A 394 28.04 51.34 -2.33
N GLY A 395 26.92 51.48 -1.61
CA GLY A 395 26.87 51.41 -0.14
C GLY A 395 27.26 52.71 0.52
N LYS A 396 27.42 53.78 -0.25
CA LYS A 396 27.86 55.12 0.24
C LYS A 396 26.81 55.70 1.19
N PRO A 397 27.22 56.39 2.27
CA PRO A 397 26.26 57.02 3.18
C PRO A 397 25.54 58.18 2.51
N LEU A 398 24.20 58.21 2.59
CA LEU A 398 23.36 59.31 2.06
C LEU A 398 22.77 60.11 3.22
N GLY A 399 23.03 59.70 4.47
CA GLY A 399 22.72 60.49 5.67
C GLY A 399 21.75 59.79 6.61
N ARG A 400 21.44 60.45 7.71
CA ARG A 400 20.51 59.97 8.76
C ARG A 400 19.12 60.56 8.48
N ILE A 401 18.06 59.90 8.95
CA ILE A 401 16.70 60.50 9.03
C ILE A 401 16.12 60.17 10.40
N PHE A 402 15.21 61.00 10.90
CA PHE A 402 14.55 60.86 12.23
C PHE A 402 15.57 60.89 13.36
N GLU A 403 16.71 61.60 13.20
CA GLU A 403 17.81 61.68 14.20
C GLU A 403 17.30 62.33 15.51
N ASP A 404 16.35 63.24 15.40
CA ASP A 404 15.78 64.02 16.54
C ASP A 404 14.90 63.14 17.43
N LEU A 405 14.51 61.95 16.96
CA LEU A 405 13.59 61.03 17.68
C LEU A 405 14.39 59.91 18.36
N LEU A 406 14.26 59.79 19.67
CA LEU A 406 14.96 58.79 20.51
C LEU A 406 13.91 57.75 20.96
N GLY A 407 14.03 56.52 20.48
CA GLY A 407 13.07 55.45 20.73
C GLY A 407 13.24 54.32 19.74
N GLN A 408 12.14 53.76 19.22
CA GLN A 408 12.17 52.66 18.25
C GLN A 408 11.26 52.96 17.05
N PHE A 409 11.56 52.35 15.90
CA PHE A 409 10.85 52.56 14.62
C PHE A 409 10.36 51.22 14.08
N MET A 410 9.16 51.20 13.52
CA MET A 410 8.66 50.14 12.61
C MET A 410 8.50 50.78 11.22
N VAL A 411 9.23 50.29 10.23
CA VAL A 411 9.33 50.88 8.85
C VAL A 411 8.48 50.05 7.89
N SER A 412 7.53 50.67 7.19
CA SER A 412 6.71 50.07 6.10
C SER A 412 7.06 50.77 4.79
N GLY A 413 7.06 50.02 3.68
CA GLY A 413 7.36 50.52 2.32
C GLY A 413 8.16 49.51 1.52
N ARG A 414 7.92 49.42 0.21
CA ARG A 414 8.57 48.45 -0.69
C ARG A 414 9.57 49.17 -1.58
N ARG A 415 10.39 48.40 -2.30
CA ARG A 415 11.48 48.87 -3.19
C ARG A 415 10.89 49.80 -4.26
N GLN A 416 9.70 49.50 -4.77
CA GLN A 416 9.06 50.24 -5.89
C GLN A 416 8.41 51.55 -5.39
N ASP A 417 8.21 51.71 -4.08
CA ASP A 417 7.58 52.92 -3.48
C ASP A 417 8.66 53.98 -3.17
N ASN A 418 8.38 55.25 -3.42
CA ASN A 418 9.28 56.39 -3.06
C ASN A 418 9.05 56.82 -1.61
N ASP A 419 7.97 56.32 -0.99
CA ASP A 419 7.53 56.68 0.38
C ASP A 419 7.72 55.50 1.34
N ILE A 420 8.05 55.81 2.59
CA ILE A 420 7.90 54.88 3.75
C ILE A 420 6.91 55.50 4.74
N PHE A 421 6.18 54.66 5.47
CA PHE A 421 5.47 55.03 6.71
C PHE A 421 6.23 54.45 7.90
N VAL A 422 6.61 55.30 8.85
CA VAL A 422 7.46 54.94 10.03
C VAL A 422 6.65 55.19 11.30
N LEU A 423 6.35 54.12 12.04
CA LEU A 423 5.75 54.19 13.40
C LEU A 423 6.88 54.39 14.41
N PHE A 424 6.98 55.60 14.98
CA PHE A 424 7.89 55.91 16.11
C PHE A 424 7.16 55.70 17.45
N SER A 425 7.81 55.05 18.39
CA SER A 425 7.33 54.94 19.81
C SER A 425 8.52 54.94 20.78
N SER A 426 8.25 55.26 22.04
CA SER A 426 9.23 55.27 23.16
C SER A 426 8.47 54.98 24.47
N PHE A 427 9.10 55.19 25.61
CA PHE A 427 8.46 55.05 26.95
C PHE A 427 7.31 56.07 27.06
N LEU A 428 7.43 57.21 26.36
CA LEU A 428 6.49 58.35 26.50
C LEU A 428 5.62 58.57 25.25
N SER A 429 6.06 58.14 24.06
N SER A 429 6.06 58.14 24.06
CA SER A 429 5.31 58.27 22.79
CA SER A 429 5.31 58.28 22.78
C SER A 429 4.61 56.96 22.44
C SER A 429 4.61 56.97 22.44
N PRO A 430 3.26 56.90 22.51
CA PRO A 430 2.52 55.67 22.19
C PRO A 430 2.58 55.24 20.73
N GLY A 431 2.78 56.16 19.79
CA GLY A 431 2.78 55.82 18.35
C GLY A 431 2.51 57.03 17.47
N THR A 432 3.56 57.54 16.84
CA THR A 432 3.48 58.60 15.81
C THR A 432 3.85 57.97 14.46
N VAL A 433 2.92 58.01 13.51
CA VAL A 433 3.16 57.56 12.11
C VAL A 433 3.67 58.77 11.32
N TYR A 434 4.93 58.73 10.91
CA TYR A 434 5.53 59.69 9.95
C TYR A 434 5.50 59.11 8.55
N ARG A 435 5.32 59.96 7.54
CA ARG A 435 5.52 59.66 6.11
C ARG A 435 6.85 60.28 5.71
N TYR A 436 7.76 59.52 5.12
CA TYR A 436 9.05 60.02 4.57
C TYR A 436 9.14 59.68 3.08
N THR A 437 9.37 60.69 2.25
CA THR A 437 9.54 60.59 0.77
C THR A 437 11.01 60.80 0.42
N PHE A 438 11.62 59.82 -0.25
CA PHE A 438 13.05 59.87 -0.65
C PHE A 438 13.23 60.89 -1.78
N GLY A 439 14.29 61.69 -1.68
CA GLY A 439 14.73 62.62 -2.72
C GLY A 439 16.13 62.30 -3.17
N GLU A 440 16.73 63.19 -3.97
CA GLU A 440 18.08 63.04 -4.55
C GLU A 440 19.11 63.27 -3.45
N GLU A 441 19.10 64.44 -2.81
CA GLU A 441 20.10 64.82 -1.75
C GLU A 441 19.46 64.80 -0.35
N LYS A 442 18.18 65.14 -0.24
CA LYS A 442 17.40 65.05 1.01
C LYS A 442 15.96 64.63 0.67
N GLY A 443 15.23 64.15 1.67
CA GLY A 443 13.84 63.71 1.52
C GLY A 443 12.88 64.74 2.12
N TYR A 444 11.60 64.32 2.22
CA TYR A 444 10.51 65.12 2.82
C TYR A 444 9.85 64.28 3.93
N ARG A 445 9.86 64.80 5.15
CA ARG A 445 9.23 64.17 6.33
C ARG A 445 7.95 64.94 6.67
N SER A 446 6.86 64.23 6.96
CA SER A 446 5.63 64.82 7.55
C SER A 446 5.10 63.88 8.64
N LEU A 447 4.45 64.45 9.65
CA LEU A 447 3.69 63.70 10.68
C LEU A 447 2.32 63.34 10.07
N PHE A 448 2.09 62.06 9.81
CA PHE A 448 0.83 61.56 9.19
C PHE A 448 -0.26 61.49 10.25
N ARG A 449 -0.09 60.67 11.30
CA ARG A 449 -1.09 60.48 12.38
C ARG A 449 -0.36 60.12 13.68
N ALA A 450 -0.86 60.62 14.81
CA ALA A 450 -0.33 60.38 16.17
C ALA A 450 -1.40 59.74 17.05
N ILE A 451 -1.06 58.67 17.77
CA ILE A 451 -1.97 58.07 18.80
C ILE A 451 -2.07 59.06 19.97
N SER A 452 -3.29 59.35 20.43
CA SER A 452 -3.52 60.15 21.67
C SER A 452 -4.24 59.29 22.72
N ILE A 453 -3.83 59.42 23.98
CA ILE A 453 -4.46 58.73 25.13
C ILE A 453 -5.15 59.79 25.99
N PRO A 454 -6.48 59.94 25.86
CA PRO A 454 -7.25 60.90 26.66
C PRO A 454 -7.02 60.77 28.17
N GLY A 455 -6.89 59.53 28.66
CA GLY A 455 -6.87 59.19 30.09
C GLY A 455 -5.61 59.65 30.82
N LEU A 456 -4.52 60.01 30.12
CA LEU A 456 -3.21 60.30 30.77
C LEU A 456 -2.50 61.47 30.09
N ASN A 457 -1.98 62.42 30.88
CA ASN A 457 -1.16 63.55 30.39
C ASN A 457 0.31 63.11 30.35
N LEU A 458 0.83 62.84 29.16
CA LEU A 458 2.19 62.28 28.95
C LEU A 458 3.27 63.31 29.33
N ASP A 459 2.93 64.60 29.35
CA ASP A 459 3.85 65.71 29.72
C ASP A 459 4.19 65.68 31.21
N ASP A 460 3.41 64.94 32.02
CA ASP A 460 3.64 64.78 33.48
C ASP A 460 4.84 63.85 33.73
N PHE A 461 5.33 63.17 32.70
CA PHE A 461 6.38 62.11 32.80
C PHE A 461 7.67 62.57 32.10
N MET A 462 8.79 62.01 32.57
CA MET A 462 10.12 62.17 31.97
C MET A 462 10.82 60.80 31.97
N THR A 463 11.69 60.58 31.00
CA THR A 463 12.59 59.41 30.91
C THR A 463 14.03 59.93 31.02
N GLU A 464 14.80 59.42 31.97
CA GLU A 464 16.24 59.77 32.05
C GLU A 464 17.09 58.54 31.70
N SER A 465 18.36 58.80 31.44
CA SER A 465 19.45 57.85 31.13
C SER A 465 20.48 57.97 32.24
N VAL A 466 20.70 56.88 32.99
CA VAL A 466 21.76 56.79 34.03
C VAL A 466 22.66 55.61 33.71
N PHE A 467 23.88 55.63 34.27
CA PHE A 467 24.86 54.51 34.18
C PHE A 467 25.30 54.14 35.60
N TYR A 468 25.26 52.85 35.93
CA TYR A 468 25.56 52.33 37.30
C TYR A 468 26.59 51.19 37.22
N PRO A 469 27.52 51.09 38.18
CA PRO A 469 28.48 50.00 38.21
C PRO A 469 27.84 48.67 38.65
N SER A 470 28.07 47.61 37.90
CA SER A 470 27.71 46.22 38.29
C SER A 470 28.79 45.71 39.25
N LYS A 471 28.56 44.53 39.83
CA LYS A 471 29.48 43.86 40.80
C LYS A 471 30.91 43.87 40.26
N ASP A 472 31.12 43.59 38.97
CA ASP A 472 32.48 43.46 38.37
C ASP A 472 32.99 44.81 37.85
N GLY A 473 32.26 45.91 38.08
CA GLY A 473 32.69 47.28 37.72
C GLY A 473 32.21 47.70 36.33
N THR A 474 31.65 46.77 35.55
CA THR A 474 31.02 47.08 34.23
C THR A 474 29.98 48.19 34.41
N SER A 475 30.07 49.23 33.60
CA SER A 475 29.09 50.35 33.55
C SER A 475 27.87 49.87 32.77
N VAL A 476 26.71 49.81 33.42
CA VAL A 476 25.43 49.36 32.79
C VAL A 476 24.50 50.57 32.63
N HIS A 477 23.87 50.70 31.46
CA HIS A 477 22.90 51.78 31.20
C HIS A 477 21.54 51.37 31.78
N MET A 478 20.80 52.33 32.32
CA MET A 478 19.40 52.13 32.78
C MET A 478 18.56 53.35 32.36
N PHE A 479 17.38 53.09 31.80
CA PHE A 479 16.30 54.09 31.59
C PHE A 479 15.45 54.16 32.85
N ILE A 480 15.12 55.37 33.29
CA ILE A 480 14.21 55.64 34.43
C ILE A 480 13.10 56.58 33.95
N THR A 481 11.89 56.05 33.80
CA THR A 481 10.65 56.83 33.53
C THR A 481 9.95 57.09 34.87
N ARG A 482 9.53 58.34 35.10
CA ARG A 482 8.86 58.75 36.36
C ARG A 482 8.04 60.01 36.14
N PRO A 483 7.06 60.29 37.03
CA PRO A 483 6.37 61.58 37.03
C PRO A 483 7.37 62.66 37.46
N LYS A 484 7.29 63.84 36.84
CA LYS A 484 8.26 64.96 37.05
C LYS A 484 8.20 65.48 38.48
N ASP A 485 7.03 65.37 39.14
CA ASP A 485 6.77 65.99 40.47
C ASP A 485 7.00 64.98 41.60
N VAL A 486 7.46 63.77 41.30
CA VAL A 486 7.84 62.76 42.34
C VAL A 486 9.21 63.16 42.90
N LEU A 487 9.31 63.33 44.22
CA LEU A 487 10.60 63.61 44.90
C LEU A 487 11.43 62.33 44.94
N LEU A 488 12.71 62.44 44.59
CA LEU A 488 13.72 61.39 44.84
C LEU A 488 14.22 61.55 46.29
N ASP A 489 13.38 61.15 47.27
CA ASP A 489 13.62 61.29 48.72
C ASP A 489 13.68 59.90 49.37
N GLY A 490 13.77 58.84 48.57
CA GLY A 490 13.96 57.46 49.03
C GLY A 490 12.68 56.83 49.52
N THR A 491 11.51 57.33 49.10
CA THR A 491 10.18 56.82 49.56
C THR A 491 9.41 56.14 48.41
N SER A 492 9.78 56.38 47.16
CA SER A 492 9.00 55.98 45.95
C SER A 492 9.05 54.46 45.75
N PRO A 493 7.93 53.84 45.35
CA PRO A 493 7.98 52.48 44.80
C PRO A 493 8.67 52.47 43.43
N VAL A 494 9.25 51.33 43.06
CA VAL A 494 9.83 51.07 41.71
C VAL A 494 9.19 49.83 41.11
N LEU A 495 8.86 49.89 39.82
CA LEU A 495 8.61 48.70 38.97
C LEU A 495 9.83 48.54 38.06
N GLN A 496 10.65 47.53 38.32
CA GLN A 496 11.95 47.27 37.64
C GLN A 496 11.80 46.05 36.73
N TYR A 497 11.86 46.25 35.41
CA TYR A 497 11.63 45.19 34.39
C TYR A 497 12.98 44.80 33.79
N GLY A 498 13.21 43.50 33.66
CA GLY A 498 14.42 42.93 33.06
C GLY A 498 14.10 41.74 32.19
N TYR A 499 15.02 41.41 31.28
CA TYR A 499 15.02 40.15 30.48
C TYR A 499 16.43 39.55 30.58
N GLY A 500 17.40 40.10 29.85
CA GLY A 500 18.82 39.72 29.93
C GLY A 500 19.09 38.39 29.24
N GLY A 501 19.06 38.37 27.91
CA GLY A 501 19.42 37.18 27.12
C GLY A 501 18.95 37.27 25.68
N PHE A 502 19.48 36.35 24.86
CA PHE A 502 19.00 36.02 23.49
C PHE A 502 19.15 37.23 22.56
N SER A 503 20.09 38.12 22.88
CA SER A 503 20.36 39.36 22.10
C SER A 503 19.08 40.21 21.96
N LEU A 504 18.13 40.09 22.90
CA LEU A 504 16.89 40.90 22.89
C LEU A 504 17.12 42.18 23.71
N ALA A 505 17.15 43.33 23.03
CA ALA A 505 17.36 44.67 23.63
C ALA A 505 16.06 45.11 24.31
N MET A 506 16.16 45.67 25.51
CA MET A 506 15.04 46.36 26.20
C MET A 506 15.07 47.83 25.76
N LEU A 507 14.51 48.11 24.59
CA LEU A 507 14.55 49.47 23.99
C LEU A 507 13.30 50.23 24.43
N PRO A 508 13.31 51.59 24.36
CA PRO A 508 12.14 52.38 24.72
C PRO A 508 10.91 51.81 24.00
N THR A 509 9.92 51.41 24.80
CA THR A 509 8.68 50.74 24.37
C THR A 509 7.54 51.39 25.14
N PHE A 510 6.44 51.72 24.49
CA PHE A 510 5.30 52.37 25.18
C PHE A 510 4.49 51.29 25.89
N SER A 511 4.23 51.50 27.19
CA SER A 511 3.25 50.70 27.97
C SER A 511 2.37 51.65 28.79
N LEU A 512 1.11 51.82 28.39
CA LEU A 512 0.12 52.66 29.12
C LEU A 512 0.04 52.17 30.57
N SER A 513 -0.14 50.86 30.77
CA SER A 513 -0.42 50.28 32.12
C SER A 513 0.72 50.68 33.07
N THR A 514 1.98 50.56 32.62
CA THR A 514 3.16 50.92 33.44
C THR A 514 3.09 52.40 33.84
N LEU A 515 2.75 53.29 32.91
CA LEU A 515 2.64 54.74 33.20
C LEU A 515 1.48 54.99 34.17
N LEU A 516 0.38 54.22 34.10
CA LEU A 516 -0.73 54.33 35.09
C LEU A 516 -0.20 53.93 36.49
N PHE A 517 0.62 52.88 36.56
CA PHE A 517 1.26 52.42 37.84
C PHE A 517 2.12 53.56 38.40
N CYS A 518 2.86 54.26 37.54
CA CYS A 518 3.76 55.38 37.93
C CYS A 518 2.94 56.54 38.50
N LYS A 519 1.84 56.91 37.83
CA LYS A 519 0.98 58.04 38.24
C LYS A 519 0.23 57.70 39.53
N ILE A 520 -0.43 56.54 39.57
CA ILE A 520 -1.35 56.14 40.67
C ILE A 520 -0.58 55.89 41.98
N TYR A 521 0.63 55.32 41.91
CA TYR A 521 1.44 54.94 43.08
C TYR A 521 2.66 55.86 43.23
N ARG A 522 2.74 56.94 42.43
CA ARG A 522 3.85 57.92 42.48
C ARG A 522 5.17 57.15 42.35
N ALA A 523 5.24 56.26 41.36
CA ALA A 523 6.27 55.21 41.24
C ALA A 523 7.19 55.49 40.05
N ILE A 524 8.35 54.86 40.08
CA ILE A 524 9.44 54.96 39.06
C ILE A 524 9.45 53.66 38.26
N TYR A 525 9.61 53.73 36.94
CA TYR A 525 9.68 52.55 36.04
C TYR A 525 11.11 52.43 35.49
N ALA A 526 11.86 51.45 36.01
CA ALA A 526 13.30 51.27 35.76
C ALA A 526 13.51 50.14 34.75
N ILE A 527 14.27 50.43 33.70
CA ILE A 527 14.68 49.45 32.66
C ILE A 527 16.21 49.43 32.61
N PRO A 528 16.88 48.60 33.45
CA PRO A 528 18.31 48.39 33.35
C PRO A 528 18.65 47.52 32.12
N ASN A 529 19.53 48.04 31.26
CA ASN A 529 19.96 47.36 30.01
C ASN A 529 21.06 46.35 30.36
N ILE A 530 20.71 45.32 31.12
CA ILE A 530 21.63 44.29 31.68
C ILE A 530 22.21 43.45 30.54
N ARG A 531 23.35 42.79 30.80
CA ARG A 531 24.01 41.90 29.82
C ARG A 531 23.07 40.75 29.43
N GLY A 532 23.33 40.12 28.29
CA GLY A 532 22.42 39.13 27.66
C GLY A 532 21.64 39.74 26.50
N GLY A 533 21.33 41.03 26.57
CA GLY A 533 20.68 41.77 25.46
C GLY A 533 21.69 42.25 24.43
N SER A 534 21.22 42.96 23.40
CA SER A 534 22.04 43.46 22.26
C SER A 534 22.23 44.98 22.35
N GLU A 535 21.92 45.59 23.49
CA GLU A 535 21.89 47.07 23.66
C GLU A 535 23.23 47.68 23.25
N TYR A 536 24.34 46.99 23.53
CA TYR A 536 25.73 47.45 23.21
C TYR A 536 26.38 46.44 22.26
N GLY A 537 25.59 45.92 21.32
CA GLY A 537 26.04 44.98 20.30
C GLY A 537 26.01 43.54 20.80
N GLU A 538 26.48 42.61 19.97
CA GLU A 538 26.35 41.16 20.21
C GLU A 538 27.26 40.75 21.38
N SER A 539 28.36 41.47 21.63
CA SER A 539 29.29 41.16 22.74
C SER A 539 28.56 41.34 24.08
N TRP A 540 27.59 42.26 24.14
CA TRP A 540 26.75 42.49 25.34
C TRP A 540 25.97 41.22 25.68
N HIS A 541 25.52 40.50 24.66
CA HIS A 541 24.83 39.19 24.78
C HIS A 541 25.83 38.13 25.27
N ARG A 542 27.01 38.08 24.65
CA ARG A 542 28.03 37.05 24.95
C ARG A 542 28.46 37.18 26.42
N GLU A 543 28.48 38.40 26.97
CA GLU A 543 28.93 38.67 28.36
C GLU A 543 27.82 38.34 29.38
N GLY A 544 26.67 37.82 28.92
CA GLY A 544 25.52 37.49 29.79
C GLY A 544 24.84 36.19 29.37
N MET A 545 25.64 35.19 28.98
CA MET A 545 25.13 33.86 28.57
C MET A 545 26.11 32.78 29.04
N LEU A 546 25.65 31.52 28.99
CA LEU A 546 26.43 30.31 29.35
C LEU A 546 27.04 30.51 30.75
N ASP A 547 28.37 30.37 30.88
CA ASP A 547 29.07 30.45 32.18
C ASP A 547 29.07 31.89 32.70
N LYS A 548 28.62 32.86 31.91
CA LYS A 548 28.55 34.28 32.32
C LYS A 548 27.10 34.73 32.58
N LYS A 549 26.14 33.80 32.62
CA LYS A 549 24.71 34.13 32.91
C LYS A 549 24.60 34.88 34.25
N GLN A 550 25.43 34.54 35.23
CA GLN A 550 25.40 35.14 36.60
C GLN A 550 25.59 36.66 36.49
N ASN A 551 26.34 37.14 35.48
CA ASN A 551 26.53 38.59 35.19
C ASN A 551 25.15 39.28 35.06
N VAL A 552 24.19 38.61 34.43
CA VAL A 552 22.83 39.17 34.19
C VAL A 552 22.18 39.48 35.54
N PHE A 553 22.21 38.51 36.46
CA PHE A 553 21.58 38.62 37.81
C PHE A 553 22.31 39.72 38.59
N ASP A 554 23.64 39.74 38.52
CA ASP A 554 24.49 40.74 39.22
C ASP A 554 24.14 42.15 38.69
N ASP A 555 23.97 42.30 37.37
CA ASP A 555 23.59 43.60 36.75
C ASP A 555 22.24 44.05 37.33
N PHE A 556 21.27 43.15 37.43
CA PHE A 556 19.89 43.46 37.86
C PHE A 556 19.89 43.86 39.35
N ASN A 557 20.58 43.09 40.19
CA ASN A 557 20.69 43.35 41.65
C ASN A 557 21.39 44.70 41.86
N ALA A 558 22.46 44.98 41.12
CA ALA A 558 23.22 46.25 41.19
C ALA A 558 22.32 47.44 40.81
N ALA A 559 21.41 47.27 39.85
CA ALA A 559 20.41 48.30 39.44
C ALA A 559 19.56 48.66 40.67
N THR A 560 19.05 47.65 41.37
CA THR A 560 18.20 47.82 42.58
C THR A 560 18.99 48.54 43.68
N GLU A 561 20.23 48.10 43.94
CA GLU A 561 21.11 48.71 44.97
C GLU A 561 21.31 50.19 44.65
N TRP A 562 21.52 50.52 43.37
CA TRP A 562 21.77 51.88 42.87
C TRP A 562 20.54 52.76 43.12
N LEU A 563 19.35 52.29 42.72
CA LEU A 563 18.05 53.01 42.92
C LEU A 563 17.86 53.35 44.40
N ILE A 564 18.15 52.41 45.30
CA ILE A 564 18.01 52.62 46.78
C ILE A 564 19.07 53.63 47.25
N ALA A 565 20.33 53.41 46.90
CA ALA A 565 21.49 54.24 47.32
C ALA A 565 21.32 55.71 46.87
N ASN A 566 20.69 55.94 45.71
CA ASN A 566 20.54 57.27 45.08
C ASN A 566 19.14 57.83 45.34
N LYS A 567 18.36 57.18 46.22
CA LYS A 567 17.09 57.69 46.81
C LYS A 567 15.96 57.74 45.77
N TYR A 568 16.11 57.03 44.65
CA TYR A 568 15.05 56.88 43.62
C TYR A 568 13.91 56.06 44.20
N ALA A 569 14.26 55.05 45.01
CA ALA A 569 13.30 54.09 45.59
C ALA A 569 13.54 53.87 47.07
N SER A 570 12.46 53.56 47.80
CA SER A 570 12.49 52.97 49.16
C SER A 570 13.08 51.56 49.09
N LYS A 571 13.98 51.22 50.03
CA LYS A 571 14.50 49.85 50.25
C LYS A 571 13.33 48.85 50.40
N ASP A 572 12.15 49.32 50.82
CA ASP A 572 10.97 48.49 51.16
C ASP A 572 9.96 48.42 50.01
N ARG A 573 10.22 49.01 48.84
CA ARG A 573 9.20 49.16 47.77
C ARG A 573 9.77 48.88 46.39
N ILE A 574 10.68 47.90 46.28
CA ILE A 574 11.19 47.43 44.97
C ILE A 574 10.30 46.27 44.51
N ALA A 575 9.62 46.45 43.38
CA ALA A 575 8.93 45.37 42.64
C ALA A 575 9.74 45.07 41.38
N ILE A 576 10.08 43.79 41.16
CA ILE A 576 10.78 43.34 39.92
C ILE A 576 9.82 42.47 39.10
N ARG A 577 10.00 42.47 37.79
CA ARG A 577 9.11 41.77 36.84
C ARG A 577 9.93 41.29 35.65
N GLY A 578 9.53 40.16 35.09
CA GLY A 578 10.22 39.47 33.99
C GLY A 578 9.38 38.33 33.48
N GLY A 579 9.57 37.98 32.21
CA GLY A 579 8.81 36.91 31.53
C GLY A 579 9.73 36.00 30.74
N SER A 580 9.39 34.71 30.66
CA SER A 580 10.14 33.71 29.87
C SER A 580 11.59 33.68 30.41
N ASN A 581 12.60 34.04 29.61
CA ASN A 581 14.01 34.18 30.09
C ASN A 581 14.07 35.20 31.24
N GLY A 582 13.19 36.20 31.24
CA GLY A 582 13.07 37.20 32.32
C GLY A 582 12.70 36.56 33.65
N GLY A 583 12.07 35.38 33.62
CA GLY A 583 11.67 34.59 34.79
C GLY A 583 12.84 33.87 35.44
N VAL A 584 13.88 33.55 34.69
CA VAL A 584 15.16 33.04 35.29
C VAL A 584 15.73 34.19 36.12
N LEU A 585 15.66 35.41 35.57
CA LEU A 585 16.17 36.66 36.20
C LEU A 585 15.45 36.90 37.53
N THR A 586 14.10 36.93 37.52
CA THR A 586 13.29 37.26 38.71
C THR A 586 13.52 36.20 39.80
N THR A 587 13.46 34.92 39.44
CA THR A 587 13.55 33.79 40.41
C THR A 587 14.98 33.66 40.95
N ALA A 588 16.00 33.85 40.11
CA ALA A 588 17.41 33.83 40.54
C ALA A 588 17.65 34.98 41.52
N CYS A 589 17.27 36.20 41.13
CA CYS A 589 17.49 37.42 41.95
C CYS A 589 16.77 37.30 43.29
N ALA A 590 15.56 36.73 43.30
CA ALA A 590 14.76 36.51 44.53
C ALA A 590 15.51 35.53 45.46
N ASN A 591 16.16 34.50 44.91
CA ASN A 591 16.97 33.52 45.67
C ASN A 591 18.27 34.16 46.18
N GLN A 592 18.94 34.96 45.36
CA GLN A 592 20.33 35.41 45.64
C GLN A 592 20.34 36.68 46.50
N ALA A 593 19.27 37.48 46.47
CA ALA A 593 19.17 38.77 47.19
C ALA A 593 17.72 39.03 47.58
N PRO A 594 17.09 38.12 48.36
CA PRO A 594 15.68 38.26 48.72
C PRO A 594 15.39 39.58 49.47
N GLY A 595 16.39 40.09 50.20
CA GLY A 595 16.28 41.28 51.04
C GLY A 595 16.18 42.57 50.23
N LEU A 596 16.49 42.55 48.93
CA LEU A 596 16.41 43.75 48.05
C LEU A 596 14.97 43.98 47.60
N TYR A 597 14.15 42.93 47.54
CA TYR A 597 12.89 42.90 46.75
C TYR A 597 11.70 42.75 47.70
N ARG A 598 10.66 43.55 47.49
CA ARG A 598 9.40 43.45 48.26
C ARG A 598 8.36 42.66 47.45
N CYS A 599 8.43 42.71 46.12
CA CYS A 599 7.44 42.03 45.25
C CYS A 599 8.12 41.53 43.98
N VAL A 600 7.81 40.30 43.57
CA VAL A 600 8.43 39.66 42.36
C VAL A 600 7.30 39.11 41.48
N ILE A 601 7.20 39.65 40.26
CA ILE A 601 6.21 39.24 39.22
C ILE A 601 6.96 38.43 38.16
N THR A 602 6.56 37.17 37.97
CA THR A 602 7.16 36.25 36.97
C THR A 602 6.06 35.82 35.99
N ILE A 603 6.25 36.12 34.70
CA ILE A 603 5.32 35.76 33.60
C ILE A 603 5.90 34.55 32.84
N GLU A 604 5.16 33.46 32.76
CA GLU A 604 5.60 32.21 32.05
C GLU A 604 7.11 32.01 32.24
N GLY A 605 7.57 31.89 33.47
CA GLY A 605 9.02 31.87 33.78
C GLY A 605 9.65 30.55 33.43
N ILE A 606 10.87 30.58 32.90
CA ILE A 606 11.78 29.40 32.87
C ILE A 606 12.54 29.41 34.20
N ILE A 607 12.47 28.32 34.94
CA ILE A 607 12.91 28.26 36.37
C ILE A 607 13.76 27.01 36.62
N ASP A 608 13.34 25.84 36.13
CA ASP A 608 14.12 24.57 36.22
C ASP A 608 15.15 24.57 35.09
N MET A 609 16.39 24.96 35.40
CA MET A 609 17.47 25.10 34.41
C MET A 609 18.20 23.78 34.16
N LEU A 610 17.79 22.67 34.82
CA LEU A 610 18.30 21.30 34.52
C LEU A 610 17.37 20.60 33.54
N ARG A 611 16.06 20.80 33.65
CA ARG A 611 15.03 19.99 32.94
C ARG A 611 14.49 20.70 31.69
N PHE A 612 14.90 21.96 31.45
CA PHE A 612 14.33 22.82 30.37
C PHE A 612 14.42 22.14 29.01
N PRO A 613 15.51 21.42 28.65
CA PRO A 613 15.63 20.83 27.31
C PRO A 613 14.59 19.75 26.96
N LYS A 614 13.92 19.18 27.96
CA LYS A 614 13.03 18.00 27.80
C LYS A 614 11.65 18.44 27.25
N PHE A 615 11.37 19.73 27.18
CA PHE A 615 10.00 20.24 26.94
C PHE A 615 9.97 21.21 25.76
N THR A 616 8.96 21.05 24.90
CA THR A 616 8.64 21.89 23.70
C THR A 616 9.94 22.39 23.07
N PHE A 617 10.19 23.70 23.12
CA PHE A 617 11.25 24.40 22.34
C PHE A 617 12.51 24.55 23.20
N GLY A 618 12.55 23.91 24.37
CA GLY A 618 13.59 24.13 25.39
C GLY A 618 14.98 23.72 24.93
N ALA A 619 15.12 22.61 24.19
CA ALA A 619 16.44 22.06 23.78
C ALA A 619 17.24 23.14 23.02
N SER A 620 16.58 24.03 22.28
CA SER A 620 17.25 25.06 21.45
C SER A 620 17.91 26.10 22.36
N TRP A 621 17.44 26.24 23.61
CA TRP A 621 17.96 27.23 24.59
C TRP A 621 19.29 26.76 25.18
N ARG A 622 19.74 25.55 24.86
CA ARG A 622 21.05 25.04 25.34
C ARG A 622 22.18 25.93 24.81
N SER A 623 22.02 26.58 23.66
CA SER A 623 23.02 27.54 23.10
C SER A 623 23.18 28.75 24.04
N GLU A 624 22.11 29.11 24.78
CA GLU A 624 22.08 30.31 25.67
C GLU A 624 22.54 29.94 27.10
N TYR A 625 22.01 28.85 27.65
CA TYR A 625 22.14 28.48 29.08
C TYR A 625 23.26 27.44 29.28
N GLY A 626 23.60 26.69 28.22
CA GLY A 626 24.44 25.49 28.29
C GLY A 626 23.61 24.22 28.31
N ASP A 627 24.24 23.07 28.17
CA ASP A 627 23.59 21.74 28.20
C ASP A 627 23.69 21.16 29.60
N PRO A 628 22.57 21.04 30.35
CA PRO A 628 22.63 20.50 31.71
C PRO A 628 23.16 19.05 31.77
N GLU A 629 23.07 18.32 30.66
CA GLU A 629 23.55 16.91 30.54
C GLU A 629 25.03 16.90 30.12
N ASP A 630 25.69 18.06 30.04
CA ASP A 630 27.15 18.18 29.86
C ASP A 630 27.78 18.46 31.22
N PRO A 631 28.83 17.71 31.63
CA PRO A 631 29.38 17.84 32.98
C PRO A 631 29.93 19.23 33.30
N GLU A 632 30.54 19.91 32.32
CA GLU A 632 31.12 21.26 32.50
C GLU A 632 30.00 22.29 32.67
N ASP A 633 29.00 22.24 31.78
CA ASP A 633 27.83 23.17 31.79
C ASP A 633 27.03 22.96 33.08
N PHE A 634 26.81 21.72 33.50
CA PHE A 634 25.99 21.38 34.69
C PHE A 634 26.45 22.23 35.88
N ASP A 635 27.75 22.32 36.09
CA ASP A 635 28.35 22.97 37.29
C ASP A 635 27.97 24.45 37.33
N PHE A 636 28.06 25.19 36.22
CA PHE A 636 27.76 26.64 36.22
C PHE A 636 26.23 26.85 36.18
N ILE A 637 25.46 25.94 35.59
CA ILE A 637 23.97 26.05 35.58
C ILE A 637 23.43 25.79 36.99
N PHE A 638 23.91 24.73 37.64
CA PHE A 638 23.39 24.27 38.97
C PHE A 638 23.59 25.37 40.01
N LYS A 639 24.66 26.17 39.89
CA LYS A 639 24.97 27.29 40.83
C LYS A 639 23.81 28.29 40.91
N TYR A 640 23.09 28.54 39.81
CA TYR A 640 22.03 29.59 39.77
C TYR A 640 20.64 29.01 39.51
N SER A 641 20.51 27.80 38.96
CA SER A 641 19.19 27.20 38.64
C SER A 641 18.22 27.55 39.77
N PRO A 642 17.29 28.51 39.57
CA PRO A 642 16.49 29.01 40.70
C PRO A 642 15.67 27.94 41.43
N TYR A 643 15.18 26.94 40.70
CA TYR A 643 14.38 25.82 41.25
C TYR A 643 15.21 25.03 42.28
N HIS A 644 16.53 24.99 42.11
CA HIS A 644 17.48 24.21 42.95
C HIS A 644 18.26 25.11 43.92
N ASN A 645 17.94 26.40 44.04
CA ASN A 645 18.69 27.34 44.92
C ASN A 645 17.74 28.18 45.80
N ILE A 646 16.52 27.68 46.09
CA ILE A 646 15.57 28.35 47.02
C ILE A 646 16.26 28.48 48.38
N PRO A 647 16.34 29.67 49.00
CA PRO A 647 17.10 29.85 50.23
C PRO A 647 16.54 29.01 51.38
N PRO A 648 17.38 28.45 52.26
CA PRO A 648 16.90 27.81 53.49
C PRO A 648 16.01 28.77 54.29
N PRO A 649 14.85 28.30 54.81
CA PRO A 649 13.82 29.21 55.30
C PRO A 649 14.17 29.98 56.59
N GLY A 650 15.12 29.49 57.38
CA GLY A 650 15.35 29.94 58.77
C GLY A 650 15.85 31.36 58.87
N ASP A 651 16.60 31.87 57.89
CA ASP A 651 17.21 33.22 57.96
C ASP A 651 17.02 33.97 56.63
N THR A 652 15.91 33.72 55.93
CA THR A 652 15.48 34.49 54.73
C THR A 652 14.01 34.86 54.88
N VAL A 653 13.70 36.13 54.66
CA VAL A 653 12.30 36.60 54.42
C VAL A 653 12.16 36.70 52.91
N MET A 654 11.41 35.78 52.31
CA MET A 654 11.21 35.74 50.84
C MET A 654 10.23 36.85 50.49
N PRO A 655 10.46 37.61 49.40
CA PRO A 655 9.48 38.58 48.95
C PRO A 655 8.13 37.93 48.58
N ALA A 656 7.08 38.74 48.55
CA ALA A 656 5.80 38.40 47.90
C ALA A 656 6.11 38.09 46.44
N MET A 657 5.58 36.98 45.93
CA MET A 657 5.84 36.49 44.56
C MET A 657 4.52 36.09 43.91
N LEU A 658 4.26 36.62 42.72
CA LEU A 658 3.07 36.29 41.90
C LEU A 658 3.57 35.73 40.58
N PHE A 659 3.18 34.50 40.26
CA PHE A 659 3.57 33.79 39.02
C PHE A 659 2.34 33.73 38.12
N PHE A 660 2.47 34.25 36.89
CA PHE A 660 1.48 34.09 35.81
C PHE A 660 1.93 32.93 34.91
N THR A 661 1.00 32.04 34.56
CA THR A 661 1.20 30.99 33.54
C THR A 661 -0.16 30.60 32.93
N ALA A 662 -0.10 29.96 31.75
CA ALA A 662 -1.23 29.68 30.84
C ALA A 662 -1.24 28.18 30.52
N ALA A 663 -2.43 27.64 30.24
CA ALA A 663 -2.67 26.21 29.97
C ALA A 663 -2.13 25.84 28.58
N TYR A 664 -2.23 26.76 27.62
CA TYR A 664 -1.84 26.54 26.20
C TYR A 664 -0.42 27.04 25.92
N ASP A 665 0.31 27.37 26.98
CA ASP A 665 1.72 27.87 26.88
C ASP A 665 2.67 26.74 26.45
N ASP A 666 2.88 26.58 25.13
CA ASP A 666 3.82 25.56 24.61
C ASP A 666 5.19 26.22 24.37
N ARG A 667 5.36 27.52 24.60
CA ARG A 667 6.70 28.18 24.48
C ARG A 667 7.53 27.81 25.71
N VAL A 668 7.06 28.20 26.89
CA VAL A 668 7.63 27.77 28.20
C VAL A 668 6.55 26.98 28.96
N SER A 669 6.79 25.67 29.08
CA SER A 669 5.87 24.71 29.72
C SER A 669 5.55 25.22 31.13
N PRO A 670 4.26 25.26 31.50
CA PRO A 670 3.81 25.66 32.83
C PRO A 670 4.49 24.95 34.01
N LEU A 671 4.96 23.72 33.81
CA LEU A 671 5.63 22.89 34.85
C LEU A 671 6.72 23.69 35.56
N HIS A 672 7.36 24.64 34.88
CA HIS A 672 8.42 25.50 35.49
C HIS A 672 7.81 26.24 36.68
N THR A 673 6.68 26.92 36.45
CA THR A 673 5.92 27.67 37.47
C THR A 673 5.33 26.69 38.50
N PHE A 674 4.70 25.60 38.04
CA PHE A 674 4.02 24.61 38.92
C PHE A 674 4.98 24.18 40.02
N LYS A 675 6.17 23.67 39.63
CA LYS A 675 7.15 23.05 40.54
C LYS A 675 7.74 24.13 41.46
N HIS A 676 8.10 25.30 40.92
CA HIS A 676 8.74 26.37 41.73
C HIS A 676 7.76 26.90 42.79
N VAL A 677 6.49 27.11 42.43
CA VAL A 677 5.43 27.57 43.38
C VAL A 677 5.28 26.53 44.50
N ALA A 678 5.15 25.25 44.14
CA ALA A 678 5.05 24.12 45.08
C ALA A 678 6.24 24.15 46.05
N ALA A 679 7.45 24.29 45.53
CA ALA A 679 8.71 24.28 46.31
C ALA A 679 8.77 25.49 47.25
N LEU A 680 8.42 26.68 46.73
CA LEU A 680 8.43 27.94 47.53
C LEU A 680 7.42 27.83 48.68
N GLN A 681 6.20 27.36 48.41
CA GLN A 681 5.13 27.22 49.43
C GLN A 681 5.56 26.18 50.49
N HIS A 682 6.24 25.12 50.04
CA HIS A 682 6.79 24.07 50.93
C HIS A 682 7.88 24.67 51.84
N ASN A 683 8.76 25.49 51.27
CA ASN A 683 9.93 26.07 51.96
C ASN A 683 9.46 27.15 52.96
N PHE A 684 8.42 27.91 52.60
CA PHE A 684 7.91 29.09 53.35
C PHE A 684 6.41 28.93 53.59
N PRO A 685 5.98 27.91 54.37
CA PRO A 685 4.56 27.63 54.55
C PRO A 685 3.81 28.75 55.31
N LYS A 686 4.54 29.59 56.06
CA LYS A 686 3.96 30.67 56.89
C LYS A 686 4.27 32.04 56.29
N GLY A 687 4.68 32.10 55.02
CA GLY A 687 5.10 33.35 54.39
C GLY A 687 6.35 33.91 55.06
N PRO A 688 6.33 35.12 55.66
CA PRO A 688 5.10 35.90 55.84
C PRO A 688 4.50 36.54 54.56
N ASN A 689 5.25 36.54 53.46
CA ASN A 689 4.80 37.13 52.16
C ASN A 689 4.27 36.01 51.26
N PRO A 690 3.09 36.18 50.64
CA PRO A 690 2.46 35.11 49.88
C PRO A 690 3.20 34.83 48.55
N CYS A 691 3.26 33.55 48.21
CA CYS A 691 3.68 33.01 46.89
C CYS A 691 2.44 32.44 46.19
N LEU A 692 1.98 33.09 45.12
CA LEU A 692 0.71 32.79 44.43
C LEU A 692 0.98 32.41 42.97
N MET A 693 0.15 31.49 42.45
CA MET A 693 0.11 31.15 41.02
C MET A 693 -1.24 31.61 40.45
N ARG A 694 -1.17 32.56 39.53
CA ARG A 694 -2.31 33.06 38.72
C ARG A 694 -2.30 32.29 37.40
N ILE A 695 -3.26 31.40 37.16
CA ILE A 695 -3.28 30.59 35.89
C ILE A 695 -4.44 31.04 34.99
N ASP A 696 -4.17 31.25 33.69
CA ASP A 696 -5.18 31.42 32.61
C ASP A 696 -5.38 30.06 31.92
N LEU A 697 -6.57 29.49 32.03
CA LEU A 697 -6.88 28.15 31.45
C LEU A 697 -7.18 28.29 29.96
N ASN A 698 -7.20 29.50 29.37
CA ASN A 698 -7.78 29.75 28.02
C ASN A 698 -6.81 30.48 27.07
N SER A 699 -5.57 30.76 27.47
CA SER A 699 -4.51 31.29 26.57
C SER A 699 -3.20 30.51 26.72
N GLY A 700 -2.25 30.80 25.82
CA GLY A 700 -0.87 30.28 25.82
C GLY A 700 0.15 31.40 25.83
N HIS A 701 -0.32 32.63 26.01
CA HIS A 701 0.51 33.84 26.30
C HIS A 701 -0.38 34.82 27.06
N PHE A 702 0.05 36.07 27.21
CA PHE A 702 -0.53 37.08 28.13
C PHE A 702 -0.87 38.37 27.37
N ALA A 703 -0.44 38.46 26.11
CA ALA A 703 -0.80 39.53 25.13
C ALA A 703 -1.49 38.91 23.91
N GLY A 704 -2.39 39.66 23.28
CA GLY A 704 -3.16 39.20 22.11
C GLY A 704 -4.10 38.06 22.47
N LYS A 705 -4.66 38.07 23.68
CA LYS A 705 -5.79 37.23 24.15
C LYS A 705 -6.90 38.17 24.63
N SER A 706 -7.98 37.66 25.24
CA SER A 706 -9.21 38.48 25.51
C SER A 706 -8.85 39.68 26.40
N THR A 707 -9.48 40.82 26.12
CA THR A 707 -9.26 42.07 26.89
C THR A 707 -9.68 41.81 28.33
N GLN A 708 -10.76 41.05 28.55
CA GLN A 708 -11.27 40.70 29.91
C GLN A 708 -10.13 40.09 30.73
N GLU A 709 -9.52 39.02 30.21
CA GLU A 709 -8.43 38.27 30.88
C GLU A 709 -7.23 39.18 31.12
N MET A 710 -6.83 39.97 30.12
CA MET A 710 -5.68 40.90 30.18
C MET A 710 -5.90 41.92 31.30
N LEU A 711 -7.13 42.43 31.43
CA LEU A 711 -7.47 43.48 32.43
C LEU A 711 -7.39 42.86 33.82
N GLU A 712 -7.95 41.65 33.98
CA GLU A 712 -7.98 40.94 35.27
C GLU A 712 -6.54 40.62 35.70
N GLU A 713 -5.72 40.14 34.77
CA GLU A 713 -4.30 39.80 35.04
C GLU A 713 -3.57 41.06 35.49
N THR A 714 -3.78 42.20 34.81
CA THR A 714 -3.06 43.46 35.13
C THR A 714 -3.55 43.99 36.49
N ALA A 715 -4.86 43.93 36.72
CA ALA A 715 -5.51 44.35 37.99
C ALA A 715 -4.96 43.46 39.12
N ASP A 716 -4.82 42.15 38.91
CA ASP A 716 -4.19 41.22 39.88
C ASP A 716 -2.75 41.67 40.15
N GLU A 717 -1.96 41.89 39.12
CA GLU A 717 -0.51 42.23 39.25
C GLU A 717 -0.37 43.51 40.08
N TYR A 718 -1.04 44.60 39.67
CA TYR A 718 -0.84 45.95 40.27
C TYR A 718 -1.42 45.98 41.68
N SER A 719 -2.61 45.41 41.89
CA SER A 719 -3.26 45.35 43.23
C SER A 719 -2.38 44.51 44.16
N PHE A 720 -1.78 43.43 43.67
CA PHE A 720 -0.88 42.53 44.44
C PHE A 720 0.37 43.32 44.85
N ILE A 721 0.94 44.10 43.95
CA ILE A 721 2.15 44.93 44.24
C ILE A 721 1.76 45.97 45.28
N GLY A 722 0.62 46.64 45.09
CA GLY A 722 0.08 47.65 46.02
C GLY A 722 -0.04 47.11 47.44
N LYS A 723 -0.63 45.91 47.60
CA LYS A 723 -0.82 45.25 48.90
C LYS A 723 0.53 44.86 49.49
N SER A 724 1.38 44.18 48.69
CA SER A 724 2.68 43.61 49.12
C SER A 724 3.62 44.73 49.60
N MET A 725 3.54 45.93 49.02
CA MET A 725 4.47 47.05 49.33
C MET A 725 3.74 48.14 50.12
N GLY A 726 2.47 47.91 50.49
CA GLY A 726 1.68 48.83 51.34
C GLY A 726 1.46 50.18 50.71
N LEU A 727 1.06 50.21 49.43
CA LEU A 727 0.89 51.47 48.63
C LEU A 727 -0.59 51.91 48.66
N THR A 728 -0.83 53.22 48.62
CA THR A 728 -2.17 53.84 48.51
C THR A 728 -2.36 54.40 47.09
N MET A 729 -3.48 54.07 46.44
CA MET A 729 -3.82 54.58 45.08
C MET A 729 -4.11 56.08 45.18
N GLN A 730 -3.40 56.89 44.40
CA GLN A 730 -3.64 58.36 44.27
C GLN A 730 -4.61 58.60 43.10
N THR A 731 -5.60 59.48 43.29
CA THR A 731 -6.53 59.97 42.24
C THR A 731 -5.88 59.81 40.86
N GLY B 5 18.15 -16.24 -27.65
CA GLY B 5 16.70 -15.91 -27.68
C GLY B 5 16.02 -16.20 -26.34
N TRP B 6 16.69 -15.93 -25.22
CA TRP B 6 16.11 -15.95 -23.85
C TRP B 6 15.37 -14.64 -23.55
N GLY B 7 15.65 -13.59 -24.32
CA GLY B 7 15.04 -12.26 -24.17
C GLY B 7 13.60 -12.26 -24.69
N PRO B 8 12.93 -11.08 -24.76
CA PRO B 8 13.44 -9.84 -24.18
C PRO B 8 13.24 -9.77 -22.65
N TYR B 9 13.99 -8.87 -22.01
CA TYR B 9 13.82 -8.52 -20.57
C TYR B 9 12.41 -7.98 -20.37
N PRO B 10 11.80 -8.18 -19.18
CA PRO B 10 10.56 -7.50 -18.84
C PRO B 10 10.79 -5.98 -18.84
N PRO B 11 9.82 -5.18 -19.32
CA PRO B 11 9.98 -3.73 -19.37
C PRO B 11 9.99 -3.13 -17.95
N VAL B 12 10.68 -2.00 -17.79
CA VAL B 12 10.76 -1.23 -16.50
C VAL B 12 10.58 0.25 -16.83
N GLU B 13 9.50 0.85 -16.34
CA GLU B 13 9.20 2.30 -16.48
C GLU B 13 10.38 3.12 -15.97
N ARG B 14 10.69 4.21 -16.67
CA ARG B 14 11.76 5.18 -16.31
C ARG B 14 11.11 6.52 -15.99
N ASP B 15 11.60 7.22 -14.97
CA ASP B 15 11.26 8.64 -14.66
C ASP B 15 12.46 9.51 -15.05
N GLU B 16 12.38 10.14 -16.22
CA GLU B 16 13.52 10.87 -16.83
C GLU B 16 13.74 12.21 -16.10
N THR B 17 12.78 12.66 -15.27
CA THR B 17 12.86 13.94 -14.53
C THR B 17 13.52 13.75 -13.15
N SER B 18 13.42 12.55 -12.57
CA SER B 18 13.95 12.24 -11.21
C SER B 18 15.46 12.49 -11.16
N ALA B 19 15.90 13.45 -10.34
CA ALA B 19 17.32 13.83 -10.14
C ALA B 19 17.49 14.47 -8.78
N ILE B 20 18.67 14.28 -8.16
CA ILE B 20 19.07 14.90 -6.88
C ILE B 20 20.40 15.61 -7.12
N THR B 21 20.56 16.80 -6.55
CA THR B 21 21.82 17.59 -6.60
C THR B 21 22.61 17.33 -5.33
N TYR B 22 23.88 16.94 -5.49
CA TYR B 22 24.82 16.66 -4.38
C TYR B 22 25.92 17.73 -4.38
N SER B 23 26.27 18.22 -3.21
CA SER B 23 27.46 19.09 -3.01
C SER B 23 28.71 18.25 -3.29
N SER B 24 29.68 18.83 -3.99
CA SER B 24 30.96 18.20 -4.41
C SER B 24 32.11 19.19 -4.17
N LYS B 25 33.19 18.74 -3.53
CA LYS B 25 34.37 19.61 -3.25
C LYS B 25 35.02 20.02 -4.58
N LEU B 26 35.08 19.10 -5.55
CA LEU B 26 35.79 19.31 -6.84
C LEU B 26 34.92 20.12 -7.83
N HIS B 27 33.60 19.87 -7.87
CA HIS B 27 32.69 20.39 -8.91
C HIS B 27 31.66 21.36 -8.33
N GLY B 28 31.72 21.68 -7.03
CA GLY B 28 30.74 22.55 -6.35
C GLY B 28 29.43 21.82 -6.13
N SER B 29 28.77 21.39 -7.20
CA SER B 29 27.60 20.48 -7.13
C SER B 29 27.54 19.59 -8.37
N VAL B 30 26.89 18.43 -8.22
CA VAL B 30 26.69 17.40 -9.28
C VAL B 30 25.22 16.97 -9.22
N THR B 31 24.47 17.16 -10.31
CA THR B 31 23.07 16.67 -10.42
C THR B 31 23.14 15.23 -10.90
N VAL B 32 22.60 14.31 -10.11
CA VAL B 32 22.63 12.84 -10.39
C VAL B 32 21.21 12.43 -10.77
N ARG B 33 21.04 11.86 -11.96
CA ARG B 33 19.74 11.35 -12.45
C ARG B 33 19.52 9.95 -11.87
N ASP B 34 18.28 9.64 -11.50
CA ASP B 34 17.90 8.27 -11.04
C ASP B 34 16.55 7.92 -11.66
N PRO B 35 16.55 7.39 -12.91
CA PRO B 35 15.31 7.06 -13.59
C PRO B 35 14.52 5.89 -12.97
N TYR B 36 15.08 5.18 -11.99
CA TYR B 36 14.43 4.00 -11.35
C TYR B 36 14.12 4.28 -9.88
N SER B 37 14.11 5.57 -9.48
CA SER B 37 13.90 5.99 -8.06
C SER B 37 12.54 5.53 -7.55
N GLN B 38 11.54 5.29 -8.42
CA GLN B 38 10.20 4.75 -8.04
C GLN B 38 10.35 3.37 -7.37
N LEU B 39 11.39 2.61 -7.72
CA LEU B 39 11.64 1.26 -7.15
C LEU B 39 12.20 1.34 -5.72
N GLU B 40 12.39 2.55 -5.19
CA GLU B 40 12.69 2.80 -3.75
C GLU B 40 11.42 2.60 -2.91
N VAL B 41 10.23 2.70 -3.50
CA VAL B 41 8.95 2.48 -2.77
C VAL B 41 8.81 0.99 -2.52
N PRO B 42 8.60 0.56 -1.25
CA PRO B 42 8.50 -0.87 -0.94
C PRO B 42 7.43 -1.61 -1.75
N PHE B 43 7.71 -2.88 -2.05
CA PHE B 43 6.84 -3.86 -2.73
C PHE B 43 5.38 -3.67 -2.34
N GLU B 44 5.09 -3.68 -1.04
CA GLU B 44 3.70 -3.73 -0.49
C GLU B 44 2.99 -2.38 -0.63
N ASP B 45 3.71 -1.30 -0.99
CA ASP B 45 3.19 0.09 -1.03
C ASP B 45 3.02 0.57 -2.49
N SER B 46 3.68 -0.06 -3.47
CA SER B 46 3.71 0.40 -4.90
C SER B 46 3.34 -0.75 -5.83
N GLU B 47 2.27 -0.56 -6.60
CA GLU B 47 1.85 -1.49 -7.69
C GLU B 47 2.95 -1.58 -8.75
N GLU B 48 3.70 -0.49 -8.98
CA GLU B 48 4.84 -0.44 -9.93
C GLU B 48 5.95 -1.38 -9.43
N THR B 49 6.33 -1.26 -8.16
CA THR B 49 7.35 -2.14 -7.52
C THR B 49 6.85 -3.59 -7.57
N LYS B 50 5.58 -3.83 -7.23
CA LYS B 50 4.95 -5.18 -7.28
C LYS B 50 5.12 -5.78 -8.68
N ALA B 51 4.74 -5.04 -9.73
CA ALA B 51 4.78 -5.49 -11.14
C ALA B 51 6.23 -5.76 -11.56
N PHE B 52 7.17 -4.92 -11.12
CA PHE B 52 8.62 -5.12 -11.36
C PHE B 52 9.05 -6.45 -10.71
N VAL B 53 8.74 -6.63 -9.42
CA VAL B 53 9.17 -7.83 -8.65
C VAL B 53 8.61 -9.09 -9.35
N HIS B 54 7.30 -9.12 -9.63
CA HIS B 54 6.63 -10.31 -10.21
C HIS B 54 7.19 -10.63 -11.60
N SER B 55 7.35 -9.63 -12.47
CA SER B 55 7.81 -9.82 -13.87
C SER B 55 9.27 -10.32 -13.89
N GLN B 56 10.14 -9.70 -13.08
CA GLN B 56 11.58 -10.07 -12.95
C GLN B 56 11.69 -11.46 -12.30
N ARG B 57 10.88 -11.75 -11.29
CA ARG B 57 10.83 -13.07 -10.60
C ARG B 57 10.49 -14.16 -11.64
N LYS B 58 9.41 -13.96 -12.39
CA LYS B 58 8.90 -14.93 -13.40
C LYS B 58 9.97 -15.14 -14.48
N PHE B 59 10.56 -14.05 -14.98
CA PHE B 59 11.59 -14.06 -16.05
C PHE B 59 12.81 -14.90 -15.62
N ALA B 60 13.33 -14.65 -14.42
CA ALA B 60 14.49 -15.39 -13.84
C ALA B 60 14.13 -16.87 -13.65
N ARG B 61 12.97 -17.15 -13.04
CA ARG B 61 12.46 -18.53 -12.78
C ARG B 61 12.47 -19.30 -14.10
N THR B 62 11.93 -18.71 -15.18
CA THR B 62 11.79 -19.32 -16.52
C THR B 62 13.17 -19.68 -17.08
N TYR B 63 14.13 -18.75 -17.00
CA TYR B 63 15.51 -18.95 -17.49
C TYR B 63 16.16 -20.08 -16.69
N LEU B 64 16.19 -19.96 -15.36
CA LEU B 64 16.87 -20.90 -14.43
C LEU B 64 16.28 -22.31 -14.58
N ASP B 65 14.95 -22.43 -14.72
CA ASP B 65 14.21 -23.71 -14.71
C ASP B 65 14.31 -24.43 -16.06
N GLU B 66 14.72 -23.75 -17.13
CA GLU B 66 14.84 -24.38 -18.49
C GLU B 66 16.14 -25.18 -18.56
N ASN B 67 17.08 -24.93 -17.64
CA ASN B 67 18.34 -25.70 -17.53
C ASN B 67 18.07 -26.98 -16.74
N PRO B 68 18.28 -28.19 -17.33
CA PRO B 68 18.04 -29.44 -16.61
C PRO B 68 19.00 -29.66 -15.41
N ASP B 69 20.18 -29.03 -15.44
CA ASP B 69 21.20 -29.12 -14.37
C ASP B 69 20.70 -28.45 -13.07
N ARG B 70 19.61 -27.68 -13.15
CA ARG B 70 18.99 -27.03 -11.96
C ARG B 70 18.41 -28.12 -11.05
N GLU B 71 17.56 -28.99 -11.59
CA GLU B 71 16.96 -30.13 -10.84
C GLU B 71 18.07 -31.08 -10.40
N ALA B 72 19.03 -31.38 -11.29
CA ALA B 72 20.20 -32.23 -10.99
C ALA B 72 20.90 -31.67 -9.75
N TRP B 73 21.18 -30.37 -9.72
CA TRP B 73 21.83 -29.70 -8.57
C TRP B 73 20.96 -29.83 -7.31
N LEU B 74 19.65 -29.59 -7.42
CA LEU B 74 18.72 -29.65 -6.27
C LEU B 74 18.78 -31.04 -5.63
N GLU B 75 18.68 -32.10 -6.44
CA GLU B 75 18.74 -33.52 -5.99
C GLU B 75 20.09 -33.80 -5.33
N THR B 76 21.19 -33.42 -5.98
CA THR B 76 22.59 -33.58 -5.47
C THR B 76 22.70 -32.91 -4.10
N LEU B 77 22.18 -31.69 -3.97
CA LEU B 77 22.26 -30.89 -2.72
C LEU B 77 21.40 -31.55 -1.64
N LYS B 78 20.16 -31.95 -1.94
CA LYS B 78 19.24 -32.58 -0.95
C LYS B 78 19.86 -33.85 -0.37
N LYS B 79 20.40 -34.74 -1.21
CA LYS B 79 21.07 -36.00 -0.81
C LYS B 79 22.26 -35.69 0.11
N SER B 80 23.18 -34.82 -0.31
CA SER B 80 24.47 -34.56 0.36
C SER B 80 24.25 -33.78 1.66
N TRP B 81 23.30 -32.84 1.68
CA TRP B 81 23.00 -32.00 2.87
C TRP B 81 22.25 -32.81 3.93
N ASN B 82 21.83 -34.03 3.63
CA ASN B 82 21.10 -34.89 4.59
C ASN B 82 22.10 -35.54 5.57
N TYR B 83 22.75 -34.75 6.41
CA TYR B 83 23.70 -35.22 7.45
C TYR B 83 23.40 -34.51 8.76
N ARG B 84 23.64 -35.19 9.88
CA ARG B 84 23.38 -34.68 11.24
C ARG B 84 24.38 -33.56 11.55
N ARG B 85 23.85 -32.38 11.90
CA ARG B 85 24.63 -31.17 12.25
C ARG B 85 24.28 -30.77 13.69
N PHE B 86 25.26 -30.27 14.43
CA PHE B 86 25.07 -29.86 15.85
C PHE B 86 26.12 -28.82 16.23
N SER B 87 25.79 -28.08 17.29
CA SER B 87 26.69 -27.12 17.98
C SER B 87 27.45 -27.84 19.09
N ALA B 88 28.38 -27.14 19.73
CA ALA B 88 28.98 -27.52 21.03
C ALA B 88 27.87 -27.50 22.09
N LEU B 89 28.12 -28.13 23.24
CA LEU B 89 27.19 -28.12 24.40
C LEU B 89 27.35 -26.80 25.15
N LYS B 90 26.24 -26.14 25.48
CA LYS B 90 26.21 -24.86 26.24
C LYS B 90 25.65 -25.16 27.63
N PRO B 91 26.43 -24.96 28.71
CA PRO B 91 25.98 -25.22 30.07
C PRO B 91 25.05 -24.10 30.53
N GLU B 92 23.92 -24.44 31.18
CA GLU B 92 22.92 -23.45 31.66
C GLU B 92 22.66 -23.68 33.15
N SER B 93 21.98 -22.71 33.78
CA SER B 93 21.76 -22.61 35.24
C SER B 93 20.73 -23.64 35.71
N ASP B 94 20.03 -24.32 34.79
CA ASP B 94 19.03 -25.36 35.12
C ASP B 94 19.70 -26.74 35.20
N GLY B 95 21.04 -26.80 35.17
CA GLY B 95 21.81 -28.04 35.31
C GLY B 95 21.77 -28.91 34.06
N HIS B 96 21.44 -28.33 32.90
CA HIS B 96 21.45 -29.00 31.57
C HIS B 96 22.52 -28.38 30.67
N TYR B 97 23.06 -29.18 29.76
CA TYR B 97 23.73 -28.70 28.53
C TYR B 97 22.67 -28.54 27.44
N TYR B 98 22.72 -27.44 26.69
CA TYR B 98 21.87 -27.18 25.51
C TYR B 98 22.74 -27.23 24.26
N PHE B 99 22.20 -27.77 23.17
CA PHE B 99 22.89 -27.90 21.87
C PHE B 99 21.87 -27.79 20.73
N GLU B 100 22.28 -27.15 19.64
CA GLU B 100 21.53 -27.11 18.35
C GLU B 100 21.73 -28.44 17.65
N TYR B 101 20.69 -28.91 16.97
CA TYR B 101 20.73 -30.16 16.18
C TYR B 101 19.86 -30.02 14.94
N ASN B 102 20.36 -30.54 13.82
CA ASN B 102 19.57 -30.78 12.60
C ASN B 102 19.82 -32.23 12.19
N ASP B 103 18.74 -33.01 12.09
CA ASP B 103 18.73 -34.42 11.67
C ASP B 103 19.25 -34.53 10.23
N GLY B 104 19.04 -33.49 9.40
CA GLY B 104 19.51 -33.46 8.00
C GLY B 104 18.85 -32.36 7.17
N LEU B 105 17.57 -32.52 6.85
CA LEU B 105 16.80 -31.59 5.96
C LEU B 105 15.62 -30.97 6.70
N GLN B 106 15.72 -30.75 8.02
CA GLN B 106 14.75 -29.91 8.77
C GLN B 106 15.01 -28.44 8.40
N SER B 107 13.96 -27.62 8.37
CA SER B 107 14.04 -26.21 7.90
C SER B 107 14.91 -25.40 8.84
N GLN B 108 14.68 -25.56 10.15
CA GLN B 108 15.41 -24.86 11.23
C GLN B 108 16.11 -25.88 12.13
N LEU B 109 17.27 -25.49 12.67
CA LEU B 109 17.95 -26.15 13.82
C LEU B 109 16.95 -26.25 14.99
N SER B 110 16.90 -27.41 15.66
CA SER B 110 16.12 -27.59 16.91
C SER B 110 17.07 -27.44 18.10
N LEU B 111 16.54 -27.02 19.25
CA LEU B 111 17.33 -26.93 20.51
C LEU B 111 17.01 -28.16 21.37
N TYR B 112 18.04 -28.94 21.66
CA TYR B 112 18.00 -30.13 22.53
C TYR B 112 18.75 -29.80 23.83
N ARG B 113 18.50 -30.58 24.86
CA ARG B 113 19.21 -30.47 26.16
C ARG B 113 19.45 -31.85 26.74
N VAL B 114 20.46 -31.94 27.60
CA VAL B 114 20.79 -33.18 28.34
C VAL B 114 21.22 -32.75 29.76
N ARG B 115 20.76 -33.48 30.77
CA ARG B 115 21.20 -33.29 32.17
C ARG B 115 22.72 -33.32 32.19
N MET B 116 23.38 -32.34 32.81
CA MET B 116 24.85 -32.38 33.02
C MET B 116 25.19 -33.71 33.71
N GLY B 117 26.17 -34.45 33.17
CA GLY B 117 26.54 -35.80 33.62
C GLY B 117 26.01 -36.90 32.72
N GLU B 118 25.00 -36.63 31.89
CA GLU B 118 24.42 -37.61 30.92
C GLU B 118 24.84 -37.28 29.49
N GLU B 119 25.76 -36.33 29.28
CA GLU B 119 26.05 -35.78 27.91
C GLU B 119 26.74 -36.84 27.04
N ASP B 120 27.34 -37.88 27.63
CA ASP B 120 28.03 -38.94 26.84
C ASP B 120 26.99 -39.77 26.06
N THR B 121 25.68 -39.59 26.32
CA THR B 121 24.59 -40.34 25.63
C THR B 121 24.05 -39.57 24.42
N VAL B 122 24.48 -38.31 24.19
CA VAL B 122 23.90 -37.47 23.10
C VAL B 122 24.72 -37.65 21.81
N LEU B 123 24.13 -37.26 20.68
CA LEU B 123 24.81 -37.11 19.36
C LEU B 123 25.50 -38.42 18.98
N THR B 124 24.73 -39.49 18.83
CA THR B 124 25.19 -40.84 18.41
C THR B 124 24.44 -41.25 17.13
N GLU B 125 24.73 -42.46 16.64
CA GLU B 125 24.05 -43.08 15.48
C GLU B 125 22.56 -43.28 15.79
N SER B 126 22.21 -43.52 17.05
CA SER B 126 20.81 -43.65 17.55
C SER B 126 20.01 -42.36 17.28
N GLY B 127 20.67 -41.19 17.30
CA GLY B 127 20.03 -39.87 17.14
C GLY B 127 20.62 -38.82 18.08
N PRO B 128 19.97 -37.64 18.26
CA PRO B 128 20.54 -36.57 19.07
C PRO B 128 20.60 -36.93 20.56
N GLY B 129 19.68 -37.80 21.00
CA GLY B 129 19.52 -38.18 22.40
C GLY B 129 19.05 -37.00 23.22
N GLY B 130 19.28 -37.04 24.53
CA GLY B 130 18.80 -36.02 25.46
C GLY B 130 17.30 -35.81 25.29
N GLU B 131 16.85 -34.57 25.34
CA GLU B 131 15.43 -34.17 25.28
C GLU B 131 15.30 -33.03 24.27
N LEU B 132 14.38 -33.15 23.32
CA LEU B 132 13.98 -32.01 22.45
C LEU B 132 13.37 -30.94 23.36
N PHE B 133 13.96 -29.74 23.38
CA PHE B 133 13.51 -28.61 24.25
C PHE B 133 12.65 -27.63 23.44
N PHE B 134 13.12 -27.23 22.26
CA PHE B 134 12.46 -26.21 21.42
C PHE B 134 12.67 -26.53 19.94
N ASN B 135 11.54 -26.66 19.23
CA ASN B 135 11.51 -26.99 17.78
C ASN B 135 10.90 -25.82 17.02
N PRO B 136 11.72 -24.91 16.46
CA PRO B 136 11.23 -23.75 15.70
C PRO B 136 10.36 -24.11 14.49
N ASN B 137 10.58 -25.29 13.91
CA ASN B 137 9.81 -25.80 12.74
C ASN B 137 8.32 -25.85 13.06
N LEU B 138 7.95 -26.05 14.33
CA LEU B 138 6.53 -26.11 14.79
C LEU B 138 5.85 -24.74 14.62
N LEU B 139 6.63 -23.66 14.65
CA LEU B 139 6.12 -22.27 14.74
C LEU B 139 5.48 -21.83 13.42
N SER B 140 5.95 -22.35 12.27
CA SER B 140 5.45 -21.99 10.91
C SER B 140 5.04 -23.25 10.15
N LEU B 141 4.28 -23.08 9.07
CA LEU B 141 3.93 -24.18 8.12
C LEU B 141 5.03 -24.29 7.06
N ASP B 142 5.78 -23.21 6.84
CA ASP B 142 6.75 -23.06 5.72
C ASP B 142 8.20 -23.25 6.22
N GLY B 143 8.41 -23.30 7.54
CA GLY B 143 9.74 -23.45 8.16
C GLY B 143 10.56 -22.17 8.07
N ASN B 144 9.91 -21.01 7.91
CA ASN B 144 10.57 -19.68 7.75
C ASN B 144 10.77 -19.01 9.11
N ALA B 145 10.00 -19.40 10.13
CA ALA B 145 10.12 -18.86 11.50
C ALA B 145 11.36 -19.45 12.18
N ALA B 146 12.25 -18.60 12.70
CA ALA B 146 13.58 -18.99 13.23
C ALA B 146 13.82 -18.39 14.62
N LEU B 147 14.55 -19.13 15.44
CA LEU B 147 15.05 -18.74 16.77
C LEU B 147 16.18 -17.72 16.56
N THR B 148 15.99 -16.47 17.01
CA THR B 148 16.94 -15.35 16.83
C THR B 148 17.90 -15.27 18.01
N GLY B 149 17.57 -15.91 19.13
CA GLY B 149 18.41 -15.87 20.35
C GLY B 149 17.66 -16.42 21.54
N PHE B 150 18.36 -16.77 22.62
CA PHE B 150 17.73 -17.22 23.87
C PHE B 150 18.65 -16.89 25.03
N VAL B 151 18.07 -16.70 26.21
CA VAL B 151 18.84 -16.51 27.47
C VAL B 151 17.97 -17.00 28.62
N MET B 152 18.55 -17.85 29.47
CA MET B 152 17.85 -18.47 30.62
C MET B 152 17.98 -17.54 31.84
N SER B 153 16.92 -17.45 32.64
CA SER B 153 16.91 -16.73 33.94
C SER B 153 18.04 -17.28 34.80
N PRO B 154 18.70 -16.46 35.65
CA PRO B 154 19.72 -16.96 36.58
C PRO B 154 19.23 -18.13 37.46
N CYS B 155 17.96 -18.14 37.84
CA CYS B 155 17.32 -19.20 38.68
C CYS B 155 17.20 -20.52 37.90
N GLY B 156 17.21 -20.45 36.57
CA GLY B 156 17.13 -21.62 35.67
C GLY B 156 15.69 -22.07 35.43
N ASN B 157 14.71 -21.31 35.90
CA ASN B 157 13.27 -21.68 35.82
C ASN B 157 12.62 -21.10 34.55
N TYR B 158 13.17 -20.02 33.99
CA TYR B 158 12.55 -19.29 32.86
C TYR B 158 13.54 -19.16 31.70
N TRP B 159 12.96 -19.03 30.51
CA TRP B 159 13.68 -19.04 29.22
C TRP B 159 13.07 -17.96 28.31
N ALA B 160 13.82 -16.88 28.08
CA ALA B 160 13.46 -15.80 27.14
C ALA B 160 14.05 -16.15 25.78
N TYR B 161 13.26 -16.08 24.72
CA TYR B 161 13.71 -16.46 23.36
C TYR B 161 13.07 -15.56 22.30
N GLY B 162 13.82 -15.29 21.24
CA GLY B 162 13.39 -14.46 20.11
C GLY B 162 12.97 -15.31 18.92
N VAL B 163 11.85 -14.96 18.28
CA VAL B 163 11.37 -15.60 17.03
C VAL B 163 11.15 -14.49 16.00
N SER B 164 11.78 -14.61 14.83
CA SER B 164 11.73 -13.58 13.76
C SER B 164 10.41 -13.69 13.00
N GLU B 165 9.83 -12.53 12.64
CA GLU B 165 8.58 -12.45 11.83
C GLU B 165 8.98 -12.59 10.35
N HIS B 166 8.95 -13.82 9.82
CA HIS B 166 9.21 -14.20 8.40
C HIS B 166 10.60 -13.74 7.93
N GLY B 167 11.59 -13.86 8.81
CA GLY B 167 13.02 -13.76 8.45
C GLY B 167 13.47 -12.33 8.19
N SER B 168 12.75 -11.34 8.72
CA SER B 168 13.15 -9.90 8.70
C SER B 168 13.90 -9.56 10.00
N ASP B 169 14.37 -8.31 10.14
CA ASP B 169 14.97 -7.75 11.39
C ASP B 169 13.84 -7.25 12.32
N TRP B 170 12.73 -7.98 12.36
CA TRP B 170 11.67 -7.84 13.39
C TRP B 170 11.46 -9.20 14.05
N MET B 171 11.45 -9.22 15.37
CA MET B 171 11.23 -10.44 16.18
C MET B 171 10.35 -10.07 17.38
N SER B 172 9.73 -11.09 17.97
CA SER B 172 9.07 -11.02 19.29
C SER B 172 9.90 -11.82 20.29
N ILE B 173 9.95 -11.38 21.54
CA ILE B 173 10.56 -12.14 22.66
C ILE B 173 9.43 -12.84 23.41
N TYR B 174 9.55 -14.16 23.57
CA TYR B 174 8.63 -15.02 24.34
C TYR B 174 9.35 -15.47 25.60
N VAL B 175 8.58 -15.88 26.60
CA VAL B 175 9.10 -16.43 27.87
C VAL B 175 8.32 -17.72 28.14
N ARG B 176 9.07 -18.78 28.45
CA ARG B 176 8.50 -20.08 28.86
C ARG B 176 9.30 -20.63 30.03
N LYS B 177 8.67 -21.51 30.80
CA LYS B 177 9.32 -22.31 31.87
C LYS B 177 10.27 -23.32 31.22
N THR B 178 11.40 -23.59 31.89
CA THR B 178 12.39 -24.62 31.47
C THR B 178 11.84 -26.03 31.74
N SER B 179 10.86 -26.17 32.64
CA SER B 179 10.36 -27.48 33.14
C SER B 179 9.55 -28.22 32.05
N SER B 180 8.86 -27.48 31.17
CA SER B 180 8.10 -28.04 30.02
C SER B 180 8.92 -27.85 28.74
N PRO B 181 9.21 -28.93 27.97
CA PRO B 181 10.01 -28.81 26.75
C PRO B 181 9.23 -28.19 25.58
N MET B 195 3.34 -19.65 29.61
CA MET B 195 3.38 -18.21 29.99
C MET B 195 3.11 -17.38 28.74
N ASN B 196 2.21 -16.38 28.83
CA ASN B 196 1.66 -15.64 27.68
C ASN B 196 2.50 -14.41 27.34
N ASP B 197 3.60 -14.13 28.05
CA ASP B 197 4.48 -12.96 27.79
C ASP B 197 4.83 -12.92 26.29
N LYS B 198 4.53 -11.81 25.62
CA LYS B 198 4.96 -11.52 24.23
C LYS B 198 5.46 -10.08 24.17
N ILE B 199 6.73 -9.90 23.84
CA ILE B 199 7.41 -8.58 23.70
C ILE B 199 7.59 -8.30 22.19
N ARG B 200 6.78 -7.38 21.65
CA ARG B 200 6.77 -7.06 20.19
C ARG B 200 7.71 -5.89 19.91
N HIS B 201 8.00 -5.65 18.63
CA HIS B 201 8.70 -4.46 18.09
C HIS B 201 10.19 -4.48 18.44
N VAL B 202 10.79 -5.66 18.47
CA VAL B 202 12.24 -5.87 18.74
C VAL B 202 12.95 -6.14 17.40
N ARG B 203 14.15 -5.60 17.20
CA ARG B 203 14.92 -5.75 15.94
C ARG B 203 16.28 -6.41 16.19
N PHE B 204 16.66 -6.67 17.44
CA PHE B 204 17.87 -7.46 17.78
C PHE B 204 17.71 -8.05 19.18
N PHE B 205 18.23 -9.26 19.37
CA PHE B 205 18.14 -10.03 20.64
C PHE B 205 19.34 -9.71 21.53
N ILE B 206 19.29 -8.57 22.22
CA ILE B 206 20.18 -8.24 23.37
C ILE B 206 19.28 -8.17 24.59
N VAL B 207 19.31 -9.22 25.43
CA VAL B 207 18.36 -9.46 26.55
C VAL B 207 19.16 -9.83 27.79
N SER B 208 18.94 -9.13 28.90
CA SER B 208 19.64 -9.33 30.19
C SER B 208 18.63 -9.46 31.32
N TRP B 209 18.55 -10.64 31.94
CA TRP B 209 17.81 -10.92 33.20
C TRP B 209 18.47 -10.21 34.37
N THR B 210 17.67 -9.67 35.29
CA THR B 210 18.10 -9.27 36.66
C THR B 210 18.33 -10.56 37.47
N SER B 211 19.21 -10.51 38.47
CA SER B 211 19.64 -11.71 39.25
C SER B 211 18.47 -12.26 40.08
N ASP B 212 17.40 -11.47 40.24
CA ASP B 212 16.15 -11.87 40.96
C ASP B 212 15.23 -12.69 40.04
N SER B 213 15.58 -12.84 38.76
CA SER B 213 14.81 -13.60 37.73
C SER B 213 13.38 -13.07 37.61
N LYS B 214 13.13 -11.81 38.00
CA LYS B 214 11.78 -11.18 37.97
C LYS B 214 11.51 -10.57 36.58
N GLY B 215 12.54 -10.31 35.80
CA GLY B 215 12.40 -9.61 34.52
C GLY B 215 13.71 -9.44 33.80
N PHE B 216 13.67 -8.84 32.61
CA PHE B 216 14.85 -8.67 31.74
C PHE B 216 14.78 -7.35 30.98
N PHE B 217 15.94 -6.77 30.72
CA PHE B 217 16.15 -5.60 29.82
C PHE B 217 16.12 -6.07 28.37
N TYR B 218 15.67 -5.20 27.47
CA TYR B 218 15.60 -5.43 26.01
C TYR B 218 15.49 -4.07 25.31
N SER B 219 15.84 -4.02 24.03
CA SER B 219 15.72 -2.82 23.17
C SER B 219 14.52 -3.03 22.22
N ARG B 220 13.71 -2.00 22.02
CA ARG B 220 12.61 -2.03 21.02
C ARG B 220 12.54 -0.71 20.25
N TYR B 221 11.73 -0.73 19.18
CA TYR B 221 11.49 0.41 18.28
C TYR B 221 10.01 0.73 18.30
N PRO B 222 9.59 1.88 17.72
CA PRO B 222 8.16 2.14 17.53
C PRO B 222 7.61 1.14 16.53
N PRO B 223 6.30 0.76 16.62
CA PRO B 223 5.64 0.00 15.56
C PRO B 223 5.69 0.69 14.19
N GLU B 224 5.60 -0.08 13.11
CA GLU B 224 5.64 0.47 11.72
C GLU B 224 4.47 1.43 11.54
N ASP B 225 4.75 2.66 11.10
CA ASP B 225 3.73 3.56 10.50
C ASP B 225 3.30 2.88 9.20
N ASP B 226 2.09 3.14 8.70
CA ASP B 226 1.74 2.80 7.30
C ASP B 226 2.51 3.79 6.41
N GLU B 227 1.82 4.67 5.68
CA GLU B 227 2.38 5.91 5.05
C GLU B 227 3.53 5.62 4.09
N GLY B 228 3.84 4.34 3.77
CA GLY B 228 4.89 3.95 2.82
C GLY B 228 6.28 4.21 3.36
N LYS B 229 6.50 3.88 4.64
CA LYS B 229 7.79 4.08 5.36
C LYS B 229 8.40 2.72 5.72
N GLY B 230 8.15 1.69 4.90
CA GLY B 230 8.55 0.29 5.15
C GLY B 230 10.06 0.06 5.05
N ASN B 231 10.78 1.00 4.42
CA ASN B 231 12.27 0.99 4.33
C ASN B 231 12.83 2.33 4.80
N ALA B 232 12.05 3.12 5.54
CA ALA B 232 12.49 4.36 6.21
C ALA B 232 13.62 3.99 7.17
N PRO B 233 14.47 4.95 7.58
CA PRO B 233 15.50 4.68 8.59
C PRO B 233 14.91 4.06 9.86
N ALA B 234 15.64 3.12 10.47
CA ALA B 234 15.28 2.50 11.76
C ALA B 234 15.62 3.52 12.85
N MET B 235 14.57 4.06 13.49
CA MET B 235 14.67 5.26 14.34
C MET B 235 14.04 4.99 15.70
N ASN B 236 14.57 5.66 16.73
CA ASN B 236 13.97 5.78 18.09
C ASN B 236 14.07 4.43 18.80
N CYS B 237 15.30 3.91 18.89
CA CYS B 237 15.65 2.73 19.69
C CYS B 237 15.46 3.07 21.17
N MET B 238 14.75 2.21 21.90
CA MET B 238 14.41 2.44 23.33
C MET B 238 14.78 1.20 24.14
N VAL B 239 15.37 1.39 25.31
CA VAL B 239 15.63 0.30 26.29
C VAL B 239 14.47 0.24 27.27
N TYR B 240 13.92 -0.96 27.47
CA TYR B 240 12.80 -1.24 28.41
C TYR B 240 13.22 -2.39 29.33
N TYR B 241 12.54 -2.50 30.46
CA TYR B 241 12.60 -3.65 31.40
C TYR B 241 11.22 -4.31 31.42
N HIS B 242 11.15 -5.60 31.09
CA HIS B 242 9.90 -6.41 31.14
C HIS B 242 9.89 -7.24 32.44
N ARG B 243 8.84 -7.11 33.24
CA ARG B 243 8.57 -7.98 34.41
C ARG B 243 7.73 -9.17 33.94
N ILE B 244 8.19 -10.39 34.22
CA ILE B 244 7.50 -11.65 33.84
C ILE B 244 6.06 -11.59 34.35
N GLY B 245 5.08 -11.95 33.52
CA GLY B 245 3.66 -12.04 33.89
C GLY B 245 2.89 -10.79 33.50
N GLU B 246 3.56 -9.71 33.11
CA GLU B 246 2.94 -8.40 32.80
C GLU B 246 2.79 -8.23 31.29
N ASP B 247 1.77 -7.47 30.86
CA ASP B 247 1.59 -6.99 29.46
C ASP B 247 2.74 -6.05 29.11
N GLN B 248 3.16 -6.03 27.84
CA GLN B 248 4.30 -5.20 27.39
C GLN B 248 4.02 -3.74 27.73
N GLU B 249 2.75 -3.31 27.73
CA GLU B 249 2.33 -1.92 28.03
C GLU B 249 2.84 -1.50 29.42
N SER B 250 3.01 -2.44 30.36
CA SER B 250 3.50 -2.16 31.73
C SER B 250 5.03 -2.07 31.77
N ASP B 251 5.73 -2.47 30.70
CA ASP B 251 7.22 -2.47 30.70
C ASP B 251 7.71 -1.06 31.02
N VAL B 252 8.73 -0.94 31.87
CA VAL B 252 9.29 0.35 32.36
C VAL B 252 10.32 0.84 31.35
N LEU B 253 10.18 2.09 30.88
CA LEU B 253 11.17 2.78 30.02
C LEU B 253 12.46 2.98 30.83
N VAL B 254 13.58 2.50 30.29
CA VAL B 254 14.92 2.67 30.91
C VAL B 254 15.66 3.79 30.18
N HIS B 255 15.59 3.83 28.84
CA HIS B 255 16.29 4.86 28.03
C HIS B 255 15.60 5.15 26.71
N GLU B 256 15.51 6.43 26.37
CA GLU B 256 15.19 6.95 25.02
C GLU B 256 15.98 8.24 24.83
N ASP B 257 16.28 8.60 23.58
CA ASP B 257 17.05 9.81 23.24
C ASP B 257 16.43 10.41 21.99
N PRO B 258 15.27 11.10 22.10
CA PRO B 258 14.53 11.60 20.94
C PRO B 258 15.36 12.53 20.03
N GLU B 259 16.38 13.19 20.59
CA GLU B 259 17.27 14.11 19.83
C GLU B 259 18.07 13.33 18.77
N HIS B 260 18.38 12.07 19.04
CA HIS B 260 19.27 11.21 18.20
C HIS B 260 18.53 9.93 17.79
N PRO B 261 17.50 10.01 16.93
CA PRO B 261 16.72 8.82 16.58
C PRO B 261 17.51 7.76 15.79
N PHE B 262 18.65 8.11 15.20
CA PHE B 262 19.51 7.18 14.40
C PHE B 262 20.44 6.36 15.30
N TRP B 263 20.60 6.75 16.58
CA TRP B 263 21.45 6.00 17.55
C TRP B 263 20.78 4.66 17.85
N ILE B 264 21.60 3.61 18.00
CA ILE B 264 21.17 2.26 18.47
C ILE B 264 21.70 2.09 19.89
N SER B 265 20.86 1.63 20.81
CA SER B 265 21.19 1.49 22.24
C SER B 265 20.73 0.13 22.77
N SER B 266 21.49 -0.39 23.72
CA SER B 266 21.22 -1.66 24.42
C SER B 266 21.92 -1.62 25.77
N VAL B 267 21.57 -2.56 26.64
CA VAL B 267 22.20 -2.73 27.98
C VAL B 267 22.62 -4.18 28.11
N GLN B 268 23.65 -4.41 28.94
CA GLN B 268 24.22 -5.73 29.26
C GLN B 268 24.52 -5.76 30.75
N LEU B 269 24.08 -6.79 31.47
CA LEU B 269 24.43 -7.01 32.90
C LEU B 269 25.73 -7.82 32.97
N THR B 270 26.59 -7.51 33.94
CA THR B 270 27.76 -8.36 34.30
C THR B 270 27.24 -9.72 34.74
N PRO B 271 28.04 -10.80 34.64
CA PRO B 271 27.60 -12.14 35.00
C PRO B 271 26.99 -12.26 36.41
N SER B 272 27.48 -11.49 37.38
CA SER B 272 26.96 -11.45 38.77
C SER B 272 25.54 -10.86 38.79
N GLY B 273 25.17 -10.07 37.78
CA GLY B 273 23.87 -9.37 37.69
C GLY B 273 23.85 -8.09 38.49
N ARG B 274 25.01 -7.66 39.03
CA ARG B 274 25.09 -6.45 39.89
C ARG B 274 25.14 -5.17 39.05
N TYR B 275 25.98 -5.12 38.02
CA TYR B 275 26.23 -3.90 37.22
C TYR B 275 25.55 -4.03 35.85
N ILE B 276 25.05 -2.89 35.35
CA ILE B 276 24.44 -2.77 34.00
C ILE B 276 25.29 -1.79 33.19
N LEU B 277 25.74 -2.21 32.00
CA LEU B 277 26.41 -1.35 31.00
C LEU B 277 25.37 -0.87 30.01
N PHE B 278 25.22 0.44 29.87
CA PHE B 278 24.50 1.10 28.75
C PHE B 278 25.52 1.44 27.67
N ALA B 279 25.21 1.10 26.43
CA ALA B 279 26.02 1.49 25.26
C ALA B 279 25.07 2.02 24.16
N ALA B 280 25.41 3.19 23.63
CA ALA B 280 24.79 3.78 22.42
C ALA B 280 25.82 3.73 21.30
N SER B 281 25.35 3.36 20.11
CA SER B 281 26.08 3.40 18.82
C SER B 281 25.44 4.49 17.93
N ARG B 282 26.25 5.31 17.25
CA ARG B 282 25.77 6.38 16.33
C ARG B 282 26.15 6.06 14.88
N ASP B 283 26.89 4.96 14.67
CA ASP B 283 27.37 4.53 13.35
C ASP B 283 27.88 3.10 13.50
N ALA B 284 28.48 2.53 12.46
CA ALA B 284 28.96 1.14 12.39
C ALA B 284 30.41 1.08 12.88
N SER B 285 30.98 2.18 13.36
CA SER B 285 32.35 2.22 13.92
C SER B 285 32.32 1.60 15.32
N HIS B 286 33.46 1.06 15.75
CA HIS B 286 33.67 0.45 17.09
C HIS B 286 33.94 1.58 18.09
N THR B 287 32.95 2.46 18.28
CA THR B 287 32.96 3.60 19.23
C THR B 287 31.56 3.69 19.85
N GLN B 288 31.50 4.02 21.15
CA GLN B 288 30.24 4.03 21.92
C GLN B 288 30.21 5.22 22.89
N LEU B 289 29.01 5.67 23.22
CA LEU B 289 28.69 6.38 24.48
C LEU B 289 28.32 5.31 25.50
N VAL B 290 29.01 5.26 26.63
CA VAL B 290 28.91 4.16 27.63
C VAL B 290 28.65 4.74 29.02
N LYS B 291 27.81 4.07 29.80
CA LYS B 291 27.46 4.39 31.21
C LYS B 291 27.33 3.08 32.00
N ILE B 292 27.69 3.08 33.27
CA ILE B 292 27.57 1.94 34.22
C ILE B 292 26.62 2.35 35.34
N ALA B 293 25.69 1.48 35.73
CA ALA B 293 24.87 1.64 36.95
C ALA B 293 24.95 0.39 37.83
N ASP B 294 24.71 0.56 39.13
CA ASP B 294 24.67 -0.50 40.16
C ASP B 294 23.20 -0.85 40.38
N LEU B 295 22.76 -2.03 39.97
CA LEU B 295 21.32 -2.44 40.01
C LEU B 295 20.82 -2.55 41.45
N HIS B 296 21.72 -2.64 42.44
CA HIS B 296 21.34 -2.69 43.88
C HIS B 296 20.94 -1.31 44.40
N GLU B 297 21.25 -0.22 43.66
CA GLU B 297 21.27 1.16 44.23
C GLU B 297 19.88 1.80 44.07
N ASN B 298 19.34 1.76 42.86
CA ASN B 298 18.05 2.44 42.54
C ASN B 298 17.06 1.43 41.96
N ASP B 299 15.84 1.90 41.74
CA ASP B 299 14.75 1.17 41.07
C ASP B 299 14.96 1.25 39.55
N ILE B 300 14.58 0.20 38.83
CA ILE B 300 14.63 0.13 37.34
C ILE B 300 13.72 1.24 36.79
N GLY B 301 14.23 2.08 35.89
CA GLY B 301 13.51 3.23 35.33
C GLY B 301 14.46 4.26 34.73
N THR B 302 13.97 5.48 34.52
CA THR B 302 14.74 6.63 33.96
C THR B 302 15.40 7.42 35.11
N ASN B 303 15.25 6.96 36.36
CA ASN B 303 15.80 7.61 37.58
C ASN B 303 16.86 6.69 38.21
N MET B 304 17.82 6.21 37.41
CA MET B 304 18.92 5.32 37.86
C MET B 304 20.21 6.14 37.90
N LYS B 305 21.12 5.84 38.84
CA LYS B 305 22.39 6.58 39.04
C LYS B 305 23.43 6.03 38.06
N TRP B 306 23.42 6.55 36.82
CA TRP B 306 24.42 6.21 35.79
C TRP B 306 25.75 6.89 36.11
N LYS B 307 26.85 6.13 36.01
CA LYS B 307 28.24 6.60 36.19
C LYS B 307 28.92 6.60 34.83
N ASN B 308 29.85 7.54 34.60
CA ASN B 308 30.72 7.58 33.40
C ASN B 308 31.72 6.43 33.48
N LEU B 309 31.75 5.59 32.44
CA LEU B 309 32.81 4.59 32.18
C LEU B 309 34.00 5.29 31.50
N HIS B 310 33.73 6.06 30.45
CA HIS B 310 34.75 6.76 29.62
C HIS B 310 34.07 7.81 28.75
N ASP B 311 34.84 8.81 28.29
CA ASP B 311 34.37 9.84 27.34
C ASP B 311 33.69 9.18 26.15
N PRO B 312 32.60 9.78 25.64
CA PRO B 312 31.86 9.18 24.54
C PRO B 312 32.64 9.18 23.21
N TRP B 313 32.39 8.15 22.40
CA TRP B 313 32.74 8.01 20.96
C TRP B 313 34.25 7.82 20.76
N GLU B 314 34.97 7.36 21.79
CA GLU B 314 36.43 7.09 21.69
C GLU B 314 36.68 5.60 21.48
N ALA B 315 35.83 4.74 22.04
CA ALA B 315 36.10 3.29 22.12
C ALA B 315 34.80 2.52 22.30
N ARG B 316 34.91 1.22 22.05
CA ARG B 316 33.84 0.23 22.33
C ARG B 316 34.27 -0.58 23.55
N PHE B 317 33.30 -0.98 24.37
CA PHE B 317 33.51 -1.73 25.64
C PHE B 317 32.53 -2.89 25.68
N THR B 318 33.04 -4.11 25.91
CA THR B 318 32.26 -5.36 26.03
C THR B 318 32.60 -6.00 27.38
N ILE B 319 31.59 -6.45 28.11
CA ILE B 319 31.78 -7.07 29.45
C ILE B 319 32.40 -8.46 29.27
N VAL B 320 33.47 -8.76 30.02
CA VAL B 320 34.14 -10.09 30.05
C VAL B 320 33.75 -10.80 31.37
N GLY B 321 33.64 -10.06 32.46
CA GLY B 321 33.19 -10.57 33.76
C GLY B 321 33.26 -9.51 34.84
N ASP B 322 33.13 -9.92 36.10
CA ASP B 322 33.17 -8.99 37.26
C ASP B 322 33.61 -9.74 38.51
N GLU B 323 34.26 -9.02 39.42
CA GLU B 323 34.78 -9.51 40.70
C GLU B 323 34.53 -8.40 41.72
N GLY B 324 33.43 -8.51 42.48
CA GLY B 324 32.91 -7.43 43.34
C GLY B 324 32.63 -6.19 42.52
N SER B 325 33.31 -5.08 42.83
CA SER B 325 33.12 -3.78 42.16
C SER B 325 34.00 -3.68 40.90
N LYS B 326 34.92 -4.64 40.70
CA LYS B 326 35.84 -4.67 39.52
C LYS B 326 35.11 -5.29 38.31
N ILE B 327 35.10 -4.59 37.18
CA ILE B 327 34.50 -5.09 35.91
C ILE B 327 35.64 -5.30 34.89
N TYR B 328 35.69 -6.47 34.27
CA TYR B 328 36.62 -6.80 33.16
C TYR B 328 35.97 -6.44 31.83
N PHE B 329 36.68 -5.63 31.03
CA PHE B 329 36.23 -5.19 29.68
C PHE B 329 37.23 -5.63 28.61
N MET B 330 36.68 -6.11 27.50
CA MET B 330 37.32 -6.13 26.17
C MET B 330 37.05 -4.76 25.55
N THR B 331 38.08 -4.02 25.18
CA THR B 331 37.96 -2.63 24.67
C THR B 331 39.05 -2.34 23.65
N ASN B 332 38.76 -1.44 22.71
CA ASN B 332 39.76 -0.94 21.73
C ASN B 332 40.22 0.47 22.14
N LEU B 333 40.04 0.85 23.41
CA LEU B 333 40.43 2.21 23.91
C LEU B 333 41.94 2.37 23.73
N LYS B 334 42.36 3.29 22.86
CA LYS B 334 43.79 3.55 22.49
C LYS B 334 44.47 2.23 22.09
N ALA B 335 43.73 1.33 21.46
CA ALA B 335 44.18 -0.04 21.12
C ALA B 335 43.27 -0.61 20.03
N LYS B 336 43.50 -0.25 18.78
CA LYS B 336 42.62 -0.59 17.63
C LYS B 336 42.48 -2.12 17.50
N ASN B 337 43.48 -2.90 17.91
CA ASN B 337 43.47 -4.39 17.83
C ASN B 337 42.78 -4.99 19.06
N TYR B 338 42.26 -4.15 19.96
CA TYR B 338 41.54 -4.53 21.21
C TYR B 338 42.52 -5.07 22.25
N LYS B 339 42.09 -5.01 23.50
CA LYS B 339 42.85 -5.43 24.70
C LYS B 339 41.85 -5.76 25.80
N VAL B 340 42.32 -6.25 26.95
CA VAL B 340 41.47 -6.47 28.15
C VAL B 340 41.92 -5.48 29.22
N ALA B 341 40.97 -4.75 29.82
CA ALA B 341 41.19 -3.73 30.87
C ALA B 341 40.12 -3.88 31.95
N THR B 342 40.44 -3.45 33.18
CA THR B 342 39.54 -3.54 34.36
C THR B 342 39.11 -2.14 34.77
N PHE B 343 37.88 -2.01 35.27
CA PHE B 343 37.27 -0.79 35.82
C PHE B 343 36.80 -1.08 37.25
N ASP B 344 37.11 -0.20 38.21
CA ASP B 344 36.54 -0.26 39.59
C ASP B 344 35.35 0.69 39.67
N ALA B 345 34.12 0.17 39.69
CA ALA B 345 32.87 0.96 39.72
C ALA B 345 32.79 1.79 41.01
N ASN B 346 33.52 1.41 42.06
CA ASN B 346 33.61 2.16 43.35
C ASN B 346 34.59 3.34 43.23
N HIS B 347 35.43 3.37 42.19
CA HIS B 347 36.39 4.47 41.90
C HIS B 347 36.36 4.79 40.41
N PRO B 348 35.24 5.33 39.88
CA PRO B 348 35.12 5.58 38.44
C PRO B 348 36.21 6.52 37.89
N ASP B 349 36.64 7.48 38.71
CA ASP B 349 37.60 8.55 38.37
C ASP B 349 38.99 7.99 38.12
N GLU B 350 39.31 6.78 38.60
CA GLU B 350 40.61 6.13 38.36
C GLU B 350 40.69 5.65 36.91
N GLY B 351 39.54 5.47 36.24
CA GLY B 351 39.47 5.02 34.84
C GLY B 351 39.81 3.54 34.70
N LEU B 352 40.30 3.13 33.52
CA LEU B 352 40.54 1.72 33.14
C LEU B 352 42.01 1.38 33.38
N THR B 353 42.32 0.17 33.87
CA THR B 353 43.69 -0.38 34.01
C THR B 353 43.88 -1.51 33.01
N THR B 354 44.97 -1.52 32.24
CA THR B 354 45.26 -2.58 31.25
C THR B 354 45.61 -3.88 31.99
N LEU B 355 44.93 -4.97 31.66
CA LEU B 355 45.22 -6.33 32.19
C LEU B 355 45.97 -7.12 31.11
N ILE B 356 45.42 -7.18 29.89
CA ILE B 356 46.06 -7.77 28.68
C ILE B 356 46.31 -6.63 27.67
N ALA B 357 47.57 -6.33 27.40
CA ALA B 357 48.00 -5.28 26.46
C ALA B 357 47.51 -5.63 25.05
N GLU B 358 47.24 -4.61 24.25
CA GLU B 358 47.01 -4.75 22.78
C GLU B 358 48.18 -5.55 22.17
N ASP B 359 47.87 -6.55 21.35
CA ASP B 359 48.88 -7.21 20.47
C ASP B 359 48.93 -6.41 19.18
N PRO B 360 50.07 -5.76 18.84
CA PRO B 360 50.16 -4.94 17.63
C PRO B 360 49.99 -5.76 16.34
N ASN B 361 50.09 -7.09 16.41
CA ASN B 361 50.10 -8.00 15.24
C ASN B 361 49.01 -9.05 15.32
N ALA B 362 47.96 -8.85 16.13
CA ALA B 362 46.83 -9.80 16.22
C ALA B 362 45.59 -9.09 16.76
N PHE B 363 44.49 -9.23 16.04
CA PHE B 363 43.16 -8.70 16.43
C PHE B 363 42.60 -9.62 17.52
N LEU B 364 42.35 -9.06 18.71
CA LEU B 364 41.67 -9.80 19.81
C LEU B 364 40.18 -9.84 19.48
N VAL B 365 39.65 -11.05 19.26
CA VAL B 365 38.28 -11.32 18.74
C VAL B 365 37.34 -11.57 19.93
N SER B 366 37.81 -12.21 21.01
CA SER B 366 36.99 -12.47 22.22
C SER B 366 37.86 -12.79 23.42
N ALA B 367 37.33 -12.51 24.61
CA ALA B 367 37.92 -12.78 25.92
C ALA B 367 36.81 -13.31 26.82
N SER B 368 37.04 -14.42 27.50
CA SER B 368 36.06 -15.03 28.43
C SER B 368 36.80 -15.72 29.58
N ILE B 369 36.13 -15.84 30.72
CA ILE B 369 36.71 -16.40 31.97
C ILE B 369 36.14 -17.81 32.17
N HIS B 370 37.03 -18.75 32.53
CA HIS B 370 36.72 -20.20 32.71
C HIS B 370 37.47 -20.71 33.94
N ALA B 371 36.94 -21.76 34.56
CA ALA B 371 37.59 -22.42 35.73
C ALA B 371 38.05 -21.34 36.71
N GLN B 372 37.16 -20.40 37.03
CA GLN B 372 37.31 -19.33 38.06
C GLN B 372 38.28 -18.23 37.63
N ASP B 373 39.51 -18.55 37.22
CA ASP B 373 40.57 -17.53 37.02
C ASP B 373 41.42 -17.80 35.77
N LYS B 374 40.87 -18.51 34.78
CA LYS B 374 41.54 -18.72 33.47
C LYS B 374 40.88 -17.79 32.45
N LEU B 375 41.66 -16.89 31.86
CA LEU B 375 41.20 -15.94 30.83
C LEU B 375 41.54 -16.54 29.46
N LEU B 376 40.51 -16.91 28.69
CA LEU B 376 40.67 -17.49 27.33
C LEU B 376 40.53 -16.36 26.31
N LEU B 377 41.59 -16.10 25.55
CA LEU B 377 41.66 -15.07 24.48
C LEU B 377 41.65 -15.77 23.12
N VAL B 378 40.79 -15.32 22.21
CA VAL B 378 40.82 -15.78 20.79
C VAL B 378 41.42 -14.63 19.96
N TYR B 379 42.55 -14.89 19.32
CA TYR B 379 43.27 -13.94 18.44
C TYR B 379 43.06 -14.36 16.99
N LEU B 380 43.02 -13.36 16.12
CA LEU B 380 43.01 -13.53 14.64
C LEU B 380 44.42 -13.23 14.15
N ARG B 381 45.13 -14.27 13.69
CA ARG B 381 46.49 -14.16 13.07
C ARG B 381 46.59 -15.14 11.90
N ASN B 382 47.22 -14.73 10.80
CA ASN B 382 47.26 -15.48 9.52
C ASN B 382 45.84 -15.86 9.09
N ALA B 383 44.86 -14.97 9.25
CA ALA B 383 43.45 -15.10 8.80
C ALA B 383 42.79 -16.36 9.36
N SER B 384 43.15 -16.76 10.58
CA SER B 384 42.49 -17.87 11.33
C SER B 384 42.63 -17.65 12.83
N HIS B 385 41.95 -18.46 13.64
CA HIS B 385 41.82 -18.29 15.10
C HIS B 385 42.98 -18.96 15.85
N GLU B 386 43.49 -18.28 16.88
CA GLU B 386 44.41 -18.85 17.89
C GLU B 386 43.79 -18.68 19.27
N ILE B 387 43.83 -19.71 20.11
CA ILE B 387 43.37 -19.64 21.52
C ILE B 387 44.60 -19.56 22.43
N HIS B 388 44.68 -18.49 23.22
CA HIS B 388 45.72 -18.23 24.25
C HIS B 388 45.04 -18.23 25.62
N ILE B 389 45.62 -18.91 26.60
CA ILE B 389 45.15 -18.90 28.01
C ILE B 389 46.05 -17.95 28.80
N ARG B 390 45.44 -17.08 29.59
CA ARG B 390 46.11 -16.11 30.49
C ARG B 390 45.61 -16.33 31.91
N ASP B 391 46.43 -15.95 32.90
CA ASP B 391 46.01 -15.87 34.32
C ASP B 391 45.16 -14.61 34.50
N LEU B 392 43.94 -14.74 35.03
CA LEU B 392 43.00 -13.59 35.22
C LEU B 392 43.62 -12.55 36.17
N THR B 393 44.29 -13.00 37.23
CA THR B 393 44.82 -12.12 38.31
C THR B 393 45.96 -11.25 37.77
N THR B 394 46.98 -11.87 37.15
CA THR B 394 48.25 -11.22 36.75
C THR B 394 48.22 -10.84 35.27
N GLY B 395 47.46 -11.58 34.45
CA GLY B 395 47.48 -11.45 32.98
C GLY B 395 48.62 -12.23 32.35
N LYS B 396 49.35 -13.03 33.14
CA LYS B 396 50.55 -13.79 32.68
C LYS B 396 50.12 -14.84 31.65
N PRO B 397 50.92 -15.08 30.59
CA PRO B 397 50.62 -16.14 29.62
C PRO B 397 50.74 -17.52 30.27
N LEU B 398 49.71 -18.37 30.09
CA LEU B 398 49.70 -19.77 30.57
C LEU B 398 49.82 -20.73 29.38
N GLY B 399 49.84 -20.19 28.15
CA GLY B 399 50.17 -20.95 26.92
C GLY B 399 49.00 -21.05 25.97
N ARG B 400 49.20 -21.80 24.89
CA ARG B 400 48.24 -21.97 23.78
C ARG B 400 47.46 -23.27 23.99
N ILE B 401 46.25 -23.37 23.44
CA ILE B 401 45.54 -24.68 23.28
C ILE B 401 44.98 -24.74 21.86
N PHE B 402 44.83 -25.96 21.33
CA PHE B 402 44.33 -26.27 19.96
C PHE B 402 45.22 -25.63 18.90
N GLU B 403 46.54 -25.50 19.15
CA GLU B 403 47.54 -24.90 18.23
C GLU B 403 47.60 -25.65 16.90
N ASP B 404 47.39 -26.97 16.95
CA ASP B 404 47.50 -27.90 15.79
C ASP B 404 46.32 -27.70 14.82
N LEU B 405 45.25 -27.02 15.26
CA LEU B 405 44.02 -26.83 14.46
C LEU B 405 44.01 -25.44 13.84
N LEU B 406 43.91 -25.39 12.50
CA LEU B 406 43.92 -24.16 11.68
C LEU B 406 42.49 -23.97 11.15
N GLY B 407 41.80 -22.93 11.62
CA GLY B 407 40.40 -22.66 11.27
C GLY B 407 39.77 -21.69 12.24
N GLN B 408 38.52 -21.93 12.63
CA GLN B 408 37.78 -21.07 13.59
C GLN B 408 37.18 -21.92 14.72
N PHE B 409 36.96 -21.27 15.87
CA PHE B 409 36.46 -21.89 17.12
C PHE B 409 35.21 -21.14 17.58
N MET B 410 34.21 -21.89 18.06
CA MET B 410 33.10 -21.37 18.90
C MET B 410 33.28 -21.99 20.29
N VAL B 411 33.52 -21.15 21.32
CA VAL B 411 33.84 -21.59 22.71
C VAL B 411 32.58 -21.45 23.57
N SER B 412 32.16 -22.54 24.23
CA SER B 412 31.08 -22.58 25.24
C SER B 412 31.70 -22.94 26.59
N GLY B 413 31.16 -22.38 27.68
CA GLY B 413 31.64 -22.59 29.06
C GLY B 413 31.62 -21.30 29.85
N ARG B 414 31.26 -21.39 31.13
CA ARG B 414 31.11 -20.23 32.04
C ARG B 414 32.28 -20.20 33.02
N ARG B 415 32.42 -19.10 33.76
CA ARG B 415 33.51 -18.86 34.73
C ARG B 415 33.51 -19.97 35.80
N GLN B 416 32.33 -20.44 36.21
CA GLN B 416 32.19 -21.43 37.30
C GLN B 416 32.50 -22.86 36.80
N ASP B 417 32.54 -23.09 35.49
CA ASP B 417 32.83 -24.43 34.90
C ASP B 417 34.33 -24.61 34.68
N ASN B 418 34.85 -25.81 34.97
CA ASN B 418 36.26 -26.20 34.78
C ASN B 418 36.51 -26.62 33.33
N ASP B 419 35.43 -26.88 32.60
CA ASP B 419 35.40 -27.41 31.21
C ASP B 419 34.92 -26.33 30.25
N ILE B 420 35.43 -26.36 29.01
CA ILE B 420 34.81 -25.69 27.83
C ILE B 420 34.47 -26.78 26.81
N PHE B 421 33.43 -26.56 26.01
CA PHE B 421 33.18 -27.26 24.73
C PHE B 421 33.53 -26.31 23.58
N VAL B 422 34.41 -26.74 22.68
CA VAL B 422 34.93 -25.91 21.55
C VAL B 422 34.54 -26.60 20.24
N LEU B 423 33.70 -25.93 19.43
CA LEU B 423 33.39 -26.33 18.04
C LEU B 423 34.47 -25.78 17.12
N PHE B 424 35.33 -26.66 16.60
CA PHE B 424 36.32 -26.33 15.54
C PHE B 424 35.69 -26.61 14.17
N SER B 425 35.88 -25.68 13.22
CA SER B 425 35.57 -25.89 11.79
C SER B 425 36.58 -25.16 10.91
N SER B 426 36.68 -25.57 9.64
CA SER B 426 37.53 -24.95 8.60
C SER B 426 36.88 -25.20 7.23
N PHE B 427 37.59 -24.95 6.13
CA PHE B 427 37.10 -25.24 4.76
C PHE B 427 36.86 -26.75 4.61
N LEU B 428 37.62 -27.57 5.35
CA LEU B 428 37.62 -29.05 5.18
C LEU B 428 37.00 -29.77 6.38
N SER B 429 36.99 -29.18 7.58
CA SER B 429 36.39 -29.79 8.80
C SER B 429 35.00 -29.21 9.06
N PRO B 430 33.92 -30.03 8.90
CA PRO B 430 32.56 -29.55 9.10
C PRO B 430 32.19 -29.16 10.53
N GLY B 431 32.84 -29.75 11.54
CA GLY B 431 32.47 -29.47 12.93
C GLY B 431 32.92 -30.56 13.87
N THR B 432 33.98 -30.29 14.61
CA THR B 432 34.50 -31.18 15.68
C THR B 432 34.29 -30.46 17.00
N VAL B 433 33.51 -31.06 17.89
CA VAL B 433 33.32 -30.58 19.29
C VAL B 433 34.39 -31.24 20.17
N TYR B 434 35.34 -30.44 20.66
CA TYR B 434 36.34 -30.85 21.68
C TYR B 434 35.84 -30.44 23.07
N ARG B 435 36.12 -31.28 24.06
CA ARG B 435 36.01 -30.94 25.51
C ARG B 435 37.42 -30.62 26.01
N TYR B 436 37.61 -29.46 26.64
CA TYR B 436 38.90 -29.06 27.25
C TYR B 436 38.67 -28.76 28.73
N THR B 437 39.43 -29.43 29.61
CA THR B 437 39.39 -29.25 31.08
C THR B 437 40.65 -28.51 31.53
N PHE B 438 40.47 -27.36 32.20
CA PHE B 438 41.59 -26.52 32.66
C PHE B 438 42.29 -27.22 33.83
N GLY B 439 43.61 -27.15 33.82
CA GLY B 439 44.52 -27.40 34.95
C GLY B 439 45.24 -26.11 35.30
N GLU B 440 46.34 -26.19 36.06
CA GLU B 440 47.06 -24.99 36.58
C GLU B 440 47.85 -24.37 35.44
N GLU B 441 48.76 -25.12 34.82
CA GLU B 441 49.56 -24.68 33.64
C GLU B 441 49.08 -25.37 32.36
N LYS B 442 48.63 -26.63 32.43
CA LYS B 442 48.14 -27.35 31.23
C LYS B 442 46.89 -28.18 31.57
N GLY B 443 46.12 -28.49 30.56
CA GLY B 443 44.74 -29.02 30.70
C GLY B 443 44.67 -30.40 30.13
N TYR B 444 43.44 -30.88 29.89
CA TYR B 444 43.13 -32.17 29.24
C TYR B 444 42.17 -31.91 28.07
N ARG B 445 42.58 -32.29 26.87
CA ARG B 445 41.78 -32.19 25.63
C ARG B 445 41.26 -33.57 25.25
N SER B 446 40.00 -33.67 24.86
CA SER B 446 39.42 -34.88 24.22
C SER B 446 38.49 -34.46 23.08
N LEU B 447 38.39 -35.31 22.05
CA LEU B 447 37.41 -35.17 20.96
C LEU B 447 36.07 -35.71 21.46
N PHE B 448 35.08 -34.85 21.65
CA PHE B 448 33.74 -35.24 22.16
C PHE B 448 32.92 -35.82 21.00
N ARG B 449 32.65 -35.02 19.96
CA ARG B 449 31.80 -35.44 18.80
C ARG B 449 32.29 -34.73 17.55
N ALA B 450 32.29 -35.44 16.43
CA ALA B 450 32.65 -34.92 15.09
C ALA B 450 31.46 -35.08 14.16
N ILE B 451 31.16 -34.04 13.38
CA ILE B 451 30.18 -34.13 12.26
C ILE B 451 30.82 -35.02 11.17
N SER B 452 30.08 -35.98 10.64
CA SER B 452 30.48 -36.78 9.45
C SER B 452 29.48 -36.54 8.30
N ILE B 453 30.01 -36.42 7.08
CA ILE B 453 29.21 -36.26 5.84
C ILE B 453 29.37 -37.52 5.00
N PRO B 454 28.38 -38.44 5.05
CA PRO B 454 28.41 -39.67 4.26
C PRO B 454 28.67 -39.44 2.76
N GLY B 455 28.08 -38.38 2.19
CA GLY B 455 28.04 -38.13 0.74
C GLY B 455 29.39 -37.72 0.15
N LEU B 456 30.37 -37.32 0.95
CA LEU B 456 31.61 -36.69 0.43
C LEU B 456 32.84 -37.14 1.21
N ASN B 457 33.89 -37.54 0.48
CA ASN B 457 35.23 -37.89 1.04
C ASN B 457 36.05 -36.60 1.13
N LEU B 458 36.22 -36.09 2.34
CA LEU B 458 36.91 -34.79 2.61
C LEU B 458 38.41 -34.90 2.31
N ASP B 459 38.96 -36.12 2.29
CA ASP B 459 40.40 -36.39 1.99
C ASP B 459 40.71 -36.13 0.52
N ASP B 460 39.69 -36.01 -0.34
CA ASP B 460 39.84 -35.70 -1.79
C ASP B 460 40.20 -34.22 -1.99
N PHE B 461 40.12 -33.40 -0.94
CA PHE B 461 40.28 -31.92 -1.00
C PHE B 461 41.52 -31.48 -0.23
N MET B 462 42.08 -30.34 -0.64
CA MET B 462 43.20 -29.65 0.05
C MET B 462 42.92 -28.15 0.07
N THR B 463 43.42 -27.47 1.10
CA THR B 463 43.36 -26.00 1.23
C THR B 463 44.81 -25.50 1.25
N GLU B 464 45.17 -24.58 0.34
CA GLU B 464 46.52 -23.96 0.41
C GLU B 464 46.39 -22.50 0.84
N SER B 465 47.53 -21.94 1.23
CA SER B 465 47.78 -20.52 1.54
C SER B 465 48.73 -19.97 0.47
N VAL B 466 48.28 -18.96 -0.28
CA VAL B 466 49.17 -18.18 -1.19
C VAL B 466 49.13 -16.70 -0.78
N PHE B 467 50.14 -15.95 -1.22
CA PHE B 467 50.20 -14.47 -1.18
C PHE B 467 50.36 -13.95 -2.61
N TYR B 468 49.58 -12.94 -2.97
CA TYR B 468 49.59 -12.30 -4.32
C TYR B 468 49.71 -10.78 -4.16
N PRO B 469 50.43 -10.09 -5.07
CA PRO B 469 50.48 -8.62 -5.05
C PRO B 469 49.17 -8.00 -5.56
N SER B 470 48.63 -7.04 -4.80
CA SER B 470 47.47 -6.22 -5.22
C SER B 470 47.97 -5.16 -6.21
N LYS B 471 47.04 -4.39 -6.78
CA LYS B 471 47.36 -3.26 -7.70
C LYS B 471 48.44 -2.37 -7.09
N ASP B 472 48.38 -2.07 -5.78
CA ASP B 472 49.32 -1.12 -5.13
C ASP B 472 50.57 -1.85 -4.61
N GLY B 473 50.70 -3.16 -4.86
CA GLY B 473 51.88 -3.97 -4.48
C GLY B 473 51.75 -4.61 -3.11
N THR B 474 50.71 -4.25 -2.33
CA THR B 474 50.40 -4.89 -1.03
C THR B 474 50.31 -6.40 -1.23
N SER B 475 51.01 -7.15 -0.37
CA SER B 475 50.96 -8.63 -0.33
C SER B 475 49.65 -9.05 0.36
N VAL B 476 48.76 -9.73 -0.37
CA VAL B 476 47.41 -10.15 0.14
C VAL B 476 47.40 -11.67 0.26
N HIS B 477 46.94 -12.18 1.41
CA HIS B 477 46.77 -13.63 1.65
C HIS B 477 45.50 -14.11 0.95
N MET B 478 45.54 -15.32 0.39
CA MET B 478 44.35 -16.00 -0.19
C MET B 478 44.40 -17.49 0.19
N PHE B 479 43.27 -18.04 0.64
CA PHE B 479 43.04 -19.49 0.78
C PHE B 479 42.49 -20.03 -0.54
N ILE B 480 43.02 -21.18 -0.98
CA ILE B 480 42.57 -21.89 -2.21
C ILE B 480 42.25 -23.34 -1.83
N THR B 481 40.96 -23.67 -1.80
CA THR B 481 40.46 -25.05 -1.60
C THR B 481 40.15 -25.65 -2.98
N ARG B 482 40.58 -26.89 -3.20
CA ARG B 482 40.38 -27.61 -4.48
C ARG B 482 40.49 -29.12 -4.27
N PRO B 483 39.94 -29.92 -5.20
CA PRO B 483 40.19 -31.36 -5.21
C PRO B 483 41.67 -31.59 -5.55
N LYS B 484 42.28 -32.60 -4.94
CA LYS B 484 43.74 -32.91 -5.07
C LYS B 484 44.06 -33.33 -6.50
N ASP B 485 43.09 -33.91 -7.23
CA ASP B 485 43.31 -34.49 -8.59
C ASP B 485 43.05 -33.47 -9.69
N VAL B 486 42.66 -32.23 -9.38
CA VAL B 486 42.40 -31.17 -10.38
C VAL B 486 43.75 -30.61 -10.83
N LEU B 487 44.00 -30.62 -12.14
CA LEU B 487 45.24 -30.07 -12.75
C LEU B 487 45.13 -28.54 -12.73
N LEU B 488 46.18 -27.87 -12.29
CA LEU B 488 46.35 -26.40 -12.48
C LEU B 488 46.94 -26.18 -13.88
N ASP B 489 46.12 -26.34 -14.92
CA ASP B 489 46.52 -26.26 -16.35
C ASP B 489 45.78 -25.10 -17.03
N GLY B 490 45.17 -24.21 -16.24
CA GLY B 490 44.48 -23.00 -16.72
C GLY B 490 43.13 -23.28 -17.33
N THR B 491 42.47 -24.40 -16.98
CA THR B 491 41.16 -24.78 -17.55
C THR B 491 40.06 -24.78 -16.49
N SER B 492 40.40 -24.77 -15.20
CA SER B 492 39.46 -24.98 -14.08
C SER B 492 38.54 -23.76 -13.90
N PRO B 493 37.24 -23.98 -13.59
CA PRO B 493 36.39 -22.91 -13.08
C PRO B 493 36.83 -22.53 -11.66
N VAL B 494 36.56 -21.28 -11.26
CA VAL B 494 36.78 -20.77 -9.88
C VAL B 494 35.46 -20.20 -9.35
N LEU B 495 35.14 -20.50 -8.09
CA LEU B 495 34.17 -19.73 -7.28
C LEU B 495 34.98 -18.90 -6.27
N GLN B 496 35.01 -17.58 -6.47
CA GLN B 496 35.81 -16.61 -5.69
C GLN B 496 34.87 -15.77 -4.83
N TYR B 497 34.95 -15.92 -3.51
CA TYR B 497 34.06 -15.26 -2.53
C TYR B 497 34.82 -14.15 -1.80
N GLY B 498 34.20 -12.99 -1.66
CA GLY B 498 34.75 -11.79 -1.00
C GLY B 498 33.71 -11.04 -0.21
N TYR B 499 34.16 -10.25 0.76
CA TYR B 499 33.33 -9.29 1.54
C TYR B 499 34.07 -7.95 1.54
N GLY B 500 35.13 -7.81 2.35
CA GLY B 500 36.02 -6.64 2.38
C GLY B 500 35.35 -5.44 3.05
N GLY B 501 35.22 -5.46 4.37
CA GLY B 501 34.72 -4.30 5.14
C GLY B 501 34.33 -4.66 6.56
N PHE B 502 34.12 -3.61 7.37
CA PHE B 502 33.46 -3.65 8.69
C PHE B 502 34.27 -4.52 9.67
N SER B 503 35.57 -4.64 9.44
CA SER B 503 36.51 -5.46 10.26
C SER B 503 36.02 -6.93 10.34
N LEU B 504 35.27 -7.41 9.36
CA LEU B 504 34.77 -8.80 9.32
C LEU B 504 35.76 -9.66 8.51
N ALA B 505 36.46 -10.55 9.19
CA ALA B 505 37.48 -11.46 8.62
C ALA B 505 36.78 -12.60 7.86
N MET B 506 37.29 -12.95 6.68
CA MET B 506 36.85 -14.15 5.92
C MET B 506 37.69 -15.35 6.41
N LEU B 507 37.23 -16.00 7.47
CA LEU B 507 37.94 -17.13 8.12
C LEU B 507 37.60 -18.44 7.43
N PRO B 508 38.46 -19.49 7.55
CA PRO B 508 38.10 -20.84 7.14
C PRO B 508 36.73 -21.19 7.74
N THR B 509 35.78 -21.50 6.86
CA THR B 509 34.36 -21.77 7.17
C THR B 509 33.96 -23.00 6.37
N PHE B 510 33.26 -23.95 6.99
CA PHE B 510 32.84 -25.17 6.24
C PHE B 510 31.58 -24.84 5.45
N SER B 511 31.60 -25.14 4.15
CA SER B 511 30.42 -25.16 3.27
C SER B 511 30.42 -26.44 2.44
N LEU B 512 29.51 -27.37 2.73
CA LEU B 512 29.34 -28.60 1.93
C LEU B 512 29.11 -28.22 0.46
N SER B 513 28.19 -27.28 0.22
CA SER B 513 27.78 -26.82 -1.14
C SER B 513 29.02 -26.45 -1.95
N THR B 514 29.90 -25.65 -1.37
CA THR B 514 31.15 -25.18 -2.01
C THR B 514 32.01 -26.37 -2.43
N LEU B 515 32.18 -27.36 -1.54
CA LEU B 515 32.99 -28.57 -1.83
C LEU B 515 32.30 -29.38 -2.94
N LEU B 516 30.96 -29.43 -2.98
CA LEU B 516 30.21 -30.11 -4.07
C LEU B 516 30.50 -29.39 -5.40
N PHE B 517 30.52 -28.06 -5.41
CA PHE B 517 30.84 -27.24 -6.61
C PHE B 517 32.24 -27.60 -7.10
N CYS B 518 33.20 -27.74 -6.18
CA CYS B 518 34.61 -28.10 -6.50
C CYS B 518 34.67 -29.49 -7.14
N LYS B 519 34.00 -30.48 -6.56
CA LYS B 519 34.02 -31.89 -7.03
C LYS B 519 33.28 -32.01 -8.36
N ILE B 520 32.06 -31.48 -8.45
CA ILE B 520 31.12 -31.71 -9.58
C ILE B 520 31.61 -30.97 -10.84
N TYR B 521 32.22 -29.79 -10.69
CA TYR B 521 32.71 -28.96 -11.83
C TYR B 521 34.23 -28.93 -11.87
N ARG B 522 34.90 -29.76 -11.05
CA ARG B 522 36.38 -29.85 -11.02
C ARG B 522 36.96 -28.44 -10.84
N ALA B 523 36.43 -27.72 -9.85
CA ALA B 523 36.60 -26.26 -9.67
C ALA B 523 37.42 -25.96 -8.42
N ILE B 524 37.90 -24.71 -8.32
CA ILE B 524 38.72 -24.15 -7.22
C ILE B 524 37.85 -23.16 -6.44
N TYR B 525 37.95 -23.15 -5.11
CA TYR B 525 37.23 -22.20 -4.22
C TYR B 525 38.24 -21.23 -3.61
N ALA B 526 38.23 -19.98 -4.07
CA ALA B 526 39.22 -18.94 -3.70
C ALA B 526 38.63 -17.98 -2.68
N ILE B 527 39.33 -17.77 -1.56
CA ILE B 527 38.98 -16.77 -0.50
C ILE B 527 40.16 -15.83 -0.33
N PRO B 528 40.23 -14.73 -1.13
CA PRO B 528 41.23 -13.70 -0.93
C PRO B 528 40.88 -12.85 0.31
N ASN B 529 41.84 -12.71 1.24
CA ASN B 529 41.65 -11.95 2.51
C ASN B 529 41.92 -10.47 2.20
N ILE B 530 41.02 -9.87 1.42
CA ILE B 530 41.13 -8.47 0.90
C ILE B 530 40.98 -7.48 2.07
N ARG B 531 41.49 -6.26 1.88
CA ARG B 531 41.39 -5.16 2.86
C ARG B 531 39.92 -4.84 3.13
N GLY B 532 39.66 -4.17 4.26
CA GLY B 532 38.30 -3.95 4.82
C GLY B 532 38.00 -4.93 5.96
N GLY B 533 38.56 -6.15 5.90
CA GLY B 533 38.45 -7.16 6.97
C GLY B 533 39.46 -6.92 8.08
N SER B 534 39.46 -7.77 9.10
CA SER B 534 40.33 -7.66 10.30
C SER B 534 41.45 -8.71 10.26
N GLU B 535 41.64 -9.41 9.12
CA GLU B 535 42.53 -10.59 9.03
C GLU B 535 43.94 -10.23 9.52
N TYR B 536 44.42 -9.00 9.26
CA TYR B 536 45.76 -8.50 9.65
C TYR B 536 45.59 -7.28 10.56
N GLY B 537 44.62 -7.36 11.46
CA GLY B 537 44.35 -6.34 12.49
C GLY B 537 43.43 -5.25 11.98
N GLU B 538 43.20 -4.24 12.80
CA GLU B 538 42.21 -3.17 12.50
C GLU B 538 42.74 -2.27 11.37
N SER B 539 44.07 -2.17 11.20
CA SER B 539 44.67 -1.35 10.13
C SER B 539 44.28 -1.94 8.76
N TRP B 540 44.08 -3.26 8.68
CA TRP B 540 43.63 -3.95 7.44
C TRP B 540 42.26 -3.43 7.03
N HIS B 541 41.41 -3.13 8.01
CA HIS B 541 40.07 -2.52 7.81
C HIS B 541 40.24 -1.07 7.37
N ARG B 542 41.11 -0.31 8.05
CA ARG B 542 41.31 1.13 7.79
C ARG B 542 41.78 1.31 6.34
N GLU B 543 42.57 0.37 5.82
CA GLU B 543 43.18 0.45 4.47
C GLU B 543 42.18 0.01 3.41
N GLY B 544 40.93 -0.29 3.78
CA GLY B 544 39.88 -0.73 2.83
C GLY B 544 38.53 -0.11 3.17
N MET B 545 38.52 1.15 3.60
CA MET B 545 37.27 1.89 3.92
C MET B 545 37.41 3.36 3.49
N LEU B 546 36.28 4.06 3.46
CA LEU B 546 36.18 5.50 3.13
C LEU B 546 36.86 5.76 1.79
N ASP B 547 37.83 6.68 1.73
CA ASP B 547 38.52 7.10 0.48
C ASP B 547 39.46 5.97 0.03
N LYS B 548 39.63 4.90 0.80
CA LYS B 548 40.49 3.73 0.43
C LYS B 548 39.63 2.51 0.09
N LYS B 549 38.31 2.65 -0.06
CA LYS B 549 37.40 1.51 -0.40
C LYS B 549 37.86 0.88 -1.71
N GLN B 550 38.36 1.68 -2.66
CA GLN B 550 38.83 1.21 -3.99
C GLN B 550 39.89 0.10 -3.82
N ASN B 551 40.70 0.16 -2.75
CA ASN B 551 41.71 -0.88 -2.43
C ASN B 551 41.04 -2.26 -2.34
N VAL B 552 39.82 -2.33 -1.81
CA VAL B 552 39.08 -3.62 -1.64
C VAL B 552 38.84 -4.22 -3.03
N PHE B 553 38.34 -3.42 -3.96
CA PHE B 553 38.02 -3.85 -5.36
C PHE B 553 39.32 -4.27 -6.05
N ASP B 554 40.38 -3.48 -5.88
CA ASP B 554 41.71 -3.73 -6.47
C ASP B 554 42.27 -5.05 -5.94
N ASP B 555 42.14 -5.32 -4.64
CA ASP B 555 42.57 -6.60 -4.01
C ASP B 555 41.86 -7.76 -4.70
N PHE B 556 40.54 -7.64 -4.88
CA PHE B 556 39.68 -8.73 -5.41
C PHE B 556 40.02 -8.98 -6.89
N ASN B 557 40.14 -7.92 -7.69
CA ASN B 557 40.47 -8.00 -9.14
C ASN B 557 41.86 -8.63 -9.28
N ALA B 558 42.83 -8.23 -8.46
CA ALA B 558 44.21 -8.75 -8.47
C ALA B 558 44.22 -10.25 -8.14
N ALA B 559 43.35 -10.71 -7.23
CA ALA B 559 43.20 -12.15 -6.90
C ALA B 559 42.82 -12.90 -8.19
N THR B 560 41.82 -12.42 -8.91
CA THR B 560 41.33 -13.04 -10.17
C THR B 560 42.45 -13.05 -11.21
N GLU B 561 43.15 -11.92 -11.40
CA GLU B 561 44.25 -11.81 -12.39
C GLU B 561 45.34 -12.83 -12.06
N TRP B 562 45.64 -13.01 -10.78
CA TRP B 562 46.69 -13.93 -10.27
C TRP B 562 46.30 -15.38 -10.59
N LEU B 563 45.06 -15.77 -10.27
CA LEU B 563 44.51 -17.13 -10.53
C LEU B 563 44.64 -17.45 -12.03
N ILE B 564 44.30 -16.51 -12.92
CA ILE B 564 44.36 -16.70 -14.40
C ILE B 564 45.83 -16.80 -14.83
N ALA B 565 46.66 -15.84 -14.41
CA ALA B 565 48.07 -15.69 -14.83
C ALA B 565 48.88 -16.93 -14.43
N ASN B 566 48.55 -17.53 -13.28
CA ASN B 566 49.33 -18.65 -12.69
C ASN B 566 48.56 -19.97 -12.90
N LYS B 567 47.54 -19.98 -13.76
CA LYS B 567 46.92 -21.17 -14.41
C LYS B 567 46.10 -21.99 -13.41
N TYR B 568 45.69 -21.38 -12.29
CA TYR B 568 44.72 -21.98 -11.35
C TYR B 568 43.34 -22.07 -12.02
N ALA B 569 43.01 -21.06 -12.84
CA ALA B 569 41.67 -20.88 -13.44
C ALA B 569 41.78 -20.49 -14.91
N SER B 570 40.79 -20.88 -15.71
CA SER B 570 40.55 -20.36 -17.08
C SER B 570 40.12 -18.89 -17.00
N LYS B 571 40.66 -18.05 -17.89
CA LYS B 571 40.22 -16.64 -18.10
C LYS B 571 38.70 -16.59 -18.34
N ASP B 572 38.10 -17.68 -18.83
CA ASP B 572 36.69 -17.75 -19.27
C ASP B 572 35.77 -18.34 -18.19
N ARG B 573 36.28 -18.69 -16.99
CA ARG B 573 35.49 -19.48 -16.00
C ARG B 573 35.67 -18.93 -14.58
N ILE B 574 35.76 -17.61 -14.44
CA ILE B 574 35.77 -16.94 -13.10
C ILE B 574 34.33 -16.61 -12.71
N ALA B 575 33.84 -17.21 -11.61
CA ALA B 575 32.60 -16.81 -10.94
C ALA B 575 32.98 -16.10 -9.62
N ILE B 576 32.45 -14.89 -9.40
CA ILE B 576 32.64 -14.14 -8.13
C ILE B 576 31.29 -14.04 -7.41
N ARG B 577 31.35 -13.96 -6.08
CA ARG B 577 30.15 -13.98 -5.23
C ARG B 577 30.42 -13.14 -3.97
N GLY B 578 29.38 -12.51 -3.46
CA GLY B 578 29.43 -11.55 -2.35
C GLY B 578 28.03 -11.19 -1.91
N GLY B 579 27.87 -10.82 -0.64
CA GLY B 579 26.57 -10.49 -0.03
C GLY B 579 26.66 -9.23 0.80
N SER B 580 25.60 -8.42 0.83
CA SER B 580 25.52 -7.18 1.64
C SER B 580 26.67 -6.25 1.21
N ASN B 581 27.63 -5.93 2.09
CA ASN B 581 28.85 -5.17 1.72
C ASN B 581 29.61 -5.89 0.59
N GLY B 582 29.54 -7.22 0.55
CA GLY B 582 30.14 -8.05 -0.52
C GLY B 582 29.54 -7.74 -1.88
N GLY B 583 28.31 -7.21 -1.91
CA GLY B 583 27.60 -6.80 -3.13
C GLY B 583 28.11 -5.50 -3.73
N VAL B 584 28.69 -4.61 -2.89
CA VAL B 584 29.41 -3.42 -3.41
C VAL B 584 30.62 -3.95 -4.18
N LEU B 585 31.28 -4.97 -3.62
CA LEU B 585 32.50 -5.62 -4.20
C LEU B 585 32.15 -6.21 -5.57
N THR B 586 31.13 -7.07 -5.65
CA THR B 586 30.76 -7.80 -6.89
C THR B 586 30.35 -6.79 -7.99
N THR B 587 29.50 -5.81 -7.65
CA THR B 587 28.93 -4.85 -8.63
C THR B 587 30.01 -3.85 -9.08
N ALA B 588 30.87 -3.40 -8.16
CA ALA B 588 32.01 -2.51 -8.50
C ALA B 588 32.96 -3.25 -9.45
N CYS B 589 33.37 -4.45 -9.07
CA CYS B 589 34.34 -5.26 -9.85
C CYS B 589 33.77 -5.57 -11.25
N ALA B 590 32.48 -5.86 -11.35
CA ALA B 590 31.78 -6.13 -12.63
C ALA B 590 31.83 -4.87 -13.52
N ASN B 591 31.69 -3.67 -12.95
CA ASN B 591 31.76 -2.38 -13.69
C ASN B 591 33.21 -2.09 -14.10
N GLN B 592 34.18 -2.33 -13.20
CA GLN B 592 35.57 -1.82 -13.39
C GLN B 592 36.42 -2.80 -14.22
N ALA B 593 36.07 -4.09 -14.23
CA ALA B 593 36.83 -5.16 -14.91
C ALA B 593 35.88 -6.24 -15.42
N PRO B 594 34.88 -5.90 -16.26
CA PRO B 594 33.88 -6.84 -16.72
C PRO B 594 34.49 -8.06 -17.43
N GLY B 595 35.63 -7.84 -18.10
CA GLY B 595 36.33 -8.85 -18.92
C GLY B 595 37.00 -9.93 -18.09
N LEU B 596 37.17 -9.74 -16.77
CA LEU B 596 37.79 -10.75 -15.87
C LEU B 596 36.78 -11.84 -15.52
N TYR B 597 35.48 -11.53 -15.53
CA TYR B 597 34.43 -12.31 -14.83
C TYR B 597 33.46 -12.91 -15.84
N ARG B 598 33.14 -14.19 -15.72
CA ARG B 598 32.13 -14.88 -16.56
C ARG B 598 30.78 -14.90 -15.84
N CYS B 599 30.78 -14.93 -14.51
N CYS B 599 30.77 -14.96 -14.51
CA CYS B 599 29.55 -15.00 -13.70
CA CYS B 599 29.54 -15.00 -13.70
C CYS B 599 29.72 -14.20 -12.41
C CYS B 599 29.72 -14.19 -12.41
N VAL B 600 28.70 -13.41 -12.05
CA VAL B 600 28.71 -12.54 -10.84
C VAL B 600 27.42 -12.81 -10.06
N ILE B 601 27.59 -13.33 -8.83
CA ILE B 601 26.49 -13.66 -7.89
C ILE B 601 26.51 -12.61 -6.78
N THR B 602 25.42 -11.85 -6.64
CA THR B 602 25.26 -10.78 -5.64
C THR B 602 24.07 -11.14 -4.74
N ILE B 603 24.31 -11.29 -3.43
CA ILE B 603 23.27 -11.64 -2.42
C ILE B 603 22.93 -10.36 -1.64
N GLU B 604 21.66 -9.93 -1.66
CA GLU B 604 21.17 -8.73 -0.94
C GLU B 604 22.26 -7.64 -0.99
N GLY B 605 22.66 -7.22 -2.19
CA GLY B 605 23.79 -6.29 -2.36
C GLY B 605 23.43 -4.87 -1.97
N ILE B 606 24.37 -4.15 -1.35
CA ILE B 606 24.38 -2.67 -1.28
C ILE B 606 25.07 -2.17 -2.56
N ILE B 607 24.40 -1.33 -3.35
CA ILE B 607 24.80 -0.98 -4.74
C ILE B 607 24.69 0.53 -4.97
N ASP B 608 23.60 1.17 -4.55
CA ASP B 608 23.43 2.65 -4.61
C ASP B 608 24.18 3.28 -3.43
N MET B 609 25.41 3.75 -3.66
CA MET B 609 26.29 4.27 -2.57
C MET B 609 26.02 5.77 -2.31
N LEU B 610 25.07 6.39 -3.01
CA LEU B 610 24.61 7.79 -2.72
C LEU B 610 23.38 7.75 -1.81
N ARG B 611 22.47 6.79 -2.02
CA ARG B 611 21.13 6.77 -1.40
C ARG B 611 21.07 5.82 -0.18
N PHE B 612 22.15 5.08 0.12
CA PHE B 612 22.15 4.03 1.17
C PHE B 612 21.72 4.59 2.52
N PRO B 613 22.11 5.83 2.94
CA PRO B 613 21.75 6.33 4.26
C PRO B 613 20.25 6.57 4.51
N LYS B 614 19.45 6.65 3.44
CA LYS B 614 18.01 7.02 3.50
C LYS B 614 17.16 5.83 3.94
N PHE B 615 17.72 4.63 4.04
CA PHE B 615 16.94 3.38 4.19
C PHE B 615 17.42 2.57 5.40
N THR B 616 16.44 2.06 6.15
CA THR B 616 16.60 1.18 7.35
C THR B 616 17.91 1.50 8.08
N PHE B 617 18.89 0.59 8.07
CA PHE B 617 20.09 0.67 8.94
C PHE B 617 21.26 1.31 8.18
N GLY B 618 20.99 1.89 7.01
CA GLY B 618 22.00 2.39 6.07
C GLY B 618 22.82 3.56 6.63
N ALA B 619 22.20 4.48 7.36
CA ALA B 619 22.86 5.72 7.86
C ALA B 619 24.10 5.36 8.67
N SER B 620 24.08 4.22 9.39
CA SER B 620 25.18 3.79 10.28
C SER B 620 26.41 3.42 9.44
N TRP B 621 26.21 3.05 8.17
CA TRP B 621 27.30 2.61 7.25
C TRP B 621 28.09 3.82 6.74
N ARG B 622 27.69 5.04 7.08
CA ARG B 622 28.44 6.27 6.67
C ARG B 622 29.84 6.25 7.29
N SER B 623 30.04 5.60 8.42
CA SER B 623 31.37 5.46 9.07
C SER B 623 32.30 4.62 8.18
N GLU B 624 31.73 3.70 7.38
CA GLU B 624 32.50 2.76 6.52
C GLU B 624 32.73 3.38 5.13
N TYR B 625 31.68 3.92 4.50
CA TYR B 625 31.68 4.33 3.08
C TYR B 625 31.92 5.83 2.93
N GLY B 626 31.66 6.61 3.98
CA GLY B 626 31.62 8.08 3.98
C GLY B 626 30.19 8.58 3.88
N ASP B 627 29.99 9.89 4.04
CA ASP B 627 28.65 10.53 3.95
C ASP B 627 28.47 11.08 2.55
N PRO B 628 27.56 10.51 1.72
CA PRO B 628 27.36 11.01 0.36
C PRO B 628 26.90 12.47 0.32
N GLU B 629 26.31 12.98 1.41
CA GLU B 629 25.83 14.38 1.53
C GLU B 629 26.95 15.28 2.06
N ASP B 630 28.18 14.77 2.20
CA ASP B 630 29.39 15.57 2.48
C ASP B 630 30.13 15.79 1.16
N PRO B 631 30.51 17.03 0.80
CA PRO B 631 31.09 17.31 -0.51
C PRO B 631 32.42 16.56 -0.78
N GLU B 632 33.25 16.39 0.24
CA GLU B 632 34.55 15.69 0.11
C GLU B 632 34.31 14.19 -0.09
N ASP B 633 33.45 13.59 0.74
CA ASP B 633 33.10 12.15 0.67
C ASP B 633 32.43 11.84 -0.68
N PHE B 634 31.51 12.69 -1.13
CA PHE B 634 30.73 12.48 -2.37
C PHE B 634 31.69 12.12 -3.52
N ASP B 635 32.79 12.87 -3.65
CA ASP B 635 33.74 12.76 -4.79
C ASP B 635 34.35 11.34 -4.82
N PHE B 636 34.79 10.79 -3.68
CA PHE B 636 35.43 9.44 -3.69
C PHE B 636 34.35 8.35 -3.75
N ILE B 637 33.15 8.58 -3.23
CA ILE B 637 32.04 7.58 -3.29
C ILE B 637 31.55 7.48 -4.74
N PHE B 638 31.31 8.63 -5.39
CA PHE B 638 30.71 8.72 -6.74
C PHE B 638 31.61 7.98 -7.74
N LYS B 639 32.93 8.00 -7.54
CA LYS B 639 33.92 7.34 -8.43
C LYS B 639 33.64 5.84 -8.54
N TYR B 640 33.17 5.16 -7.50
CA TYR B 640 32.99 3.68 -7.49
C TYR B 640 31.52 3.27 -7.36
N SER B 641 30.64 4.13 -6.83
CA SER B 641 29.22 3.78 -6.61
C SER B 641 28.75 2.94 -7.80
N PRO B 642 28.60 1.60 -7.65
CA PRO B 642 28.34 0.75 -8.80
C PRO B 642 27.08 1.12 -9.60
N TYR B 643 26.03 1.58 -8.92
CA TYR B 643 24.75 2.00 -9.56
C TYR B 643 24.99 3.17 -10.54
N HIS B 644 26.00 4.00 -10.28
CA HIS B 644 26.31 5.22 -11.06
C HIS B 644 27.53 5.03 -11.97
N ASN B 645 28.08 3.82 -12.08
CA ASN B 645 29.29 3.56 -12.91
C ASN B 645 29.09 2.33 -13.81
N ILE B 646 27.85 2.00 -14.17
CA ILE B 646 27.56 0.93 -15.17
C ILE B 646 28.24 1.35 -16.47
N PRO B 647 29.04 0.47 -17.12
CA PRO B 647 29.68 0.79 -18.40
C PRO B 647 28.68 1.24 -19.46
N PRO B 648 29.07 2.22 -20.32
CA PRO B 648 28.27 2.57 -21.49
C PRO B 648 27.95 1.33 -22.31
N PRO B 649 26.70 1.18 -22.82
CA PRO B 649 26.29 0.03 -23.62
C PRO B 649 27.09 -0.28 -24.89
N GLY B 650 27.66 0.76 -25.50
CA GLY B 650 28.84 0.67 -26.40
C GLY B 650 29.17 -0.76 -26.81
N ASP B 651 30.34 -1.28 -26.41
CA ASP B 651 30.81 -2.62 -26.81
C ASP B 651 31.30 -3.41 -25.59
N THR B 652 31.07 -2.96 -24.33
CA THR B 652 31.42 -3.75 -23.11
C THR B 652 30.61 -5.05 -23.14
N VAL B 653 31.26 -6.20 -22.95
CA VAL B 653 30.55 -7.49 -22.70
C VAL B 653 30.46 -7.66 -21.18
N MET B 654 29.26 -7.49 -20.65
CA MET B 654 28.97 -7.57 -19.21
C MET B 654 28.91 -9.05 -18.87
N PRO B 655 29.46 -9.50 -17.73
CA PRO B 655 29.28 -10.90 -17.32
C PRO B 655 27.82 -11.26 -17.08
N ALA B 656 27.50 -12.55 -17.10
CA ALA B 656 26.23 -13.10 -16.56
C ALA B 656 26.18 -12.69 -15.10
N MET B 657 25.04 -12.18 -14.66
CA MET B 657 24.85 -11.64 -13.30
C MET B 657 23.53 -12.17 -12.75
N LEU B 658 23.60 -12.77 -11.56
CA LEU B 658 22.41 -13.28 -10.83
C LEU B 658 22.37 -12.56 -9.49
N PHE B 659 21.27 -11.84 -9.24
CA PHE B 659 21.05 -11.06 -7.99
C PHE B 659 20.02 -11.81 -7.15
N PHE B 660 20.37 -12.18 -5.91
CA PHE B 660 19.42 -12.73 -4.91
C PHE B 660 18.95 -11.59 -4.00
N THR B 661 17.64 -11.50 -3.79
CA THR B 661 17.03 -10.57 -2.80
C THR B 661 15.65 -11.11 -2.43
N ALA B 662 15.12 -10.65 -1.30
CA ALA B 662 13.69 -10.77 -0.94
C ALA B 662 13.00 -9.46 -1.33
N ALA B 663 11.67 -9.47 -1.45
CA ALA B 663 10.84 -8.26 -1.63
C ALA B 663 10.83 -7.45 -0.31
N TYR B 664 10.85 -8.15 0.82
CA TYR B 664 10.92 -7.60 2.20
C TYR B 664 12.30 -7.95 2.77
N ASP B 665 13.13 -6.95 3.09
CA ASP B 665 14.47 -7.13 3.71
C ASP B 665 14.81 -5.82 4.40
N ASP B 666 14.82 -5.81 5.73
CA ASP B 666 15.04 -4.60 6.56
C ASP B 666 16.53 -4.29 6.74
N ARG B 667 17.42 -5.25 6.50
CA ARG B 667 18.88 -5.04 6.69
C ARG B 667 19.42 -4.22 5.51
N VAL B 668 19.33 -4.77 4.29
CA VAL B 668 19.69 -4.06 3.03
C VAL B 668 18.43 -3.99 2.18
N SER B 669 17.87 -2.80 2.02
CA SER B 669 16.60 -2.58 1.28
C SER B 669 16.75 -3.15 -0.12
N PRO B 670 15.80 -3.99 -0.57
CA PRO B 670 15.85 -4.61 -1.90
C PRO B 670 16.00 -3.61 -3.06
N LEU B 671 15.59 -2.35 -2.87
CA LEU B 671 15.68 -1.27 -3.89
C LEU B 671 17.08 -1.21 -4.50
N HIS B 672 18.13 -1.57 -3.75
CA HIS B 672 19.53 -1.58 -4.26
C HIS B 672 19.59 -2.52 -5.46
N THR B 673 19.11 -3.77 -5.28
CA THR B 673 19.04 -4.80 -6.34
C THR B 673 18.05 -4.36 -7.43
N PHE B 674 16.85 -3.89 -7.05
CA PHE B 674 15.76 -3.53 -8.00
C PHE B 674 16.31 -2.55 -9.05
N LYS B 675 16.91 -1.45 -8.57
CA LYS B 675 17.35 -0.31 -9.43
C LYS B 675 18.53 -0.75 -10.27
N HIS B 676 19.50 -1.48 -9.69
CA HIS B 676 20.72 -1.90 -10.43
C HIS B 676 20.35 -2.87 -11.55
N VAL B 677 19.48 -3.84 -11.28
CA VAL B 677 18.99 -4.82 -12.28
C VAL B 677 18.30 -4.06 -13.43
N ALA B 678 17.39 -3.14 -13.10
CA ALA B 678 16.66 -2.29 -14.08
C ALA B 678 17.67 -1.55 -14.96
N ALA B 679 18.68 -0.91 -14.35
CA ALA B 679 19.71 -0.12 -15.06
C ALA B 679 20.57 -1.02 -15.94
N LEU B 680 21.00 -2.19 -15.44
CA LEU B 680 21.83 -3.15 -16.21
C LEU B 680 21.05 -3.65 -17.43
N GLN B 681 19.79 -4.04 -17.24
CA GLN B 681 18.91 -4.55 -18.34
C GLN B 681 18.67 -3.44 -19.36
N HIS B 682 18.53 -2.19 -18.90
CA HIS B 682 18.34 -1.00 -19.76
C HIS B 682 19.60 -0.76 -20.59
N ASN B 683 20.78 -0.88 -19.96
CA ASN B 683 22.08 -0.58 -20.60
C ASN B 683 22.43 -1.68 -21.62
N PHE B 684 22.09 -2.94 -21.29
CA PHE B 684 22.48 -4.15 -22.05
C PHE B 684 21.24 -4.98 -22.35
N PRO B 685 20.29 -4.46 -23.16
CA PRO B 685 19.04 -5.15 -23.43
C PRO B 685 19.21 -6.47 -24.20
N LYS B 686 20.36 -6.67 -24.88
CA LYS B 686 20.62 -7.90 -25.68
C LYS B 686 21.68 -8.78 -25.01
N GLY B 687 21.99 -8.54 -23.74
CA GLY B 687 23.05 -9.30 -23.07
C GLY B 687 24.42 -8.94 -23.65
N PRO B 688 25.19 -9.89 -24.24
CA PRO B 688 24.72 -11.25 -24.53
C PRO B 688 24.54 -12.18 -23.33
N ASN B 689 25.05 -11.80 -22.15
CA ASN B 689 24.96 -12.60 -20.91
C ASN B 689 23.81 -12.08 -20.06
N PRO B 690 22.93 -12.96 -19.53
CA PRO B 690 21.73 -12.52 -18.83
C PRO B 690 22.03 -11.88 -17.48
N CYS B 691 21.28 -10.82 -17.16
CA CYS B 691 21.20 -10.17 -15.83
C CYS B 691 19.83 -10.49 -15.22
N LEU B 692 19.80 -11.33 -14.19
CA LEU B 692 18.57 -11.92 -13.61
C LEU B 692 18.44 -11.51 -12.13
N MET B 693 17.21 -11.31 -11.68
CA MET B 693 16.89 -11.10 -10.25
C MET B 693 16.08 -12.29 -9.74
N ARG B 694 16.68 -13.07 -8.85
CA ARG B 694 16.09 -14.27 -8.20
C ARG B 694 15.50 -13.80 -6.85
N ILE B 695 14.17 -13.79 -6.74
CA ILE B 695 13.41 -13.20 -5.58
C ILE B 695 12.86 -14.33 -4.70
N ASP B 696 13.01 -14.16 -3.37
CA ASP B 696 12.48 -15.06 -2.30
C ASP B 696 11.12 -14.55 -1.82
N LYS B 705 16.38 -18.46 5.03
CA LYS B 705 16.27 -19.00 6.40
C LYS B 705 16.22 -20.53 6.34
N SER B 706 15.14 -21.10 5.80
CA SER B 706 14.89 -22.56 5.78
C SER B 706 15.95 -23.27 4.93
N THR B 707 16.31 -24.50 5.30
CA THR B 707 17.29 -25.34 4.56
C THR B 707 16.76 -25.56 3.14
N GLN B 708 15.45 -25.77 3.00
CA GLN B 708 14.77 -25.99 1.69
C GLN B 708 15.09 -24.80 0.77
N GLU B 709 14.81 -23.58 1.22
CA GLU B 709 15.02 -22.31 0.47
C GLU B 709 16.51 -22.15 0.16
N MET B 710 17.40 -22.39 1.13
CA MET B 710 18.88 -22.31 0.96
C MET B 710 19.31 -23.26 -0.16
N LEU B 711 18.76 -24.47 -0.23
CA LEU B 711 19.15 -25.48 -1.24
C LEU B 711 18.63 -25.08 -2.61
N GLU B 712 17.42 -24.52 -2.68
CA GLU B 712 16.81 -24.04 -3.96
C GLU B 712 17.63 -22.85 -4.48
N GLU B 713 18.02 -21.93 -3.59
CA GLU B 713 18.85 -20.75 -3.93
C GLU B 713 20.20 -21.25 -4.47
N THR B 714 20.80 -22.24 -3.81
CA THR B 714 22.13 -22.80 -4.18
C THR B 714 22.02 -23.52 -5.53
N ALA B 715 20.93 -24.27 -5.77
CA ALA B 715 20.64 -24.95 -7.04
C ALA B 715 20.58 -23.91 -8.17
N ASP B 716 19.89 -22.80 -7.94
CA ASP B 716 19.80 -21.66 -8.89
C ASP B 716 21.20 -21.11 -9.14
N GLU B 717 21.96 -20.83 -8.08
CA GLU B 717 23.29 -20.19 -8.19
C GLU B 717 24.22 -21.08 -9.01
N TYR B 718 24.37 -22.35 -8.63
CA TYR B 718 25.37 -23.30 -9.23
C TYR B 718 24.95 -23.66 -10.66
N SER B 719 23.67 -23.91 -10.90
CA SER B 719 23.14 -24.24 -12.26
C SER B 719 23.35 -23.03 -13.16
N PHE B 720 23.17 -21.82 -12.65
CA PHE B 720 23.35 -20.55 -13.42
C PHE B 720 24.83 -20.41 -13.77
N ILE B 721 25.73 -20.68 -12.83
CA ILE B 721 27.21 -20.60 -13.09
C ILE B 721 27.56 -21.65 -14.15
N GLY B 722 27.06 -22.88 -13.99
CA GLY B 722 27.28 -23.99 -14.93
C GLY B 722 26.87 -23.63 -16.35
N LYS B 723 25.69 -23.02 -16.52
CA LYS B 723 25.16 -22.60 -17.85
C LYS B 723 26.02 -21.45 -18.38
N SER B 724 26.26 -20.43 -17.57
CA SER B 724 27.01 -19.18 -17.95
C SER B 724 28.44 -19.51 -18.39
N MET B 725 29.07 -20.55 -17.83
CA MET B 725 30.47 -20.91 -18.14
C MET B 725 30.54 -22.21 -18.97
N GLY B 726 29.40 -22.76 -19.37
CA GLY B 726 29.31 -23.97 -20.22
C GLY B 726 29.94 -25.20 -19.58
N LEU B 727 29.63 -25.47 -18.30
CA LEU B 727 30.22 -26.59 -17.51
C LEU B 727 29.30 -27.81 -17.56
N THR B 728 29.88 -29.01 -17.55
CA THR B 728 29.18 -30.31 -17.44
C THR B 728 29.40 -30.87 -16.01
N MET B 729 28.32 -31.30 -15.38
CA MET B 729 28.34 -31.92 -14.02
C MET B 729 29.04 -33.28 -14.11
N GLN B 730 30.11 -33.49 -13.33
CA GLN B 730 30.82 -34.79 -13.20
C GLN B 730 30.19 -35.59 -12.06
N THR B 731 29.97 -36.89 -12.21
CA THR B 731 29.72 -37.80 -11.06
C THR B 731 30.64 -37.38 -9.91
N TRP C 6 9.17 -56.49 -15.23
CA TRP C 6 9.28 -55.06 -15.62
C TRP C 6 8.93 -54.15 -14.43
N GLY C 7 8.26 -54.67 -13.41
CA GLY C 7 7.87 -53.92 -12.20
C GLY C 7 9.07 -53.65 -11.29
N PRO C 8 8.87 -53.09 -10.08
CA PRO C 8 7.58 -52.56 -9.65
C PRO C 8 7.28 -51.18 -10.25
N TYR C 9 5.99 -50.78 -10.22
CA TYR C 9 5.56 -49.41 -10.56
C TYR C 9 6.23 -48.41 -9.61
N PRO C 10 6.52 -47.18 -10.07
CA PRO C 10 6.96 -46.14 -9.15
C PRO C 10 5.86 -45.84 -8.14
N PRO C 11 6.21 -45.54 -6.87
CA PRO C 11 5.21 -45.23 -5.84
C PRO C 11 4.49 -43.91 -6.15
N VAL C 12 3.22 -43.80 -5.72
CA VAL C 12 2.40 -42.57 -5.82
C VAL C 12 1.68 -42.35 -4.48
N GLU C 13 2.00 -41.25 -3.80
CA GLU C 13 1.34 -40.80 -2.55
C GLU C 13 -0.18 -40.76 -2.77
N ARG C 14 -0.94 -41.21 -1.77
CA ARG C 14 -2.43 -41.17 -1.74
C ARG C 14 -2.86 -40.24 -0.61
N ASP C 15 -3.92 -39.47 -0.83
CA ASP C 15 -4.64 -38.70 0.22
C ASP C 15 -5.97 -39.42 0.48
N GLU C 16 -6.02 -40.21 1.57
CA GLU C 16 -7.15 -41.11 1.88
C GLU C 16 -8.36 -40.30 2.36
N THR C 17 -8.18 -39.03 2.73
CA THR C 17 -9.27 -38.15 3.26
C THR C 17 -9.93 -37.37 2.12
N SER C 18 -9.22 -37.11 1.02
CA SER C 18 -9.69 -36.28 -0.11
C SER C 18 -10.98 -36.87 -0.72
N ALA C 19 -12.07 -36.13 -0.62
CA ALA C 19 -13.40 -36.51 -1.17
C ALA C 19 -14.20 -35.23 -1.44
N ILE C 20 -15.06 -35.27 -2.46
CA ILE C 20 -16.02 -34.19 -2.81
C ILE C 20 -17.42 -34.82 -2.82
N THR C 21 -18.40 -34.11 -2.27
CA THR C 21 -19.82 -34.53 -2.26
C THR C 21 -20.53 -33.83 -3.43
N TYR C 22 -21.20 -34.62 -4.27
CA TYR C 22 -21.94 -34.14 -5.46
C TYR C 22 -23.44 -34.37 -5.22
N SER C 23 -24.26 -33.40 -5.60
CA SER C 23 -25.73 -33.55 -5.65
C SER C 23 -26.07 -34.57 -6.75
N SER C 24 -27.02 -35.45 -6.47
CA SER C 24 -27.51 -36.53 -7.37
C SER C 24 -29.03 -36.56 -7.31
N LYS C 25 -29.70 -36.59 -8.47
CA LYS C 25 -31.18 -36.62 -8.55
C LYS C 25 -31.68 -37.94 -7.94
N LEU C 26 -30.97 -39.04 -8.17
CA LEU C 26 -31.41 -40.41 -7.75
C LEU C 26 -31.06 -40.66 -6.27
N HIS C 27 -29.91 -40.19 -5.80
CA HIS C 27 -29.33 -40.57 -4.48
C HIS C 27 -29.25 -39.36 -3.53
N GLY C 28 -29.76 -38.20 -3.94
CA GLY C 28 -29.71 -36.96 -3.13
C GLY C 28 -28.31 -36.38 -3.13
N SER C 29 -27.33 -37.11 -2.60
CA SER C 29 -25.89 -36.75 -2.71
C SER C 29 -25.03 -38.02 -2.75
N VAL C 30 -23.84 -37.91 -3.36
CA VAL C 30 -22.84 -39.00 -3.52
C VAL C 30 -21.47 -38.40 -3.15
N THR C 31 -20.81 -38.97 -2.14
CA THR C 31 -19.42 -38.59 -1.76
C THR C 31 -18.46 -39.39 -2.65
N VAL C 32 -17.64 -38.69 -3.42
CA VAL C 32 -16.70 -39.31 -4.39
C VAL C 32 -15.29 -39.11 -3.82
N ARG C 33 -14.56 -40.20 -3.61
CA ARG C 33 -13.17 -40.18 -3.09
C ARG C 33 -12.23 -39.92 -4.26
N ASP C 34 -11.19 -39.11 -4.04
CA ASP C 34 -10.12 -38.87 -5.05
C ASP C 34 -8.78 -38.86 -4.34
N PRO C 35 -8.17 -40.04 -4.10
CA PRO C 35 -6.89 -40.10 -3.40
C PRO C 35 -5.69 -39.51 -4.17
N TYR C 36 -5.87 -39.14 -5.45
CA TYR C 36 -4.77 -38.60 -6.31
C TYR C 36 -5.04 -37.14 -6.67
N SER C 37 -5.94 -36.46 -5.94
CA SER C 37 -6.36 -35.06 -6.20
C SER C 37 -5.15 -34.10 -6.15
N GLN C 38 -4.09 -34.43 -5.42
CA GLN C 38 -2.85 -33.60 -5.35
C GLN C 38 -2.18 -33.51 -6.73
N LEU C 39 -2.39 -34.48 -7.61
CA LEU C 39 -1.82 -34.49 -8.98
C LEU C 39 -2.57 -33.51 -9.90
N GLU C 40 -3.59 -32.81 -9.39
CA GLU C 40 -4.26 -31.67 -10.07
C GLU C 40 -3.36 -30.43 -10.00
N VAL C 41 -2.42 -30.37 -9.06
CA VAL C 41 -1.46 -29.23 -8.95
C VAL C 41 -0.46 -29.35 -10.09
N PRO C 42 -0.30 -28.31 -10.92
CA PRO C 42 0.64 -28.36 -12.04
C PRO C 42 2.07 -28.73 -11.65
N PHE C 43 2.74 -29.46 -12.56
CA PHE C 43 4.16 -29.90 -12.51
C PHE C 43 5.04 -28.84 -11.82
N GLU C 44 5.01 -27.61 -12.31
CA GLU C 44 5.97 -26.54 -11.92
C GLU C 44 5.64 -25.97 -10.53
N ASP C 45 4.48 -26.31 -9.96
CA ASP C 45 3.98 -25.76 -8.67
C ASP C 45 4.08 -26.77 -7.53
N SER C 46 4.22 -28.08 -7.82
CA SER C 46 4.19 -29.16 -6.81
C SER C 46 5.40 -30.09 -6.97
N GLU C 47 6.22 -30.20 -5.92
CA GLU C 47 7.33 -31.18 -5.84
C GLU C 47 6.79 -32.61 -5.95
N GLU C 48 5.58 -32.87 -5.44
CA GLU C 48 4.90 -34.19 -5.50
C GLU C 48 4.59 -34.50 -6.97
N THR C 49 3.97 -33.57 -7.69
CA THR C 49 3.66 -33.73 -9.14
C THR C 49 4.98 -33.91 -9.91
N LYS C 50 6.00 -33.10 -9.61
CA LYS C 50 7.35 -33.21 -10.24
C LYS C 50 7.88 -34.64 -10.10
N ALA C 51 7.90 -35.17 -8.87
CA ALA C 51 8.44 -36.50 -8.54
C ALA C 51 7.61 -37.58 -9.26
N PHE C 52 6.28 -37.41 -9.32
CA PHE C 52 5.39 -38.33 -10.07
C PHE C 52 5.78 -38.31 -11.55
N VAL C 53 5.87 -37.13 -12.15
CA VAL C 53 6.17 -36.97 -13.61
C VAL C 53 7.52 -37.64 -13.90
N HIS C 54 8.58 -37.30 -13.15
CA HIS C 54 9.94 -37.81 -13.40
C HIS C 54 10.01 -39.33 -13.25
N SER C 55 9.43 -39.89 -12.18
CA SER C 55 9.50 -41.34 -11.86
C SER C 55 8.73 -42.13 -12.92
N GLN C 56 7.51 -41.70 -13.28
CA GLN C 56 6.65 -42.33 -14.32
C GLN C 56 7.31 -42.18 -15.70
N ARG C 57 7.89 -41.02 -16.00
CA ARG C 57 8.61 -40.76 -17.27
C ARG C 57 9.76 -41.77 -17.41
N LYS C 58 10.61 -41.86 -16.39
CA LYS C 58 11.81 -42.73 -16.38
C LYS C 58 11.38 -44.19 -16.53
N PHE C 59 10.36 -44.62 -15.78
CA PHE C 59 9.82 -45.99 -15.78
C PHE C 59 9.35 -46.39 -17.18
N ALA C 60 8.53 -45.55 -17.83
CA ALA C 60 8.00 -45.79 -19.19
C ALA C 60 9.15 -45.83 -20.21
N ARG C 61 10.06 -44.85 -20.15
CA ARG C 61 11.24 -44.74 -21.05
C ARG C 61 12.02 -46.06 -20.99
N THR C 62 12.28 -46.57 -19.79
CA THR C 62 13.06 -47.81 -19.53
C THR C 62 12.37 -49.00 -20.21
N TYR C 63 11.06 -49.14 -20.01
CA TYR C 63 10.27 -50.25 -20.59
C TYR C 63 10.31 -50.16 -22.11
N LEU C 64 9.92 -49.01 -22.66
CA LEU C 64 9.80 -48.77 -24.13
C LEU C 64 11.15 -48.97 -24.82
N ASP C 65 12.24 -48.50 -24.20
CA ASP C 65 13.60 -48.47 -24.83
C ASP C 65 14.29 -49.83 -24.75
N GLU C 66 13.81 -50.75 -23.91
CA GLU C 66 14.42 -52.11 -23.79
C GLU C 66 13.92 -53.00 -24.91
N ASN C 67 12.86 -52.61 -25.61
CA ASN C 67 12.33 -53.31 -26.80
C ASN C 67 13.15 -52.86 -28.01
N PRO C 68 13.87 -53.78 -28.71
CA PRO C 68 14.67 -53.38 -29.87
C PRO C 68 13.83 -52.86 -31.04
N ASP C 69 12.56 -53.26 -31.12
CA ASP C 69 11.61 -52.87 -32.19
C ASP C 69 11.28 -51.38 -32.11
N ARG C 70 11.62 -50.72 -31.00
CA ARG C 70 11.42 -49.26 -30.81
C ARG C 70 12.34 -48.52 -31.78
N GLU C 71 13.65 -48.80 -31.74
CA GLU C 71 14.65 -48.19 -32.64
C GLU C 71 14.34 -48.61 -34.09
N ALA C 72 14.00 -49.88 -34.32
CA ALA C 72 13.60 -50.41 -35.65
C ALA C 72 12.47 -49.53 -36.20
N TRP C 73 11.43 -49.29 -35.39
CA TRP C 73 10.29 -48.42 -35.78
C TRP C 73 10.77 -47.00 -36.09
N LEU C 74 11.62 -46.42 -35.23
CA LEU C 74 12.10 -45.03 -35.39
C LEU C 74 12.82 -44.89 -36.74
N GLU C 75 13.75 -45.81 -37.04
CA GLU C 75 14.54 -45.83 -38.31
C GLU C 75 13.58 -45.95 -39.50
N THR C 76 12.65 -46.91 -39.46
CA THR C 76 11.65 -47.17 -40.51
C THR C 76 10.84 -45.89 -40.75
N LEU C 77 10.40 -45.22 -39.68
CA LEU C 77 9.56 -44.00 -39.75
C LEU C 77 10.38 -42.85 -40.36
N LYS C 78 11.62 -42.62 -39.89
CA LYS C 78 12.47 -41.50 -40.38
C LYS C 78 12.72 -41.64 -41.90
N LYS C 79 13.08 -42.83 -42.37
CA LYS C 79 13.33 -43.14 -43.80
C LYS C 79 12.05 -42.90 -44.62
N SER C 80 10.92 -43.46 -44.21
CA SER C 80 9.65 -43.45 -44.99
C SER C 80 9.04 -42.05 -45.01
N TRP C 81 9.14 -41.29 -43.91
CA TRP C 81 8.59 -39.90 -43.81
C TRP C 81 9.41 -38.92 -44.65
N ASN C 82 10.59 -39.32 -45.14
CA ASN C 82 11.39 -38.49 -46.08
C ASN C 82 10.79 -38.59 -47.49
N TYR C 83 9.65 -37.93 -47.72
CA TYR C 83 9.03 -37.80 -49.06
C TYR C 83 8.57 -36.35 -49.29
N ARG C 84 8.57 -35.91 -50.54
CA ARG C 84 8.16 -34.55 -50.97
C ARG C 84 6.64 -34.39 -50.75
N ARG C 85 6.25 -33.37 -49.99
CA ARG C 85 4.86 -33.10 -49.56
C ARG C 85 4.51 -31.68 -49.99
N PHE C 86 3.26 -31.46 -50.41
CA PHE C 86 2.78 -30.13 -50.84
C PHE C 86 1.25 -30.02 -50.70
N SER C 87 0.78 -28.78 -50.67
CA SER C 87 -0.66 -28.39 -50.75
C SER C 87 -1.04 -28.19 -52.22
N ALA C 88 -2.33 -27.92 -52.46
CA ALA C 88 -2.83 -27.36 -53.74
C ALA C 88 -2.22 -25.98 -53.94
N LEU C 89 -2.30 -25.44 -55.17
CA LEU C 89 -1.89 -24.05 -55.48
C LEU C 89 -2.99 -23.10 -54.99
N LYS C 90 -2.59 -22.04 -54.30
CA LYS C 90 -3.51 -21.00 -53.78
C LYS C 90 -3.23 -19.72 -54.57
N PRO C 91 -4.23 -19.22 -55.36
CA PRO C 91 -4.05 -17.99 -56.14
C PRO C 91 -4.12 -16.78 -55.20
N GLU C 92 -3.21 -15.81 -55.38
CA GLU C 92 -3.16 -14.59 -54.53
C GLU C 92 -3.17 -13.36 -55.44
N SER C 93 -3.41 -12.20 -54.82
CA SER C 93 -3.66 -10.89 -55.50
C SER C 93 -2.37 -10.32 -56.07
N ASP C 94 -1.21 -10.93 -55.76
CA ASP C 94 0.11 -10.49 -56.30
C ASP C 94 0.43 -11.23 -57.61
N GLY C 95 -0.53 -11.98 -58.18
CA GLY C 95 -0.38 -12.69 -59.46
C GLY C 95 0.48 -13.95 -59.37
N HIS C 96 0.66 -14.48 -58.15
CA HIS C 96 1.39 -15.76 -57.89
C HIS C 96 0.42 -16.81 -57.35
N TYR C 97 0.70 -18.07 -57.63
CA TYR C 97 0.18 -19.22 -56.85
C TYR C 97 1.15 -19.45 -55.69
N TYR C 98 0.60 -19.69 -54.49
CA TYR C 98 1.37 -20.10 -53.29
C TYR C 98 1.02 -21.55 -52.98
N PHE C 99 2.03 -22.29 -52.52
CA PHE C 99 1.87 -23.72 -52.12
C PHE C 99 2.82 -24.01 -50.96
N GLU C 100 2.33 -24.83 -50.02
CA GLU C 100 3.12 -25.42 -48.91
C GLU C 100 3.97 -26.55 -49.51
N TYR C 101 5.20 -26.69 -49.02
CA TYR C 101 6.17 -27.69 -49.53
C TYR C 101 7.05 -28.18 -48.39
N ASN C 102 7.29 -29.50 -48.35
CA ASN C 102 8.34 -30.14 -47.53
C ASN C 102 9.15 -31.04 -48.45
N ASP C 103 10.46 -30.82 -48.52
CA ASP C 103 11.39 -31.65 -49.35
C ASP C 103 11.42 -33.08 -48.79
N GLY C 104 11.18 -33.25 -47.49
CA GLY C 104 11.14 -34.54 -46.80
C GLY C 104 12.01 -34.54 -45.56
N LEU C 105 12.90 -33.56 -45.44
CA LEU C 105 13.91 -33.46 -44.35
C LEU C 105 13.53 -32.33 -43.38
N GLN C 106 12.57 -31.47 -43.74
CA GLN C 106 12.34 -30.21 -42.97
C GLN C 106 11.45 -30.58 -41.79
N SER C 107 11.58 -29.87 -40.67
CA SER C 107 10.65 -30.03 -39.52
C SER C 107 9.24 -29.60 -39.94
N GLN C 108 9.12 -28.43 -40.56
CA GLN C 108 7.83 -27.75 -40.83
C GLN C 108 7.72 -27.46 -42.34
N LEU C 109 6.49 -27.36 -42.84
CA LEU C 109 6.16 -26.92 -44.23
C LEU C 109 6.75 -25.53 -44.47
N SER C 110 7.32 -25.31 -45.65
CA SER C 110 7.76 -23.99 -46.17
C SER C 110 6.69 -23.46 -47.13
N LEU C 111 6.64 -22.15 -47.33
CA LEU C 111 5.75 -21.54 -48.34
C LEU C 111 6.58 -21.17 -49.57
N TYR C 112 6.21 -21.73 -50.73
CA TYR C 112 6.78 -21.41 -52.06
C TYR C 112 5.72 -20.69 -52.90
N ARG C 113 6.16 -20.01 -53.96
CA ARG C 113 5.25 -19.35 -54.92
C ARG C 113 5.79 -19.50 -56.35
N VAL C 114 4.89 -19.39 -57.31
CA VAL C 114 5.21 -19.39 -58.77
C VAL C 114 4.28 -18.36 -59.43
N ARG C 115 4.82 -17.57 -60.36
CA ARG C 115 4.02 -16.66 -61.23
C ARG C 115 2.88 -17.49 -61.84
N MET C 116 1.64 -16.98 -61.77
CA MET C 116 0.50 -17.60 -62.47
C MET C 116 0.88 -17.76 -63.96
N GLY C 117 0.69 -18.96 -64.53
CA GLY C 117 1.10 -19.30 -65.91
C GLY C 117 2.38 -20.11 -65.97
N GLU C 118 3.21 -20.09 -64.93
CA GLU C 118 4.50 -20.84 -64.87
C GLU C 118 4.38 -22.07 -63.96
N GLU C 119 3.17 -22.41 -63.49
CA GLU C 119 2.96 -23.46 -62.46
C GLU C 119 3.31 -24.85 -63.02
N ASP C 120 3.36 -25.04 -64.35
CA ASP C 120 3.70 -26.37 -64.93
C ASP C 120 5.17 -26.70 -64.67
N THR C 121 5.98 -25.76 -64.16
CA THR C 121 7.41 -25.98 -63.83
C THR C 121 7.61 -26.42 -62.37
N VAL C 122 6.57 -26.42 -61.52
CA VAL C 122 6.73 -26.66 -60.04
C VAL C 122 6.53 -28.15 -59.73
N LEU C 123 6.97 -28.55 -58.54
CA LEU C 123 6.60 -29.84 -57.90
C LEU C 123 6.97 -31.01 -58.80
N THR C 124 8.26 -31.19 -59.07
CA THR C 124 8.83 -32.40 -59.72
C THR C 124 9.88 -33.03 -58.81
N GLU C 125 10.50 -34.13 -59.25
CA GLU C 125 11.61 -34.80 -58.52
C GLU C 125 12.83 -33.87 -58.44
N SER C 126 13.01 -33.02 -59.44
CA SER C 126 14.08 -31.98 -59.51
C SER C 126 13.95 -30.99 -58.33
N GLY C 127 12.74 -30.77 -57.83
CA GLY C 127 12.50 -29.91 -56.66
C GLY C 127 11.18 -29.15 -56.78
N PRO C 128 10.89 -28.27 -55.80
CA PRO C 128 9.60 -27.57 -55.73
C PRO C 128 9.42 -26.61 -56.90
N GLY C 129 10.54 -26.06 -57.41
CA GLY C 129 10.53 -25.00 -58.42
C GLY C 129 9.98 -23.71 -57.84
N GLY C 130 9.56 -22.81 -58.71
CA GLY C 130 9.17 -21.44 -58.34
C GLY C 130 10.21 -20.80 -57.44
N GLU C 131 9.76 -20.11 -56.39
CA GLU C 131 10.62 -19.31 -55.49
C GLU C 131 10.23 -19.63 -54.04
N LEU C 132 11.21 -19.95 -53.18
CA LEU C 132 11.02 -20.06 -51.72
C LEU C 132 10.58 -18.69 -51.21
N PHE C 133 9.41 -18.60 -50.60
CA PHE C 133 8.86 -17.31 -50.10
C PHE C 133 9.10 -17.17 -48.59
N PHE C 134 8.78 -18.20 -47.81
CA PHE C 134 8.93 -18.20 -46.32
C PHE C 134 9.25 -19.62 -45.79
N ASN C 135 10.36 -19.73 -45.08
CA ASN C 135 10.87 -20.99 -44.47
C ASN C 135 10.84 -20.83 -42.94
N PRO C 136 9.78 -21.32 -42.26
CA PRO C 136 9.68 -21.18 -40.79
C PRO C 136 10.82 -21.86 -40.02
N ASN C 137 11.42 -22.90 -40.60
CA ASN C 137 12.50 -23.71 -40.00
C ASN C 137 13.71 -22.81 -39.75
N LEU C 138 13.89 -21.70 -40.48
CA LEU C 138 15.00 -20.73 -40.26
C LEU C 138 14.86 -20.08 -38.88
N LEU C 139 13.63 -19.96 -38.38
CA LEU C 139 13.29 -19.12 -37.21
C LEU C 139 13.73 -19.81 -35.90
N SER C 140 13.84 -21.15 -35.86
CA SER C 140 14.24 -21.94 -34.68
C SER C 140 15.45 -22.83 -34.99
N LEU C 141 16.19 -23.24 -33.97
CA LEU C 141 17.25 -24.27 -34.08
C LEU C 141 16.66 -25.65 -33.81
N ASP C 142 15.45 -25.72 -33.23
CA ASP C 142 14.81 -26.97 -32.71
C ASP C 142 13.73 -27.47 -33.68
N GLY C 143 13.36 -26.67 -34.69
CA GLY C 143 12.31 -27.03 -35.66
C GLY C 143 10.91 -26.95 -35.05
N ASN C 144 10.75 -26.16 -33.99
CA ASN C 144 9.45 -25.98 -33.28
C ASN C 144 8.67 -24.80 -33.88
N ALA C 145 9.35 -23.91 -34.63
CA ALA C 145 8.72 -22.72 -35.26
C ALA C 145 7.93 -23.16 -36.50
N ALA C 146 6.63 -22.85 -36.52
CA ALA C 146 5.68 -23.30 -37.56
C ALA C 146 4.80 -22.12 -37.99
N LEU C 147 4.45 -22.11 -39.27
CA LEU C 147 3.53 -21.11 -39.88
C LEU C 147 2.11 -21.49 -39.47
N THR C 148 1.44 -20.66 -38.67
CA THR C 148 0.10 -20.96 -38.09
C THR C 148 -1.01 -20.46 -39.03
N GLY C 149 -0.68 -19.58 -39.95
CA GLY C 149 -1.62 -19.03 -40.93
C GLY C 149 -1.00 -17.86 -41.66
N PHE C 150 -1.60 -17.46 -42.76
CA PHE C 150 -1.15 -16.28 -43.55
C PHE C 150 -2.35 -15.74 -44.31
N VAL C 151 -2.32 -14.44 -44.57
CA VAL C 151 -3.32 -13.76 -45.44
C VAL C 151 -2.64 -12.56 -46.10
N MET C 152 -2.76 -12.46 -47.42
CA MET C 152 -2.17 -11.37 -48.22
C MET C 152 -3.13 -10.18 -48.25
N SER C 153 -2.59 -8.96 -48.18
CA SER C 153 -3.35 -7.69 -48.36
C SER C 153 -4.10 -7.74 -49.69
N PRO C 154 -5.30 -7.14 -49.79
CA PRO C 154 -6.01 -7.08 -51.07
C PRO C 154 -5.17 -6.51 -52.23
N CYS C 155 -4.29 -5.55 -51.95
CA CYS C 155 -3.40 -4.88 -52.93
C CYS C 155 -2.32 -5.85 -53.44
N GLY C 156 -2.01 -6.89 -52.66
CA GLY C 156 -1.00 -7.91 -53.02
C GLY C 156 0.42 -7.51 -52.64
N ASN C 157 0.58 -6.39 -51.94
CA ASN C 157 1.91 -5.83 -51.59
C ASN C 157 2.37 -6.34 -50.22
N TYR C 158 1.46 -6.75 -49.33
CA TYR C 158 1.77 -7.11 -47.92
C TYR C 158 1.25 -8.50 -47.60
N TRP C 159 1.89 -9.11 -46.60
CA TRP C 159 1.65 -10.51 -46.19
C TRP C 159 1.70 -10.59 -44.66
N ALA C 160 0.54 -10.84 -44.03
CA ALA C 160 0.41 -11.05 -42.58
C ALA C 160 0.51 -12.55 -42.31
N TYR C 161 1.36 -12.96 -41.36
CA TYR C 161 1.58 -14.40 -41.09
C TYR C 161 1.81 -14.65 -39.60
N GLY C 162 1.33 -15.80 -39.13
CA GLY C 162 1.48 -16.25 -37.74
C GLY C 162 2.62 -17.25 -37.59
N VAL C 163 3.42 -17.11 -36.54
CA VAL C 163 4.50 -18.07 -36.19
C VAL C 163 4.32 -18.47 -34.72
N SER C 164 4.25 -19.78 -34.50
CA SER C 164 4.85 -20.52 -33.37
C SER C 164 4.07 -21.81 -33.12
N TRP C 170 0.20 -20.23 -28.39
CA TRP C 170 0.68 -18.82 -28.49
C TRP C 170 1.43 -18.64 -29.80
N MET C 171 1.15 -17.55 -30.52
CA MET C 171 1.85 -17.15 -31.77
C MET C 171 2.03 -15.63 -31.76
N SER C 172 2.93 -15.13 -32.60
CA SER C 172 3.02 -13.69 -32.99
C SER C 172 2.59 -13.56 -34.45
N ILE C 173 1.98 -12.43 -34.81
CA ILE C 173 1.66 -12.07 -36.21
C ILE C 173 2.73 -11.10 -36.70
N TYR C 174 3.35 -11.43 -37.83
CA TYR C 174 4.34 -10.57 -38.52
C TYR C 174 3.71 -10.08 -39.81
N VAL C 175 4.30 -9.01 -40.37
CA VAL C 175 3.93 -8.47 -41.70
C VAL C 175 5.23 -8.30 -42.49
N ARG C 176 5.21 -8.72 -43.75
CA ARG C 176 6.33 -8.54 -44.69
C ARG C 176 5.75 -8.14 -46.05
N LYS C 177 6.57 -7.45 -46.86
CA LYS C 177 6.28 -7.14 -48.27
C LYS C 177 6.34 -8.44 -49.07
N THR C 178 5.49 -8.59 -50.08
CA THR C 178 5.48 -9.74 -51.02
C THR C 178 6.68 -9.63 -51.99
N SER C 179 7.25 -8.43 -52.16
CA SER C 179 8.49 -8.17 -52.94
C SER C 179 9.72 -8.85 -52.30
N SER C 180 9.74 -9.00 -50.96
CA SER C 180 10.85 -9.65 -50.20
C SER C 180 10.55 -11.11 -49.89
N PRO C 181 11.18 -12.11 -50.58
CA PRO C 181 10.92 -13.52 -50.32
C PRO C 181 11.61 -14.02 -49.03
N MET C 195 9.23 -6.30 -42.79
CA MET C 195 8.80 -5.09 -42.03
C MET C 195 8.80 -5.42 -40.53
N ASN C 196 8.84 -4.41 -39.68
CA ASN C 196 9.16 -4.56 -38.23
C ASN C 196 7.89 -4.80 -37.40
N ASP C 197 6.70 -4.78 -38.02
CA ASP C 197 5.42 -5.07 -37.32
C ASP C 197 5.56 -6.41 -36.58
N LYS C 198 5.28 -6.41 -35.27
CA LYS C 198 5.16 -7.63 -34.45
C LYS C 198 3.93 -7.50 -33.55
N ILE C 199 2.96 -8.40 -33.74
CA ILE C 199 1.70 -8.47 -32.94
C ILE C 199 1.82 -9.67 -31.99
N ARG C 200 2.03 -9.41 -30.70
CA ARG C 200 2.26 -10.47 -29.68
C ARG C 200 0.92 -10.84 -29.03
N HIS C 201 0.90 -11.97 -28.32
CA HIS C 201 -0.19 -12.40 -27.40
C HIS C 201 -1.42 -12.89 -28.18
N VAL C 202 -1.19 -13.54 -29.32
CA VAL C 202 -2.26 -14.14 -30.18
C VAL C 202 -2.29 -15.65 -29.92
N ARG C 203 -3.47 -16.26 -29.88
CA ARG C 203 -3.62 -17.72 -29.63
C ARG C 203 -4.34 -18.42 -30.80
N PHE C 204 -4.79 -17.68 -31.81
CA PHE C 204 -5.34 -18.27 -33.07
C PHE C 204 -5.25 -17.23 -34.18
N PHE C 205 -5.00 -17.70 -35.40
CA PHE C 205 -4.83 -16.87 -36.61
C PHE C 205 -6.18 -16.70 -37.31
N ILE C 206 -7.00 -15.77 -36.84
CA ILE C 206 -8.17 -15.22 -37.59
C ILE C 206 -7.87 -13.75 -37.85
N VAL C 207 -7.50 -13.42 -39.10
CA VAL C 207 -6.93 -12.11 -39.49
C VAL C 207 -7.64 -11.64 -40.76
N SER C 208 -8.14 -10.41 -40.77
CA SER C 208 -8.89 -9.80 -41.91
C SER C 208 -8.32 -8.41 -42.21
N TRP C 209 -7.73 -8.25 -43.39
CA TRP C 209 -7.32 -6.94 -43.97
C TRP C 209 -8.55 -6.10 -44.32
N THR C 210 -8.48 -4.79 -44.08
CA THR C 210 -9.40 -3.79 -44.69
C THR C 210 -9.02 -3.64 -46.18
N SER C 211 -9.97 -3.28 -47.03
CA SER C 211 -9.83 -3.24 -48.51
C SER C 211 -8.79 -2.19 -48.93
N ASP C 212 -8.45 -1.26 -48.02
CA ASP C 212 -7.44 -0.19 -48.23
C ASP C 212 -6.03 -0.72 -47.97
N SER C 213 -5.89 -1.97 -47.52
CA SER C 213 -4.58 -2.63 -47.23
C SER C 213 -3.77 -1.82 -46.20
N LYS C 214 -4.43 -0.99 -45.39
CA LYS C 214 -3.76 -0.13 -44.38
C LYS C 214 -3.59 -0.89 -43.06
N GLY C 215 -4.33 -1.96 -42.85
CA GLY C 215 -4.31 -2.69 -41.57
C GLY C 215 -5.22 -3.90 -41.57
N PHE C 216 -5.25 -4.64 -40.46
CA PHE C 216 -6.04 -5.88 -40.34
C PHE C 216 -6.57 -6.04 -38.92
N PHE C 217 -7.73 -6.68 -38.81
CA PHE C 217 -8.33 -7.13 -37.53
C PHE C 217 -7.66 -8.43 -37.09
N TYR C 218 -7.60 -8.65 -35.77
CA TYR C 218 -7.02 -9.86 -35.14
C TYR C 218 -7.59 -9.96 -33.72
N SER C 219 -7.54 -11.16 -33.15
CA SER C 219 -7.90 -11.45 -31.74
C SER C 219 -6.61 -11.65 -30.94
N ARG C 220 -6.53 -11.07 -29.74
CA ARG C 220 -5.39 -11.28 -28.83
C ARG C 220 -5.88 -11.37 -27.38
N TYR C 221 -4.97 -11.75 -26.49
CA TYR C 221 -5.19 -11.98 -25.06
C TYR C 221 -4.26 -11.06 -24.29
N PRO C 222 -4.43 -10.92 -22.95
CA PRO C 222 -3.47 -10.22 -22.11
C PRO C 222 -2.15 -10.99 -22.11
N PRO C 223 -1.00 -10.34 -21.84
CA PRO C 223 0.27 -11.04 -21.74
C PRO C 223 0.33 -12.17 -20.69
N PRO C 233 -6.40 -21.24 -17.56
CA PRO C 233 -7.37 -20.87 -18.62
C PRO C 233 -6.93 -19.61 -19.41
N ALA C 234 -7.01 -19.69 -20.74
CA ALA C 234 -6.79 -18.55 -21.64
C ALA C 234 -8.00 -17.62 -21.54
N MET C 235 -7.81 -16.42 -21.00
CA MET C 235 -8.92 -15.50 -20.61
C MET C 235 -8.80 -14.11 -21.24
N ASN C 236 -9.93 -13.47 -21.49
CA ASN C 236 -10.07 -12.04 -21.88
C ASN C 236 -9.61 -11.87 -23.33
N CYS C 237 -10.25 -12.59 -24.23
CA CYS C 237 -10.06 -12.51 -25.70
C CYS C 237 -10.57 -11.14 -26.18
N MET C 238 -9.75 -10.42 -26.92
CA MET C 238 -10.04 -9.03 -27.37
C MET C 238 -9.81 -8.94 -28.89
N VAL C 239 -10.69 -8.24 -29.59
CA VAL C 239 -10.51 -7.91 -31.04
C VAL C 239 -9.85 -6.53 -31.14
N TYR C 240 -8.77 -6.47 -31.93
CA TYR C 240 -8.00 -5.23 -32.21
C TYR C 240 -7.89 -5.04 -33.72
N TYR C 241 -7.59 -3.81 -34.12
CA TYR C 241 -7.20 -3.45 -35.51
C TYR C 241 -5.77 -2.92 -35.48
N HIS C 242 -4.88 -3.55 -36.23
CA HIS C 242 -3.46 -3.12 -36.36
C HIS C 242 -3.30 -2.34 -37.68
N ARG C 243 -2.77 -1.11 -37.60
CA ARG C 243 -2.35 -0.31 -38.78
C ARG C 243 -0.89 -0.63 -39.08
N ILE C 244 -0.60 -1.02 -40.32
CA ILE C 244 0.78 -1.36 -40.78
C ILE C 244 1.70 -0.18 -40.44
N GLY C 245 2.87 -0.46 -39.86
CA GLY C 245 3.90 0.55 -39.56
C GLY C 245 3.82 1.06 -38.13
N GLU C 246 2.77 0.73 -37.39
CA GLU C 246 2.55 1.19 -35.99
C GLU C 246 2.99 0.10 -35.00
N ASP C 247 3.42 0.49 -33.81
CA ASP C 247 3.66 -0.40 -32.63
C ASP C 247 2.31 -0.98 -32.21
N GLN C 248 2.32 -2.21 -31.69
CA GLN C 248 1.08 -2.89 -31.25
C GLN C 248 0.35 -2.04 -30.22
N GLU C 249 1.10 -1.27 -29.40
CA GLU C 249 0.55 -0.38 -28.36
C GLU C 249 -0.49 0.59 -28.97
N SER C 250 -0.33 0.98 -30.23
CA SER C 250 -1.23 1.93 -30.93
C SER C 250 -2.46 1.22 -31.49
N ASP C 251 -2.49 -0.13 -31.49
CA ASP C 251 -3.62 -0.88 -32.09
C ASP C 251 -4.92 -0.44 -31.42
N VAL C 252 -5.97 -0.25 -32.20
CA VAL C 252 -7.30 0.23 -31.73
C VAL C 252 -8.12 -0.96 -31.22
N LEU C 253 -8.61 -0.88 -29.99
CA LEU C 253 -9.54 -1.86 -29.40
C LEU C 253 -10.86 -1.82 -30.18
N VAL C 254 -11.30 -2.96 -30.69
CA VAL C 254 -12.59 -3.08 -31.43
C VAL C 254 -13.61 -3.72 -30.49
N HIS C 255 -13.24 -4.76 -29.74
CA HIS C 255 -14.18 -5.47 -28.82
C HIS C 255 -13.44 -6.07 -27.63
N GLU C 256 -14.04 -5.93 -26.45
CA GLU C 256 -13.69 -6.69 -25.22
C GLU C 256 -14.97 -6.95 -24.45
N ASP C 257 -15.02 -8.03 -23.68
CA ASP C 257 -16.20 -8.43 -22.88
C ASP C 257 -15.68 -8.94 -21.54
N PRO C 258 -15.28 -8.02 -20.62
CA PRO C 258 -14.66 -8.40 -19.36
C PRO C 258 -15.53 -9.33 -18.49
N GLU C 259 -16.85 -9.28 -18.68
CA GLU C 259 -17.82 -10.11 -17.93
C GLU C 259 -17.60 -11.59 -18.26
N HIS C 260 -17.17 -11.90 -19.49
CA HIS C 260 -17.06 -13.29 -20.02
C HIS C 260 -15.63 -13.59 -20.48
N PRO C 261 -14.66 -13.70 -19.55
CA PRO C 261 -13.27 -13.96 -19.92
C PRO C 261 -13.01 -15.32 -20.60
N PHE C 262 -13.90 -16.31 -20.46
CA PHE C 262 -13.73 -17.67 -21.05
C PHE C 262 -14.28 -17.70 -22.50
N TRP C 263 -15.01 -16.68 -22.92
CA TRP C 263 -15.55 -16.61 -24.31
C TRP C 263 -14.40 -16.43 -25.31
N ILE C 264 -14.52 -17.07 -26.48
CA ILE C 264 -13.57 -16.85 -27.61
C ILE C 264 -14.28 -16.03 -28.67
N SER C 265 -13.62 -14.95 -29.13
CA SER C 265 -14.26 -14.00 -30.07
C SER C 265 -13.27 -13.64 -31.18
N SER C 266 -13.82 -13.39 -32.36
CA SER C 266 -13.05 -13.03 -33.59
C SER C 266 -13.96 -12.22 -34.51
N VAL C 267 -13.35 -11.59 -35.52
CA VAL C 267 -14.09 -10.90 -36.60
C VAL C 267 -13.60 -11.44 -37.94
N GLN C 268 -14.48 -11.39 -38.94
CA GLN C 268 -14.22 -11.81 -40.34
C GLN C 268 -14.86 -10.77 -41.25
N LEU C 269 -14.11 -10.24 -42.22
CA LEU C 269 -14.62 -9.33 -43.27
C LEU C 269 -15.11 -10.19 -44.44
N THR C 270 -16.19 -9.78 -45.07
CA THR C 270 -16.66 -10.33 -46.38
C THR C 270 -15.57 -10.08 -47.41
N PRO C 271 -15.51 -10.88 -48.50
CA PRO C 271 -14.44 -10.74 -49.50
C PRO C 271 -14.26 -9.32 -50.05
N SER C 272 -15.35 -8.55 -50.18
CA SER C 272 -15.32 -7.14 -50.64
C SER C 272 -14.63 -6.24 -49.60
N GLY C 273 -14.59 -6.66 -48.33
CA GLY C 273 -14.03 -5.90 -47.20
C GLY C 273 -15.00 -4.87 -46.66
N ARG C 274 -16.26 -4.89 -47.11
CA ARG C 274 -17.28 -3.87 -46.72
C ARG C 274 -17.89 -4.21 -45.35
N TYR C 275 -18.28 -5.47 -45.14
CA TYR C 275 -18.99 -5.93 -43.91
C TYR C 275 -18.05 -6.71 -43.01
N ILE C 276 -18.22 -6.53 -41.70
CA ILE C 276 -17.44 -7.25 -40.65
C ILE C 276 -18.43 -8.05 -39.81
N LEU C 277 -18.20 -9.36 -39.70
CA LEU C 277 -18.94 -10.28 -38.80
C LEU C 277 -18.15 -10.40 -37.50
N PHE C 278 -18.78 -10.06 -36.38
CA PHE C 278 -18.32 -10.43 -35.02
C PHE C 278 -19.01 -11.74 -34.61
N ALA C 279 -18.24 -12.70 -34.12
CA ALA C 279 -18.75 -13.96 -33.55
C ALA C 279 -18.05 -14.24 -32.22
N ALA C 280 -18.82 -14.55 -31.19
CA ALA C 280 -18.34 -15.04 -29.88
C ALA C 280 -18.80 -16.49 -29.69
N SER C 281 -17.90 -17.34 -29.18
CA SER C 281 -18.19 -18.71 -28.71
C SER C 281 -18.06 -18.77 -27.17
N ARG C 282 -19.00 -19.45 -26.51
CA ARG C 282 -19.01 -19.63 -25.03
C ARG C 282 -18.85 -21.11 -24.66
N ASP C 283 -18.98 -22.05 -25.61
CA ASP C 283 -18.91 -23.49 -25.28
C ASP C 283 -18.53 -24.26 -26.53
N ALA C 284 -18.56 -25.60 -26.49
CA ALA C 284 -18.16 -26.45 -27.64
C ALA C 284 -19.32 -26.63 -28.64
N SER C 285 -20.49 -26.06 -28.38
CA SER C 285 -21.68 -26.19 -29.27
C SER C 285 -21.52 -25.28 -30.50
N HIS C 286 -22.20 -25.63 -31.60
CA HIS C 286 -22.24 -24.87 -32.88
C HIS C 286 -23.25 -23.71 -32.78
N THR C 287 -23.02 -22.82 -31.81
CA THR C 287 -23.88 -21.66 -31.51
C THR C 287 -22.97 -20.46 -31.23
N GLN C 288 -23.42 -19.26 -31.62
CA GLN C 288 -22.64 -18.01 -31.50
C GLN C 288 -23.55 -16.87 -31.05
N LEU C 289 -22.94 -15.86 -30.43
CA LEU C 289 -23.42 -14.46 -30.42
C LEU C 289 -22.79 -13.78 -31.64
N VAL C 290 -23.60 -13.23 -32.53
CA VAL C 290 -23.16 -12.69 -33.85
C VAL C 290 -23.68 -11.27 -34.01
N LYS C 291 -22.85 -10.40 -34.60
CA LYS C 291 -23.16 -8.99 -34.97
C LYS C 291 -22.51 -8.68 -36.32
N ILE C 292 -23.16 -7.85 -37.14
CA ILE C 292 -22.65 -7.36 -38.46
C ILE C 292 -22.51 -5.84 -38.36
N ALA C 293 -21.40 -5.30 -38.84
CA ALA C 293 -21.22 -3.84 -39.03
C ALA C 293 -20.83 -3.57 -40.49
N ASP C 294 -21.24 -2.41 -40.99
CA ASP C 294 -20.93 -1.90 -42.35
C ASP C 294 -19.77 -0.92 -42.18
N LEU C 295 -18.57 -1.26 -42.65
CA LEU C 295 -17.36 -0.43 -42.43
C LEU C 295 -17.47 0.91 -43.18
N HIS C 296 -18.39 1.04 -44.13
CA HIS C 296 -18.65 2.32 -44.87
C HIS C 296 -19.43 3.30 -43.98
N GLU C 297 -20.03 2.85 -42.87
CA GLU C 297 -20.77 3.70 -41.90
C GLU C 297 -19.89 4.14 -40.73
N ASN C 298 -18.82 3.41 -40.41
CA ASN C 298 -18.14 3.46 -39.09
C ASN C 298 -16.67 3.85 -39.27
N ASP C 299 -16.06 4.48 -38.27
CA ASP C 299 -14.60 4.47 -38.04
C ASP C 299 -14.26 3.24 -37.19
N ILE C 300 -13.11 2.60 -37.43
CA ILE C 300 -12.65 1.38 -36.70
C ILE C 300 -12.45 1.77 -35.23
N GLY C 301 -13.07 1.02 -34.30
CA GLY C 301 -12.98 1.28 -32.86
C GLY C 301 -14.16 0.69 -32.11
N THR C 302 -14.40 1.20 -30.90
CA THR C 302 -15.50 0.80 -29.99
C THR C 302 -16.73 1.69 -30.24
N ASN C 303 -16.69 2.55 -31.26
CA ASN C 303 -17.83 3.41 -31.71
C ASN C 303 -18.33 2.94 -33.08
N MET C 304 -18.57 1.65 -33.25
CA MET C 304 -19.08 1.04 -34.49
C MET C 304 -20.55 0.66 -34.29
N LYS C 305 -21.36 0.85 -35.33
CA LYS C 305 -22.82 0.54 -35.35
C LYS C 305 -22.99 -0.95 -35.66
N TRP C 306 -22.94 -1.79 -34.63
CA TRP C 306 -23.18 -3.25 -34.75
C TRP C 306 -24.68 -3.50 -34.90
N LYS C 307 -25.05 -4.34 -35.86
CA LYS C 307 -26.45 -4.78 -36.14
C LYS C 307 -26.56 -6.25 -35.73
N ASN C 308 -27.67 -6.65 -35.10
CA ASN C 308 -27.82 -8.09 -34.70
C ASN C 308 -28.25 -8.87 -35.95
N LEU C 309 -27.48 -9.91 -36.28
CA LEU C 309 -27.69 -10.88 -37.37
C LEU C 309 -28.78 -11.88 -36.97
N HIS C 310 -28.72 -12.35 -35.72
CA HIS C 310 -29.71 -13.30 -35.15
C HIS C 310 -29.57 -13.33 -33.62
N ASP C 311 -30.61 -13.78 -32.92
CA ASP C 311 -30.63 -13.95 -31.46
C ASP C 311 -29.42 -14.78 -31.05
N PRO C 312 -28.78 -14.46 -29.90
CA PRO C 312 -27.55 -15.14 -29.52
C PRO C 312 -27.79 -16.60 -29.13
N TRP C 313 -26.80 -17.45 -29.40
CA TRP C 313 -26.62 -18.83 -28.88
C TRP C 313 -27.62 -19.79 -29.50
N GLU C 314 -28.16 -19.48 -30.68
CA GLU C 314 -29.11 -20.38 -31.41
C GLU C 314 -28.41 -21.04 -32.60
N ALA C 315 -27.45 -20.36 -33.24
CA ALA C 315 -26.86 -20.85 -34.50
C ALA C 315 -25.43 -20.33 -34.69
N ARG C 316 -24.72 -20.96 -35.62
CA ARG C 316 -23.36 -20.56 -36.06
C ARG C 316 -23.49 -20.01 -37.48
N PHE C 317 -22.68 -19.00 -37.82
CA PHE C 317 -22.71 -18.29 -39.13
C PHE C 317 -21.28 -18.12 -39.65
N THR C 318 -21.03 -18.55 -40.89
CA THR C 318 -19.72 -18.44 -41.57
C THR C 318 -19.92 -17.73 -42.91
N ILE C 319 -19.06 -16.76 -43.24
CA ILE C 319 -19.17 -15.95 -44.49
C ILE C 319 -18.78 -16.81 -45.68
N VAL C 320 -19.61 -16.83 -46.73
CA VAL C 320 -19.34 -17.52 -48.02
C VAL C 320 -18.96 -16.49 -49.09
N GLY C 321 -19.57 -15.31 -49.06
CA GLY C 321 -19.28 -14.19 -49.97
C GLY C 321 -20.21 -13.01 -49.74
N ASP C 322 -20.20 -12.03 -50.64
CA ASP C 322 -21.11 -10.86 -50.58
C ASP C 322 -21.37 -10.31 -51.99
N GLU C 323 -22.52 -9.66 -52.15
CA GLU C 323 -22.98 -8.98 -53.39
C GLU C 323 -23.69 -7.70 -52.95
N GLY C 324 -22.98 -6.58 -52.95
CA GLY C 324 -23.51 -5.29 -52.43
C GLY C 324 -23.85 -5.41 -50.96
N SER C 325 -25.12 -5.19 -50.56
CA SER C 325 -25.57 -5.29 -49.15
C SER C 325 -25.92 -6.73 -48.76
N LYS C 326 -25.96 -7.64 -49.75
CA LYS C 326 -26.31 -9.07 -49.53
C LYS C 326 -25.06 -9.84 -49.09
N ILE C 327 -25.15 -10.58 -47.98
CA ILE C 327 -24.06 -11.46 -47.47
C ILE C 327 -24.53 -12.92 -47.58
N TYR C 328 -23.71 -13.79 -48.16
CA TYR C 328 -23.95 -15.26 -48.22
C TYR C 328 -23.35 -15.91 -46.97
N PHE C 329 -24.15 -16.68 -46.24
CA PHE C 329 -23.74 -17.40 -45.02
C PHE C 329 -23.98 -18.90 -45.18
N MET C 330 -22.99 -19.68 -44.73
CA MET C 330 -23.19 -21.08 -44.29
C MET C 330 -23.62 -21.03 -42.82
N THR C 331 -24.77 -21.61 -42.49
CA THR C 331 -25.38 -21.51 -41.14
C THR C 331 -26.20 -22.75 -40.83
N ASN C 332 -26.31 -23.09 -39.54
CA ASN C 332 -27.17 -24.19 -39.04
C ASN C 332 -28.44 -23.60 -38.42
N LEU C 333 -28.79 -22.34 -38.71
CA LEU C 333 -29.99 -21.67 -38.14
C LEU C 333 -31.24 -22.44 -38.61
N LYS C 334 -31.95 -23.07 -37.68
CA LYS C 334 -33.14 -23.93 -37.93
C LYS C 334 -32.81 -24.99 -38.98
N ALA C 335 -31.56 -25.47 -39.00
CA ALA C 335 -31.04 -26.42 -40.00
C ALA C 335 -29.77 -27.08 -39.47
N LYS C 336 -29.92 -28.09 -38.61
CA LYS C 336 -28.80 -28.71 -37.84
C LYS C 336 -27.74 -29.27 -38.81
N ASN C 337 -28.12 -29.68 -40.02
CA ASN C 337 -27.20 -30.24 -41.05
C ASN C 337 -26.55 -29.11 -41.88
N TYR C 338 -26.83 -27.85 -41.52
CA TYR C 338 -26.30 -26.62 -42.17
C TYR C 338 -26.94 -26.43 -43.55
N LYS C 339 -26.91 -25.18 -43.99
CA LYS C 339 -27.51 -24.74 -45.27
C LYS C 339 -26.79 -23.47 -45.71
N VAL C 340 -27.08 -22.97 -46.91
CA VAL C 340 -26.59 -21.64 -47.36
C VAL C 340 -27.80 -20.69 -47.41
N ALA C 341 -27.65 -19.53 -46.76
CA ALA C 341 -28.69 -18.48 -46.67
C ALA C 341 -28.05 -17.12 -46.88
N THR C 342 -28.84 -16.17 -47.38
CA THR C 342 -28.39 -14.78 -47.65
C THR C 342 -29.03 -13.85 -46.62
N PHE C 343 -28.27 -12.84 -46.22
CA PHE C 343 -28.68 -11.76 -45.29
C PHE C 343 -28.52 -10.43 -46.02
N ASP C 344 -29.53 -9.58 -45.94
CA ASP C 344 -29.47 -8.18 -46.41
C ASP C 344 -29.11 -7.28 -45.22
N ALA C 345 -27.86 -6.80 -45.18
CA ALA C 345 -27.34 -5.96 -44.07
C ALA C 345 -28.10 -4.63 -44.02
N ASN C 346 -28.76 -4.24 -45.12
CA ASN C 346 -29.61 -3.01 -45.20
C ASN C 346 -31.00 -3.27 -44.59
N HIS C 347 -31.38 -4.53 -44.37
CA HIS C 347 -32.65 -4.94 -43.70
C HIS C 347 -32.38 -6.08 -42.72
N PRO C 348 -31.63 -5.81 -41.61
CA PRO C 348 -31.24 -6.87 -40.68
C PRO C 348 -32.42 -7.64 -40.08
N ASP C 349 -33.52 -6.93 -39.83
CA ASP C 349 -34.72 -7.42 -39.10
C ASP C 349 -35.49 -8.43 -39.96
N GLU C 350 -35.26 -8.45 -41.27
CA GLU C 350 -35.90 -9.43 -42.19
C GLU C 350 -35.27 -10.81 -42.00
N GLY C 351 -34.06 -10.88 -41.44
CA GLY C 351 -33.35 -12.13 -41.18
C GLY C 351 -32.81 -12.76 -42.46
N LEU C 352 -32.66 -14.09 -42.47
CA LEU C 352 -31.94 -14.86 -43.53
C LEU C 352 -32.97 -15.39 -44.54
N THR C 353 -32.61 -15.42 -45.82
CA THR C 353 -33.38 -16.10 -46.91
C THR C 353 -32.59 -17.34 -47.35
N THR C 354 -33.25 -18.49 -47.43
CA THR C 354 -32.61 -19.77 -47.81
C THR C 354 -32.22 -19.71 -49.30
N LEU C 355 -30.96 -20.01 -49.61
CA LEU C 355 -30.48 -20.16 -51.02
C LEU C 355 -30.35 -21.66 -51.33
N ILE C 356 -29.60 -22.37 -50.49
CA ILE C 356 -29.45 -23.85 -50.53
C ILE C 356 -30.09 -24.42 -49.26
N ALA C 357 -31.18 -25.17 -49.44
CA ALA C 357 -31.95 -25.78 -48.33
C ALA C 357 -31.05 -26.77 -47.60
N GLU C 358 -31.29 -26.94 -46.30
CA GLU C 358 -30.71 -28.05 -45.52
C GLU C 358 -31.02 -29.38 -46.25
N ASP C 359 -30.01 -30.23 -46.41
CA ASP C 359 -30.21 -31.64 -46.84
C ASP C 359 -30.45 -32.45 -45.58
N PRO C 360 -31.65 -33.07 -45.41
CA PRO C 360 -31.94 -33.84 -44.20
C PRO C 360 -31.03 -35.06 -44.02
N ASN C 361 -30.32 -35.48 -45.08
CA ASN C 361 -29.53 -36.74 -45.12
C ASN C 361 -28.06 -36.46 -45.48
N ALA C 362 -27.57 -35.23 -45.32
CA ALA C 362 -26.14 -34.90 -45.59
C ALA C 362 -25.75 -33.63 -44.86
N PHE C 363 -24.65 -33.71 -44.11
CA PHE C 363 -24.05 -32.57 -43.36
C PHE C 363 -23.30 -31.71 -44.38
N LEU C 364 -23.69 -30.44 -44.52
CA LEU C 364 -22.97 -29.47 -45.37
C LEU C 364 -21.72 -29.00 -44.60
N VAL C 365 -20.54 -29.29 -45.15
CA VAL C 365 -19.22 -29.10 -44.50
C VAL C 365 -18.59 -27.77 -44.96
N SER C 366 -18.81 -27.34 -46.21
CA SER C 366 -18.31 -26.02 -46.72
C SER C 366 -19.06 -25.57 -47.97
N ALA C 367 -19.07 -24.25 -48.18
CA ALA C 367 -19.67 -23.59 -49.36
C ALA C 367 -18.73 -22.46 -49.78
N SER C 368 -18.42 -22.35 -51.07
CA SER C 368 -17.52 -21.31 -51.61
C SER C 368 -17.93 -20.97 -53.04
N ILE C 369 -17.61 -19.75 -53.46
CA ILE C 369 -18.02 -19.23 -54.79
C ILE C 369 -16.79 -19.22 -55.71
N HIS C 370 -16.98 -19.67 -56.96
CA HIS C 370 -15.92 -19.83 -57.99
C HIS C 370 -16.48 -19.38 -59.33
N ALA C 371 -15.61 -18.94 -60.23
CA ALA C 371 -15.98 -18.55 -61.61
C ALA C 371 -17.23 -17.66 -61.56
N GLN C 372 -17.21 -16.64 -60.67
CA GLN C 372 -18.21 -15.56 -60.50
C GLN C 372 -19.51 -16.06 -59.84
N ASP C 373 -20.15 -17.12 -60.37
CA ASP C 373 -21.53 -17.49 -59.96
C ASP C 373 -21.67 -19.00 -59.81
N LYS C 374 -20.59 -19.74 -59.58
CA LYS C 374 -20.65 -21.20 -59.31
C LYS C 374 -20.45 -21.40 -57.80
N LEU C 375 -21.45 -21.99 -57.15
CA LEU C 375 -21.43 -22.29 -55.69
C LEU C 375 -21.00 -23.74 -55.51
N LEU C 376 -19.81 -23.95 -54.95
CA LEU C 376 -19.24 -25.30 -54.69
C LEU C 376 -19.59 -25.71 -53.25
N LEU C 377 -20.36 -26.78 -53.10
CA LEU C 377 -20.81 -27.34 -51.80
C LEU C 377 -20.06 -28.64 -51.56
N VAL C 378 -19.51 -28.82 -50.35
CA VAL C 378 -18.92 -30.11 -49.92
C VAL C 378 -19.87 -30.71 -48.89
N TYR C 379 -20.43 -31.88 -49.21
CA TYR C 379 -21.34 -32.62 -48.32
C TYR C 379 -20.61 -33.83 -47.74
N LEU C 380 -20.97 -34.19 -46.52
CA LEU C 380 -20.55 -35.43 -45.83
C LEU C 380 -21.67 -36.45 -45.96
N ARG C 381 -21.44 -37.51 -46.75
CA ARG C 381 -22.34 -38.69 -46.88
C ARG C 381 -21.51 -39.98 -46.93
N ASN C 382 -21.95 -41.01 -46.22
CA ASN C 382 -21.20 -42.27 -45.99
C ASN C 382 -19.80 -41.92 -45.44
N ALA C 383 -19.70 -40.96 -44.52
CA ALA C 383 -18.49 -40.57 -43.77
C ALA C 383 -17.34 -40.17 -44.72
N SER C 384 -17.65 -39.60 -45.88
CA SER C 384 -16.64 -39.01 -46.82
C SER C 384 -17.28 -37.87 -47.62
N HIS C 385 -16.46 -37.12 -48.37
CA HIS C 385 -16.85 -35.84 -49.02
C HIS C 385 -17.46 -36.08 -50.41
N GLU C 386 -18.52 -35.34 -50.73
CA GLU C 386 -19.09 -35.17 -52.09
C GLU C 386 -19.05 -33.70 -52.46
N ILE C 387 -18.64 -33.37 -53.69
CA ILE C 387 -18.68 -31.99 -54.22
C ILE C 387 -19.87 -31.87 -55.17
N HIS C 388 -20.77 -30.93 -54.86
CA HIS C 388 -21.94 -30.54 -55.69
C HIS C 388 -21.71 -29.09 -56.15
N ILE C 389 -21.93 -28.83 -57.44
CA ILE C 389 -21.93 -27.44 -57.98
C ILE C 389 -23.39 -26.97 -58.08
N ARG C 390 -23.66 -25.75 -57.61
CA ARG C 390 -24.98 -25.07 -57.68
C ARG C 390 -24.81 -23.73 -58.39
N ASP C 391 -25.88 -23.23 -58.98
CA ASP C 391 -25.97 -21.85 -59.52
C ASP C 391 -26.13 -20.88 -58.33
N LEU C 392 -25.26 -19.87 -58.23
CA LEU C 392 -25.28 -18.89 -57.10
C LEU C 392 -26.60 -18.11 -57.11
N THR C 393 -27.12 -17.74 -58.28
CA THR C 393 -28.33 -16.88 -58.43
C THR C 393 -29.58 -17.63 -57.96
N THR C 394 -29.81 -18.83 -58.49
CA THR C 394 -31.08 -19.60 -58.33
C THR C 394 -30.92 -20.67 -57.25
N GLY C 395 -29.69 -21.17 -57.04
CA GLY C 395 -29.42 -22.33 -56.17
C GLY C 395 -29.65 -23.66 -56.89
N LYS C 396 -29.91 -23.63 -58.21
CA LYS C 396 -30.26 -24.84 -59.01
C LYS C 396 -29.04 -25.76 -59.07
N PRO C 397 -29.24 -27.10 -59.01
CA PRO C 397 -28.14 -28.06 -59.13
C PRO C 397 -27.53 -28.02 -60.54
N LEU C 398 -26.21 -27.90 -60.64
CA LEU C 398 -25.44 -27.94 -61.91
C LEU C 398 -24.66 -29.25 -62.02
N GLY C 399 -24.69 -30.08 -60.97
CA GLY C 399 -24.18 -31.47 -61.02
C GLY C 399 -23.00 -31.70 -60.08
N ARG C 400 -22.48 -32.92 -60.11
CA ARG C 400 -21.40 -33.40 -59.22
C ARG C 400 -20.05 -33.26 -59.95
N ILE C 401 -18.96 -33.10 -59.20
CA ILE C 401 -17.58 -33.31 -59.72
C ILE C 401 -16.81 -34.17 -58.73
N PHE C 402 -15.81 -34.92 -59.21
CA PHE C 402 -14.93 -35.81 -58.41
C PHE C 402 -15.76 -36.91 -57.71
N GLU C 403 -16.86 -37.35 -58.33
CA GLU C 403 -17.79 -38.41 -57.81
C GLU C 403 -17.06 -39.72 -57.60
N ASP C 404 -16.10 -40.02 -58.47
CA ASP C 404 -15.32 -41.29 -58.51
C ASP C 404 -14.34 -41.36 -57.34
N LEU C 405 -14.06 -40.25 -56.66
CA LEU C 405 -13.04 -40.18 -55.58
C LEU C 405 -13.70 -40.26 -54.20
N LEU C 406 -13.25 -41.23 -53.40
CA LEU C 406 -13.77 -41.52 -52.04
C LEU C 406 -12.72 -41.06 -51.03
N GLY C 407 -13.01 -39.99 -50.28
CA GLY C 407 -12.04 -39.37 -49.38
C GLY C 407 -12.48 -37.99 -48.96
N GLN C 408 -11.52 -37.07 -48.82
CA GLN C 408 -11.78 -35.66 -48.46
C GLN C 408 -11.07 -34.71 -49.43
N PHE C 409 -11.60 -33.49 -49.54
CA PHE C 409 -11.13 -32.45 -50.49
C PHE C 409 -10.78 -31.19 -49.71
N MET C 410 -9.67 -30.54 -50.08
CA MET C 410 -9.35 -29.14 -49.70
C MET C 410 -9.37 -28.34 -51.02
N VAL C 411 -10.28 -27.37 -51.12
CA VAL C 411 -10.54 -26.57 -52.36
C VAL C 411 -9.85 -25.21 -52.22
N SER C 412 -9.02 -24.86 -53.20
CA SER C 412 -8.39 -23.53 -53.40
C SER C 412 -8.97 -22.90 -54.66
N GLY C 413 -9.13 -21.59 -54.63
CA GLY C 413 -9.75 -20.83 -55.72
C GLY C 413 -10.71 -19.79 -55.17
N ARG C 414 -10.68 -18.62 -55.77
CA ARG C 414 -11.48 -17.44 -55.36
C ARG C 414 -12.64 -17.28 -56.35
N ARG C 415 -13.60 -16.42 -56.00
CA ARG C 415 -14.81 -16.14 -56.81
C ARG C 415 -14.42 -15.64 -58.21
N GLN C 416 -13.34 -14.86 -58.32
CA GLN C 416 -12.90 -14.25 -59.60
C GLN C 416 -12.16 -15.27 -60.49
N ASP C 417 -11.72 -16.41 -59.94
CA ASP C 417 -10.97 -17.45 -60.70
C ASP C 417 -11.93 -18.48 -61.31
N ASN C 418 -11.65 -18.89 -62.55
CA ASN C 418 -12.45 -19.91 -63.29
C ASN C 418 -11.96 -21.30 -62.95
N ASP C 419 -10.80 -21.40 -62.28
CA ASP C 419 -10.13 -22.66 -61.89
C ASP C 419 -10.23 -22.84 -60.37
N ILE C 420 -10.37 -24.09 -59.93
CA ILE C 420 -10.02 -24.52 -58.54
C ILE C 420 -8.85 -25.50 -58.62
N PHE C 421 -8.00 -25.49 -57.61
CA PHE C 421 -7.05 -26.58 -57.30
C PHE C 421 -7.62 -27.33 -56.09
N VAL C 422 -7.83 -28.64 -56.22
CA VAL C 422 -8.46 -29.52 -55.20
C VAL C 422 -7.42 -30.56 -54.78
N LEU C 423 -7.01 -30.51 -53.51
CA LEU C 423 -6.18 -31.55 -52.86
C LEU C 423 -7.12 -32.65 -52.38
N PHE C 424 -7.10 -33.79 -53.07
CA PHE C 424 -7.81 -35.03 -52.66
C PHE C 424 -6.86 -35.87 -51.80
N SER C 425 -7.37 -36.37 -50.68
CA SER C 425 -6.63 -37.27 -49.77
C SER C 425 -7.60 -38.26 -49.14
N SER C 426 -7.05 -39.41 -48.73
CA SER C 426 -7.81 -40.52 -48.12
C SER C 426 -6.84 -41.29 -47.22
N PHE C 427 -7.23 -42.47 -46.75
CA PHE C 427 -6.35 -43.39 -45.99
C PHE C 427 -5.19 -43.85 -46.89
N LEU C 428 -5.37 -43.81 -48.21
CA LEU C 428 -4.46 -44.42 -49.22
C LEU C 428 -3.75 -43.34 -50.04
N SER C 429 -4.41 -42.19 -50.27
CA SER C 429 -3.88 -41.08 -51.12
C SER C 429 -3.33 -39.97 -50.22
N PRO C 430 -2.00 -39.74 -50.21
CA PRO C 430 -1.43 -38.66 -49.39
C PRO C 430 -1.80 -37.24 -49.85
N GLY C 431 -2.10 -37.05 -51.13
CA GLY C 431 -2.38 -35.72 -51.70
C GLY C 431 -2.23 -35.72 -53.20
N THR C 432 -3.36 -35.75 -53.90
CA THR C 432 -3.46 -35.60 -55.36
C THR C 432 -4.11 -34.25 -55.61
N VAL C 433 -3.37 -33.35 -56.27
CA VAL C 433 -3.84 -31.98 -56.64
C VAL C 433 -4.46 -32.10 -58.04
N TYR C 434 -5.78 -31.96 -58.12
CA TYR C 434 -6.53 -31.82 -59.40
C TYR C 434 -6.76 -30.34 -59.67
N ARG C 435 -6.69 -29.98 -60.96
CA ARG C 435 -7.18 -28.68 -61.47
C ARG C 435 -8.55 -28.92 -62.10
N TYR C 436 -9.57 -28.16 -61.68
CA TYR C 436 -10.91 -28.18 -62.32
C TYR C 436 -11.23 -26.78 -62.84
N THR C 437 -11.53 -26.68 -64.15
CA THR C 437 -11.91 -25.42 -64.84
C THR C 437 -13.41 -25.45 -65.12
N PHE C 438 -14.15 -24.46 -64.62
CA PHE C 438 -15.62 -24.35 -64.81
C PHE C 438 -15.88 -23.93 -66.26
N GLY C 439 -16.87 -24.56 -66.89
CA GLY C 439 -17.30 -24.25 -68.27
C GLY C 439 -18.75 -23.81 -68.28
N GLU C 440 -19.33 -23.72 -69.47
CA GLU C 440 -20.74 -23.30 -69.70
C GLU C 440 -21.67 -24.44 -69.25
N GLU C 441 -21.54 -25.62 -69.85
CA GLU C 441 -22.42 -26.79 -69.58
C GLU C 441 -21.68 -27.86 -68.76
N LYS C 442 -20.37 -28.02 -68.98
CA LYS C 442 -19.49 -28.91 -68.16
C LYS C 442 -18.11 -28.29 -68.03
N GLY C 443 -17.33 -28.77 -67.06
CA GLY C 443 -15.96 -28.29 -66.81
C GLY C 443 -14.92 -29.23 -67.40
N TYR C 444 -13.65 -28.94 -67.06
CA TYR C 444 -12.48 -29.75 -67.47
C TYR C 444 -11.66 -30.10 -66.22
N ARG C 445 -11.49 -31.41 -66.00
CA ARG C 445 -10.71 -31.96 -64.86
C ARG C 445 -9.36 -32.46 -65.39
N SER C 446 -8.27 -32.14 -64.71
CA SER C 446 -6.94 -32.75 -64.96
C SER C 446 -6.25 -33.04 -63.62
N LEU C 447 -5.43 -34.08 -63.59
CA LEU C 447 -4.51 -34.38 -62.46
C LEU C 447 -3.28 -33.48 -62.61
N PHE C 448 -3.11 -32.50 -61.73
CA PHE C 448 -1.97 -31.55 -61.78
C PHE C 448 -0.72 -32.23 -61.20
N ARG C 449 -0.75 -32.61 -59.92
CA ARG C 449 0.40 -33.21 -59.22
C ARG C 449 -0.11 -34.18 -58.15
N ALA C 450 0.57 -35.32 -57.99
CA ALA C 450 0.30 -36.32 -56.94
C ALA C 450 1.53 -36.43 -56.05
N ILE C 451 1.32 -36.46 -54.73
CA ILE C 451 2.41 -36.79 -53.77
C ILE C 451 2.77 -38.26 -53.99
N SER C 452 4.07 -38.54 -54.11
CA SER C 452 4.61 -39.91 -54.18
C SER C 452 5.49 -40.18 -52.96
N ILE C 453 5.37 -41.39 -52.41
CA ILE C 453 6.14 -41.83 -51.21
C ILE C 453 7.11 -42.91 -51.68
N PRO C 454 8.40 -42.58 -51.91
CA PRO C 454 9.40 -43.56 -52.32
C PRO C 454 9.50 -44.76 -51.34
N GLY C 455 9.40 -44.49 -50.04
CA GLY C 455 9.68 -45.44 -48.96
C GLY C 455 8.61 -46.51 -48.79
N LEU C 456 7.43 -46.32 -49.37
CA LEU C 456 6.26 -47.25 -49.27
C LEU C 456 5.50 -47.21 -50.61
N ASN C 457 5.12 -48.39 -51.11
CA ASN C 457 4.26 -48.57 -52.30
C ASN C 457 2.78 -48.44 -51.90
N LEU C 458 2.19 -47.29 -52.23
CA LEU C 458 0.80 -46.91 -51.84
C LEU C 458 -0.23 -47.79 -52.56
N ASP C 459 0.16 -48.46 -53.65
CA ASP C 459 -0.73 -49.40 -54.41
C ASP C 459 -1.04 -50.66 -53.58
N ASP C 460 -0.30 -50.91 -52.50
CA ASP C 460 -0.39 -52.16 -51.71
C ASP C 460 -1.61 -52.11 -50.78
N PHE C 461 -2.32 -50.97 -50.68
CA PHE C 461 -3.33 -50.72 -49.61
C PHE C 461 -4.72 -50.47 -50.21
N MET C 462 -5.76 -50.84 -49.47
CA MET C 462 -7.19 -50.67 -49.89
C MET C 462 -8.00 -50.27 -48.66
N THR C 463 -9.12 -49.57 -48.87
CA THR C 463 -10.11 -49.20 -47.84
C THR C 463 -11.44 -49.84 -48.23
N GLU C 464 -12.05 -50.61 -47.31
CA GLU C 464 -13.43 -51.15 -47.47
C GLU C 464 -14.42 -50.28 -46.68
N SER C 465 -15.68 -50.29 -47.09
CA SER C 465 -16.84 -49.66 -46.41
C SER C 465 -17.80 -50.77 -45.97
N VAL C 466 -17.98 -50.94 -44.67
CA VAL C 466 -18.91 -51.95 -44.07
C VAL C 466 -19.90 -51.24 -43.14
N PHE C 467 -21.01 -51.91 -42.84
CA PHE C 467 -22.04 -51.45 -41.87
C PHE C 467 -22.27 -52.57 -40.86
N TYR C 468 -22.26 -52.25 -39.56
CA TYR C 468 -22.43 -53.22 -38.46
C TYR C 468 -23.51 -52.74 -37.50
N PRO C 469 -24.35 -53.65 -36.95
CA PRO C 469 -25.31 -53.28 -35.91
C PRO C 469 -24.62 -53.03 -34.57
N SER C 470 -24.93 -51.89 -33.93
CA SER C 470 -24.48 -51.57 -32.56
C SER C 470 -25.36 -52.34 -31.57
N LYS C 471 -25.06 -52.22 -30.28
CA LYS C 471 -25.82 -52.87 -29.17
C LYS C 471 -27.33 -52.61 -29.35
N ASP C 472 -27.73 -51.38 -29.72
CA ASP C 472 -29.17 -51.00 -29.82
C ASP C 472 -29.72 -51.29 -31.24
N GLY C 473 -28.92 -51.89 -32.12
CA GLY C 473 -29.35 -52.29 -33.48
C GLY C 473 -29.08 -51.23 -34.53
N THR C 474 -28.72 -50.01 -34.12
CA THR C 474 -28.36 -48.90 -35.03
C THR C 474 -27.27 -49.38 -35.99
N SER C 475 -27.46 -49.17 -37.30
CA SER C 475 -26.48 -49.48 -38.36
C SER C 475 -25.39 -48.41 -38.35
N VAL C 476 -24.15 -48.80 -38.06
CA VAL C 476 -22.97 -47.89 -37.96
C VAL C 476 -22.02 -48.19 -39.14
N HIS C 477 -21.54 -47.15 -39.81
CA HIS C 477 -20.57 -47.30 -40.92
C HIS C 477 -19.17 -47.48 -40.31
N MET C 478 -18.32 -48.30 -40.92
CA MET C 478 -16.89 -48.44 -40.55
C MET C 478 -16.05 -48.55 -41.82
N PHE C 479 -14.93 -47.80 -41.87
CA PHE C 479 -13.83 -47.97 -42.85
C PHE C 479 -12.85 -49.01 -42.31
N ILE C 480 -12.40 -49.92 -43.18
CA ILE C 480 -11.31 -50.90 -42.88
C ILE C 480 -10.23 -50.74 -43.96
N THR C 481 -9.10 -50.14 -43.57
CA THR C 481 -7.90 -49.95 -44.41
C THR C 481 -6.92 -51.08 -44.07
N ARG C 482 -6.33 -51.71 -45.09
CA ARG C 482 -5.46 -52.91 -44.93
C ARG C 482 -4.59 -53.07 -46.17
N PRO C 483 -3.50 -53.87 -46.08
CA PRO C 483 -2.79 -54.35 -47.25
C PRO C 483 -3.72 -55.29 -48.04
N LYS C 484 -3.64 -55.23 -49.37
CA LYS C 484 -4.50 -56.00 -50.30
C LYS C 484 -4.27 -57.52 -50.13
N ASP C 485 -3.07 -57.93 -49.72
CA ASP C 485 -2.63 -59.35 -49.68
C ASP C 485 -2.83 -59.97 -48.28
N VAL C 486 -3.41 -59.25 -47.33
CA VAL C 486 -3.66 -59.81 -45.96
C VAL C 486 -4.84 -60.79 -45.99
N LEU C 487 -4.66 -62.02 -45.50
CA LEU C 487 -5.75 -63.03 -45.31
C LEU C 487 -6.68 -62.60 -44.19
N LEU C 488 -7.99 -62.52 -44.44
CA LEU C 488 -9.02 -62.31 -43.39
C LEU C 488 -9.40 -63.69 -42.87
N ASP C 489 -8.53 -64.26 -42.02
CA ASP C 489 -8.66 -65.64 -41.48
C ASP C 489 -8.78 -65.59 -39.95
N GLY C 490 -9.05 -64.40 -39.41
CA GLY C 490 -9.27 -64.16 -37.96
C GLY C 490 -7.99 -64.16 -37.14
N THR C 491 -6.83 -63.87 -37.77
CA THR C 491 -5.51 -63.90 -37.08
C THR C 491 -4.88 -62.49 -37.05
N SER C 492 -5.38 -61.55 -37.86
CA SER C 492 -4.76 -60.22 -38.07
C SER C 492 -4.90 -59.35 -36.83
N PRO C 493 -3.84 -58.57 -36.49
CA PRO C 493 -3.98 -57.48 -35.53
C PRO C 493 -4.82 -56.35 -36.14
N VAL C 494 -5.48 -55.57 -35.28
CA VAL C 494 -6.24 -54.35 -35.66
C VAL C 494 -5.73 -53.20 -34.82
N LEU C 495 -5.52 -52.05 -35.46
CA LEU C 495 -5.46 -50.71 -34.80
C LEU C 495 -6.80 -50.02 -35.09
N GLN C 496 -7.63 -49.86 -34.06
CA GLN C 496 -9.01 -49.31 -34.13
C GLN C 496 -9.01 -47.93 -33.48
N TYR C 497 -9.23 -46.88 -34.29
CA TYR C 497 -9.19 -45.46 -33.88
C TYR C 497 -10.62 -44.93 -33.80
N GLY C 498 -10.91 -44.22 -32.71
CA GLY C 498 -12.22 -43.60 -32.46
C GLY C 498 -12.04 -42.23 -31.85
N TYR C 499 -13.08 -41.41 -31.98
CA TYR C 499 -13.23 -40.10 -31.29
C TYR C 499 -14.62 -40.09 -30.66
N GLY C 500 -15.67 -39.89 -31.47
CA GLY C 500 -17.08 -39.96 -31.04
C GLY C 500 -17.48 -38.75 -30.21
N GLY C 501 -17.63 -37.59 -30.86
CA GLY C 501 -18.11 -36.38 -30.20
C GLY C 501 -17.87 -35.13 -31.01
N PHE C 502 -18.52 -34.04 -30.58
CA PHE C 502 -18.24 -32.63 -30.99
C PHE C 502 -18.50 -32.46 -32.48
N SER C 503 -19.38 -33.29 -33.06
CA SER C 503 -19.76 -33.27 -34.50
C SER C 503 -18.52 -33.40 -35.38
N LEU C 504 -17.46 -34.03 -34.90
CA LEU C 504 -16.20 -34.24 -35.67
C LEU C 504 -16.28 -35.60 -36.37
N ALA C 505 -16.37 -35.56 -37.70
CA ALA C 505 -16.43 -36.73 -38.59
C ALA C 505 -15.04 -37.33 -38.71
N MET C 506 -14.94 -38.66 -38.62
CA MET C 506 -13.68 -39.40 -38.86
C MET C 506 -13.65 -39.76 -40.35
N LEU C 507 -13.17 -38.82 -41.16
CA LEU C 507 -13.10 -38.94 -42.63
C LEU C 507 -11.84 -39.70 -43.03
N PRO C 508 -11.80 -40.29 -44.24
CA PRO C 508 -10.55 -40.80 -44.78
C PRO C 508 -9.49 -39.70 -44.69
N THR C 509 -8.40 -39.96 -43.97
CA THR C 509 -7.30 -39.02 -43.67
C THR C 509 -5.99 -39.79 -43.86
N PHE C 510 -5.01 -39.21 -44.54
CA PHE C 510 -3.74 -39.92 -44.83
C PHE C 510 -2.84 -39.85 -43.60
N SER C 511 -2.34 -41.01 -43.18
CA SER C 511 -1.20 -41.19 -42.25
C SER C 511 -0.26 -42.26 -42.81
N LEU C 512 0.95 -41.87 -43.20
CA LEU C 512 1.98 -42.84 -43.67
C LEU C 512 2.24 -43.88 -42.58
N SER C 513 2.41 -43.42 -41.34
CA SER C 513 2.67 -44.25 -40.14
C SER C 513 1.64 -45.38 -40.07
N THR C 514 0.35 -45.07 -40.20
CA THR C 514 -0.75 -46.07 -40.15
C THR C 514 -0.56 -47.13 -41.22
N LEU C 515 -0.24 -46.72 -42.46
CA LEU C 515 0.00 -47.67 -43.57
C LEU C 515 1.23 -48.54 -43.27
N LEU C 516 2.27 -47.97 -42.65
CA LEU C 516 3.47 -48.75 -42.23
C LEU C 516 3.04 -49.80 -41.19
N PHE C 517 2.18 -49.44 -40.24
CA PHE C 517 1.66 -50.36 -39.20
C PHE C 517 0.94 -51.52 -39.88
N CYS C 518 0.13 -51.24 -40.91
CA CYS C 518 -0.64 -52.27 -41.65
C CYS C 518 0.33 -53.23 -42.36
N LYS C 519 1.34 -52.70 -43.07
CA LYS C 519 2.29 -53.51 -43.86
C LYS C 519 3.19 -54.33 -42.93
N ILE C 520 3.79 -53.69 -41.92
CA ILE C 520 4.87 -54.26 -41.07
C ILE C 520 4.27 -55.33 -40.13
N TYR C 521 3.04 -55.16 -39.65
CA TYR C 521 2.37 -56.12 -38.72
C TYR C 521 1.24 -56.89 -39.40
N ARG C 522 1.10 -56.75 -40.73
CA ARG C 522 0.04 -57.44 -41.52
C ARG C 522 -1.32 -57.14 -40.88
N ALA C 523 -1.56 -55.86 -40.58
CA ALA C 523 -2.65 -55.39 -39.69
C ALA C 523 -3.70 -54.62 -40.48
N ILE C 524 -4.87 -54.52 -39.86
CA ILE C 524 -6.07 -53.77 -40.34
C ILE C 524 -6.16 -52.48 -39.52
N TYR C 525 -6.48 -51.37 -40.17
CA TYR C 525 -6.73 -50.05 -39.55
C TYR C 525 -8.23 -49.74 -39.64
N ALA C 526 -8.94 -49.85 -38.52
CA ALA C 526 -10.41 -49.78 -38.45
C ALA C 526 -10.84 -48.40 -37.93
N ILE C 527 -11.72 -47.74 -38.68
CA ILE C 527 -12.32 -46.43 -38.31
C ILE C 527 -13.84 -46.60 -38.29
N PRO C 528 -14.42 -47.03 -37.14
CA PRO C 528 -15.87 -47.04 -36.99
C PRO C 528 -16.39 -45.61 -36.82
N ASN C 529 -17.37 -45.22 -37.64
CA ASN C 529 -17.96 -43.86 -37.63
C ASN C 529 -19.04 -43.83 -36.55
N ILE C 530 -18.60 -43.93 -35.28
CA ILE C 530 -19.47 -44.06 -34.08
C ILE C 530 -20.24 -42.76 -33.86
N ARG C 531 -21.33 -42.81 -33.10
CA ARG C 531 -22.15 -41.64 -32.73
C ARG C 531 -21.29 -40.62 -31.97
N GLY C 532 -21.74 -39.36 -31.94
CA GLY C 532 -20.97 -38.20 -31.46
C GLY C 532 -20.37 -37.41 -32.60
N GLY C 533 -20.03 -38.07 -33.71
CA GLY C 533 -19.53 -37.41 -34.93
C GLY C 533 -20.67 -36.90 -35.79
N SER C 534 -20.35 -36.30 -36.94
CA SER C 534 -21.34 -35.69 -37.88
C SER C 534 -21.51 -36.56 -39.13
N GLU C 535 -21.01 -37.79 -39.13
CA GLU C 535 -20.90 -38.64 -40.36
C GLU C 535 -22.29 -38.84 -40.97
N TYR C 536 -23.34 -38.93 -40.17
CA TYR C 536 -24.75 -39.09 -40.65
C TYR C 536 -25.58 -37.88 -40.16
N GLY C 537 -24.97 -36.71 -40.21
CA GLY C 537 -25.60 -35.43 -39.88
C GLY C 537 -25.50 -35.11 -38.41
N GLU C 538 -26.12 -34.00 -38.00
CA GLU C 538 -25.96 -33.45 -36.64
C GLU C 538 -26.71 -34.36 -35.64
N SER C 539 -27.74 -35.08 -36.08
CA SER C 539 -28.49 -36.02 -35.19
C SER C 539 -27.55 -37.13 -34.71
N TRP C 540 -26.57 -37.50 -35.54
CA TRP C 540 -25.54 -38.52 -35.20
C TRP C 540 -24.75 -38.05 -33.98
N HIS C 541 -24.48 -36.74 -33.89
CA HIS C 541 -23.80 -36.11 -32.74
C HIS C 541 -24.73 -36.13 -31.53
N ARG C 542 -25.99 -35.72 -31.73
CA ARG C 542 -26.98 -35.63 -30.62
C ARG C 542 -27.19 -37.00 -29.99
N GLU C 543 -27.10 -38.09 -30.77
CA GLU C 543 -27.32 -39.48 -30.30
C GLU C 543 -26.07 -40.03 -29.63
N GLY C 544 -25.02 -39.22 -29.44
CA GLY C 544 -23.75 -39.65 -28.83
C GLY C 544 -23.15 -38.57 -27.93
N MET C 545 -24.01 -37.84 -27.22
CA MET C 545 -23.60 -36.77 -26.28
C MET C 545 -24.53 -36.78 -25.07
N LEU C 546 -24.15 -36.03 -24.02
CA LEU C 546 -24.92 -35.87 -22.77
C LEU C 546 -25.32 -37.26 -22.23
N ASP C 547 -26.63 -37.49 -22.01
CA ASP C 547 -27.16 -38.73 -21.42
C ASP C 547 -27.04 -39.88 -22.41
N LYS C 548 -26.66 -39.62 -23.67
CA LYS C 548 -26.50 -40.69 -24.69
C LYS C 548 -25.02 -40.93 -25.01
N LYS C 549 -24.10 -40.41 -24.22
CA LYS C 549 -22.64 -40.64 -24.45
C LYS C 549 -22.33 -42.15 -24.47
N GLN C 550 -23.03 -42.95 -23.66
CA GLN C 550 -22.81 -44.42 -23.56
C GLN C 550 -22.96 -45.07 -24.95
N ASN C 551 -23.82 -44.52 -25.82
CA ASN C 551 -23.99 -45.00 -27.22
C ASN C 551 -22.65 -45.03 -27.96
N VAL C 552 -21.79 -44.04 -27.70
CA VAL C 552 -20.45 -43.92 -28.36
C VAL C 552 -19.62 -45.16 -28.02
N PHE C 553 -19.56 -45.50 -26.72
CA PHE C 553 -18.76 -46.63 -26.20
C PHE C 553 -19.34 -47.95 -26.76
N ASP C 554 -20.67 -48.07 -26.76
CA ASP C 554 -21.40 -49.25 -27.28
C ASP C 554 -21.09 -49.43 -28.76
N ASP C 555 -21.11 -48.35 -29.54
CA ASP C 555 -20.76 -48.38 -30.99
C ASP C 555 -19.33 -48.93 -31.16
N PHE C 556 -18.39 -48.46 -30.36
CA PHE C 556 -16.95 -48.79 -30.49
C PHE C 556 -16.74 -50.28 -30.13
N ASN C 557 -17.33 -50.73 -29.01
CA ASN C 557 -17.23 -52.14 -28.55
C ASN C 557 -17.85 -53.05 -29.61
N ALA C 558 -19.01 -52.68 -30.16
CA ALA C 558 -19.73 -53.46 -31.19
C ALA C 558 -18.87 -53.57 -32.48
N ALA C 559 -18.13 -52.53 -32.83
CA ALA C 559 -17.19 -52.54 -33.98
C ALA C 559 -16.15 -53.64 -33.77
N THR C 560 -15.55 -53.71 -32.57
CA THR C 560 -14.53 -54.74 -32.21
C THR C 560 -15.16 -56.14 -32.29
N GLU C 561 -16.35 -56.32 -31.71
CA GLU C 561 -17.05 -57.63 -31.72
C GLU C 561 -17.32 -58.08 -33.16
N TRP C 562 -17.70 -57.14 -34.03
CA TRP C 562 -18.01 -57.40 -35.46
C TRP C 562 -16.74 -57.86 -36.20
N LEU C 563 -15.63 -57.13 -36.03
CA LEU C 563 -14.32 -57.47 -36.66
C LEU C 563 -13.91 -58.90 -36.28
N ILE C 564 -14.09 -59.30 -35.01
CA ILE C 564 -13.75 -60.66 -34.49
C ILE C 564 -14.71 -61.69 -35.11
N ALA C 565 -16.02 -61.43 -35.02
CA ALA C 565 -17.09 -62.35 -35.49
C ALA C 565 -16.95 -62.63 -37.00
N ASN C 566 -16.48 -61.65 -37.78
CA ASN C 566 -16.39 -61.71 -39.26
C ASN C 566 -14.95 -62.03 -39.71
N LYS C 567 -14.07 -62.36 -38.77
CA LYS C 567 -12.70 -62.92 -39.03
C LYS C 567 -11.76 -61.87 -39.65
N TYR C 568 -12.06 -60.60 -39.48
CA TYR C 568 -11.13 -59.49 -39.85
C TYR C 568 -9.94 -59.50 -38.89
N ALA C 569 -10.19 -59.80 -37.62
CA ALA C 569 -9.19 -59.61 -36.53
C ALA C 569 -9.24 -60.80 -35.56
N SER C 570 -8.08 -61.14 -34.98
CA SER C 570 -7.94 -62.06 -33.83
C SER C 570 -8.58 -61.41 -32.59
N LYS C 571 -9.34 -62.20 -31.82
CA LYS C 571 -9.89 -61.78 -30.50
C LYS C 571 -8.75 -61.32 -29.57
N ASP C 572 -7.51 -61.76 -29.83
CA ASP C 572 -6.34 -61.53 -28.94
C ASP C 572 -5.46 -60.36 -29.42
N ARG C 573 -5.83 -59.67 -30.50
CA ARG C 573 -4.94 -58.67 -31.15
C ARG C 573 -5.69 -57.40 -31.52
N ILE C 574 -6.62 -56.97 -30.67
CA ILE C 574 -7.32 -55.67 -30.83
C ILE C 574 -6.53 -54.61 -30.06
N ALA C 575 -5.98 -53.62 -30.76
CA ALA C 575 -5.43 -52.38 -30.19
C ALA C 575 -6.42 -51.23 -30.49
N ILE C 576 -6.80 -50.46 -29.49
CA ILE C 576 -7.66 -49.25 -29.66
C ILE C 576 -6.85 -48.00 -29.31
N ARG C 577 -7.20 -46.90 -29.94
CA ARG C 577 -6.47 -45.61 -29.82
C ARG C 577 -7.47 -44.46 -29.94
N GLY C 578 -7.18 -43.37 -29.24
CA GLY C 578 -8.03 -42.18 -29.14
C GLY C 578 -7.29 -41.06 -28.45
N GLY C 579 -7.67 -39.82 -28.73
CA GLY C 579 -7.03 -38.61 -28.18
C GLY C 579 -8.07 -37.60 -27.75
N SER C 580 -7.79 -36.86 -26.68
CA SER C 580 -8.69 -35.80 -26.16
C SER C 580 -10.04 -36.44 -25.81
N ASN C 581 -11.14 -36.06 -26.47
CA ASN C 581 -12.46 -36.73 -26.31
C ASN C 581 -12.34 -38.23 -26.62
N GLY C 582 -11.44 -38.60 -27.54
CA GLY C 582 -11.14 -40.00 -27.89
C GLY C 582 -10.62 -40.80 -26.70
N GLY C 583 -10.02 -40.10 -25.72
CA GLY C 583 -9.49 -40.68 -24.46
C GLY C 583 -10.60 -41.06 -23.49
N VAL C 584 -11.74 -40.39 -23.53
CA VAL C 584 -12.94 -40.84 -22.77
C VAL C 584 -13.35 -42.20 -23.35
N LEU C 585 -13.32 -42.32 -24.68
CA LEU C 585 -13.70 -43.54 -25.44
C LEU C 585 -12.78 -44.70 -25.04
N THR C 586 -11.45 -44.52 -25.12
CA THR C 586 -10.46 -45.60 -24.86
C THR C 586 -10.56 -46.05 -23.39
N THR C 587 -10.62 -45.11 -22.44
CA THR C 587 -10.60 -45.40 -20.99
C THR C 587 -11.94 -46.01 -20.57
N ALA C 588 -13.06 -45.52 -21.10
CA ALA C 588 -14.40 -46.10 -20.83
C ALA C 588 -14.45 -47.53 -21.36
N CYS C 589 -14.08 -47.74 -22.63
CA CYS C 589 -14.16 -49.07 -23.30
C CYS C 589 -13.24 -50.06 -22.58
N ALA C 590 -12.06 -49.61 -22.13
CA ALA C 590 -11.11 -50.45 -21.34
C ALA C 590 -11.76 -50.88 -20.02
N ASN C 591 -12.53 -50.00 -19.37
CA ASN C 591 -13.24 -50.29 -18.10
C ASN C 591 -14.42 -51.23 -18.36
N GLN C 592 -15.18 -51.01 -19.44
CA GLN C 592 -16.51 -51.67 -19.64
C GLN C 592 -16.35 -53.02 -20.34
N ALA C 593 -15.26 -53.23 -21.10
CA ALA C 593 -15.01 -54.47 -21.87
C ALA C 593 -13.51 -54.75 -21.95
N PRO C 594 -12.82 -54.88 -20.80
CA PRO C 594 -11.36 -55.07 -20.79
C PRO C 594 -10.93 -56.32 -21.56
N GLY C 595 -11.79 -57.33 -21.60
CA GLY C 595 -11.53 -58.64 -22.25
C GLY C 595 -11.52 -58.55 -23.78
N LEU C 596 -12.04 -57.48 -24.37
CA LEU C 596 -12.05 -57.29 -25.85
C LEU C 596 -10.67 -56.82 -26.34
N TYR C 597 -9.92 -56.13 -25.49
CA TYR C 597 -8.79 -55.26 -25.91
C TYR C 597 -7.48 -55.81 -25.37
N ARG C 598 -6.47 -55.88 -26.23
CA ARG C 598 -5.10 -56.34 -25.86
C ARG C 598 -4.21 -55.12 -25.59
N CYS C 599 -4.46 -53.99 -26.27
CA CYS C 599 -3.64 -52.76 -26.11
C CYS C 599 -4.55 -51.53 -26.22
N VAL C 600 -4.32 -50.54 -25.36
CA VAL C 600 -5.09 -49.26 -25.35
C VAL C 600 -4.10 -48.10 -25.36
N ILE C 601 -4.16 -47.28 -26.41
CA ILE C 601 -3.37 -46.03 -26.58
C ILE C 601 -4.30 -44.84 -26.33
N THR C 602 -3.97 -44.01 -25.35
CA THR C 602 -4.71 -42.77 -25.00
C THR C 602 -3.75 -41.58 -25.17
N ILE C 603 -4.10 -40.62 -26.04
CA ILE C 603 -3.33 -39.36 -26.27
C ILE C 603 -4.07 -38.22 -25.56
N GLU C 604 -3.38 -37.52 -24.65
CA GLU C 604 -3.93 -36.33 -23.91
C GLU C 604 -5.42 -36.60 -23.61
N GLY C 605 -5.74 -37.65 -22.87
CA GLY C 605 -7.12 -38.10 -22.64
C GLY C 605 -7.83 -37.18 -21.67
N ILE C 606 -9.11 -36.92 -21.92
CA ILE C 606 -10.09 -36.46 -20.88
C ILE C 606 -10.63 -37.73 -20.23
N ILE C 607 -10.49 -37.85 -18.90
CA ILE C 607 -10.73 -39.12 -18.16
C ILE C 607 -11.55 -38.86 -16.90
N ASP C 608 -11.22 -37.81 -16.12
CA ASP C 608 -12.03 -37.39 -14.95
C ASP C 608 -13.22 -36.55 -15.44
N MET C 609 -14.39 -37.18 -15.57
CA MET C 609 -15.59 -36.51 -16.15
C MET C 609 -16.38 -35.76 -15.07
N LEU C 610 -15.92 -35.75 -13.80
CA LEU C 610 -16.52 -34.92 -12.72
C LEU C 610 -15.75 -33.60 -12.60
N ARG C 611 -14.43 -33.61 -12.77
CA ARG C 611 -13.53 -32.46 -12.46
C ARG C 611 -13.17 -31.67 -13.72
N PHE C 612 -13.57 -32.11 -14.91
CA PHE C 612 -13.11 -31.53 -16.21
C PHE C 612 -13.41 -30.03 -16.28
N PRO C 613 -14.57 -29.51 -15.78
CA PRO C 613 -14.88 -28.08 -15.93
C PRO C 613 -13.95 -27.12 -15.17
N LYS C 614 -13.20 -27.62 -14.19
CA LYS C 614 -12.38 -26.80 -13.26
C LYS C 614 -11.07 -26.36 -13.94
N PHE C 615 -10.74 -26.89 -15.13
CA PHE C 615 -9.39 -26.76 -15.73
C PHE C 615 -9.45 -26.23 -17.16
N THR C 616 -8.55 -25.29 -17.46
CA THR C 616 -8.35 -24.61 -18.77
C THR C 616 -9.67 -24.50 -19.54
N PHE C 617 -9.83 -25.24 -20.66
CA PHE C 617 -10.95 -25.06 -21.61
C PHE C 617 -12.11 -26.00 -21.27
N GLY C 618 -12.04 -26.70 -20.13
CA GLY C 618 -12.96 -27.79 -19.77
C GLY C 618 -14.41 -27.34 -19.62
N ALA C 619 -14.65 -26.17 -19.04
CA ALA C 619 -16.01 -25.67 -18.74
C ALA C 619 -16.87 -25.65 -20.02
N SER C 620 -16.26 -25.37 -21.18
CA SER C 620 -16.98 -25.24 -22.48
C SER C 620 -17.48 -26.63 -22.93
N TRP C 621 -16.87 -27.71 -22.43
CA TRP C 621 -17.23 -29.11 -22.79
C TRP C 621 -18.50 -29.54 -22.05
N ARG C 622 -19.04 -28.72 -21.15
CA ARG C 622 -20.29 -29.06 -20.43
C ARG C 622 -21.44 -29.16 -21.45
N SER C 623 -21.33 -28.46 -22.60
CA SER C 623 -22.30 -28.52 -23.73
C SER C 623 -22.36 -29.96 -24.28
N GLU C 624 -21.24 -30.68 -24.23
CA GLU C 624 -21.09 -32.05 -24.79
C GLU C 624 -21.43 -33.13 -23.75
N TYR C 625 -20.86 -33.03 -22.55
CA TYR C 625 -20.84 -34.11 -21.52
C TYR C 625 -21.93 -33.90 -20.47
N GLY C 626 -22.40 -32.66 -20.31
CA GLY C 626 -23.28 -32.24 -19.20
C GLY C 626 -22.50 -31.55 -18.11
N ASP C 627 -23.20 -31.04 -17.09
CA ASP C 627 -22.57 -30.33 -15.95
C ASP C 627 -22.50 -31.31 -14.77
N PRO C 628 -21.30 -31.78 -14.37
CA PRO C 628 -21.18 -32.70 -13.24
C PRO C 628 -21.72 -32.15 -11.92
N GLU C 629 -21.81 -30.82 -11.78
CA GLU C 629 -22.34 -30.13 -10.59
C GLU C 629 -23.85 -29.96 -10.69
N ASP C 630 -24.49 -30.51 -11.73
CA ASP C 630 -25.97 -30.62 -11.84
C ASP C 630 -26.39 -32.01 -11.41
N PRO C 631 -27.40 -32.15 -10.50
CA PRO C 631 -27.75 -33.47 -9.95
C PRO C 631 -28.25 -34.48 -10.99
N GLU C 632 -28.95 -34.02 -12.02
CA GLU C 632 -29.47 -34.91 -13.10
C GLU C 632 -28.31 -35.38 -13.99
N ASP C 633 -27.45 -34.44 -14.41
CA ASP C 633 -26.27 -34.73 -15.27
C ASP C 633 -25.29 -35.67 -14.51
N PHE C 634 -25.06 -35.40 -13.23
CA PHE C 634 -24.10 -36.19 -12.39
C PHE C 634 -24.38 -37.68 -12.55
N ASP C 635 -25.65 -38.08 -12.49
CA ASP C 635 -26.07 -39.51 -12.47
C ASP C 635 -25.62 -40.19 -13.77
N PHE C 636 -25.83 -39.58 -14.94
CA PHE C 636 -25.47 -40.23 -16.23
C PHE C 636 -23.95 -40.09 -16.48
N ILE C 637 -23.30 -39.03 -15.98
CA ILE C 637 -21.82 -38.86 -16.15
C ILE C 637 -21.10 -39.89 -15.27
N PHE C 638 -21.51 -40.02 -14.00
CA PHE C 638 -20.84 -40.87 -13.00
C PHE C 638 -20.85 -42.34 -13.47
N LYS C 639 -21.91 -42.76 -14.18
CA LYS C 639 -22.06 -44.14 -14.70
C LYS C 639 -20.88 -44.54 -15.60
N TYR C 640 -20.31 -43.61 -16.38
CA TYR C 640 -19.24 -43.94 -17.36
C TYR C 640 -17.90 -43.26 -17.02
N SER C 641 -17.90 -42.16 -16.25
CA SER C 641 -16.65 -41.42 -15.92
C SER C 641 -15.53 -42.44 -15.71
N PRO C 642 -14.61 -42.61 -16.68
CA PRO C 642 -13.63 -43.71 -16.60
C PRO C 642 -12.76 -43.71 -15.36
N TYR C 643 -12.40 -42.53 -14.84
CA TYR C 643 -11.58 -42.36 -13.61
C TYR C 643 -12.29 -42.99 -12.41
N HIS C 644 -13.63 -43.01 -12.40
CA HIS C 644 -14.47 -43.48 -11.27
C HIS C 644 -15.09 -44.87 -11.57
N ASN C 645 -14.71 -45.54 -12.66
CA ASN C 645 -15.29 -46.86 -13.04
C ASN C 645 -14.19 -47.87 -13.38
N ILE C 646 -12.97 -47.70 -12.84
CA ILE C 646 -11.87 -48.70 -13.00
C ILE C 646 -12.37 -50.02 -12.40
N PRO C 647 -12.31 -51.15 -13.15
CA PRO C 647 -12.92 -52.40 -12.67
C PRO C 647 -12.24 -52.89 -11.40
N PRO C 648 -13.01 -53.49 -10.45
CA PRO C 648 -12.41 -54.16 -9.30
C PRO C 648 -11.36 -55.19 -9.75
N PRO C 649 -10.17 -55.24 -9.10
CA PRO C 649 -9.06 -56.01 -9.67
C PRO C 649 -9.20 -57.53 -9.67
N GLY C 650 -10.08 -58.08 -8.84
CA GLY C 650 -10.13 -59.53 -8.52
C GLY C 650 -10.54 -60.40 -9.70
N ASP C 651 -11.37 -59.90 -10.64
CA ASP C 651 -11.89 -60.71 -11.76
C ASP C 651 -11.80 -59.91 -13.08
N THR C 652 -10.80 -59.04 -13.22
CA THR C 652 -10.49 -58.33 -14.51
C THR C 652 -9.00 -58.44 -14.80
N VAL C 653 -8.65 -58.84 -16.01
CA VAL C 653 -7.30 -58.66 -16.59
C VAL C 653 -7.38 -57.40 -17.44
N MET C 654 -6.75 -56.33 -16.99
CA MET C 654 -6.72 -55.03 -17.69
C MET C 654 -5.77 -55.16 -18.87
N PRO C 655 -6.11 -54.63 -20.07
CA PRO C 655 -5.18 -54.62 -21.20
C PRO C 655 -3.92 -53.79 -20.87
N ALA C 656 -2.85 -54.02 -21.64
CA ALA C 656 -1.69 -53.11 -21.71
C ALA C 656 -2.22 -51.73 -22.14
N MET C 657 -1.80 -50.67 -21.45
CA MET C 657 -2.27 -49.29 -21.67
C MET C 657 -1.08 -48.33 -21.68
N LEU C 658 -0.98 -47.51 -22.74
CA LEU C 658 0.06 -46.47 -22.89
C LEU C 658 -0.65 -45.12 -23.01
N PHE C 659 -0.35 -44.21 -22.09
CA PHE C 659 -0.93 -42.84 -22.04
C PHE C 659 0.16 -41.86 -22.49
N PHE C 660 -0.13 -41.06 -23.52
CA PHE C 660 0.71 -39.90 -23.94
C PHE C 660 0.14 -38.63 -23.32
N THR C 661 1.03 -37.80 -22.74
CA THR C 661 0.72 -36.42 -22.27
C THR C 661 2.04 -35.64 -22.18
N ALA C 662 1.95 -34.30 -22.13
CA ALA C 662 3.05 -33.41 -21.69
C ALA C 662 2.79 -33.07 -20.22
N ALA C 663 3.81 -32.56 -19.51
CA ALA C 663 3.70 -32.00 -18.15
C ALA C 663 2.92 -30.67 -18.21
N TYR C 664 3.10 -29.90 -19.29
CA TYR C 664 2.39 -28.64 -19.59
C TYR C 664 1.51 -28.91 -20.82
N ASP C 665 0.19 -28.77 -20.71
CA ASP C 665 -0.77 -28.94 -21.83
C ASP C 665 -2.01 -28.11 -21.46
N ASP C 666 -2.27 -27.02 -22.18
CA ASP C 666 -3.35 -26.04 -21.90
C ASP C 666 -4.70 -26.54 -22.42
N ARG C 667 -4.71 -27.45 -23.40
CA ARG C 667 -5.97 -27.92 -24.04
C ARG C 667 -6.66 -28.90 -23.09
N VAL C 668 -6.00 -30.03 -22.80
CA VAL C 668 -6.49 -31.05 -21.83
C VAL C 668 -5.42 -31.16 -20.74
N SER C 669 -5.75 -30.71 -19.54
CA SER C 669 -4.81 -30.72 -18.39
C SER C 669 -4.26 -32.12 -18.19
N PRO C 670 -2.92 -32.26 -18.09
CA PRO C 670 -2.29 -33.56 -17.86
C PRO C 670 -2.81 -34.35 -16.65
N LEU C 671 -3.35 -33.65 -15.64
CA LEU C 671 -3.90 -34.26 -14.40
C LEU C 671 -4.86 -35.41 -14.72
N HIS C 672 -5.57 -35.35 -15.86
CA HIS C 672 -6.49 -36.43 -16.29
C HIS C 672 -5.71 -37.73 -16.40
N THR C 673 -4.61 -37.70 -17.15
CA THR C 673 -3.68 -38.85 -17.33
C THR C 673 -2.98 -39.19 -16.00
N PHE C 674 -2.46 -38.19 -15.29
CA PHE C 674 -1.68 -38.38 -14.03
C PHE C 674 -2.50 -39.25 -13.07
N LYS C 675 -3.74 -38.83 -12.79
CA LYS C 675 -4.60 -39.45 -11.75
C LYS C 675 -5.05 -40.84 -12.24
N HIS C 676 -5.43 -40.98 -13.52
CA HIS C 676 -5.92 -42.28 -14.05
C HIS C 676 -4.80 -43.31 -14.02
N VAL C 677 -3.58 -42.94 -14.44
CA VAL C 677 -2.39 -43.83 -14.43
C VAL C 677 -2.11 -44.28 -12.98
N ALA C 678 -2.09 -43.33 -12.05
CA ALA C 678 -1.87 -43.58 -10.60
C ALA C 678 -2.91 -44.60 -10.10
N ALA C 679 -4.19 -44.38 -10.43
CA ALA C 679 -5.32 -45.22 -10.00
C ALA C 679 -5.21 -46.62 -10.62
N LEU C 680 -4.89 -46.70 -11.92
CA LEU C 680 -4.75 -48.00 -12.64
C LEU C 680 -3.59 -48.80 -12.02
N GLN C 681 -2.44 -48.17 -11.79
CA GLN C 681 -1.23 -48.83 -11.20
C GLN C 681 -1.56 -49.27 -9.77
N HIS C 682 -2.34 -48.48 -9.03
CA HIS C 682 -2.78 -48.81 -7.65
C HIS C 682 -3.73 -50.02 -7.69
N ASN C 683 -4.65 -50.05 -8.65
CA ASN C 683 -5.70 -51.09 -8.77
C ASN C 683 -5.06 -52.42 -9.23
N PHE C 684 -4.05 -52.33 -10.10
CA PHE C 684 -3.40 -53.48 -10.79
C PHE C 684 -1.89 -53.40 -10.59
N PRO C 685 -1.38 -53.49 -9.34
CA PRO C 685 0.04 -53.30 -9.07
C PRO C 685 0.95 -54.38 -9.68
N LYS C 686 0.39 -55.54 -10.04
CA LYS C 686 1.12 -56.70 -10.57
C LYS C 686 0.85 -56.86 -12.07
N GLY C 687 0.28 -55.87 -12.74
CA GLY C 687 -0.20 -56.02 -14.12
C GLY C 687 -1.33 -57.05 -14.20
N PRO C 688 -1.19 -58.16 -14.96
CA PRO C 688 0.07 -58.55 -15.61
C PRO C 688 0.51 -57.69 -16.82
N ASN C 689 -0.37 -56.84 -17.34
CA ASN C 689 -0.08 -55.98 -18.55
C ASN C 689 0.26 -54.58 -18.07
N PRO C 690 1.34 -53.96 -18.59
CA PRO C 690 1.81 -52.67 -18.06
C PRO C 690 0.87 -51.52 -18.41
N CYS C 691 0.71 -50.61 -17.45
CA CYS C 691 0.07 -49.29 -17.60
C CYS C 691 1.17 -48.23 -17.49
N LEU C 692 1.50 -47.57 -18.62
CA LEU C 692 2.67 -46.64 -18.73
C LEU C 692 2.19 -45.24 -19.09
N MET C 693 2.89 -44.23 -18.60
CA MET C 693 2.69 -42.81 -18.98
C MET C 693 3.95 -42.33 -19.70
N ARG C 694 3.83 -42.07 -20.99
CA ARG C 694 4.87 -41.53 -21.89
C ARG C 694 4.73 -40.00 -21.89
N ILE C 695 5.69 -39.28 -21.29
CA ILE C 695 5.64 -37.82 -21.05
C ILE C 695 6.58 -37.10 -22.02
N ASP C 696 6.13 -35.98 -22.59
CA ASP C 696 6.99 -34.88 -23.13
C ASP C 696 7.13 -33.81 -22.03
N LYS C 705 3.70 -30.28 -33.22
CA LYS C 705 5.13 -30.36 -32.83
C LYS C 705 6.02 -30.68 -34.05
N SER C 706 7.33 -30.78 -33.81
CA SER C 706 8.37 -31.19 -34.78
C SER C 706 8.07 -32.61 -35.29
N THR C 707 8.44 -32.88 -36.55
CA THR C 707 8.33 -34.23 -37.20
C THR C 707 9.11 -35.23 -36.35
N GLN C 708 10.29 -34.85 -35.85
CA GLN C 708 11.18 -35.70 -35.02
C GLN C 708 10.39 -36.21 -33.80
N GLU C 709 9.78 -35.31 -33.04
CA GLU C 709 8.99 -35.63 -31.82
C GLU C 709 7.80 -36.53 -32.17
N MET C 710 7.08 -36.21 -33.26
CA MET C 710 5.92 -37.00 -33.76
C MET C 710 6.38 -38.43 -34.06
N LEU C 711 7.54 -38.60 -34.69
CA LEU C 711 8.07 -39.93 -35.09
C LEU C 711 8.52 -40.71 -33.84
N GLU C 712 9.11 -40.05 -32.85
CA GLU C 712 9.53 -40.69 -31.57
C GLU C 712 8.29 -41.17 -30.81
N GLU C 713 7.24 -40.34 -30.77
CA GLU C 713 5.94 -40.70 -30.12
C GLU C 713 5.37 -41.94 -30.83
N THR C 714 5.37 -41.94 -32.17
CA THR C 714 4.83 -43.04 -33.01
C THR C 714 5.65 -44.32 -32.80
N ALA C 715 6.98 -44.21 -32.72
CA ALA C 715 7.91 -45.35 -32.46
C ALA C 715 7.55 -45.99 -31.12
N ASP C 716 7.32 -45.17 -30.09
CA ASP C 716 6.87 -45.64 -28.75
C ASP C 716 5.53 -46.37 -28.88
N GLU C 717 4.58 -45.75 -29.55
CA GLU C 717 3.20 -46.28 -29.66
C GLU C 717 3.23 -47.65 -30.35
N TYR C 718 3.83 -47.73 -31.54
CA TYR C 718 3.77 -48.95 -32.40
C TYR C 718 4.60 -50.08 -31.77
N SER C 719 5.79 -49.76 -31.23
CA SER C 719 6.64 -50.77 -30.56
C SER C 719 5.90 -51.33 -29.32
N PHE C 720 5.18 -50.47 -28.60
CA PHE C 720 4.41 -50.87 -27.40
C PHE C 720 3.26 -51.81 -27.82
N ILE C 721 2.57 -51.48 -28.92
CA ILE C 721 1.46 -52.33 -29.44
C ILE C 721 2.04 -53.68 -29.86
N GLY C 722 3.16 -53.66 -30.60
CA GLY C 722 3.85 -54.88 -31.06
C GLY C 722 4.18 -55.82 -29.92
N LYS C 723 4.74 -55.28 -28.84
CA LYS C 723 5.12 -56.06 -27.62
C LYS C 723 3.86 -56.60 -26.94
N SER C 724 2.89 -55.71 -26.68
CA SER C 724 1.63 -56.02 -25.92
C SER C 724 0.81 -57.10 -26.62
N MET C 725 0.83 -57.14 -27.96
CA MET C 725 -0.01 -58.08 -28.75
C MET C 725 0.85 -59.19 -29.36
N GLY C 726 2.15 -59.24 -29.03
CA GLY C 726 3.07 -60.31 -29.45
C GLY C 726 3.25 -60.37 -30.95
N LEU C 727 3.44 -59.21 -31.60
CA LEU C 727 3.58 -59.08 -33.08
C LEU C 727 5.07 -59.04 -33.44
N THR C 728 5.43 -59.63 -34.58
CA THR C 728 6.79 -59.61 -35.18
C THR C 728 6.78 -58.65 -36.37
N MET C 729 7.75 -57.73 -36.45
CA MET C 729 7.90 -56.78 -37.59
C MET C 729 8.28 -57.57 -38.85
N GLN C 730 7.49 -57.45 -39.92
CA GLN C 730 7.78 -58.06 -41.24
C GLN C 730 8.58 -57.06 -42.09
N TRP D 6 -26.74 35.32 -14.46
CA TRP D 6 -25.78 34.33 -13.89
C TRP D 6 -25.04 33.58 -15.01
N GLY D 7 -25.56 33.58 -16.25
CA GLY D 7 -24.96 32.89 -17.40
C GLY D 7 -23.73 33.64 -17.91
N PRO D 8 -23.13 33.21 -19.05
CA PRO D 8 -23.48 31.94 -19.69
C PRO D 8 -22.85 30.73 -18.99
N TYR D 9 -23.38 29.53 -19.28
CA TYR D 9 -22.81 28.24 -18.85
C TYR D 9 -21.41 28.10 -19.42
N PRO D 10 -20.48 27.41 -18.73
CA PRO D 10 -19.20 27.06 -19.33
C PRO D 10 -19.43 26.18 -20.55
N PRO D 11 -18.63 26.35 -21.64
CA PRO D 11 -18.79 25.52 -22.83
C PRO D 11 -18.37 24.06 -22.55
N VAL D 12 -18.96 23.12 -23.27
CA VAL D 12 -18.67 21.66 -23.21
C VAL D 12 -18.58 21.13 -24.64
N GLU D 13 -17.41 20.62 -25.02
CA GLU D 13 -17.16 19.98 -26.34
C GLU D 13 -18.21 18.88 -26.58
N ARG D 14 -18.71 18.79 -27.81
CA ARG D 14 -19.68 17.75 -28.26
C ARG D 14 -19.02 16.92 -29.35
N ASP D 15 -19.24 15.61 -29.35
CA ASP D 15 -18.89 14.70 -30.47
C ASP D 15 -20.18 14.32 -31.19
N GLU D 16 -20.45 14.98 -32.33
CA GLU D 16 -21.73 14.86 -33.08
C GLU D 16 -21.83 13.49 -33.77
N THR D 17 -20.73 12.74 -33.90
CA THR D 17 -20.69 11.43 -34.61
C THR D 17 -20.89 10.28 -33.61
N SER D 18 -20.56 10.46 -32.33
CA SER D 18 -20.60 9.41 -31.29
C SER D 18 -22.02 8.84 -31.16
N ALA D 19 -22.20 7.56 -31.48
CA ALA D 19 -23.48 6.82 -31.37
C ALA D 19 -23.20 5.33 -31.13
N ILE D 20 -24.12 4.65 -30.45
CA ILE D 20 -24.11 3.19 -30.21
C ILE D 20 -25.46 2.66 -30.71
N THR D 21 -25.46 1.52 -31.39
CA THR D 21 -26.68 0.84 -31.88
C THR D 21 -27.06 -0.26 -30.87
N TYR D 22 -28.31 -0.24 -30.40
CA TYR D 22 -28.87 -1.21 -29.45
C TYR D 22 -29.94 -2.05 -30.14
N SER D 23 -29.97 -3.35 -29.86
CA SER D 23 -31.05 -4.25 -30.28
C SER D 23 -32.32 -3.86 -29.53
N SER D 24 -33.46 -3.86 -30.22
CA SER D 24 -34.79 -3.48 -29.69
C SER D 24 -35.83 -4.49 -30.20
N LYS D 25 -36.66 -5.02 -29.31
CA LYS D 25 -37.71 -6.00 -29.68
C LYS D 25 -38.73 -5.31 -30.60
N LEU D 26 -39.07 -4.05 -30.34
CA LEU D 26 -40.12 -3.31 -31.08
C LEU D 26 -39.59 -2.75 -32.41
N HIS D 27 -38.35 -2.27 -32.45
CA HIS D 27 -37.78 -1.51 -33.60
C HIS D 27 -36.63 -2.25 -34.27
N GLY D 28 -36.33 -3.48 -33.85
CA GLY D 28 -35.20 -4.26 -34.38
C GLY D 28 -33.87 -3.73 -33.88
N SER D 29 -33.54 -2.48 -34.22
CA SER D 29 -32.38 -1.76 -33.61
C SER D 29 -32.68 -0.26 -33.52
N VAL D 30 -32.03 0.41 -32.56
CA VAL D 30 -32.13 1.86 -32.29
C VAL D 30 -30.71 2.40 -32.13
N THR D 31 -30.32 3.36 -32.99
CA THR D 31 -29.02 4.05 -32.87
C THR D 31 -29.21 5.22 -31.89
N VAL D 32 -28.45 5.21 -30.80
CA VAL D 32 -28.56 6.20 -29.71
C VAL D 32 -27.33 7.11 -29.79
N ARG D 33 -27.54 8.42 -29.93
CA ARG D 33 -26.46 9.41 -30.03
C ARG D 33 -26.02 9.77 -28.61
N ASP D 34 -24.72 9.95 -28.39
CA ASP D 34 -24.17 10.40 -27.10
C ASP D 34 -23.07 11.42 -27.37
N PRO D 35 -23.42 12.71 -27.57
CA PRO D 35 -22.41 13.73 -27.87
C PRO D 35 -21.45 14.04 -26.71
N TYR D 36 -21.70 13.52 -25.50
CA TYR D 36 -20.87 13.79 -24.30
C TYR D 36 -20.16 12.52 -23.83
N SER D 37 -20.05 11.50 -24.69
CA SER D 37 -19.47 10.17 -24.38
C SER D 37 -18.02 10.30 -23.90
N GLN D 38 -17.30 11.36 -24.31
CA GLN D 38 -15.89 11.61 -23.88
C GLN D 38 -15.82 11.84 -22.37
N LEU D 39 -16.90 12.30 -21.75
CA LEU D 39 -16.97 12.56 -20.28
C LEU D 39 -17.10 11.24 -19.50
N GLU D 40 -17.14 10.09 -20.18
CA GLU D 40 -17.01 8.74 -19.57
C GLU D 40 -15.54 8.48 -19.17
N VAL D 41 -14.59 9.19 -19.75
CA VAL D 41 -13.14 9.04 -19.42
C VAL D 41 -12.92 9.70 -18.06
N PRO D 42 -12.36 8.97 -17.07
CA PRO D 42 -12.10 9.53 -15.74
C PRO D 42 -11.31 10.85 -15.76
N PHE D 43 -11.63 11.73 -14.81
CA PHE D 43 -10.97 13.03 -14.53
C PHE D 43 -9.45 12.93 -14.74
N GLU D 44 -8.81 11.95 -14.10
CA GLU D 44 -7.32 11.88 -14.02
C GLU D 44 -6.72 11.38 -15.35
N ASP D 45 -7.54 10.91 -16.29
CA ASP D 45 -7.08 10.31 -17.58
C ASP D 45 -7.35 11.25 -18.77
N SER D 46 -8.23 12.24 -18.64
CA SER D 46 -8.67 13.12 -19.75
C SER D 46 -8.55 14.60 -19.36
N GLU D 47 -7.75 15.36 -20.10
CA GLU D 47 -7.64 16.84 -19.99
C GLU D 47 -9.01 17.48 -20.26
N GLU D 48 -9.81 16.89 -21.15
CA GLU D 48 -11.18 17.37 -21.50
C GLU D 48 -12.08 17.22 -20.26
N THR D 49 -12.09 16.05 -19.62
CA THR D 49 -12.87 15.79 -18.38
C THR D 49 -12.38 16.75 -17.29
N LYS D 50 -11.06 16.91 -17.13
CA LYS D 50 -10.45 17.84 -16.16
C LYS D 50 -11.02 19.25 -16.35
N ALA D 51 -10.97 19.77 -17.58
CA ALA D 51 -11.42 21.14 -17.94
C ALA D 51 -12.93 21.29 -17.69
N PHE D 52 -13.70 20.25 -18.00
CA PHE D 52 -15.16 20.21 -17.72
C PHE D 52 -15.36 20.31 -16.20
N VAL D 53 -14.69 19.46 -15.42
CA VAL D 53 -14.87 19.41 -13.95
C VAL D 53 -14.52 20.79 -13.36
N HIS D 54 -13.36 21.34 -13.69
CA HIS D 54 -12.89 22.63 -13.12
C HIS D 54 -13.82 23.79 -13.49
N SER D 55 -14.24 23.90 -14.75
CA SER D 55 -15.09 25.01 -15.25
C SER D 55 -16.49 24.94 -14.60
N GLN D 56 -17.09 23.74 -14.56
CA GLN D 56 -18.42 23.50 -13.93
C GLN D 56 -18.35 23.71 -12.41
N ARG D 57 -17.26 23.25 -11.78
CA ARG D 57 -17.02 23.42 -10.33
C ARG D 57 -17.00 24.92 -10.01
N LYS D 58 -16.17 25.68 -10.73
CA LYS D 58 -15.97 27.14 -10.50
C LYS D 58 -17.30 27.87 -10.71
N PHE D 59 -18.01 27.57 -11.79
CA PHE D 59 -19.31 28.18 -12.17
C PHE D 59 -20.34 27.98 -11.04
N ALA D 60 -20.52 26.76 -10.56
CA ALA D 60 -21.46 26.41 -9.46
C ALA D 60 -21.06 27.12 -8.16
N ARG D 61 -19.78 27.05 -7.80
CA ARG D 61 -19.22 27.69 -6.57
C ARG D 61 -19.58 29.18 -6.59
N THR D 62 -19.36 29.85 -7.73
CA THR D 62 -19.60 31.31 -7.91
C THR D 62 -21.08 31.62 -7.68
N TYR D 63 -21.98 30.84 -8.28
CA TYR D 63 -23.46 31.02 -8.13
C TYR D 63 -23.84 30.83 -6.66
N LEU D 64 -23.49 29.67 -6.08
CA LEU D 64 -23.87 29.26 -4.71
C LEU D 64 -23.33 30.26 -3.68
N ASP D 65 -22.10 30.76 -3.87
CA ASP D 65 -21.39 31.61 -2.88
C ASP D 65 -21.85 33.07 -2.95
N GLU D 66 -22.55 33.48 -4.01
CA GLU D 66 -23.05 34.87 -4.16
C GLU D 66 -24.34 35.05 -3.34
N ASN D 67 -24.97 33.93 -2.93
CA ASN D 67 -26.16 33.94 -2.06
C ASN D 67 -25.72 34.07 -0.61
N PRO D 68 -26.11 35.16 0.12
CA PRO D 68 -25.73 35.32 1.52
C PRO D 68 -26.31 34.25 2.46
N ASP D 69 -27.42 33.63 2.07
CA ASP D 69 -28.12 32.57 2.85
C ASP D 69 -27.25 31.30 2.91
N ARG D 70 -26.21 31.19 2.07
CA ARG D 70 -25.28 30.03 2.05
C ARG D 70 -24.49 30.04 3.37
N GLU D 71 -23.82 31.17 3.68
CA GLU D 71 -23.07 31.34 4.95
C GLU D 71 -24.04 31.25 6.13
N ALA D 72 -25.20 31.89 6.04
CA ALA D 72 -26.26 31.85 7.07
C ALA D 72 -26.59 30.38 7.38
N TRP D 73 -26.82 29.57 6.35
CA TRP D 73 -27.11 28.13 6.52
C TRP D 73 -25.93 27.42 7.16
N LEU D 74 -24.70 27.68 6.71
CA LEU D 74 -23.49 27.02 7.24
C LEU D 74 -23.38 27.27 8.75
N GLU D 75 -23.52 28.52 9.17
CA GLU D 75 -23.46 28.93 10.61
C GLU D 75 -24.58 28.24 11.40
N THR D 76 -25.82 28.29 10.90
CA THR D 76 -27.01 27.64 11.50
C THR D 76 -26.74 26.15 11.71
N LEU D 77 -26.20 25.50 10.68
CA LEU D 77 -25.91 24.04 10.69
C LEU D 77 -24.79 23.74 11.69
N LYS D 78 -23.68 24.48 11.68
CA LYS D 78 -22.52 24.26 12.59
C LYS D 78 -22.96 24.36 14.05
N LYS D 79 -23.73 25.41 14.41
CA LYS D 79 -24.25 25.61 15.79
C LYS D 79 -25.14 24.44 16.20
N SER D 80 -26.13 24.08 15.38
CA SER D 80 -27.18 23.08 15.72
C SER D 80 -26.59 21.66 15.75
N TRP D 81 -25.68 21.35 14.83
CA TRP D 81 -25.02 20.01 14.72
C TRP D 81 -24.04 19.79 15.87
N ASN D 82 -23.73 20.81 16.66
CA ASN D 82 -22.81 20.70 17.82
C ASN D 82 -23.56 20.07 19.00
N TYR D 83 -23.91 18.78 18.90
CA TYR D 83 -24.57 18.00 19.98
C TYR D 83 -23.88 16.65 20.09
N ARG D 84 -23.85 16.10 21.31
N ARG D 84 -23.75 16.13 21.32
CA ARG D 84 -23.22 14.79 21.62
CA ARG D 84 -23.14 14.80 21.56
C ARG D 84 -24.05 13.68 20.97
C ARG D 84 -24.04 13.75 20.90
N ARG D 85 -23.40 12.85 20.16
CA ARG D 85 -24.01 11.70 19.44
C ARG D 85 -23.28 10.42 19.86
N PHE D 86 -24.00 9.31 19.96
CA PHE D 86 -23.46 7.99 20.35
C PHE D 86 -24.34 6.87 19.83
N SER D 87 -23.74 5.66 19.76
CA SER D 87 -24.42 4.38 19.46
C SER D 87 -24.91 3.74 20.78
N ALA D 88 -25.60 2.61 20.67
CA ALA D 88 -25.87 1.67 21.77
C ALA D 88 -24.53 1.11 22.25
N LEU D 89 -24.50 0.49 23.43
CA LEU D 89 -23.31 -0.24 23.94
C LEU D 89 -23.22 -1.60 23.24
N LYS D 90 -22.02 -1.95 22.78
CA LYS D 90 -21.75 -3.25 22.12
C LYS D 90 -20.87 -4.08 23.06
N PRO D 91 -21.36 -5.22 23.57
CA PRO D 91 -20.56 -6.07 24.46
C PRO D 91 -19.53 -6.86 23.66
N GLU D 92 -18.28 -6.94 24.13
CA GLU D 92 -17.18 -7.66 23.41
C GLU D 92 -16.52 -8.68 24.35
N SER D 93 -15.73 -9.60 23.79
CA SER D 93 -15.14 -10.76 24.50
C SER D 93 -13.99 -10.33 25.42
N ASP D 94 -13.56 -9.07 25.38
CA ASP D 94 -12.53 -8.53 26.29
C ASP D 94 -13.15 -7.97 27.58
N GLY D 95 -14.45 -8.19 27.80
CA GLY D 95 -15.16 -7.77 29.02
C GLY D 95 -15.46 -6.29 29.06
N HIS D 96 -15.41 -5.60 27.91
CA HIS D 96 -15.78 -4.16 27.76
C HIS D 96 -17.05 -4.02 26.91
N TYR D 97 -17.83 -2.97 27.18
CA TYR D 97 -18.80 -2.39 26.22
C TYR D 97 -18.06 -1.38 25.36
N TYR D 98 -18.30 -1.41 24.04
CA TYR D 98 -17.79 -0.41 23.07
C TYR D 98 -18.97 0.43 22.58
N PHE D 99 -18.74 1.73 22.39
CA PHE D 99 -19.75 2.68 21.85
C PHE D 99 -19.06 3.74 21.01
N GLU D 100 -19.72 4.13 19.91
CA GLU D 100 -19.34 5.28 19.05
C GLU D 100 -19.75 6.56 19.77
N TYR D 101 -18.94 7.61 19.67
CA TYR D 101 -19.20 8.93 20.29
C TYR D 101 -18.68 10.05 19.38
N ASN D 102 -19.47 11.12 19.27
CA ASN D 102 -19.06 12.42 18.69
C ASN D 102 -19.44 13.50 19.70
N ASP D 103 -18.45 14.26 20.16
CA ASP D 103 -18.60 15.38 21.10
C ASP D 103 -19.50 16.46 20.46
N GLY D 104 -19.50 16.60 19.13
CA GLY D 104 -20.30 17.60 18.41
C GLY D 104 -19.88 17.80 16.95
N LEU D 105 -18.73 18.44 16.72
CA LEU D 105 -18.24 18.81 15.36
C LEU D 105 -16.88 18.15 15.09
N GLN D 106 -16.63 16.96 15.63
CA GLN D 106 -15.52 16.08 15.16
C GLN D 106 -15.90 15.52 13.78
N SER D 107 -14.92 15.30 12.91
CA SER D 107 -15.13 14.85 11.51
C SER D 107 -15.75 13.46 11.52
N GLN D 108 -15.19 12.55 12.35
CA GLN D 108 -15.59 11.13 12.45
C GLN D 108 -16.00 10.81 13.88
N LEU D 109 -16.90 9.83 14.04
CA LEU D 109 -17.21 9.13 15.32
C LEU D 109 -15.91 8.53 15.87
N SER D 110 -15.66 8.65 17.17
CA SER D 110 -14.58 7.96 17.91
C SER D 110 -15.15 6.72 18.59
N LEU D 111 -14.32 5.70 18.81
CA LEU D 111 -14.73 4.46 19.54
C LEU D 111 -14.21 4.56 20.98
N TYR D 112 -15.15 4.51 21.93
CA TYR D 112 -14.89 4.50 23.39
C TYR D 112 -15.27 3.11 23.90
N ARG D 113 -14.75 2.77 25.08
CA ARG D 113 -15.08 1.51 25.77
C ARG D 113 -15.16 1.75 27.28
N VAL D 114 -15.89 0.87 27.95
CA VAL D 114 -16.04 0.88 29.44
C VAL D 114 -16.08 -0.58 29.89
N ARG D 115 -15.40 -0.90 30.98
CA ARG D 115 -15.47 -2.23 31.64
C ARG D 115 -16.96 -2.56 31.86
N MET D 116 -17.41 -3.75 31.47
CA MET D 116 -18.78 -4.22 31.79
C MET D 116 -18.98 -4.10 33.31
N GLY D 117 -20.09 -3.49 33.73
CA GLY D 117 -20.38 -3.20 35.15
C GLY D 117 -20.14 -1.75 35.52
N GLU D 118 -19.34 -1.01 34.74
CA GLU D 118 -19.05 0.43 34.97
C GLU D 118 -19.81 1.31 33.96
N GLU D 119 -20.72 0.74 33.17
CA GLU D 119 -21.35 1.47 32.02
C GLU D 119 -22.29 2.58 32.52
N ASP D 120 -22.73 2.55 33.78
CA ASP D 120 -23.61 3.61 34.33
C ASP D 120 -22.85 4.93 34.44
N THR D 121 -21.52 4.94 34.30
CA THR D 121 -20.67 6.16 34.39
C THR D 121 -20.46 6.82 33.02
N VAL D 122 -20.90 6.22 31.91
CA VAL D 122 -20.62 6.74 30.53
C VAL D 122 -21.76 7.67 30.09
N LEU D 123 -21.46 8.49 29.08
CA LEU D 123 -22.46 9.30 28.32
C LEU D 123 -23.26 10.17 29.30
N THR D 124 -22.57 11.07 30.01
CA THR D 124 -23.16 12.07 30.94
C THR D 124 -22.80 13.47 30.47
N GLU D 125 -23.23 14.49 31.21
CA GLU D 125 -22.91 15.91 30.94
C GLU D 125 -21.42 16.14 31.13
N SER D 126 -20.77 15.38 32.01
CA SER D 126 -19.30 15.40 32.25
C SER D 126 -18.52 15.03 30.97
N GLY D 127 -19.11 14.19 30.09
CA GLY D 127 -18.47 13.72 28.86
C GLY D 127 -18.80 12.26 28.55
N PRO D 128 -18.11 11.63 27.57
CA PRO D 128 -18.42 10.24 27.19
C PRO D 128 -18.09 9.25 28.31
N GLY D 129 -17.10 9.60 29.14
CA GLY D 129 -16.57 8.72 30.20
C GLY D 129 -15.85 7.54 29.59
N GLY D 130 -15.73 6.44 30.33
CA GLY D 130 -14.98 5.25 29.90
C GLY D 130 -13.58 5.63 29.47
N GLU D 131 -13.12 5.01 28.40
CA GLU D 131 -11.74 5.17 27.84
C GLU D 131 -11.88 5.37 26.33
N LEU D 132 -11.26 6.42 25.78
CA LEU D 132 -11.10 6.58 24.30
C LEU D 132 -10.23 5.41 23.81
N PHE D 133 -10.76 4.58 22.91
CA PHE D 133 -10.06 3.37 22.41
C PHE D 133 -9.45 3.66 21.02
N PHE D 134 -10.23 4.25 20.12
CA PHE D 134 -9.80 4.51 18.71
C PHE D 134 -10.40 5.82 18.20
N ASN D 135 -9.53 6.73 17.74
CA ASN D 135 -9.91 8.06 17.21
C ASN D 135 -9.52 8.15 15.73
N PRO D 136 -10.47 7.86 14.81
CA PRO D 136 -10.20 7.90 13.37
C PRO D 136 -9.77 9.29 12.85
N ASN D 137 -10.17 10.36 13.54
CA ASN D 137 -9.83 11.76 13.18
C ASN D 137 -8.31 11.94 13.12
N LEU D 138 -7.57 11.17 13.92
CA LEU D 138 -6.08 11.25 13.99
C LEU D 138 -5.48 10.77 12.66
N LEU D 139 -6.18 9.92 11.91
CA LEU D 139 -5.64 9.17 10.75
C LEU D 139 -5.39 10.07 9.54
N SER D 140 -6.16 11.15 9.38
CA SER D 140 -6.02 12.12 8.25
C SER D 140 -5.92 13.54 8.78
N LEU D 141 -5.45 14.45 7.92
CA LEU D 141 -5.37 15.91 8.13
C LEU D 141 -6.75 16.54 7.84
N ASP D 142 -7.55 15.90 6.98
CA ASP D 142 -8.81 16.42 6.40
C ASP D 142 -10.02 15.86 7.17
N GLY D 143 -9.85 14.79 7.95
CA GLY D 143 -10.95 14.07 8.61
C GLY D 143 -11.77 13.25 7.63
N ASN D 144 -11.20 12.90 6.47
CA ASN D 144 -11.86 12.10 5.40
C ASN D 144 -11.66 10.60 5.66
N ALA D 145 -10.62 10.22 6.40
CA ALA D 145 -10.33 8.81 6.77
C ALA D 145 -11.31 8.36 7.85
N ALA D 146 -11.99 7.24 7.62
CA ALA D 146 -13.07 6.73 8.51
C ALA D 146 -12.83 5.25 8.85
N LEU D 147 -13.29 4.86 10.05
CA LEU D 147 -13.44 3.46 10.49
C LEU D 147 -14.59 2.80 9.71
N THR D 148 -14.30 1.80 8.89
CA THR D 148 -15.30 1.11 8.01
C THR D 148 -15.93 -0.09 8.74
N GLY D 149 -15.30 -0.55 9.82
CA GLY D 149 -15.77 -1.78 10.51
C GLY D 149 -14.72 -2.28 11.48
N PHE D 150 -15.12 -3.12 12.42
CA PHE D 150 -14.18 -3.73 13.39
C PHE D 150 -14.78 -5.05 13.87
N VAL D 151 -13.91 -5.99 14.23
CA VAL D 151 -14.32 -7.30 14.80
C VAL D 151 -13.19 -7.79 15.71
N MET D 152 -13.55 -8.16 16.95
CA MET D 152 -12.61 -8.62 17.98
C MET D 152 -12.40 -10.12 17.83
N SER D 153 -11.16 -10.59 18.03
CA SER D 153 -10.81 -12.04 18.09
C SER D 153 -11.68 -12.71 19.14
N PRO D 154 -12.08 -13.99 18.95
CA PRO D 154 -12.82 -14.73 19.98
C PRO D 154 -12.17 -14.70 21.37
N CYS D 155 -10.82 -14.71 21.43
CA CYS D 155 -10.01 -14.70 22.68
C CYS D 155 -10.13 -13.34 23.38
N GLY D 156 -10.48 -12.28 22.64
CA GLY D 156 -10.64 -10.91 23.17
C GLY D 156 -9.32 -10.16 23.28
N ASN D 157 -8.24 -10.71 22.74
CA ASN D 157 -6.87 -10.11 22.80
C ASN D 157 -6.61 -9.21 21.59
N TYR D 158 -7.28 -9.44 20.45
CA TYR D 158 -6.94 -8.77 19.17
C TYR D 158 -8.18 -8.09 18.58
N TRP D 159 -7.94 -7.03 17.81
CA TRP D 159 -8.97 -6.14 17.23
C TRP D 159 -8.61 -5.85 15.77
N ALA D 160 -9.36 -6.42 14.83
CA ALA D 160 -9.23 -6.19 13.38
C ALA D 160 -10.16 -5.03 13.00
N TYR D 161 -9.66 -4.04 12.25
CA TYR D 161 -10.44 -2.84 11.91
C TYR D 161 -10.11 -2.34 10.50
N GLY D 162 -11.11 -1.79 9.83
CA GLY D 162 -11.00 -1.25 8.47
C GLY D 162 -10.90 0.27 8.49
N VAL D 163 -10.02 0.83 7.66
CA VAL D 163 -9.89 2.29 7.45
C VAL D 163 -9.96 2.55 5.94
N SER D 164 -10.88 3.40 5.50
CA SER D 164 -10.98 3.92 4.11
C SER D 164 -10.54 5.38 4.10
N GLU D 165 -9.87 5.82 3.02
CA GLU D 165 -9.62 7.26 2.73
C GLU D 165 -10.59 7.77 1.63
N HIS D 166 -10.98 9.04 1.77
CA HIS D 166 -11.69 9.89 0.77
C HIS D 166 -13.08 9.32 0.43
N GLY D 167 -13.70 8.54 1.33
CA GLY D 167 -15.09 8.09 1.24
C GLY D 167 -15.33 7.06 0.14
N SER D 168 -14.28 6.33 -0.27
CA SER D 168 -14.32 5.39 -1.41
C SER D 168 -14.63 3.98 -0.90
N ASP D 169 -14.98 3.08 -1.82
CA ASP D 169 -15.22 1.63 -1.58
C ASP D 169 -13.88 0.89 -1.59
N TRP D 170 -12.82 1.50 -1.04
CA TRP D 170 -11.51 0.86 -0.80
C TRP D 170 -11.13 1.10 0.66
N MET D 171 -10.68 0.05 1.35
CA MET D 171 -10.16 0.11 2.74
C MET D 171 -8.96 -0.85 2.88
N SER D 172 -8.16 -0.62 3.93
CA SER D 172 -7.16 -1.57 4.45
C SER D 172 -7.65 -2.12 5.81
N ILE D 173 -7.35 -3.37 6.12
CA ILE D 173 -7.63 -3.99 7.44
C ILE D 173 -6.34 -3.98 8.26
N TYR D 174 -6.40 -3.41 9.45
CA TYR D 174 -5.30 -3.35 10.44
C TYR D 174 -5.67 -4.26 11.62
N VAL D 175 -4.69 -4.63 12.45
CA VAL D 175 -4.89 -5.38 13.71
C VAL D 175 -4.13 -4.67 14.84
N ARG D 176 -4.73 -4.57 16.03
CA ARG D 176 -4.06 -4.13 17.27
C ARG D 176 -4.57 -4.95 18.46
N LYS D 177 -3.80 -4.96 19.55
CA LYS D 177 -4.16 -5.55 20.86
C LYS D 177 -5.30 -4.74 21.49
N THR D 178 -6.19 -5.42 22.21
CA THR D 178 -7.24 -4.81 23.07
C THR D 178 -6.63 -4.24 24.35
N SER D 179 -5.42 -4.68 24.75
CA SER D 179 -4.88 -4.48 26.12
C SER D 179 -4.65 -2.99 26.43
N SER D 180 -4.59 -2.13 25.42
CA SER D 180 -4.39 -0.67 25.56
C SER D 180 -5.04 0.06 24.40
N PRO D 181 -5.45 1.34 24.57
CA PRO D 181 -6.03 2.12 23.47
C PRO D 181 -5.01 2.51 22.39
N HIS D 182 -5.48 2.76 21.17
CA HIS D 182 -4.64 3.15 20.01
C HIS D 182 -4.15 4.59 20.20
N LEU D 183 -2.84 4.81 20.27
CA LEU D 183 -2.25 6.15 20.52
C LEU D 183 -2.10 6.92 19.21
N PRO D 184 -1.99 8.27 19.25
CA PRO D 184 -1.60 9.05 18.08
C PRO D 184 -0.21 8.69 17.56
N SER D 185 0.00 8.85 16.25
CA SER D 185 1.20 8.37 15.49
C SER D 185 2.50 8.92 16.10
N GLN D 186 2.52 10.17 16.57
CA GLN D 186 3.68 10.78 17.29
C GLN D 186 4.09 9.88 18.47
N GLU D 187 3.13 9.24 19.15
CA GLU D 187 3.33 8.53 20.45
C GLU D 187 3.34 7.00 20.26
N ARG D 188 3.39 6.52 19.01
CA ARG D 188 3.23 5.07 18.68
C ARG D 188 4.39 4.28 19.27
N GLY D 189 5.56 4.92 19.47
CA GLY D 189 6.69 4.37 20.23
C GLY D 189 6.26 3.84 21.59
N LYS D 190 5.24 4.47 22.20
CA LYS D 190 4.76 4.14 23.56
C LYS D 190 3.45 3.35 23.47
N ASP D 191 3.15 2.76 22.31
CA ASP D 191 1.92 1.97 22.08
C ASP D 191 2.32 0.59 21.56
N PRO D 192 2.91 -0.28 22.40
CA PRO D 192 3.42 -1.57 21.93
C PRO D 192 2.26 -2.50 21.60
N GLY D 193 1.03 -2.11 21.97
CA GLY D 193 -0.23 -2.81 21.64
C GLY D 193 -0.57 -2.79 20.15
N ARG D 194 -0.04 -1.81 19.41
CA ARG D 194 -0.07 -1.76 17.92
C ARG D 194 0.55 -3.03 17.32
N MET D 195 0.02 -3.50 16.20
CA MET D 195 0.59 -4.62 15.42
C MET D 195 0.71 -4.19 13.95
N ASN D 196 1.60 -4.82 13.18
CA ASN D 196 2.05 -4.33 11.86
C ASN D 196 1.17 -4.87 10.72
N ASP D 197 0.20 -5.73 11.01
CA ASP D 197 -0.68 -6.33 9.96
C ASP D 197 -1.30 -5.22 9.12
N LYS D 198 -1.14 -5.28 7.79
CA LYS D 198 -1.84 -4.37 6.84
C LYS D 198 -2.37 -5.20 5.66
N ILE D 199 -3.70 -5.31 5.53
CA ILE D 199 -4.39 -6.05 4.43
C ILE D 199 -4.97 -5.03 3.45
N ARG D 200 -4.36 -4.90 2.26
CA ARG D 200 -4.76 -3.88 1.24
C ARG D 200 -5.77 -4.50 0.26
N HIS D 201 -6.44 -3.65 -0.51
CA HIS D 201 -7.25 -4.00 -1.70
C HIS D 201 -8.59 -4.63 -1.30
N VAL D 202 -9.15 -4.18 -0.17
CA VAL D 202 -10.46 -4.64 0.36
C VAL D 202 -11.53 -3.58 0.01
N ARG D 203 -12.71 -4.02 -0.39
CA ARG D 203 -13.81 -3.11 -0.82
C ARG D 203 -15.04 -3.23 0.08
N PHE D 204 -15.07 -4.19 1.00
CA PHE D 204 -16.14 -4.35 2.00
C PHE D 204 -15.59 -5.10 3.21
N PHE D 205 -16.02 -4.69 4.41
CA PHE D 205 -15.57 -5.22 5.72
C PHE D 205 -16.47 -6.40 6.11
N ILE D 206 -16.20 -7.55 5.50
CA ILE D 206 -16.72 -8.89 5.89
C ILE D 206 -15.49 -9.68 6.33
N VAL D 207 -15.32 -9.81 7.65
CA VAL D 207 -14.09 -10.32 8.30
C VAL D 207 -14.52 -11.31 9.36
N SER D 208 -14.00 -12.55 9.30
CA SER D 208 -14.35 -13.67 10.21
C SER D 208 -13.06 -14.27 10.78
N TRP D 209 -12.82 -14.07 12.08
CA TRP D 209 -11.77 -14.76 12.86
C TRP D 209 -12.07 -16.26 12.96
N THR D 210 -11.04 -17.11 12.86
CA THR D 210 -11.08 -18.53 13.28
C THR D 210 -11.10 -18.56 14.82
N SER D 211 -11.67 -19.62 15.40
CA SER D 211 -11.90 -19.74 16.87
C SER D 211 -10.57 -19.79 17.62
N ASP D 212 -9.47 -20.07 16.91
CA ASP D 212 -8.09 -20.15 17.46
C ASP D 212 -7.48 -18.75 17.56
N SER D 213 -8.16 -17.71 17.07
CA SER D 213 -7.70 -16.30 17.09
C SER D 213 -6.34 -16.16 16.37
N LYS D 214 -5.99 -17.08 15.48
CA LYS D 214 -4.69 -17.08 14.75
C LYS D 214 -4.80 -16.26 13.46
N GLY D 215 -6.01 -15.98 12.98
CA GLY D 215 -6.20 -15.30 11.69
C GLY D 215 -7.66 -15.10 11.35
N PHE D 216 -7.94 -14.47 10.20
CA PHE D 216 -9.32 -14.14 9.77
C PHE D 216 -9.43 -14.24 8.25
N PHE D 217 -10.63 -14.61 7.80
CA PHE D 217 -11.07 -14.58 6.39
C PHE D 217 -11.45 -13.15 6.00
N TYR D 218 -11.26 -12.82 4.73
CA TYR D 218 -11.61 -11.50 4.14
C TYR D 218 -11.70 -11.66 2.63
N SER D 219 -12.42 -10.76 1.97
CA SER D 219 -12.52 -10.68 0.49
C SER D 219 -11.66 -9.51 0.01
N ARG D 220 -10.94 -9.71 -1.09
CA ARG D 220 -10.14 -8.62 -1.71
C ARG D 220 -10.21 -8.70 -3.24
N TYR D 221 -9.70 -7.66 -3.87
CA TYR D 221 -9.70 -7.48 -5.35
C TYR D 221 -8.26 -7.36 -5.82
N PRO D 222 -8.00 -7.42 -7.14
CA PRO D 222 -6.69 -7.04 -7.68
C PRO D 222 -6.43 -5.56 -7.43
N PRO D 223 -5.16 -5.12 -7.31
CA PRO D 223 -4.84 -3.73 -6.98
C PRO D 223 -5.38 -2.70 -7.98
N GLY D 230 -10.26 3.75 -14.11
CA GLY D 230 -10.74 4.39 -12.87
C GLY D 230 -12.24 4.22 -12.65
N ASN D 231 -12.98 3.84 -13.71
CA ASN D 231 -14.43 3.52 -13.65
C ASN D 231 -14.70 2.20 -14.35
N ALA D 232 -13.67 1.38 -14.55
CA ALA D 232 -13.78 0.00 -15.09
C ALA D 232 -14.61 -0.85 -14.11
N PRO D 233 -15.26 -1.93 -14.59
CA PRO D 233 -16.01 -2.82 -13.69
C PRO D 233 -15.16 -3.36 -12.52
N ALA D 234 -15.75 -3.46 -11.34
CA ALA D 234 -15.12 -4.09 -10.14
C ALA D 234 -15.10 -5.61 -10.33
N MET D 235 -13.94 -6.21 -10.53
CA MET D 235 -13.79 -7.59 -11.07
C MET D 235 -12.83 -8.42 -10.22
N ASN D 236 -13.06 -9.74 -10.19
CA ASN D 236 -12.12 -10.77 -9.67
C ASN D 236 -12.05 -10.65 -8.14
N CYS D 237 -13.21 -10.72 -7.48
CA CYS D 237 -13.33 -10.80 -6.01
C CYS D 237 -12.75 -12.14 -5.56
N MET D 238 -11.85 -12.13 -4.59
CA MET D 238 -11.17 -13.34 -4.06
C MET D 238 -11.32 -13.40 -2.53
N VAL D 239 -11.56 -14.60 -2.00
CA VAL D 239 -11.54 -14.84 -0.53
C VAL D 239 -10.14 -15.32 -0.12
N TYR D 240 -9.56 -14.69 0.90
CA TYR D 240 -8.24 -15.04 1.46
C TYR D 240 -8.37 -15.26 2.98
N TYR D 241 -7.39 -15.95 3.56
CA TYR D 241 -7.20 -16.10 5.02
C TYR D 241 -5.88 -15.46 5.40
N HIS D 242 -5.92 -14.48 6.29
CA HIS D 242 -4.71 -13.80 6.83
C HIS D 242 -4.36 -14.41 8.20
N ARG D 243 -3.13 -14.87 8.37
CA ARG D 243 -2.55 -15.27 9.69
C ARG D 243 -1.91 -14.04 10.33
N ILE D 244 -2.29 -13.73 11.57
CA ILE D 244 -1.76 -12.56 12.34
C ILE D 244 -0.22 -12.65 12.35
N GLY D 245 0.46 -11.54 12.05
CA GLY D 245 1.94 -11.44 12.08
C GLY D 245 2.59 -11.68 10.73
N GLU D 246 1.83 -12.11 9.72
CA GLU D 246 2.36 -12.41 8.37
C GLU D 246 2.11 -11.22 7.42
N ASP D 247 2.97 -11.02 6.42
CA ASP D 247 2.73 -10.07 5.31
C ASP D 247 1.57 -10.60 4.45
N GLN D 248 0.82 -9.70 3.83
CA GLN D 248 -0.39 -10.07 3.04
C GLN D 248 0.01 -11.06 1.94
N GLU D 249 1.22 -10.96 1.40
CA GLU D 249 1.72 -11.87 0.33
C GLU D 249 1.64 -13.34 0.77
N SER D 250 1.73 -13.62 2.06
CA SER D 250 1.66 -15.00 2.61
C SER D 250 0.20 -15.46 2.76
N ASP D 251 -0.78 -14.56 2.64
CA ASP D 251 -2.20 -14.92 2.86
C ASP D 251 -2.58 -16.06 1.90
N VAL D 252 -3.31 -17.03 2.41
CA VAL D 252 -3.74 -18.26 1.68
C VAL D 252 -5.01 -17.95 0.87
N LEU D 253 -4.98 -18.23 -0.42
CA LEU D 253 -6.18 -18.13 -1.31
C LEU D 253 -7.19 -19.19 -0.88
N VAL D 254 -8.41 -18.77 -0.59
CA VAL D 254 -9.53 -19.68 -0.21
C VAL D 254 -10.44 -19.86 -1.43
N HIS D 255 -10.75 -18.80 -2.16
CA HIS D 255 -11.66 -18.88 -3.34
C HIS D 255 -11.34 -17.81 -4.39
N GLU D 256 -11.34 -18.23 -5.65
CA GLU D 256 -11.40 -17.35 -6.84
C GLU D 256 -12.21 -18.08 -7.92
N ASP D 257 -12.84 -17.33 -8.81
CA ASP D 257 -13.68 -17.90 -9.90
C ASP D 257 -13.41 -17.07 -11.14
N PRO D 258 -12.26 -17.28 -11.83
CA PRO D 258 -11.87 -16.45 -12.97
C PRO D 258 -12.90 -16.42 -14.11
N GLU D 259 -13.73 -17.46 -14.21
CA GLU D 259 -14.80 -17.57 -15.25
C GLU D 259 -15.85 -16.47 -15.05
N HIS D 260 -16.08 -16.05 -13.80
CA HIS D 260 -17.15 -15.09 -13.41
C HIS D 260 -16.55 -13.90 -12.67
N PRO D 261 -15.79 -13.00 -13.34
CA PRO D 261 -15.13 -11.88 -12.64
C PRO D 261 -16.09 -10.85 -12.05
N PHE D 262 -17.36 -10.82 -12.48
CA PHE D 262 -18.39 -9.86 -12.01
C PHE D 262 -19.07 -10.37 -10.73
N TRP D 263 -18.88 -11.64 -10.37
CA TRP D 263 -19.44 -12.21 -9.11
C TRP D 263 -18.73 -11.57 -7.91
N ILE D 264 -19.47 -11.33 -6.83
CA ILE D 264 -18.95 -10.87 -5.52
C ILE D 264 -19.08 -12.04 -4.54
N SER D 265 -18.03 -12.33 -3.80
CA SER D 265 -17.97 -13.50 -2.89
C SER D 265 -17.40 -13.08 -1.53
N SER D 266 -17.87 -13.76 -0.50
CA SER D 266 -17.45 -13.58 0.91
C SER D 266 -17.69 -14.88 1.67
N VAL D 267 -17.12 -14.97 2.86
CA VAL D 267 -17.35 -16.11 3.79
C VAL D 267 -17.76 -15.52 5.13
N GLN D 268 -18.52 -16.30 5.89
CA GLN D 268 -18.96 -15.97 7.27
C GLN D 268 -18.84 -17.23 8.12
N LEU D 269 -18.22 -17.12 9.30
CA LEU D 269 -18.15 -18.24 10.28
C LEU D 269 -19.37 -18.16 11.20
N THR D 270 -19.90 -19.30 11.61
CA THR D 270 -20.89 -19.42 12.71
C THR D 270 -20.26 -18.90 13.99
N PRO D 271 -21.05 -18.43 14.98
CA PRO D 271 -20.50 -17.88 16.22
C PRO D 271 -19.49 -18.82 16.93
N SER D 272 -19.70 -20.13 16.86
CA SER D 272 -18.79 -21.16 17.44
C SER D 272 -17.43 -21.16 16.70
N GLY D 273 -17.40 -20.68 15.46
CA GLY D 273 -16.20 -20.67 14.59
C GLY D 273 -16.00 -22.01 13.88
N ARG D 274 -16.95 -22.94 14.00
CA ARG D 274 -16.82 -24.30 13.46
C ARG D 274 -17.15 -24.36 11.97
N TYR D 275 -18.26 -23.75 11.55
CA TYR D 275 -18.77 -23.81 10.16
C TYR D 275 -18.47 -22.50 9.43
N ILE D 276 -18.10 -22.61 8.16
CA ILE D 276 -17.84 -21.46 7.25
C ILE D 276 -18.88 -21.54 6.13
N LEU D 277 -19.64 -20.45 5.95
CA LEU D 277 -20.56 -20.28 4.81
C LEU D 277 -19.81 -19.50 3.73
N PHE D 278 -19.71 -20.10 2.54
CA PHE D 278 -19.32 -19.39 1.29
C PHE D 278 -20.61 -18.93 0.60
N ALA D 279 -20.65 -17.67 0.21
CA ALA D 279 -21.74 -17.10 -0.61
C ALA D 279 -21.14 -16.29 -1.77
N ALA D 280 -21.61 -16.55 -2.99
CA ALA D 280 -21.33 -15.74 -4.19
C ALA D 280 -22.63 -15.05 -4.62
N SER D 281 -22.51 -13.78 -5.01
CA SER D 281 -23.58 -12.96 -5.63
C SER D 281 -23.20 -12.66 -7.08
N ARG D 282 -24.15 -12.75 -8.00
CA ARG D 282 -23.93 -12.49 -9.46
C ARG D 282 -24.67 -11.23 -9.93
N ASP D 283 -25.43 -10.60 -9.03
CA ASP D 283 -26.24 -9.38 -9.31
C ASP D 283 -26.70 -8.82 -7.95
N ALA D 284 -27.57 -7.82 -7.97
CA ALA D 284 -28.08 -7.14 -6.76
C ALA D 284 -29.31 -7.88 -6.19
N SER D 285 -29.71 -9.00 -6.79
CA SER D 285 -30.87 -9.82 -6.32
C SER D 285 -30.45 -10.62 -5.07
N HIS D 286 -31.42 -10.97 -4.24
CA HIS D 286 -31.25 -11.78 -3.00
C HIS D 286 -31.21 -13.27 -3.37
N THR D 287 -30.23 -13.65 -4.18
CA THR D 287 -29.97 -15.04 -4.62
C THR D 287 -28.47 -15.26 -4.51
N GLN D 288 -28.07 -16.47 -4.11
CA GLN D 288 -26.64 -16.82 -3.91
C GLN D 288 -26.35 -18.23 -4.42
N LEU D 289 -25.10 -18.46 -4.78
CA LEU D 289 -24.44 -19.79 -4.76
C LEU D 289 -23.83 -19.94 -3.37
N VAL D 290 -24.22 -20.98 -2.64
CA VAL D 290 -23.86 -21.16 -1.21
C VAL D 290 -23.25 -22.55 -1.02
N LYS D 291 -22.22 -22.62 -0.17
CA LYS D 291 -21.58 -23.88 0.28
C LYS D 291 -21.24 -23.74 1.77
N ILE D 292 -21.28 -24.85 2.50
CA ILE D 292 -20.90 -24.96 3.94
C ILE D 292 -19.68 -25.88 4.03
N ALA D 293 -18.68 -25.50 4.82
CA ALA D 293 -17.56 -26.40 5.19
C ALA D 293 -17.45 -26.43 6.72
N ASP D 294 -17.00 -27.58 7.23
CA ASP D 294 -16.70 -27.80 8.67
C ASP D 294 -15.19 -27.60 8.81
N LEU D 295 -14.76 -26.50 9.47
CA LEU D 295 -13.33 -26.11 9.53
C LEU D 295 -12.51 -27.15 10.29
N HIS D 296 -13.17 -28.00 11.11
CA HIS D 296 -12.51 -29.05 11.91
C HIS D 296 -12.11 -30.24 11.02
N GLU D 297 -12.62 -30.32 9.79
CA GLU D 297 -12.24 -31.35 8.79
C GLU D 297 -11.13 -30.90 7.84
N ASN D 298 -10.90 -29.60 7.67
CA ASN D 298 -10.16 -29.03 6.51
C ASN D 298 -8.93 -28.27 6.99
N ASP D 299 -7.90 -28.19 6.15
CA ASP D 299 -6.86 -27.13 6.21
C ASP D 299 -7.35 -25.97 5.36
N ILE D 300 -7.14 -24.72 5.81
CA ILE D 300 -7.60 -23.48 5.12
C ILE D 300 -6.89 -23.42 3.76
N GLY D 301 -7.64 -23.23 2.67
CA GLY D 301 -7.10 -23.25 1.30
C GLY D 301 -8.16 -23.54 0.26
N THR D 302 -7.77 -23.88 -0.97
CA THR D 302 -8.70 -24.05 -2.13
C THR D 302 -9.22 -25.49 -2.20
N ASN D 303 -8.69 -26.40 -1.36
CA ASN D 303 -9.02 -27.84 -1.35
C ASN D 303 -9.67 -28.19 -0.01
N MET D 304 -10.81 -27.55 0.27
CA MET D 304 -11.64 -27.78 1.48
C MET D 304 -12.89 -28.59 1.07
N LYS D 305 -13.45 -29.36 2.01
CA LYS D 305 -14.63 -30.24 1.77
C LYS D 305 -15.91 -29.40 1.87
N TRP D 306 -16.28 -28.71 0.79
CA TRP D 306 -17.51 -27.89 0.69
C TRP D 306 -18.72 -28.83 0.54
N LYS D 307 -19.77 -28.58 1.32
CA LYS D 307 -21.06 -29.32 1.27
C LYS D 307 -22.11 -28.38 0.66
N ASN D 308 -23.05 -28.95 -0.09
CA ASN D 308 -24.20 -28.22 -0.67
C ASN D 308 -25.17 -27.85 0.46
N LEU D 309 -25.44 -26.55 0.58
CA LEU D 309 -26.50 -26.01 1.46
C LEU D 309 -27.83 -26.04 0.70
N HIS D 310 -27.84 -25.57 -0.55
CA HIS D 310 -29.03 -25.54 -1.44
C HIS D 310 -28.60 -25.28 -2.89
N ASP D 311 -29.44 -25.63 -3.86
CA ASP D 311 -29.22 -25.36 -5.30
C ASP D 311 -28.88 -23.88 -5.49
N PRO D 312 -27.96 -23.55 -6.40
CA PRO D 312 -27.52 -22.17 -6.57
C PRO D 312 -28.61 -21.26 -7.18
N TRP D 313 -28.59 -20.00 -6.77
CA TRP D 313 -29.32 -18.84 -7.38
C TRP D 313 -30.83 -18.92 -7.12
N GLU D 314 -31.27 -19.67 -6.11
CA GLU D 314 -32.70 -19.76 -5.72
C GLU D 314 -32.97 -18.87 -4.50
N ALA D 315 -31.99 -18.71 -3.61
CA ALA D 315 -32.18 -18.02 -2.32
C ALA D 315 -30.87 -17.43 -1.79
N ARG D 316 -31.01 -16.56 -0.81
CA ARG D 316 -29.91 -15.97 -0.01
C ARG D 316 -29.98 -16.60 1.39
N PHE D 317 -28.82 -16.79 2.03
CA PHE D 317 -28.66 -17.45 3.36
C PHE D 317 -27.73 -16.59 4.23
N THR D 318 -28.16 -16.27 5.45
N THR D 318 -28.15 -16.25 5.46
CA THR D 318 -27.39 -15.48 6.46
CA THR D 318 -27.33 -15.50 6.45
C THR D 318 -27.37 -16.27 7.77
C THR D 318 -27.37 -16.24 7.79
N ILE D 319 -26.21 -16.37 8.42
CA ILE D 319 -26.06 -17.15 9.68
C ILE D 319 -26.70 -16.37 10.83
N VAL D 320 -27.52 -17.05 11.64
CA VAL D 320 -28.15 -16.51 12.88
C VAL D 320 -27.44 -17.08 14.11
N GLY D 321 -27.00 -18.34 14.04
CA GLY D 321 -26.26 -19.01 15.12
C GLY D 321 -25.97 -20.46 14.78
N ASP D 322 -25.49 -21.20 15.77
CA ASP D 322 -25.25 -22.66 15.63
C ASP D 322 -25.40 -23.32 17.00
N GLU D 323 -25.75 -24.60 16.96
CA GLU D 323 -25.86 -25.50 18.14
C GLU D 323 -25.32 -26.86 17.69
N GLY D 324 -24.04 -27.12 17.97
CA GLY D 324 -23.32 -28.30 17.46
C GLY D 324 -23.32 -28.30 15.94
N SER D 325 -23.88 -29.33 15.30
CA SER D 325 -23.93 -29.48 13.83
C SER D 325 -25.13 -28.73 13.24
N LYS D 326 -26.04 -28.25 14.09
CA LYS D 326 -27.25 -27.49 13.64
C LYS D 326 -26.87 -26.02 13.40
N ILE D 327 -27.18 -25.48 12.21
CA ILE D 327 -26.94 -24.05 11.87
C ILE D 327 -28.31 -23.39 11.68
N TYR D 328 -28.52 -22.24 12.34
CA TYR D 328 -29.71 -21.38 12.16
C TYR D 328 -29.42 -20.38 11.05
N PHE D 329 -30.30 -20.34 10.05
CA PHE D 329 -30.22 -19.41 8.89
C PHE D 329 -31.47 -18.52 8.84
N MET D 330 -31.23 -17.25 8.53
CA MET D 330 -32.21 -16.36 7.88
C MET D 330 -32.08 -16.60 6.38
N THR D 331 -33.18 -16.98 5.73
CA THR D 331 -33.18 -17.31 4.28
C THR D 331 -34.51 -16.90 3.65
N ASN D 332 -34.48 -16.56 2.35
CA ASN D 332 -35.69 -16.24 1.57
C ASN D 332 -36.04 -17.43 0.67
N LEU D 333 -35.54 -18.63 0.99
CA LEU D 333 -35.81 -19.86 0.20
C LEU D 333 -37.33 -20.12 0.19
N LYS D 334 -37.97 -20.01 -0.99
CA LYS D 334 -39.44 -20.14 -1.20
C LYS D 334 -40.20 -19.23 -0.22
N ALA D 335 -39.64 -18.05 0.09
CA ALA D 335 -40.14 -17.12 1.12
C ALA D 335 -39.52 -15.74 0.90
N LYS D 336 -40.06 -14.95 -0.04
CA LYS D 336 -39.45 -13.66 -0.49
C LYS D 336 -39.31 -12.68 0.68
N ASN D 337 -40.15 -12.79 1.71
CA ASN D 337 -40.09 -11.90 2.91
C ASN D 337 -39.12 -12.45 3.96
N TYR D 338 -38.41 -13.54 3.65
CA TYR D 338 -37.42 -14.20 4.54
C TYR D 338 -38.13 -14.91 5.70
N LYS D 339 -37.42 -15.86 6.28
CA LYS D 339 -37.88 -16.74 7.39
C LYS D 339 -36.64 -17.25 8.10
N VAL D 340 -36.81 -17.97 9.21
CA VAL D 340 -35.68 -18.65 9.92
C VAL D 340 -35.84 -20.16 9.72
N ALA D 341 -34.76 -20.80 9.27
CA ALA D 341 -34.69 -22.25 9.00
C ALA D 341 -33.38 -22.82 9.55
N THR D 342 -33.38 -24.09 9.93
CA THR D 342 -32.20 -24.80 10.50
C THR D 342 -31.69 -25.82 9.48
N PHE D 343 -30.36 -25.99 9.46
CA PHE D 343 -29.63 -26.96 8.62
C PHE D 343 -28.79 -27.85 9.55
N ASP D 344 -28.86 -29.18 9.37
CA ASP D 344 -27.96 -30.14 10.07
C ASP D 344 -26.81 -30.49 9.13
N ALA D 345 -25.61 -29.96 9.40
CA ALA D 345 -24.40 -30.15 8.56
C ALA D 345 -24.00 -31.64 8.54
N ASN D 346 -24.42 -32.42 9.54
CA ASN D 346 -24.18 -33.90 9.61
C ASN D 346 -25.17 -34.65 8.71
N HIS D 347 -26.27 -34.02 8.27
CA HIS D 347 -27.29 -34.60 7.36
C HIS D 347 -27.67 -33.58 6.29
N PRO D 348 -26.76 -33.21 5.38
CA PRO D 348 -27.04 -32.16 4.39
C PRO D 348 -28.26 -32.48 3.52
N ASP D 349 -28.48 -33.77 3.21
CA ASP D 349 -29.57 -34.23 2.30
C ASP D 349 -30.97 -34.05 2.90
N GLU D 350 -31.07 -33.84 4.20
CA GLU D 350 -32.37 -33.53 4.87
C GLU D 350 -32.83 -32.11 4.51
N GLY D 351 -31.88 -31.25 4.08
CA GLY D 351 -32.16 -29.88 3.66
C GLY D 351 -32.41 -28.97 4.85
N LEU D 352 -33.18 -27.90 4.63
CA LEU D 352 -33.53 -26.89 5.65
C LEU D 352 -34.88 -27.25 6.27
N THR D 353 -35.02 -27.08 7.58
CA THR D 353 -36.31 -27.20 8.32
C THR D 353 -36.75 -25.80 8.75
N THR D 354 -38.01 -25.45 8.49
CA THR D 354 -38.56 -24.12 8.89
C THR D 354 -38.70 -24.07 10.41
N LEU D 355 -38.11 -23.05 11.03
CA LEU D 355 -38.25 -22.80 12.50
C LEU D 355 -39.27 -21.65 12.69
N ILE D 356 -39.05 -20.52 12.00
CA ILE D 356 -39.98 -19.37 11.94
C ILE D 356 -40.48 -19.23 10.50
N ALA D 357 -41.77 -19.44 10.28
CA ALA D 357 -42.43 -19.35 8.96
C ALA D 357 -42.29 -17.92 8.43
N GLU D 358 -42.23 -17.76 7.11
CA GLU D 358 -42.34 -16.45 6.43
C GLU D 358 -43.60 -15.75 6.94
N ASP D 359 -43.48 -14.47 7.31
CA ASP D 359 -44.65 -13.56 7.43
C ASP D 359 -44.96 -13.02 6.03
N PRO D 360 -46.14 -13.34 5.45
CA PRO D 360 -46.45 -12.93 4.09
C PRO D 360 -46.49 -11.41 3.93
N ASN D 361 -46.62 -10.66 5.04
CA ASN D 361 -46.88 -9.20 5.05
C ASN D 361 -45.82 -8.44 5.85
N ALA D 362 -44.63 -9.02 6.07
CA ALA D 362 -43.53 -8.34 6.78
C ALA D 362 -42.19 -8.95 6.39
N PHE D 363 -41.27 -8.08 6.00
CA PHE D 363 -39.88 -8.39 5.62
C PHE D 363 -39.10 -8.67 6.91
N LEU D 364 -38.57 -9.88 7.07
CA LEU D 364 -37.68 -10.24 8.20
C LEU D 364 -36.30 -9.66 7.92
N VAL D 365 -35.87 -8.70 8.73
CA VAL D 365 -34.68 -7.82 8.51
C VAL D 365 -33.49 -8.38 9.29
N SER D 366 -33.72 -8.98 10.46
CA SER D 366 -32.66 -9.67 11.25
C SER D 366 -33.27 -10.64 12.26
N ALA D 367 -32.48 -11.65 12.58
CA ALA D 367 -32.76 -12.67 13.61
C ALA D 367 -31.45 -12.87 14.39
N SER D 368 -31.54 -12.84 15.71
CA SER D 368 -30.36 -12.98 16.60
C SER D 368 -30.82 -13.66 17.89
N ILE D 369 -29.87 -14.33 18.55
CA ILE D 369 -30.12 -15.14 19.77
C ILE D 369 -29.58 -14.36 20.98
N HIS D 370 -30.36 -14.34 22.06
CA HIS D 370 -30.08 -13.56 23.30
C HIS D 370 -30.47 -14.41 24.50
N ALA D 371 -29.83 -14.19 25.64
CA ALA D 371 -30.13 -14.90 26.90
C ALA D 371 -30.27 -16.40 26.60
N GLN D 372 -29.30 -16.96 25.86
CA GLN D 372 -29.10 -18.40 25.55
C GLN D 372 -30.12 -18.92 24.53
N ASP D 373 -31.43 -18.73 24.72
CA ASP D 373 -32.48 -19.40 23.90
C ASP D 373 -33.64 -18.46 23.55
N LYS D 374 -33.43 -17.15 23.56
CA LYS D 374 -34.44 -16.16 23.10
C LYS D 374 -34.06 -15.69 21.69
N LEU D 375 -34.92 -15.95 20.70
CA LEU D 375 -34.74 -15.54 19.29
C LEU D 375 -35.44 -14.18 19.09
N LEU D 376 -34.65 -13.13 18.84
CA LEU D 376 -35.17 -11.76 18.60
C LEU D 376 -35.24 -11.54 17.08
N LEU D 377 -36.46 -11.30 16.59
CA LEU D 377 -36.77 -11.04 15.16
C LEU D 377 -37.09 -9.55 14.99
N VAL D 378 -36.47 -8.89 14.02
CA VAL D 378 -36.83 -7.50 13.62
C VAL D 378 -37.55 -7.60 12.28
N TYR D 379 -38.82 -7.21 12.26
CA TYR D 379 -39.68 -7.20 11.06
C TYR D 379 -39.83 -5.75 10.58
N LEU D 380 -39.84 -5.59 9.27
CA LEU D 380 -40.20 -4.33 8.59
C LEU D 380 -41.63 -4.51 8.08
N ARG D 381 -42.59 -3.84 8.72
CA ARG D 381 -44.03 -3.84 8.34
C ARG D 381 -44.51 -2.40 8.42
N ASN D 382 -45.30 -1.95 7.45
CA ASN D 382 -45.89 -0.59 7.45
C ASN D 382 -44.77 0.46 7.57
N ALA D 383 -43.66 0.29 6.89
CA ALA D 383 -42.54 1.25 6.77
C ALA D 383 -41.93 1.60 8.13
N SER D 384 -41.94 0.65 9.07
CA SER D 384 -41.28 0.78 10.39
C SER D 384 -40.90 -0.60 10.93
N HIS D 385 -40.09 -0.62 11.98
CA HIS D 385 -39.54 -1.85 12.62
C HIS D 385 -40.48 -2.35 13.71
N GLU D 386 -40.60 -3.68 13.80
CA GLU D 386 -41.23 -4.40 14.93
C GLU D 386 -40.23 -5.42 15.50
N ILE D 387 -40.14 -5.52 16.83
CA ILE D 387 -39.32 -6.56 17.51
C ILE D 387 -40.26 -7.61 18.08
N HIS D 388 -40.10 -8.86 17.64
CA HIS D 388 -40.82 -10.07 18.12
C HIS D 388 -39.81 -10.99 18.82
N ILE D 389 -40.17 -11.50 20.01
CA ILE D 389 -39.35 -12.52 20.73
C ILE D 389 -40.00 -13.88 20.48
N ARG D 390 -39.18 -14.88 20.12
CA ARG D 390 -39.58 -16.29 19.90
C ARG D 390 -38.72 -17.19 20.79
N ASP D 391 -39.24 -18.38 21.13
CA ASP D 391 -38.44 -19.45 21.76
C ASP D 391 -37.54 -20.09 20.69
N LEU D 392 -36.23 -20.16 20.93
CA LEU D 392 -35.25 -20.71 19.95
C LEU D 392 -35.59 -22.17 19.62
N THR D 393 -35.96 -22.97 20.63
CA THR D 393 -36.16 -24.43 20.52
C THR D 393 -37.39 -24.73 19.66
N THR D 394 -38.55 -24.15 19.99
CA THR D 394 -39.87 -24.48 19.40
C THR D 394 -40.25 -23.47 18.31
N GLY D 395 -39.75 -22.23 18.41
CA GLY D 395 -40.17 -21.13 17.54
C GLY D 395 -41.45 -20.47 18.03
N LYS D 396 -41.95 -20.85 19.22
CA LYS D 396 -43.23 -20.35 19.78
C LYS D 396 -43.11 -18.86 20.07
N PRO D 397 -44.19 -18.07 19.82
CA PRO D 397 -44.18 -16.63 20.11
C PRO D 397 -44.11 -16.38 21.62
N LEU D 398 -43.17 -15.53 22.06
CA LEU D 398 -43.04 -15.11 23.49
C LEU D 398 -43.48 -13.66 23.65
N GLY D 399 -43.83 -12.99 22.54
CA GLY D 399 -44.48 -11.67 22.57
C GLY D 399 -43.65 -10.61 21.87
N ARG D 400 -44.15 -9.38 21.89
CA ARG D 400 -43.53 -8.19 21.28
C ARG D 400 -42.77 -7.43 22.37
N ILE D 401 -41.75 -6.67 22.00
CA ILE D 401 -41.18 -5.61 22.88
C ILE D 401 -41.03 -4.34 22.04
N PHE D 402 -41.13 -3.18 22.69
CA PHE D 402 -41.03 -1.84 22.08
C PHE D 402 -42.12 -1.62 21.01
N GLU D 403 -43.30 -2.24 21.15
CA GLU D 403 -44.46 -2.13 20.23
C GLU D 403 -44.93 -0.68 20.08
N ASP D 404 -44.84 0.08 21.18
CA ASP D 404 -45.35 1.47 21.31
C ASP D 404 -44.46 2.44 20.51
N LEU D 405 -43.26 2.00 20.10
CA LEU D 405 -42.26 2.86 19.41
C LEU D 405 -42.33 2.59 17.90
N LEU D 406 -42.59 3.65 17.13
CA LEU D 406 -42.76 3.65 15.66
C LEU D 406 -41.54 4.35 15.06
N GLY D 407 -40.69 3.58 14.39
CA GLY D 407 -39.40 4.04 13.84
C GLY D 407 -38.53 2.85 13.51
N GLN D 408 -37.23 2.97 13.79
CA GLN D 408 -36.24 1.89 13.50
C GLN D 408 -35.41 1.60 14.75
N PHE D 409 -34.88 0.38 14.81
CA PHE D 409 -34.06 -0.15 15.92
C PHE D 409 -32.72 -0.63 15.39
N MET D 410 -31.66 -0.34 16.14
CA MET D 410 -30.36 -1.06 16.05
C MET D 410 -30.20 -1.87 17.35
N VAL D 411 -30.15 -3.20 17.26
CA VAL D 411 -30.09 -4.11 18.44
C VAL D 411 -28.65 -4.61 18.65
N SER D 412 -28.09 -4.40 19.85
CA SER D 412 -26.79 -4.93 20.32
C SER D 412 -27.04 -5.95 21.44
N GLY D 413 -26.20 -6.98 21.52
CA GLY D 413 -26.28 -8.06 22.51
C GLY D 413 -26.00 -9.41 21.90
N ARG D 414 -25.33 -10.29 22.64
CA ARG D 414 -24.90 -11.63 22.16
C ARG D 414 -25.76 -12.69 22.84
N ARG D 415 -25.65 -13.94 22.36
CA ARG D 415 -26.38 -15.13 22.86
C ARG D 415 -26.15 -15.32 24.36
N GLN D 416 -24.92 -15.08 24.82
CA GLN D 416 -24.50 -15.31 26.23
C GLN D 416 -25.00 -14.19 27.15
N ASP D 417 -25.42 -13.04 26.63
CA ASP D 417 -25.88 -11.87 27.43
C ASP D 417 -27.40 -11.96 27.67
N ASN D 418 -27.85 -11.61 28.87
CA ASN D 418 -29.27 -11.55 29.26
C ASN D 418 -29.88 -10.19 28.84
N ASP D 419 -29.02 -9.23 28.47
CA ASP D 419 -29.39 -7.83 28.15
C ASP D 419 -29.18 -7.57 26.66
N ILE D 420 -30.03 -6.73 26.08
CA ILE D 420 -29.76 -6.05 24.77
C ILE D 420 -29.75 -4.53 25.04
N PHE D 421 -28.96 -3.80 24.26
CA PHE D 421 -29.04 -2.33 24.11
C PHE D 421 -29.66 -2.04 22.75
N VAL D 422 -30.78 -1.31 22.74
CA VAL D 422 -31.62 -1.04 21.53
C VAL D 422 -31.64 0.47 21.30
N LEU D 423 -31.04 0.92 20.19
CA LEU D 423 -31.06 2.32 19.73
C LEU D 423 -32.32 2.51 18.90
N PHE D 424 -33.30 3.22 19.46
CA PHE D 424 -34.54 3.64 18.75
C PHE D 424 -34.32 5.03 18.14
N SER D 425 -34.68 5.20 16.87
CA SER D 425 -34.65 6.51 16.17
C SER D 425 -35.83 6.58 15.20
N SER D 426 -36.22 7.82 14.90
CA SER D 426 -37.31 8.18 13.97
C SER D 426 -36.99 9.55 13.35
N PHE D 427 -37.94 10.16 12.65
CA PHE D 427 -37.78 11.54 12.11
C PHE D 427 -37.66 12.52 13.29
N LEU D 428 -38.18 12.17 14.47
CA LEU D 428 -38.29 13.08 15.64
C LEU D 428 -37.33 12.66 16.77
N SER D 429 -36.98 11.37 16.89
CA SER D 429 -36.06 10.84 17.93
C SER D 429 -34.67 10.64 17.36
N PRO D 430 -33.66 11.44 17.78
CA PRO D 430 -32.29 11.31 17.29
C PRO D 430 -31.58 10.00 17.67
N GLY D 431 -31.95 9.40 18.80
CA GLY D 431 -31.35 8.16 19.30
C GLY D 431 -31.58 7.99 20.78
N THR D 432 -32.49 7.09 21.14
CA THR D 432 -32.76 6.70 22.53
C THR D 432 -32.25 5.26 22.69
N VAL D 433 -31.26 5.08 23.56
CA VAL D 433 -30.68 3.75 23.87
C VAL D 433 -31.47 3.20 25.07
N TYR D 434 -32.28 2.17 24.81
CA TYR D 434 -32.98 1.37 25.84
C TYR D 434 -32.13 0.16 26.19
N ARG D 435 -32.15 -0.21 27.46
CA ARG D 435 -31.64 -1.51 27.97
C ARG D 435 -32.87 -2.40 28.18
N TYR D 436 -32.86 -3.59 27.59
CA TYR D 436 -33.92 -4.62 27.82
C TYR D 436 -33.26 -5.87 28.38
N THR D 437 -33.73 -6.30 29.55
CA THR D 437 -33.27 -7.54 30.25
C THR D 437 -34.34 -8.61 30.11
N PHE D 438 -33.98 -9.77 29.55
CA PHE D 438 -34.90 -10.92 29.36
C PHE D 438 -35.19 -11.56 30.72
N GLY D 439 -36.45 -11.90 30.96
CA GLY D 439 -36.90 -12.58 32.18
C GLY D 439 -37.54 -13.91 31.81
N GLU D 440 -38.21 -14.54 32.79
CA GLU D 440 -38.89 -15.85 32.62
C GLU D 440 -40.16 -15.65 31.81
N GLU D 441 -41.08 -14.81 32.28
CA GLU D 441 -42.42 -14.58 31.65
C GLU D 441 -42.48 -13.22 30.96
N LYS D 442 -41.79 -12.22 31.49
CA LYS D 442 -41.64 -10.87 30.87
C LYS D 442 -40.23 -10.34 31.21
N GLY D 443 -39.79 -9.31 30.48
CA GLY D 443 -38.49 -8.67 30.70
C GLY D 443 -38.63 -7.36 31.44
N TYR D 444 -37.52 -6.62 31.50
CA TYR D 444 -37.45 -5.26 32.09
C TYR D 444 -36.84 -4.30 31.07
N ARG D 445 -37.62 -3.27 30.72
CA ARG D 445 -37.22 -2.19 29.77
C ARG D 445 -36.90 -0.95 30.59
N SER D 446 -35.79 -0.28 30.28
CA SER D 446 -35.41 1.01 30.90
C SER D 446 -34.74 1.88 29.83
N LEU D 447 -34.88 3.20 29.96
CA LEU D 447 -34.19 4.18 29.10
C LEU D 447 -32.77 4.36 29.67
N PHE D 448 -31.75 3.90 28.95
CA PHE D 448 -30.33 4.01 29.38
C PHE D 448 -29.83 5.44 29.12
N ARG D 449 -29.81 5.87 27.84
CA ARG D 449 -29.30 7.20 27.45
C ARG D 449 -30.04 7.67 26.19
N ALA D 450 -30.36 8.96 26.12
CA ALA D 450 -31.03 9.60 24.98
C ALA D 450 -30.12 10.67 24.39
N ILE D 451 -29.95 10.66 23.07
CA ILE D 451 -29.29 11.77 22.33
C ILE D 451 -30.25 12.95 22.40
N SER D 452 -29.74 14.11 22.81
CA SER D 452 -30.52 15.35 22.99
C SER D 452 -29.89 16.45 22.14
N ILE D 453 -30.71 17.27 21.50
CA ILE D 453 -30.28 18.39 20.62
C ILE D 453 -30.63 19.69 21.34
N PRO D 454 -29.63 20.36 21.96
CA PRO D 454 -29.85 21.62 22.66
C PRO D 454 -30.57 22.68 21.82
N GLY D 455 -30.24 22.77 20.53
CA GLY D 455 -30.67 23.87 19.65
C GLY D 455 -32.13 23.78 19.23
N LEU D 456 -32.80 22.64 19.43
CA LEU D 456 -34.11 22.36 18.78
C LEU D 456 -35.07 21.66 19.74
N ASN D 457 -36.29 22.18 19.85
CA ASN D 457 -37.38 21.58 20.66
C ASN D 457 -38.12 20.59 19.77
N LEU D 458 -37.87 19.30 19.97
CA LEU D 458 -38.36 18.20 19.10
C LEU D 458 -39.88 18.06 19.24
N ASP D 459 -40.46 18.54 20.34
CA ASP D 459 -41.91 18.48 20.64
C ASP D 459 -42.69 19.43 19.72
N ASP D 460 -42.01 20.38 19.07
CA ASP D 460 -42.60 21.35 18.10
C ASP D 460 -42.88 20.67 16.77
N PHE D 461 -42.42 19.43 16.57
CA PHE D 461 -42.50 18.69 15.30
C PHE D 461 -43.41 17.48 15.46
N MET D 462 -44.02 17.07 14.35
CA MET D 462 -44.86 15.86 14.25
C MET D 462 -44.57 15.18 12.91
N THR D 463 -44.76 13.86 12.88
CA THR D 463 -44.77 13.08 11.63
C THR D 463 -46.17 12.54 11.41
N GLU D 464 -46.84 12.98 10.34
CA GLU D 464 -48.16 12.44 9.91
C GLU D 464 -47.90 11.15 9.14
N SER D 465 -48.85 10.23 9.18
CA SER D 465 -48.88 8.98 8.40
C SER D 465 -50.13 9.02 7.53
N VAL D 466 -49.98 9.17 6.22
CA VAL D 466 -51.11 9.33 5.26
C VAL D 466 -50.96 8.27 4.16
N PHE D 467 -52.05 8.01 3.45
CA PHE D 467 -52.10 7.17 2.23
C PHE D 467 -52.69 7.99 1.08
N TYR D 468 -52.05 7.93 -0.10
CA TYR D 468 -52.48 8.66 -1.31
C TYR D 468 -52.56 7.72 -2.51
N PRO D 469 -53.54 7.91 -3.42
CA PRO D 469 -53.64 7.09 -4.63
C PRO D 469 -52.55 7.48 -5.66
N SER D 470 -51.83 6.49 -6.17
CA SER D 470 -50.90 6.64 -7.31
C SER D 470 -51.71 6.65 -8.59
N LYS D 471 -51.06 6.94 -9.72
CA LYS D 471 -51.68 6.96 -11.07
C LYS D 471 -52.53 5.72 -11.29
N ASP D 472 -52.07 4.53 -10.90
CA ASP D 472 -52.77 3.24 -11.18
C ASP D 472 -53.77 2.90 -10.05
N GLY D 473 -53.95 3.78 -9.06
CA GLY D 473 -54.93 3.61 -7.97
C GLY D 473 -54.35 2.89 -6.75
N THR D 474 -53.11 2.39 -6.85
CA THR D 474 -52.36 1.81 -5.70
C THR D 474 -52.32 2.85 -4.57
N SER D 475 -52.72 2.41 -3.38
CA SER D 475 -52.68 3.25 -2.16
C SER D 475 -51.24 3.21 -1.63
N VAL D 476 -50.56 4.35 -1.60
CA VAL D 476 -49.11 4.46 -1.22
C VAL D 476 -49.02 5.20 0.12
N HIS D 477 -48.19 4.71 1.05
CA HIS D 477 -48.00 5.35 2.36
C HIS D 477 -47.02 6.52 2.21
N MET D 478 -47.22 7.61 2.95
CA MET D 478 -46.25 8.73 3.03
C MET D 478 -46.18 9.24 4.47
N PHE D 479 -44.96 9.46 4.96
CA PHE D 479 -44.66 10.24 6.18
C PHE D 479 -44.53 11.71 5.82
N ILE D 480 -45.14 12.59 6.61
CA ILE D 480 -45.03 14.07 6.48
C ILE D 480 -44.59 14.65 7.82
N THR D 481 -43.32 15.03 7.93
CA THR D 481 -42.73 15.69 9.13
C THR D 481 -42.81 17.20 8.93
N ARG D 482 -43.27 17.91 9.96
CA ARG D 482 -43.55 19.36 9.90
C ARG D 482 -43.61 19.91 11.32
N PRO D 483 -43.40 21.24 11.46
CA PRO D 483 -43.69 21.93 12.70
C PRO D 483 -45.21 21.90 12.92
N LYS D 484 -45.64 21.74 14.16
CA LYS D 484 -47.08 21.60 14.53
C LYS D 484 -47.84 22.90 14.22
N ASP D 485 -47.16 24.06 14.26
CA ASP D 485 -47.78 25.41 14.16
C ASP D 485 -47.78 25.92 12.71
N VAL D 486 -47.32 25.12 11.74
CA VAL D 486 -47.37 25.50 10.30
C VAL D 486 -48.82 25.35 9.81
N LEU D 487 -49.38 26.40 9.20
CA LEU D 487 -50.73 26.35 8.58
C LEU D 487 -50.69 25.52 7.30
N LEU D 488 -51.60 24.55 7.17
CA LEU D 488 -51.81 23.78 5.92
C LEU D 488 -52.82 24.57 5.08
N ASP D 489 -52.34 25.68 4.49
CA ASP D 489 -53.17 26.64 3.71
C ASP D 489 -52.64 26.68 2.26
N GLY D 490 -51.81 25.72 1.88
CA GLY D 490 -51.30 25.55 0.51
C GLY D 490 -50.20 26.55 0.15
N THR D 491 -49.46 27.06 1.15
CA THR D 491 -48.37 28.06 0.94
C THR D 491 -47.00 27.49 1.30
N SER D 492 -46.93 26.38 2.03
CA SER D 492 -45.68 25.82 2.62
C SER D 492 -44.78 25.25 1.52
N PRO D 493 -43.44 25.46 1.62
CA PRO D 493 -42.48 24.71 0.82
C PRO D 493 -42.45 23.25 1.28
N VAL D 494 -42.04 22.36 0.39
CA VAL D 494 -41.83 20.91 0.68
C VAL D 494 -40.41 20.54 0.26
N LEU D 495 -39.73 19.77 1.11
CA LEU D 495 -38.57 18.93 0.73
C LEU D 495 -39.06 17.49 0.69
N GLN D 496 -39.16 16.92 -0.51
CA GLN D 496 -39.70 15.56 -0.77
C GLN D 496 -38.54 14.64 -1.18
N TYR D 497 -38.23 13.67 -0.32
CA TYR D 497 -37.09 12.73 -0.48
C TYR D 497 -37.63 11.37 -0.90
N GLY D 498 -37.01 10.77 -1.92
CA GLY D 498 -37.36 9.44 -2.45
C GLY D 498 -36.12 8.63 -2.78
N TYR D 499 -36.28 7.31 -2.85
CA TYR D 499 -35.27 6.34 -3.36
C TYR D 499 -35.98 5.43 -4.37
N GLY D 500 -36.77 4.47 -3.89
CA GLY D 500 -37.62 3.59 -4.71
C GLY D 500 -36.80 2.54 -5.45
N GLY D 501 -36.32 1.54 -4.72
CA GLY D 501 -35.61 0.40 -5.34
C GLY D 501 -34.82 -0.43 -4.36
N PHE D 502 -34.39 -1.61 -4.81
CA PHE D 502 -33.35 -2.47 -4.18
C PHE D 502 -33.84 -2.96 -2.81
N SER D 503 -35.17 -3.01 -2.61
CA SER D 503 -35.80 -3.44 -1.33
C SER D 503 -35.29 -2.57 -0.17
N LEU D 504 -34.85 -1.34 -0.44
CA LEU D 504 -34.39 -0.39 0.61
C LEU D 504 -35.58 0.47 1.02
N ALA D 505 -36.05 0.27 2.25
CA ALA D 505 -37.20 0.97 2.86
C ALA D 505 -36.74 2.36 3.27
N MET D 506 -37.57 3.38 3.02
CA MET D 506 -37.38 4.74 3.58
C MET D 506 -38.09 4.76 4.93
N LEU D 507 -37.39 4.29 5.96
CA LEU D 507 -37.89 4.21 7.36
C LEU D 507 -37.73 5.57 8.01
N PRO D 508 -38.49 5.85 9.09
CA PRO D 508 -38.21 7.00 9.93
C PRO D 508 -36.72 6.95 10.32
N THR D 509 -36.02 8.02 9.95
CA THR D 509 -34.56 8.19 10.13
C THR D 509 -34.37 9.62 10.62
N PHE D 510 -33.54 9.83 11.63
CA PHE D 510 -33.33 11.19 12.18
C PHE D 510 -32.35 11.96 11.29
N SER D 511 -32.76 13.17 10.87
CA SER D 511 -31.87 14.18 10.25
C SER D 511 -32.16 15.54 10.90
N LEU D 512 -31.22 16.05 11.69
CA LEU D 512 -31.33 17.40 12.28
C LEU D 512 -31.53 18.43 11.16
N SER D 513 -30.72 18.36 10.10
CA SER D 513 -30.75 19.28 8.93
C SER D 513 -32.18 19.40 8.40
N THR D 514 -32.86 18.27 8.17
CA THR D 514 -34.24 18.25 7.63
C THR D 514 -35.17 19.02 8.57
N LEU D 515 -35.06 18.80 9.89
CA LEU D 515 -35.91 19.50 10.89
C LEU D 515 -35.58 21.01 10.87
N LEU D 516 -34.32 21.39 10.68
CA LEU D 516 -33.93 22.82 10.56
C LEU D 516 -34.57 23.43 9.30
N PHE D 517 -34.62 22.70 8.19
CA PHE D 517 -35.26 23.15 6.93
C PHE D 517 -36.75 23.40 7.21
N CYS D 518 -37.40 22.52 7.97
CA CYS D 518 -38.84 22.63 8.33
C CYS D 518 -39.06 23.89 9.17
N LYS D 519 -38.25 24.13 10.20
CA LYS D 519 -38.39 25.28 11.12
C LYS D 519 -38.06 26.59 10.39
N ILE D 520 -36.93 26.66 9.71
CA ILE D 520 -36.34 27.91 9.15
C ILE D 520 -37.18 28.37 7.94
N TYR D 521 -37.73 27.45 7.13
CA TYR D 521 -38.53 27.80 5.92
C TYR D 521 -40.01 27.47 6.13
N ARG D 522 -40.41 27.12 7.36
CA ARG D 522 -41.82 26.81 7.71
C ARG D 522 -42.33 25.74 6.73
N ALA D 523 -41.54 24.68 6.56
CA ALA D 523 -41.66 23.69 5.45
C ALA D 523 -42.08 22.32 5.98
N ILE D 524 -42.54 21.49 5.06
CA ILE D 524 -42.87 20.06 5.32
C ILE D 524 -41.79 19.20 4.66
N TYR D 525 -41.45 18.10 5.34
CA TYR D 525 -40.47 17.09 4.89
C TYR D 525 -41.23 15.79 4.59
N ALA D 526 -41.42 15.50 3.31
CA ALA D 526 -42.31 14.43 2.82
C ALA D 526 -41.47 13.22 2.39
N ILE D 527 -41.82 12.04 2.93
CA ILE D 527 -41.18 10.74 2.61
C ILE D 527 -42.26 9.79 2.10
N PRO D 528 -42.57 9.82 0.79
CA PRO D 528 -43.49 8.86 0.18
C PRO D 528 -42.82 7.49 0.06
N ASN D 529 -43.46 6.45 0.62
CA ASN D 529 -42.93 5.07 0.62
C ASN D 529 -43.29 4.43 -0.71
N ILE D 530 -42.70 4.95 -1.80
CA ILE D 530 -42.97 4.54 -3.21
C ILE D 530 -42.51 3.10 -3.41
N ARG D 531 -43.04 2.46 -4.45
CA ARG D 531 -42.68 1.07 -4.83
C ARG D 531 -41.18 1.01 -5.16
N GLY D 532 -40.60 -0.19 -5.12
CA GLY D 532 -39.14 -0.41 -5.20
C GLY D 532 -38.52 -0.68 -3.84
N GLY D 533 -39.08 -0.11 -2.77
CA GLY D 533 -38.63 -0.38 -1.38
C GLY D 533 -39.27 -1.62 -0.79
N SER D 534 -38.96 -1.93 0.46
CA SER D 534 -39.44 -3.14 1.19
C SER D 534 -40.45 -2.76 2.26
N GLU D 535 -41.00 -1.53 2.20
CA GLU D 535 -41.91 -0.97 3.24
C GLU D 535 -43.09 -1.92 3.47
N TYR D 536 -43.59 -2.57 2.41
CA TYR D 536 -44.76 -3.51 2.48
C TYR D 536 -44.30 -4.88 2.01
N GLY D 537 -43.08 -5.27 2.39
CA GLY D 537 -42.46 -6.58 2.03
C GLY D 537 -41.83 -6.55 0.66
N GLU D 538 -41.33 -7.69 0.23
CA GLU D 538 -40.53 -7.85 -1.02
C GLU D 538 -41.42 -7.59 -2.25
N SER D 539 -42.72 -7.85 -2.18
CA SER D 539 -43.63 -7.64 -3.34
C SER D 539 -43.66 -6.13 -3.68
N TRP D 540 -43.50 -5.27 -2.68
CA TRP D 540 -43.45 -3.79 -2.86
C TRP D 540 -42.27 -3.42 -3.77
N HIS D 541 -41.16 -4.15 -3.61
CA HIS D 541 -39.94 -4.00 -4.46
C HIS D 541 -40.25 -4.50 -5.87
N ARG D 542 -40.86 -5.68 -5.97
CA ARG D 542 -41.16 -6.34 -7.27
C ARG D 542 -42.05 -5.42 -8.12
N GLU D 543 -42.95 -4.67 -7.49
CA GLU D 543 -43.92 -3.78 -8.19
C GLU D 543 -43.26 -2.46 -8.63
N GLY D 544 -41.96 -2.27 -8.38
CA GLY D 544 -41.23 -1.03 -8.71
C GLY D 544 -39.83 -1.31 -9.23
N MET D 545 -39.68 -2.35 -10.05
CA MET D 545 -38.39 -2.73 -10.68
C MET D 545 -38.63 -3.22 -12.11
N LEU D 546 -37.55 -3.33 -12.88
CA LEU D 546 -37.52 -3.83 -14.28
C LEU D 546 -38.56 -3.04 -15.11
N ASP D 547 -39.50 -3.72 -15.74
CA ASP D 547 -40.52 -3.13 -16.63
C ASP D 547 -41.54 -2.33 -15.81
N LYS D 548 -41.50 -2.41 -14.47
CA LYS D 548 -42.42 -1.66 -13.59
C LYS D 548 -41.69 -0.51 -12.88
N LYS D 549 -40.46 -0.18 -13.27
CA LYS D 549 -39.72 0.97 -12.67
C LYS D 549 -40.53 2.27 -12.80
N GLN D 550 -41.30 2.43 -13.89
CA GLN D 550 -42.11 3.66 -14.15
C GLN D 550 -43.10 3.87 -12.98
N ASN D 551 -43.56 2.79 -12.35
CA ASN D 551 -44.44 2.85 -11.13
C ASN D 551 -43.80 3.74 -10.05
N VAL D 552 -42.48 3.65 -9.88
CA VAL D 552 -41.73 4.40 -8.85
C VAL D 552 -41.89 5.90 -9.12
N PHE D 553 -41.67 6.33 -10.37
CA PHE D 553 -41.77 7.74 -10.79
C PHE D 553 -43.21 8.23 -10.63
N ASP D 554 -44.18 7.40 -11.03
CA ASP D 554 -45.64 7.71 -10.94
C ASP D 554 -46.02 7.88 -9.46
N ASP D 555 -45.52 7.01 -8.58
CA ASP D 555 -45.77 7.11 -7.12
C ASP D 555 -45.26 8.46 -6.61
N PHE D 556 -44.06 8.87 -7.02
CA PHE D 556 -43.40 10.09 -6.52
C PHE D 556 -44.15 11.33 -7.02
N ASN D 557 -44.51 11.37 -8.31
CA ASN D 557 -45.26 12.50 -8.93
C ASN D 557 -46.62 12.62 -8.22
N ALA D 558 -47.31 11.49 -8.00
CA ALA D 558 -48.64 11.44 -7.34
C ALA D 558 -48.53 11.96 -5.90
N ALA D 559 -47.42 11.70 -5.19
CA ALA D 559 -47.18 12.22 -3.83
C ALA D 559 -47.21 13.75 -3.89
N THR D 560 -46.49 14.36 -4.84
CA THR D 560 -46.42 15.83 -5.02
C THR D 560 -47.83 16.38 -5.31
N GLU D 561 -48.55 15.76 -6.24
CA GLU D 561 -49.91 16.20 -6.64
C GLU D 561 -50.85 16.18 -5.43
N TRP D 562 -50.73 15.15 -4.59
CA TRP D 562 -51.57 14.95 -3.37
C TRP D 562 -51.27 16.07 -2.35
N LEU D 563 -50.00 16.33 -2.07
CA LEU D 563 -49.56 17.42 -1.14
C LEU D 563 -50.16 18.76 -1.57
N ILE D 564 -50.14 19.06 -2.89
CA ILE D 564 -50.70 20.32 -3.44
C ILE D 564 -52.23 20.33 -3.29
N ALA D 565 -52.88 19.24 -3.74
CA ALA D 565 -54.35 19.08 -3.76
C ALA D 565 -54.94 19.20 -2.33
N ASN D 566 -54.21 18.76 -1.31
CA ASN D 566 -54.65 18.70 0.11
C ASN D 566 -54.09 19.87 0.92
N LYS D 567 -53.47 20.85 0.25
CA LYS D 567 -53.03 22.16 0.82
C LYS D 567 -51.85 22.01 1.80
N TYR D 568 -51.13 20.91 1.75
CA TYR D 568 -49.85 20.73 2.51
C TYR D 568 -48.79 21.66 1.93
N ALA D 569 -48.79 21.85 0.60
CA ALA D 569 -47.68 22.53 -0.11
C ALA D 569 -48.21 23.47 -1.20
N SER D 570 -47.50 24.57 -1.43
CA SER D 570 -47.64 25.45 -2.61
C SER D 570 -47.20 24.70 -3.87
N LYS D 571 -47.98 24.79 -4.95
CA LYS D 571 -47.60 24.25 -6.29
C LYS D 571 -46.25 24.83 -6.73
N ASP D 572 -45.85 25.98 -6.19
CA ASP D 572 -44.65 26.76 -6.64
C ASP D 572 -43.42 26.47 -5.76
N ARG D 573 -43.52 25.59 -4.74
CA ARG D 573 -42.44 25.43 -3.74
C ARG D 573 -42.16 23.95 -3.45
N ILE D 574 -42.23 23.09 -4.47
CA ILE D 574 -41.87 21.66 -4.34
C ILE D 574 -40.38 21.49 -4.66
N ALA D 575 -39.58 21.09 -3.69
CA ALA D 575 -38.18 20.62 -3.89
C ALA D 575 -38.15 19.10 -3.73
N ILE D 576 -37.57 18.39 -4.69
CA ILE D 576 -37.37 16.92 -4.61
C ILE D 576 -35.87 16.62 -4.51
N ARG D 577 -35.54 15.51 -3.88
CA ARG D 577 -34.13 15.12 -3.58
C ARG D 577 -34.05 13.59 -3.59
N GLY D 578 -32.89 13.08 -4.00
CA GLY D 578 -32.62 11.64 -4.18
C GLY D 578 -31.15 11.43 -4.46
N GLY D 579 -30.64 10.25 -4.11
CA GLY D 579 -29.22 9.89 -4.28
C GLY D 579 -29.08 8.50 -4.86
N SER D 580 -28.06 8.30 -5.69
CA SER D 580 -27.76 6.98 -6.31
C SER D 580 -28.99 6.53 -7.11
N ASN D 581 -29.65 5.43 -6.75
CA ASN D 581 -30.93 5.00 -7.39
C ASN D 581 -31.98 6.11 -7.26
N GLY D 582 -31.91 6.91 -6.18
CA GLY D 582 -32.79 8.07 -5.96
C GLY D 582 -32.61 9.14 -7.04
N GLY D 583 -31.46 9.16 -7.70
CA GLY D 583 -31.10 10.08 -8.80
C GLY D 583 -31.76 9.70 -10.11
N VAL D 584 -32.07 8.42 -10.32
CA VAL D 584 -32.92 8.01 -11.48
C VAL D 584 -34.30 8.61 -11.25
N LEU D 585 -34.79 8.57 -10.00
CA LEU D 585 -36.10 9.09 -9.57
C LEU D 585 -36.18 10.60 -9.85
N THR D 586 -35.21 11.37 -9.36
CA THR D 586 -35.22 12.87 -9.46
C THR D 586 -35.14 13.27 -10.93
N THR D 587 -34.23 12.67 -11.71
CA THR D 587 -33.96 13.06 -13.12
C THR D 587 -35.13 12.60 -14.01
N ALA D 588 -35.70 11.42 -13.77
CA ALA D 588 -36.88 10.93 -14.51
C ALA D 588 -38.06 11.87 -14.24
N CYS D 589 -38.36 12.13 -12.97
CA CYS D 589 -39.52 12.97 -12.55
C CYS D 589 -39.38 14.40 -13.11
N ALA D 590 -38.16 14.93 -13.14
CA ALA D 590 -37.85 16.26 -13.69
C ALA D 590 -38.15 16.28 -15.21
N ASN D 591 -37.84 15.18 -15.91
CA ASN D 591 -38.13 15.02 -17.37
C ASN D 591 -39.63 14.85 -17.60
N GLN D 592 -40.33 14.07 -16.77
CA GLN D 592 -41.71 13.60 -17.08
C GLN D 592 -42.75 14.59 -16.55
N ALA D 593 -42.42 15.43 -15.56
CA ALA D 593 -43.34 16.39 -14.93
C ALA D 593 -42.55 17.62 -14.46
N PRO D 594 -41.83 18.31 -15.36
CA PRO D 594 -41.01 19.46 -14.97
C PRO D 594 -41.83 20.56 -14.30
N GLY D 595 -43.11 20.67 -14.66
CA GLY D 595 -44.04 21.70 -14.15
C GLY D 595 -44.44 21.49 -12.70
N LEU D 596 -44.23 20.30 -12.13
CA LEU D 596 -44.57 20.00 -10.71
C LEU D 596 -43.51 20.57 -9.76
N TYR D 597 -42.27 20.70 -10.24
CA TYR D 597 -41.06 20.83 -9.37
C TYR D 597 -40.43 22.21 -9.56
N ARG D 598 -40.08 22.86 -8.44
CA ARG D 598 -39.38 24.17 -8.46
C ARG D 598 -37.88 23.94 -8.29
N CYS D 599 -37.47 22.89 -7.57
CA CYS D 599 -36.03 22.59 -7.32
C CYS D 599 -35.82 21.08 -7.29
N VAL D 600 -34.72 20.60 -7.90
CA VAL D 600 -34.37 19.16 -7.97
C VAL D 600 -32.92 18.98 -7.53
N ILE D 601 -32.72 18.26 -6.42
CA ILE D 601 -31.40 17.91 -5.84
C ILE D 601 -31.11 16.44 -6.14
N THR D 602 -30.02 16.17 -6.85
CA THR D 602 -29.56 14.81 -7.21
C THR D 602 -28.16 14.60 -6.61
N ILE D 603 -28.02 13.58 -5.76
CA ILE D 603 -26.73 13.21 -5.10
C ILE D 603 -26.19 11.96 -5.81
N GLU D 604 -24.98 12.04 -6.36
CA GLU D 604 -24.32 10.93 -7.09
C GLU D 604 -25.37 10.10 -7.83
N GLY D 605 -26.08 10.72 -8.77
CA GLY D 605 -27.22 10.09 -9.44
C GLY D 605 -26.77 9.07 -10.46
N ILE D 606 -27.50 7.97 -10.57
CA ILE D 606 -27.49 7.08 -11.77
C ILE D 606 -28.52 7.66 -12.75
N ILE D 607 -28.07 7.98 -13.98
CA ILE D 607 -28.84 8.81 -14.94
C ILE D 607 -28.79 8.17 -16.34
N ASP D 608 -27.63 7.71 -16.80
CA ASP D 608 -27.50 6.98 -18.09
C ASP D 608 -27.88 5.52 -17.85
N MET D 609 -29.12 5.15 -18.16
CA MET D 609 -29.67 3.80 -17.86
C MET D 609 -29.34 2.82 -19.01
N LEU D 610 -28.65 3.24 -20.07
CA LEU D 610 -28.13 2.34 -21.13
C LEU D 610 -26.69 1.93 -20.82
N ARG D 611 -25.87 2.83 -20.27
CA ARG D 611 -24.39 2.65 -20.15
C ARG D 611 -23.99 2.19 -18.74
N PHE D 612 -24.92 2.12 -17.79
CA PHE D 612 -24.62 1.87 -16.35
C PHE D 612 -23.82 0.58 -16.16
N PRO D 613 -24.08 -0.54 -16.90
CA PRO D 613 -23.38 -1.80 -16.67
C PRO D 613 -21.87 -1.78 -16.95
N LYS D 614 -21.39 -0.79 -17.71
CA LYS D 614 -19.99 -0.73 -18.19
C LYS D 614 -19.04 -0.23 -17.09
N PHE D 615 -19.56 0.25 -15.96
CA PHE D 615 -18.76 1.03 -14.99
C PHE D 615 -18.88 0.44 -13.58
N THR D 616 -17.74 0.37 -12.87
CA THR D 616 -17.59 -0.08 -11.46
C THR D 616 -18.62 -1.17 -11.12
N PHE D 617 -19.60 -0.87 -10.25
CA PHE D 617 -20.52 -1.91 -9.67
C PHE D 617 -21.81 -2.02 -10.50
N GLY D 618 -21.85 -1.36 -11.65
CA GLY D 618 -23.10 -1.13 -12.41
C GLY D 618 -23.74 -2.41 -12.93
N ALA D 619 -22.95 -3.37 -13.40
CA ALA D 619 -23.45 -4.61 -14.03
C ALA D 619 -24.42 -5.33 -13.09
N SER D 620 -24.19 -5.27 -11.77
CA SER D 620 -25.00 -6.01 -10.76
C SER D 620 -26.41 -5.40 -10.69
N TRP D 621 -26.56 -4.13 -11.11
CA TRP D 621 -27.86 -3.40 -11.06
C TRP D 621 -28.76 -3.84 -12.22
N ARG D 622 -28.29 -4.70 -13.13
CA ARG D 622 -29.12 -5.24 -14.23
C ARG D 622 -30.28 -6.05 -13.67
N SER D 623 -30.15 -6.64 -12.46
CA SER D 623 -31.25 -7.38 -11.79
C SER D 623 -32.39 -6.42 -11.43
N GLU D 624 -32.08 -5.14 -11.20
CA GLU D 624 -33.05 -4.09 -10.77
C GLU D 624 -33.67 -3.39 -11.99
N TYR D 625 -32.83 -2.95 -12.93
CA TYR D 625 -33.22 -2.04 -14.04
C TYR D 625 -33.50 -2.83 -15.33
N GLY D 626 -32.94 -4.03 -15.45
CA GLY D 626 -32.92 -4.83 -16.69
C GLY D 626 -31.57 -4.69 -17.38
N ASP D 627 -31.35 -5.47 -18.44
CA ASP D 627 -30.10 -5.43 -19.23
C ASP D 627 -30.32 -4.57 -20.47
N PRO D 628 -29.70 -3.39 -20.57
CA PRO D 628 -29.89 -2.52 -21.74
C PRO D 628 -29.46 -3.17 -23.06
N GLU D 629 -28.58 -4.18 -22.99
CA GLU D 629 -28.08 -4.93 -24.18
C GLU D 629 -29.02 -6.09 -24.50
N ASP D 630 -30.15 -6.23 -23.79
CA ASP D 630 -31.24 -7.18 -24.14
C ASP D 630 -32.33 -6.41 -24.88
N PRO D 631 -32.81 -6.89 -26.04
CA PRO D 631 -33.76 -6.13 -26.86
C PRO D 631 -35.10 -5.83 -26.17
N GLU D 632 -35.60 -6.74 -25.35
CA GLU D 632 -36.88 -6.56 -24.61
C GLU D 632 -36.69 -5.51 -23.50
N ASP D 633 -35.62 -5.66 -22.71
CA ASP D 633 -35.29 -4.72 -21.60
C ASP D 633 -35.03 -3.32 -22.16
N PHE D 634 -34.28 -3.21 -23.27
CA PHE D 634 -33.90 -1.91 -23.89
C PHE D 634 -35.14 -1.02 -24.03
N ASP D 635 -36.24 -1.59 -24.54
CA ASP D 635 -37.47 -0.84 -24.89
C ASP D 635 -38.06 -0.19 -23.65
N PHE D 636 -38.17 -0.90 -22.51
CA PHE D 636 -38.78 -0.31 -21.29
C PHE D 636 -37.76 0.61 -20.58
N ILE D 637 -36.46 0.35 -20.71
CA ILE D 637 -35.42 1.22 -20.07
C ILE D 637 -35.36 2.54 -20.85
N PHE D 638 -35.31 2.48 -22.18
CA PHE D 638 -35.13 3.66 -23.07
C PHE D 638 -36.30 4.65 -22.85
N LYS D 639 -37.49 4.16 -22.55
CA LYS D 639 -38.71 5.00 -22.30
C LYS D 639 -38.47 6.00 -21.17
N TYR D 640 -37.69 5.64 -20.12
CA TYR D 640 -37.51 6.52 -18.94
C TYR D 640 -36.06 6.97 -18.76
N SER D 641 -35.07 6.28 -19.33
CA SER D 641 -33.63 6.62 -19.13
C SER D 641 -33.52 8.14 -19.15
N PRO D 642 -33.32 8.79 -17.99
CA PRO D 642 -33.40 10.25 -17.93
C PRO D 642 -32.43 10.99 -18.88
N TYR D 643 -31.23 10.44 -19.08
CA TYR D 643 -30.18 11.02 -19.96
C TYR D 643 -30.71 11.10 -21.40
N HIS D 644 -31.61 10.18 -21.80
CA HIS D 644 -32.13 10.06 -23.18
C HIS D 644 -33.57 10.61 -23.31
N ASN D 645 -34.12 11.24 -22.26
CA ASN D 645 -35.52 11.74 -22.28
C ASN D 645 -35.60 13.18 -21.77
N ILE D 646 -34.52 13.96 -21.87
CA ILE D 646 -34.52 15.41 -21.53
C ILE D 646 -35.56 16.08 -22.43
N PRO D 647 -36.53 16.85 -21.87
CA PRO D 647 -37.65 17.35 -22.68
C PRO D 647 -37.16 18.30 -23.77
N PRO D 648 -37.77 18.29 -24.96
CA PRO D 648 -37.47 19.30 -25.99
C PRO D 648 -37.65 20.71 -25.41
N PRO D 649 -36.73 21.65 -25.66
CA PRO D 649 -36.70 22.91 -24.90
C PRO D 649 -37.87 23.88 -25.17
N GLY D 650 -38.56 23.74 -26.30
CA GLY D 650 -39.52 24.72 -26.82
C GLY D 650 -40.76 24.90 -25.95
N ASP D 651 -41.22 23.87 -25.23
CA ASP D 651 -42.48 23.95 -24.43
C ASP D 651 -42.26 23.36 -23.03
N THR D 652 -41.04 23.44 -22.50
CA THR D 652 -40.73 23.02 -21.10
C THR D 652 -39.88 24.10 -20.42
N VAL D 653 -40.31 24.52 -19.23
CA VAL D 653 -39.47 25.28 -18.27
C VAL D 653 -38.93 24.22 -17.29
N MET D 654 -37.65 23.94 -17.38
CA MET D 654 -36.97 22.95 -16.51
C MET D 654 -36.79 23.58 -15.12
N PRO D 655 -37.05 22.84 -14.02
CA PRO D 655 -36.79 23.37 -12.68
C PRO D 655 -35.30 23.68 -12.48
N ALA D 656 -34.98 24.50 -11.47
CA ALA D 656 -33.61 24.64 -10.95
C ALA D 656 -33.14 23.25 -10.51
N MET D 657 -31.92 22.88 -10.88
CA MET D 657 -31.35 21.54 -10.63
C MET D 657 -29.91 21.67 -10.11
N LEU D 658 -29.64 21.03 -8.98
CA LEU D 658 -28.29 21.00 -8.36
C LEU D 658 -27.86 19.53 -8.26
N PHE D 659 -26.75 19.18 -8.91
CA PHE D 659 -26.18 17.82 -8.92
C PHE D 659 -24.94 17.81 -8.03
N PHE D 660 -24.91 16.94 -7.02
CA PHE D 660 -23.70 16.65 -6.20
C PHE D 660 -23.00 15.41 -6.77
N THR D 661 -21.68 15.48 -6.93
CA THR D 661 -20.80 14.33 -7.26
C THR D 661 -19.36 14.64 -6.82
N ALA D 662 -18.52 13.62 -6.73
CA ALA D 662 -17.04 13.74 -6.68
C ALA D 662 -16.49 13.52 -8.10
N ALA D 663 -15.25 13.92 -8.37
CA ALA D 663 -14.51 13.61 -9.62
C ALA D 663 -14.13 12.12 -9.62
N TYR D 664 -13.82 11.57 -8.43
CA TYR D 664 -13.53 10.12 -8.19
C TYR D 664 -14.66 9.59 -7.31
N ASP D 665 -15.42 8.60 -7.78
CA ASP D 665 -16.52 7.95 -7.02
C ASP D 665 -16.67 6.56 -7.60
N ASP D 666 -16.34 5.52 -6.81
CA ASP D 666 -16.28 4.10 -7.26
C ASP D 666 -17.69 3.48 -7.26
N ARG D 667 -18.62 4.01 -6.47
CA ARG D 667 -19.97 3.42 -6.35
C ARG D 667 -20.78 3.77 -7.61
N VAL D 668 -21.03 5.06 -7.85
CA VAL D 668 -21.74 5.57 -9.06
C VAL D 668 -20.78 6.51 -9.77
N SER D 669 -20.29 6.07 -10.93
CA SER D 669 -19.29 6.81 -11.73
C SER D 669 -19.82 8.22 -11.99
N PRO D 670 -19.00 9.26 -11.72
CA PRO D 670 -19.41 10.65 -11.91
C PRO D 670 -19.91 10.97 -13.33
N LEU D 671 -19.46 10.22 -14.33
CA LEU D 671 -19.86 10.39 -15.76
C LEU D 671 -21.38 10.53 -15.90
N HIS D 672 -22.16 9.89 -15.03
CA HIS D 672 -23.66 9.97 -15.06
C HIS D 672 -24.06 11.45 -14.91
N THR D 673 -23.53 12.10 -13.87
CA THR D 673 -23.75 13.54 -13.60
C THR D 673 -23.11 14.40 -14.69
N PHE D 674 -21.86 14.12 -15.07
CA PHE D 674 -21.10 14.92 -16.05
C PHE D 674 -21.93 15.10 -17.33
N LYS D 675 -22.37 13.97 -17.90
CA LYS D 675 -23.04 13.92 -19.22
C LYS D 675 -24.43 14.57 -19.10
N HIS D 676 -25.17 14.28 -18.04
CA HIS D 676 -26.55 14.81 -17.86
C HIS D 676 -26.52 16.34 -17.70
N VAL D 677 -25.58 16.86 -16.89
CA VAL D 677 -25.42 18.32 -16.67
C VAL D 677 -25.07 18.98 -18.03
N ALA D 678 -24.11 18.44 -18.76
CA ALA D 678 -23.69 18.92 -20.10
C ALA D 678 -24.92 18.98 -21.02
N ALA D 679 -25.71 17.91 -21.07
CA ALA D 679 -26.90 17.77 -21.95
C ALA D 679 -27.97 18.79 -21.52
N LEU D 680 -28.24 18.92 -20.22
CA LEU D 680 -29.26 19.86 -19.70
C LEU D 680 -28.86 21.29 -20.03
N GLN D 681 -27.60 21.68 -19.81
CA GLN D 681 -27.07 23.04 -20.10
C GLN D 681 -27.16 23.31 -21.62
N HIS D 682 -26.89 22.28 -22.43
CA HIS D 682 -26.98 22.36 -23.91
C HIS D 682 -28.44 22.57 -24.33
N ASN D 683 -29.37 21.84 -23.69
CA ASN D 683 -30.82 21.84 -24.04
C ASN D 683 -31.45 23.17 -23.61
N PHE D 684 -31.01 23.71 -22.46
CA PHE D 684 -31.59 24.91 -21.79
C PHE D 684 -30.49 25.92 -21.50
N PRO D 685 -29.84 26.47 -22.56
CA PRO D 685 -28.70 27.36 -22.36
C PRO D 685 -29.05 28.68 -21.67
N LYS D 686 -30.33 29.07 -21.68
CA LYS D 686 -30.81 30.36 -21.14
C LYS D 686 -31.61 30.12 -19.85
N GLY D 687 -31.50 28.94 -19.23
CA GLY D 687 -32.32 28.58 -18.07
C GLY D 687 -33.80 28.51 -18.45
N PRO D 688 -34.69 29.33 -17.83
CA PRO D 688 -34.29 30.41 -16.92
C PRO D 688 -33.77 29.98 -15.53
N ASN D 689 -33.93 28.70 -15.18
CA ASN D 689 -33.54 28.15 -13.86
C ASN D 689 -32.19 27.44 -14.02
N PRO D 690 -31.20 27.70 -13.13
CA PRO D 690 -29.85 27.18 -13.32
C PRO D 690 -29.77 25.67 -13.09
N CYS D 691 -28.97 25.00 -13.92
CA CYS D 691 -28.54 23.59 -13.77
C CYS D 691 -27.05 23.57 -13.42
N LEU D 692 -26.73 23.21 -12.18
CA LEU D 692 -25.37 23.36 -11.59
C LEU D 692 -24.85 21.99 -11.15
N MET D 693 -23.53 21.80 -11.26
CA MET D 693 -22.82 20.62 -10.75
C MET D 693 -21.89 21.07 -9.62
N ARG D 694 -22.21 20.63 -8.40
CA ARG D 694 -21.43 20.87 -7.17
C ARG D 694 -20.47 19.67 -6.99
N ILE D 695 -19.16 19.88 -7.17
CA ILE D 695 -18.13 18.80 -7.14
C ILE D 695 -17.33 18.89 -5.83
N ASP D 696 -17.19 17.75 -5.15
CA ASP D 696 -16.19 17.56 -4.06
C ASP D 696 -15.05 16.73 -4.66
N LEU D 697 -13.83 17.25 -4.79
CA LEU D 697 -12.66 16.43 -5.25
C LEU D 697 -12.34 15.34 -4.20
N ASN D 698 -13.18 14.31 -4.18
CA ASN D 698 -13.30 13.24 -3.15
C ASN D 698 -13.40 11.90 -3.89
N SER D 699 -13.76 10.81 -3.20
CA SER D 699 -13.80 9.46 -3.80
C SER D 699 -15.11 8.72 -3.46
N GLY D 700 -16.14 9.43 -3.01
CA GLY D 700 -17.50 8.88 -2.81
C GLY D 700 -18.16 9.44 -1.57
N LYS D 705 -19.20 11.61 4.63
CA LYS D 705 -17.78 11.61 5.03
C LYS D 705 -17.63 12.49 6.27
N SER D 706 -16.72 13.47 6.30
CA SER D 706 -16.49 14.38 7.45
C SER D 706 -17.74 15.22 7.72
N THR D 707 -17.97 15.58 8.99
CA THR D 707 -19.07 16.45 9.44
C THR D 707 -18.98 17.78 8.65
N GLN D 708 -17.76 18.31 8.53
CA GLN D 708 -17.48 19.61 7.87
C GLN D 708 -18.02 19.57 6.43
N GLU D 709 -17.63 18.54 5.66
CA GLU D 709 -18.04 18.35 4.25
C GLU D 709 -19.56 18.22 4.15
N MET D 710 -20.16 17.41 5.04
CA MET D 710 -21.62 17.16 5.08
C MET D 710 -22.35 18.49 5.29
N LEU D 711 -21.84 19.34 6.18
CA LEU D 711 -22.48 20.64 6.52
C LEU D 711 -22.35 21.62 5.34
N GLU D 712 -21.20 21.63 4.67
CA GLU D 712 -20.96 22.51 3.49
C GLU D 712 -21.88 22.09 2.35
N GLU D 713 -22.02 20.78 2.12
CA GLU D 713 -22.91 20.21 1.08
C GLU D 713 -24.35 20.64 1.38
N THR D 714 -24.77 20.50 2.65
CA THR D 714 -26.14 20.82 3.10
C THR D 714 -26.41 22.33 2.97
N ALA D 715 -25.42 23.17 3.31
CA ALA D 715 -25.50 24.65 3.16
C ALA D 715 -25.74 25.01 1.68
N ASP D 716 -24.99 24.37 0.77
CA ASP D 716 -25.17 24.54 -0.70
C ASP D 716 -26.60 24.13 -1.08
N GLU D 717 -27.02 22.95 -0.64
CA GLU D 717 -28.33 22.36 -1.06
C GLU D 717 -29.46 23.28 -0.59
N TYR D 718 -29.51 23.64 0.70
CA TYR D 718 -30.64 24.37 1.32
C TYR D 718 -30.65 25.82 0.79
N SER D 719 -29.49 26.47 0.71
CA SER D 719 -29.38 27.86 0.19
C SER D 719 -29.85 27.88 -1.28
N PHE D 720 -29.51 26.86 -2.06
CA PHE D 720 -29.90 26.75 -3.49
C PHE D 720 -31.42 26.59 -3.56
N ILE D 721 -32.01 25.75 -2.71
CA ILE D 721 -33.48 25.52 -2.67
C ILE D 721 -34.16 26.84 -2.29
N GLY D 722 -33.65 27.53 -1.26
CA GLY D 722 -34.19 28.80 -0.78
C GLY D 722 -34.25 29.85 -1.89
N LYS D 723 -33.16 29.98 -2.66
CA LYS D 723 -33.07 30.94 -3.79
C LYS D 723 -34.05 30.51 -4.89
N SER D 724 -34.00 29.24 -5.31
CA SER D 724 -34.79 28.66 -6.43
C SER D 724 -36.31 28.79 -6.17
N MET D 725 -36.74 28.71 -4.92
CA MET D 725 -38.19 28.70 -4.54
C MET D 725 -38.57 30.02 -3.87
N GLY D 726 -37.65 30.99 -3.81
CA GLY D 726 -37.89 32.35 -3.27
C GLY D 726 -38.30 32.32 -1.81
N LEU D 727 -37.58 31.56 -0.98
CA LEU D 727 -37.87 31.39 0.47
C LEU D 727 -37.00 32.36 1.28
N THR D 728 -37.56 32.88 2.38
CA THR D 728 -36.85 33.71 3.38
C THR D 728 -36.61 32.87 4.64
N MET D 729 -35.36 32.87 5.15
CA MET D 729 -34.98 32.18 6.40
C MET D 729 -35.67 32.88 7.57
N GLN D 730 -36.46 32.13 8.37
CA GLN D 730 -37.09 32.62 9.63
C GLN D 730 -36.12 32.36 10.78
N THR D 731 -35.93 33.34 11.68
CA THR D 731 -34.78 33.45 12.63
C THR D 731 -33.89 32.19 12.55
C20 ZPR E . 10.56 28.70 16.81
C21 ZPR E . 9.44 28.53 16.02
C22 ZPR E . 8.17 28.51 16.59
C23 ZPR E . 8.01 28.67 17.96
C24 ZPR E . 9.13 28.84 18.77
C19 ZPR E . 10.41 28.84 18.18
C18 ZPR E . 11.61 29.03 19.05
O17 ZPR E . 11.57 30.37 19.52
C15 ZPR E . 11.94 30.71 20.89
O16 ZPR E . 11.87 29.84 21.74
N14 ZPR E . 12.33 31.96 21.15
C10 ZPR E . 13.01 32.25 22.41
C8 ZPR E . 12.06 32.20 23.59
O9 ZPR E . 10.85 32.34 23.42
C11 ZPR E . 13.62 33.64 22.22
C12 ZPR E . 13.04 34.22 20.94
C13 ZPR E . 12.16 33.14 20.31
C4 ZPR E . 12.59 31.15 27.01
C5 ZPR E . 14.03 31.34 26.57
C1 ZPR E . 11.27 33.22 26.41
O2 ZPR E . 12.12 34.04 26.73
N7 ZPR E . 12.59 31.99 24.79
C6 ZPR E . 14.00 31.87 25.15
C3 ZPR E . 11.73 31.84 25.96
S DMS F . 13.63 21.57 44.94
O DMS F . 12.84 20.50 45.65
C1 DMS F . 14.14 20.85 43.40
C2 DMS F . 15.22 21.60 45.72
S DMS G . 13.07 22.02 20.17
O DMS G . 13.46 20.57 20.09
C1 DMS G . 13.07 22.64 18.51
C2 DMS G . 14.47 22.90 20.72
C BCT H . 2.05 55.76 47.30
O1 BCT H . 1.64 54.93 48.09
O2 BCT H . 3.22 55.94 47.01
O3 BCT H . 1.16 56.53 46.72
C BCT I . 0.94 39.62 32.82
O1 BCT I . 0.39 38.54 32.73
O2 BCT I . 1.14 40.21 33.86
O3 BCT I . 1.34 40.20 31.72
C BCT J . 18.05 40.38 13.24
O1 BCT J . 18.41 39.57 12.41
O2 BCT J . 16.95 40.89 13.26
O3 BCT J . 18.90 40.73 14.16
C BCT K . 8.53 54.66 53.42
O1 BCT K . 8.24 54.74 52.24
O2 BCT K . 8.12 53.82 54.20
O3 BCT K . 9.36 55.57 53.90
C BCT L . 22.89 23.58 45.13
O1 BCT L . 22.08 22.90 45.74
O2 BCT L . 22.80 23.87 43.94
O3 BCT L . 23.92 24.03 45.79
C BCT M . 13.83 32.09 6.00
O1 BCT M . 14.44 31.14 5.35
O2 BCT M . 14.42 33.15 6.13
O3 BCT M . 12.71 31.87 6.40
C BCT N . 2.00 44.33 54.89
O1 BCT N . 1.82 43.58 53.95
O2 BCT N . 1.63 44.13 56.03
O3 BCT N . 2.65 45.44 54.65
C1 EDO O . 0.97 46.12 9.17
O1 EDO O . -0.38 46.52 9.00
C2 EDO O . 1.63 46.78 10.31
O2 EDO O . 2.44 47.86 9.90
C1 EDO P . 11.64 48.16 11.13
O1 EDO P . 10.52 47.55 10.53
C2 EDO P . 11.97 47.61 12.45
O2 EDO P . 13.14 48.21 12.99
C1 EDO Q . 22.57 19.54 17.96
O1 EDO Q . 22.44 19.57 16.54
C2 EDO Q . 23.84 20.11 18.43
O2 EDO Q . 23.77 21.50 18.69
C BCT R . 25.98 -3.81 25.65
O1 BCT R . 25.11 -4.44 24.88
O2 BCT R . 25.58 -2.85 26.28
O3 BCT R . 27.12 -4.24 25.65
S DMS S . 20.33 3.59 11.12
O DMS S . 20.08 2.97 12.47
C1 DMS S . 21.75 4.61 11.35
C2 DMS S . 19.15 4.91 10.99
C BCT T . 33.70 -28.69 -15.89
O1 BCT T . 33.36 -29.62 -15.03
O2 BCT T . 32.91 -28.46 -16.79
O3 BCT T . 34.76 -28.13 -15.72
C BCT U . 50.11 -9.17 4.83
O1 BCT U . 48.95 -9.54 4.71
O2 BCT U . 51.08 -9.76 4.39
O3 BCT U . 50.32 -8.06 5.47
C BCT V . 22.30 7.42 29.84
O1 BCT V . 21.11 7.22 29.69
O2 BCT V . 22.89 8.44 29.52
O3 BCT V . 23.00 6.47 30.42
C BCT W . 24.33 -23.23 21.52
O1 BCT W . 24.39 -24.19 22.27
O2 BCT W . 23.34 -22.90 20.89
O3 BCT W . 25.41 -22.50 21.37
C20 ZPR X . 23.08 -3.50 14.27
C21 ZPR X . 22.67 -3.87 15.55
C22 ZPR X . 21.39 -4.37 15.73
C23 ZPR X . 20.52 -4.52 14.64
C24 ZPR X . 20.94 -4.15 13.37
C19 ZPR X . 22.22 -3.63 13.19
C18 ZPR X . 22.69 -3.24 11.81
O17 ZPR X . 23.44 -4.34 11.30
C15 ZPR X . 24.54 -4.14 10.37
O16 ZPR X . 24.28 -3.54 9.34
N14 ZPR X . 25.76 -4.61 10.66
C10 ZPR X . 26.84 -4.61 9.66
C8 ZPR X . 26.62 -5.57 8.52
O9 ZPR X . 26.54 -6.77 8.72
C11 ZPR X . 28.11 -4.97 10.44
C12 ZPR X . 27.70 -5.26 11.87
C13 ZPR X . 26.19 -5.16 11.95
C4 ZPR X . 25.11 -4.06 5.82
C5 ZPR X . 26.46 -3.39 5.64
C1 ZPR X . 25.79 -6.35 5.25
O2 ZPR X . 26.92 -6.26 4.77
N7 ZPR X . 26.50 -5.06 7.29
C6 ZPR X . 27.38 -4.06 6.66
C3 ZPR X . 25.42 -5.42 6.38
C BCT Y . 36.04 -10.38 13.32
O1 BCT Y . 35.62 -10.81 12.16
O2 BCT Y . 37.23 -10.47 13.57
O3 BCT Y . 35.21 -9.89 14.06
C1 EDO Z . 28.54 -37.54 30.69
O1 EDO Z . 27.74 -38.66 30.37
C2 EDO Z . 29.70 -37.82 31.55
O2 EDO Z . 30.91 -37.42 30.93
C BCT AA . 21.11 5.25 -13.24
O1 BCT AA . 20.68 4.02 -13.21
O2 BCT AA . 21.70 5.68 -12.26
O3 BCT AA . 20.89 5.89 -14.26
C BCT BA . 12.53 -37.16 -41.21
O1 BCT BA . 11.51 -37.55 -41.76
O2 BCT BA . 13.40 -36.48 -41.75
O3 BCT BA . 12.71 -37.47 -39.96
C BCT CA . -10.08 -43.31 -7.80
O1 BCT CA . -10.57 -43.90 -8.73
O2 BCT CA . -9.10 -42.60 -7.85
O3 BCT CA . -10.66 -43.45 -6.63
C BCT DA . 12.26 -16.68 -45.15
O1 BCT DA . 12.27 -17.92 -44.72
O2 BCT DA . 12.01 -15.81 -44.34
O3 BCT DA . 12.52 -16.51 -46.34
C BCT EA . 7.34 -34.41 -56.40
O1 BCT EA . 6.68 -34.61 -57.39
O2 BCT EA . 7.22 -33.46 -55.65
O3 BCT EA . 8.26 -35.31 -56.10
C BCT FA . -22.59 -49.44 -18.74
O1 BCT FA . -23.78 -49.78 -19.17
O2 BCT FA . -21.64 -49.73 -19.43
O3 BCT FA . -22.53 -48.85 -17.66
C20 ZPR GA . -7.78 -22.88 -27.85
C21 ZPR GA . -7.04 -21.96 -28.59
C22 ZPR GA . -7.57 -21.43 -29.77
C23 ZPR GA . -8.84 -21.81 -30.19
C24 ZPR GA . -9.58 -22.72 -29.44
C19 ZPR GA . -9.05 -23.26 -28.26
C18 ZPR GA . -9.85 -24.25 -27.45
O17 ZPR GA . -9.87 -25.54 -28.07
C15 ZPR GA . -10.82 -26.57 -27.65
O16 ZPR GA . -10.79 -26.94 -26.48
N14 ZPR GA . -11.69 -27.06 -28.53
C10 ZPR GA . -12.33 -28.37 -28.35
C8 ZPR GA . -11.38 -29.56 -28.42
O9 ZPR GA . -10.37 -29.50 -29.10
C11 ZPR GA . -13.40 -28.46 -29.44
C12 ZPR GA . -13.36 -27.17 -30.23
C13 ZPR GA . -12.14 -26.40 -29.76
C4 ZPR GA . -11.57 -31.74 -25.68
C5 ZPR GA . -13.01 -31.77 -26.14
C1 ZPR GA . -10.17 -32.64 -27.44
O2 ZPR GA . -11.00 -33.47 -27.80
N7 ZPR GA . -11.71 -30.63 -27.69
C6 ZPR GA . -13.03 -31.23 -27.56
C3 ZPR GA . -10.72 -31.35 -26.87
C1 GOL HA . -12.67 -26.92 -48.90
O1 GOL HA . -11.77 -25.80 -48.99
C2 GOL HA . -12.37 -27.78 -47.71
O2 GOL HA . -12.36 -26.96 -46.54
C3 GOL HA . -13.32 -28.94 -47.55
O3 GOL HA . -14.53 -28.54 -46.89
C1 EDO IA . -2.56 -24.19 -49.47
O1 EDO IA . -3.91 -24.32 -49.90
C2 EDO IA . -2.32 -22.94 -48.72
O2 EDO IA . -3.40 -22.62 -47.87
C1 EDO JA . 0.00 -42.45 -35.71
O1 EDO JA . 0.45 -43.04 -34.51
C2 EDO JA . -1.45 -42.68 -35.96
O2 EDO JA . -1.83 -44.03 -35.81
C20 ZPR KA . -19.58 -3.05 -2.87
C21 ZPR KA . -18.91 -3.05 -1.64
C22 ZPR KA . -19.51 -2.53 -0.50
C23 ZPR KA . -20.81 -2.01 -0.57
C24 ZPR KA . -21.49 -2.02 -1.80
C19 ZPR KA . -20.87 -2.54 -2.94
C18 ZPR KA . -21.61 -2.54 -4.27
O17 ZPR KA . -23.02 -2.67 -4.09
C15 ZPR KA . -23.95 -1.67 -4.58
O16 ZPR KA . -23.72 -1.17 -5.67
N14 ZPR KA . -25.01 -1.30 -3.85
C10 ZPR KA . -26.18 -0.71 -4.49
C8 ZPR KA . -25.98 0.75 -4.82
O9 ZPR KA . -25.19 1.43 -4.19
C11 ZPR KA . -27.32 -0.88 -3.49
C12 ZPR KA . -26.70 -1.29 -2.17
C13 ZPR KA . -25.20 -1.44 -2.41
C4 ZPR KA . -27.03 2.70 -7.69
C5 ZPR KA . -27.99 1.53 -7.82
C1 ZPR KA . -27.08 3.55 -5.31
O2 ZPR KA . -28.31 3.51 -5.24
N7 ZPR KA . -26.68 1.27 -5.83
C6 ZPR KA . -27.78 0.67 -6.59
C3 ZPR KA . -26.42 2.62 -6.29
C BCT LA . -40.63 30.90 3.87
O1 BCT LA . -41.51 30.15 3.49
O2 BCT LA . -40.25 31.02 5.02
O3 BCT LA . -40.03 31.64 2.97
S DMS MA . -20.24 -5.45 -10.82
O DMS MA . -21.38 -6.30 -11.31
C1 DMS MA . -18.84 -5.89 -11.82
C2 DMS MA . -19.69 -6.17 -9.29
C BCT NA . -36.30 8.54 -26.89
O1 BCT NA . -37.21 8.06 -27.54
O2 BCT NA . -35.42 9.25 -27.32
O3 BCT NA . -36.26 8.24 -25.61
P PO4 OA . -28.11 12.88 -25.17
O1 PO4 OA . -28.01 11.44 -24.69
O2 PO4 OA . -26.77 13.59 -24.96
O3 PO4 OA . -29.19 13.62 -24.35
O4 PO4 OA . -28.48 12.90 -26.64
C BCT PA . -31.11 -4.05 13.40
O1 BCT PA . -32.35 -4.23 12.97
O2 BCT PA . -30.29 -3.70 12.58
O3 BCT PA . -30.89 -4.28 14.58
C BCT QA . -32.06 -8.78 5.04
O1 BCT QA . -32.92 -9.61 5.29
O2 BCT QA . -31.81 -8.34 3.94
O3 BCT QA . -31.35 -8.33 6.04
P PO4 RA . -50.01 -1.19 -0.26
O1 PO4 RA . -49.43 -2.58 -0.02
O2 PO4 RA . -50.06 -0.90 -1.75
O3 PO4 RA . -49.14 -0.15 0.46
O4 PO4 RA . -51.44 -1.13 0.28
C1 EDO SA . -34.27 8.84 5.12
O1 EDO SA . -32.86 8.98 5.04
C2 EDO SA . -34.71 7.46 4.89
O2 EDO SA . -36.11 7.36 4.74
C1 EDO TA . -35.35 33.24 -8.13
O1 EDO TA . -34.55 33.02 -9.26
C2 EDO TA . -36.64 32.52 -8.19
O2 EDO TA . -37.64 33.12 -7.40
C BCT UA . -24.61 -5.31 -5.37
O1 BCT UA . -24.82 -6.45 -5.75
O2 BCT UA . -25.36 -4.65 -4.67
O3 BCT UA . -23.50 -4.74 -5.76
NA NA VA . -25.52 5.07 -25.32
#